data_7YHS
#
_entry.id   7YHS
#
loop_
_entity.id
_entity.type
_entity.pdbx_description
1 polymer 'Type I-F CRISPR-associated protein Csy1'
2 polymer 'CRISPR-associated protein Csy3'
3 polymer 'CRISPR type I-F/YPEST-associated protein Csy2'
4 polymer AcrIF4
5 polymer Csy4
6 polymer 'RNA (58-MER)'
7 polymer 'DNA (39-MER)'
8 polymer "DNA (5'-D(P*AP*GP*CP*AP*GP*CP*TP*GP*CP*AP*CP*C)-3')"
#
loop_
_entity_poly.entity_id
_entity_poly.type
_entity_poly.pdbx_seq_one_letter_code
_entity_poly.pdbx_strand_id
1 'polypeptide(L)'
;MTSPLPTPTWQELRQFIESFIQERLQGKLDKLHPDEDDKRQTLLATHRREAWLADAARRVGQLQLVTHTLKPIHPDARGS
NLHSLPQAPGQPGLAGSHELGDRLVSDVVGNAAALDVFKFLSLQYQGKNLLNWLTEDSAEAVQALSDNAEQAREWRQAFI
GITAVKGAPASHSLAKQLYFPLPGSGYHLLAPLFPTSLVHHVHALLREARFGDAAKAAREARSRQESWPHGFSEYPNLAI
QKFGGTKPQNISQLNSERYGENWLLPSLPPHWQRQDQRAPIRHSSVFEHDFGRSPEVSRLTRTLQRLLAKTRHNNFTIRR
YRAQLVGQICDEALQYAARLRELEPGWSATPGCQLHDAEQLWLDPLRAQTDETFLQRRLRGDWPAEVGNRFANWLNRAVS
SDSQILGSPEAAQWSQELSKELTMFKEILEDERD
;
A
2 'polypeptide(L)'
;MSKPILSTASVLAFERKLDPSDALMSAGAWAQRDASQEWPAVTVREKSVRGTISNRLKTKDRDPAKLDASIQSPNLQTVD
VANLPSDADTLKVRFTLRVLGGAGTPSACNDAAYRDKLLQTVATYVNEQGFAELARRYAHNLANARFLWRNRVGAEAVEV
RINHIRQGEVARTWRFDALAIGLRDFKADAELDALAELIASGLSGSGHVLLEVVAFARIGDGQEVFPSQELILDKGDKKG
QKSKTLYSVRDAAAIHSQKIGNALRTIDTWYPDEDGLGPIAVEPYGSVTSQGKAYRQPKQKLDFYTLLDNWVLRDEAPAV
EQQHYVIANLIRGGVFGEAEEK
;
C,D,F,G,H,I
3 'polypeptide(L)'
;MSVTDPEALLLLPRLSIQNANAISSPLTWGFPSPGAFTGFVHALQRRVGISLDIELDGVGIVCHRFEAQISQPAGKRTKV
FNLTRNPLNRDGSTAAIVEEGRAHLEVSLLLGVHGDGLDDHPAQEIARQVQEQAGAMRLAGGSILPWCNERFPAPNAELL
MLGGSDEQRRKNQRRLTRRLLPGFALVSREALLQQHLETLRTTLPEATTLDALLDLCRINFEPPATSSEEEASPPDAAWQ
VRDKPGWLVPIPAGYNALSPLYLPGEVRNARDRETPLRFVENLFGLGEWLSPHRVAALSDLLWYHHAEPDKGLYRWSTPR
FVEHAIA
;
E
4 'polypeptide(L)'
;MMTISKTDIDCYLQTYVVIDPVSNGWQWGIDENGVGGALHHGRVEMVEGENGYFGLRGATHPTEKEAMAAALGYLWRCRQ
DLVAIARNDAIEAEKYRAKA
;
J
5 'polypeptide(L)'
;MDHYLDIRLRPDPEFPPAQLMSVLFGKLHQALVAQGGDRIGVSFPDLDESRSRLGERLRIHASADDLRALLARPWLEGLR
DHLQFGEPAVVPHPTPYRQVSRVQAKSNPERLRRRLMRRHDLSEEEARKRIPDTVARTLDLPFVTLRSQSTGQHFRLFIR
HGPLQATAEEGGFTCYGLSKGGFVPWF
;
L
6 'polyribonucleotide' CUAAGAAAUUCACGGCGGGCUUGAUGUCCGCGUCUACCUGGUUCACUGCCGUGUAGGCAG M
7 'polydeoxyribonucleotide'
;(DG)(DG)(DA)(DA)(DG)(DC)(DC)(DA)(DT)(DC)(DC)(DA)(DG)(DG)(DT)(DA)(DG)(DA)(DC)(DG)
(DC)(DG)(DG)(DA)(DC)(DA)(DT)(DC)(DA)(DA)(DG)(DC)(DC)(DC)(DG)(DC)(DC)(DG)(DT)(DG)
(DA)(DA)(DG)(DG)(DT)(DG)(DC)(DA)(DG)(DC)(DT)(DG)(DC)(DT)
;
N
8 'polydeoxyribonucleotide'
;(DA)(DG)(DC)(DA)(DG)(DC)(DT)(DG)(DC)(DA)(DC)(DC)(DT)(DT)(DC)(DA)(DC)(DG)(DG)(DC)
(DG)(DG)(DG)(DC)(DT)(DT)(DG)(DA)(DT)(DG)(DT)(DC)(DC)(DG)(DC)(DG)(DT)(DC)(DT)(DA)
(DC)(DC)(DT)(DG)(DG)(DA)(DT)(DG)(DG)(DC)(DT)(DT)(DC)(DC)
;
O
#
# COMPACT_ATOMS: atom_id res chain seq x y z
N GLN A 11 47.68 -69.95 -13.52
CA GLN A 11 46.69 -71.00 -13.67
C GLN A 11 45.70 -70.98 -12.52
N GLU A 12 46.00 -70.17 -11.50
CA GLU A 12 44.99 -69.77 -10.53
C GLU A 12 44.04 -68.71 -11.09
N LEU A 13 44.37 -68.13 -12.24
CA LEU A 13 43.42 -67.29 -12.95
C LEU A 13 42.34 -68.12 -13.64
N ARG A 14 42.61 -69.41 -13.90
CA ARG A 14 41.70 -70.23 -14.71
C ARG A 14 40.40 -70.51 -13.98
N GLN A 15 40.45 -70.72 -12.66
CA GLN A 15 39.23 -70.93 -11.89
C GLN A 15 38.39 -69.66 -11.82
N PHE A 16 39.05 -68.52 -11.67
CA PHE A 16 38.38 -67.21 -11.73
C PHE A 16 37.82 -66.95 -13.12
N ILE A 17 38.44 -67.51 -14.16
CA ILE A 17 37.92 -67.37 -15.51
C ILE A 17 36.65 -68.21 -15.68
N GLU A 18 36.71 -69.50 -15.32
CA GLU A 18 35.57 -70.38 -15.53
C GLU A 18 34.42 -70.07 -14.58
N SER A 19 34.66 -69.30 -13.51
CA SER A 19 33.56 -68.77 -12.72
C SER A 19 32.71 -67.79 -13.54
N PHE A 20 33.37 -66.84 -14.22
CA PHE A 20 32.69 -65.72 -14.87
C PHE A 20 31.82 -66.15 -16.04
N ILE A 21 32.25 -67.16 -16.80
CA ILE A 21 31.43 -67.65 -17.91
C ILE A 21 30.18 -68.35 -17.40
N GLN A 22 30.29 -69.04 -16.25
CA GLN A 22 29.13 -69.67 -15.65
C GLN A 22 28.16 -68.64 -15.09
N GLU A 23 28.69 -67.61 -14.41
CA GLU A 23 27.84 -66.54 -13.90
C GLU A 23 27.25 -65.68 -15.00
N ARG A 24 27.85 -65.67 -16.20
CA ARG A 24 27.20 -65.04 -17.33
C ARG A 24 26.11 -65.91 -17.92
N LEU A 25 26.41 -67.21 -18.14
CA LEU A 25 25.48 -68.07 -18.87
C LEU A 25 24.24 -68.37 -18.04
N GLN A 26 24.37 -68.39 -16.70
CA GLN A 26 23.20 -68.58 -15.85
C GLN A 26 22.23 -67.40 -15.97
N GLY A 27 22.76 -66.18 -15.99
CA GLY A 27 21.92 -65.02 -16.20
C GLY A 27 21.34 -64.94 -17.60
N LYS A 28 22.08 -65.40 -18.60
CA LYS A 28 21.55 -65.46 -19.97
C LYS A 28 20.40 -66.46 -20.09
N LEU A 29 20.49 -67.59 -19.38
CA LEU A 29 19.38 -68.52 -19.35
C LEU A 29 18.20 -67.96 -18.56
N ASP A 30 18.48 -67.25 -17.46
CA ASP A 30 17.40 -66.77 -16.60
C ASP A 30 16.63 -65.62 -17.23
N LYS A 31 17.31 -64.76 -17.98
CA LYS A 31 16.65 -63.62 -18.62
C LYS A 31 16.19 -63.97 -20.03
N LEU A 32 15.41 -65.04 -20.13
CA LEU A 32 14.91 -65.50 -21.42
C LEU A 32 13.42 -65.85 -21.36
N HIS A 33 12.92 -66.14 -20.14
CA HIS A 33 11.59 -66.66 -19.84
C HIS A 33 11.33 -67.91 -20.68
N PRO A 34 12.00 -69.02 -20.40
CA PRO A 34 11.94 -70.17 -21.31
C PRO A 34 10.81 -71.13 -21.01
N ASP A 35 10.07 -71.48 -22.05
CA ASP A 35 9.04 -72.50 -21.97
C ASP A 35 9.03 -73.48 -23.13
N GLU A 36 9.71 -73.19 -24.24
CA GLU A 36 9.60 -74.01 -25.44
C GLU A 36 10.83 -73.78 -26.32
N ASP A 37 10.79 -74.37 -27.51
CA ASP A 37 11.66 -74.15 -28.69
C ASP A 37 13.06 -74.72 -28.56
N ASP A 38 13.44 -75.20 -27.37
CA ASP A 38 14.72 -75.89 -27.09
C ASP A 38 15.93 -75.06 -27.53
N LYS A 39 15.94 -73.79 -27.15
CA LYS A 39 16.94 -72.85 -27.62
C LYS A 39 18.18 -72.79 -26.74
N ARG A 40 18.10 -73.31 -25.51
CA ARG A 40 19.17 -73.15 -24.54
C ARG A 40 20.43 -73.95 -24.86
N GLN A 41 20.35 -74.90 -25.80
CA GLN A 41 21.46 -75.81 -26.08
C GLN A 41 22.67 -75.07 -26.63
N THR A 42 22.43 -74.08 -27.51
CA THR A 42 23.52 -73.24 -27.99
C THR A 42 24.13 -72.42 -26.86
N LEU A 43 23.32 -72.03 -25.87
CA LEU A 43 23.87 -71.37 -24.69
C LEU A 43 24.73 -72.34 -23.88
N LEU A 44 24.43 -73.63 -23.95
CA LEU A 44 25.33 -74.62 -23.37
C LEU A 44 26.53 -74.86 -24.28
N ALA A 45 26.39 -74.63 -25.58
CA ALA A 45 27.43 -75.00 -26.53
C ALA A 45 28.51 -73.93 -26.65
N THR A 46 28.10 -72.70 -26.95
CA THR A 46 29.06 -71.62 -27.19
C THR A 46 29.42 -70.89 -25.89
N HIS A 47 28.40 -70.50 -25.11
CA HIS A 47 28.58 -69.63 -23.95
C HIS A 47 28.93 -70.39 -22.69
N ARG A 48 29.48 -71.60 -22.81
CA ARG A 48 30.08 -72.32 -21.71
C ARG A 48 31.53 -72.72 -21.99
N ARG A 49 31.82 -73.14 -23.21
CA ARG A 49 33.17 -73.49 -23.62
C ARG A 49 33.94 -72.22 -23.99
N GLU A 50 35.09 -72.38 -24.63
CA GLU A 50 35.97 -71.26 -24.93
C GLU A 50 35.86 -70.79 -26.37
N ALA A 51 34.79 -71.15 -27.08
CA ALA A 51 34.44 -70.44 -28.30
C ALA A 51 33.96 -69.03 -27.97
N TRP A 52 33.44 -68.84 -26.75
CA TRP A 52 33.24 -67.50 -26.19
C TRP A 52 34.53 -66.70 -26.19
N LEU A 53 35.66 -67.34 -25.86
CA LEU A 53 36.94 -66.65 -25.87
C LEU A 53 37.40 -66.33 -27.29
N ALA A 54 37.08 -67.21 -28.26
CA ALA A 54 37.41 -66.93 -29.65
C ALA A 54 36.59 -65.77 -30.19
N ASP A 55 35.30 -65.72 -29.85
CA ASP A 55 34.47 -64.58 -30.24
C ASP A 55 34.85 -63.31 -29.49
N ALA A 56 35.34 -63.42 -28.25
CA ALA A 56 35.84 -62.26 -27.52
C ALA A 56 37.12 -61.73 -28.13
N ALA A 57 37.95 -62.61 -28.68
CA ALA A 57 39.09 -62.15 -29.48
C ALA A 57 38.62 -61.54 -30.80
N ARG A 58 37.52 -62.05 -31.35
CA ARG A 58 36.99 -61.51 -32.60
C ARG A 58 36.33 -60.15 -32.42
N ARG A 59 35.80 -59.85 -31.24
CA ARG A 59 34.90 -58.71 -31.08
C ARG A 59 35.73 -57.45 -30.79
N VAL A 60 35.52 -56.44 -31.63
CA VAL A 60 36.30 -55.21 -31.62
C VAL A 60 35.36 -54.04 -31.87
N GLY A 61 35.85 -52.84 -31.58
CA GLY A 61 35.08 -51.62 -31.61
C GLY A 61 35.51 -50.79 -30.44
N GLN A 62 36.09 -51.46 -29.44
CA GLN A 62 36.58 -50.83 -28.23
C GLN A 62 37.96 -50.26 -28.47
N LEU A 63 38.27 -49.17 -27.77
CA LEU A 63 39.45 -48.37 -28.08
C LEU A 63 40.28 -47.97 -26.88
N GLN A 64 39.74 -48.00 -25.66
CA GLN A 64 40.40 -47.60 -24.40
C GLN A 64 40.92 -46.16 -24.47
N LEU A 65 39.97 -45.24 -24.54
CA LEU A 65 40.29 -43.82 -24.61
C LEU A 65 40.58 -43.26 -23.22
N VAL A 66 40.90 -41.96 -23.15
CA VAL A 66 40.93 -41.28 -21.87
C VAL A 66 40.13 -39.97 -21.90
N THR A 67 40.51 -39.00 -22.74
CA THR A 67 39.89 -37.69 -22.74
C THR A 67 39.44 -37.29 -24.12
N HIS A 68 38.82 -38.22 -24.85
CA HIS A 68 38.39 -37.92 -26.20
C HIS A 68 37.23 -38.83 -26.57
N THR A 69 36.02 -38.27 -26.58
CA THR A 69 34.83 -38.93 -27.09
C THR A 69 34.09 -37.97 -28.01
N LEU A 70 33.51 -38.48 -29.08
CA LEU A 70 32.72 -37.68 -29.98
C LEU A 70 31.23 -38.02 -29.93
N LYS A 71 30.84 -39.03 -29.17
CA LYS A 71 29.46 -39.46 -29.00
C LYS A 71 28.59 -38.55 -28.13
N PRO A 72 29.07 -37.86 -27.08
CA PRO A 72 28.24 -36.82 -26.44
C PRO A 72 27.81 -35.66 -27.35
N ILE A 73 28.47 -35.45 -28.48
CA ILE A 73 28.06 -34.42 -29.43
C ILE A 73 27.39 -35.14 -30.60
N HIS A 74 26.04 -35.12 -30.61
CA HIS A 74 25.21 -35.74 -31.64
C HIS A 74 25.52 -37.22 -31.84
N PRO A 75 24.99 -38.12 -30.97
CA PRO A 75 25.42 -39.53 -30.92
C PRO A 75 25.48 -40.35 -32.21
N ASP A 76 24.85 -39.88 -33.28
CA ASP A 76 25.04 -40.48 -34.60
C ASP A 76 26.11 -39.70 -35.37
N ALA A 77 27.34 -39.81 -34.88
CA ALA A 77 28.49 -39.16 -35.52
C ALA A 77 29.74 -39.97 -35.16
N ARG A 78 30.37 -40.56 -36.17
CA ARG A 78 31.52 -41.44 -35.98
C ARG A 78 32.77 -40.72 -36.50
N GLY A 79 33.48 -40.07 -35.59
CA GLY A 79 34.77 -39.49 -35.91
C GLY A 79 35.90 -40.25 -35.27
N SER A 80 36.94 -39.55 -34.83
CA SER A 80 38.10 -40.16 -34.21
C SER A 80 38.09 -39.93 -32.71
N ASN A 81 38.38 -40.99 -31.97
CA ASN A 81 38.51 -40.93 -30.52
C ASN A 81 39.95 -41.25 -30.14
N LEU A 82 40.50 -40.48 -29.19
CA LEU A 82 41.92 -40.48 -28.90
C LEU A 82 42.19 -40.89 -27.45
N HIS A 83 43.47 -41.17 -27.20
CA HIS A 83 43.98 -41.44 -25.85
C HIS A 83 45.30 -40.69 -25.70
N SER A 84 45.22 -39.47 -25.17
CA SER A 84 46.42 -38.68 -24.90
C SER A 84 46.08 -37.64 -23.85
N LEU A 85 46.84 -37.61 -22.76
CA LEU A 85 46.74 -36.48 -21.85
C LEU A 85 47.37 -35.26 -22.51
N PRO A 86 46.73 -34.09 -22.41
CA PRO A 86 47.30 -32.89 -23.06
C PRO A 86 48.59 -32.47 -22.39
N GLN A 87 49.46 -31.83 -23.18
CA GLN A 87 50.77 -31.39 -22.69
C GLN A 87 50.62 -30.37 -21.57
N ALA A 88 51.47 -30.48 -20.56
CA ALA A 88 51.37 -29.67 -19.36
C ALA A 88 51.70 -28.21 -19.66
N PRO A 89 50.75 -27.29 -19.51
CA PRO A 89 51.05 -25.89 -19.81
C PRO A 89 51.89 -25.25 -18.73
N GLY A 90 52.75 -24.34 -19.16
CA GLY A 90 53.61 -23.60 -18.24
C GLY A 90 53.06 -22.23 -17.96
N GLN A 91 52.15 -21.77 -18.82
CA GLN A 91 51.47 -20.51 -18.59
C GLN A 91 50.49 -20.68 -17.43
N PRO A 92 50.58 -19.85 -16.39
CA PRO A 92 49.73 -20.03 -15.22
C PRO A 92 48.40 -19.29 -15.35
N GLY A 93 47.40 -19.82 -14.65
CA GLY A 93 46.11 -19.17 -14.58
C GLY A 93 44.91 -20.05 -14.83
N LEU A 94 45.11 -21.22 -15.41
CA LEU A 94 43.98 -22.06 -15.79
C LEU A 94 44.38 -23.53 -15.76
N ALA A 95 43.38 -24.38 -15.96
CA ALA A 95 43.56 -25.82 -16.05
C ALA A 95 42.38 -26.40 -16.81
N GLY A 96 42.66 -27.33 -17.72
CA GLY A 96 41.61 -27.87 -18.56
C GLY A 96 41.47 -29.37 -18.52
N SER A 97 42.52 -30.06 -18.09
CA SER A 97 42.51 -31.51 -17.99
C SER A 97 43.03 -31.92 -16.61
N HIS A 98 43.09 -33.23 -16.38
CA HIS A 98 43.62 -33.78 -15.13
C HIS A 98 45.13 -34.00 -15.24
N GLU A 99 45.84 -32.89 -15.47
CA GLU A 99 47.29 -32.89 -15.57
C GLU A 99 47.92 -32.82 -14.18
N LEU A 100 47.53 -33.72 -13.29
CA LEU A 100 47.86 -33.68 -11.87
C LEU A 100 47.54 -35.04 -11.26
N GLY A 101 47.45 -35.11 -9.93
CA GLY A 101 46.99 -36.31 -9.25
C GLY A 101 45.56 -36.72 -9.53
N ASP A 102 45.09 -37.77 -8.84
CA ASP A 102 43.78 -38.41 -9.05
C ASP A 102 43.63 -38.86 -10.50
N ARG A 103 44.41 -39.90 -10.82
CA ARG A 103 44.67 -40.34 -12.18
C ARG A 103 43.42 -40.89 -12.87
N LEU A 104 43.59 -41.24 -14.14
CA LEU A 104 42.51 -41.45 -15.10
C LEU A 104 41.69 -42.70 -14.79
N VAL A 105 40.57 -42.83 -15.50
CA VAL A 105 39.61 -43.90 -15.28
C VAL A 105 39.43 -44.80 -16.50
N SER A 106 40.15 -44.54 -17.60
CA SER A 106 40.25 -45.40 -18.80
C SER A 106 38.88 -45.67 -19.44
N ASP A 107 38.32 -44.61 -20.03
CA ASP A 107 37.07 -44.70 -20.78
C ASP A 107 37.25 -45.60 -22.01
N VAL A 108 36.15 -46.20 -22.45
CA VAL A 108 36.13 -47.06 -23.63
C VAL A 108 34.84 -46.80 -24.39
N VAL A 109 34.97 -46.56 -25.70
CA VAL A 109 33.83 -46.34 -26.59
C VAL A 109 33.79 -47.48 -27.59
N GLY A 110 32.61 -48.06 -27.78
CA GLY A 110 32.47 -49.14 -28.73
C GLY A 110 31.03 -49.61 -28.81
N ASN A 111 30.86 -50.76 -29.45
CA ASN A 111 29.54 -51.36 -29.60
C ASN A 111 29.02 -51.85 -28.25
N ALA A 112 27.71 -51.70 -28.04
CA ALA A 112 27.13 -52.02 -26.74
C ALA A 112 27.06 -53.52 -26.49
N ALA A 113 26.96 -54.32 -27.56
CA ALA A 113 26.97 -55.77 -27.39
C ALA A 113 28.35 -56.30 -27.06
N ALA A 114 29.40 -55.52 -27.34
CA ALA A 114 30.77 -55.97 -27.15
C ALA A 114 31.33 -55.64 -25.77
N LEU A 115 30.55 -55.03 -24.88
CA LEU A 115 31.11 -54.52 -23.64
C LEU A 115 31.33 -55.62 -22.60
N ASP A 116 30.83 -56.83 -22.86
CA ASP A 116 31.14 -57.98 -22.01
C ASP A 116 32.62 -58.33 -22.08
N VAL A 117 33.27 -58.07 -23.22
CA VAL A 117 34.71 -58.28 -23.35
C VAL A 117 35.47 -57.35 -22.42
N PHE A 118 35.06 -56.08 -22.34
CA PHE A 118 35.69 -55.16 -21.40
C PHE A 118 35.37 -55.53 -19.96
N LYS A 119 34.17 -56.07 -19.71
CA LYS A 119 33.84 -56.56 -18.37
C LYS A 119 34.69 -57.76 -17.97
N PHE A 120 35.09 -58.57 -18.95
CA PHE A 120 36.03 -59.66 -18.68
C PHE A 120 37.44 -59.14 -18.48
N LEU A 121 37.84 -58.11 -19.23
CA LEU A 121 39.16 -57.51 -19.05
C LEU A 121 39.29 -56.83 -17.70
N SER A 122 38.23 -56.16 -17.26
CA SER A 122 38.23 -55.44 -15.98
C SER A 122 37.86 -56.33 -14.80
N LEU A 123 37.91 -57.64 -14.99
CA LEU A 123 37.69 -58.57 -13.88
C LEU A 123 38.88 -58.50 -12.94
N GLN A 124 38.69 -57.84 -11.79
CA GLN A 124 39.79 -57.40 -10.93
C GLN A 124 40.39 -58.58 -10.18
N TYR A 125 41.13 -59.41 -10.90
CA TYR A 125 41.98 -60.42 -10.31
C TYR A 125 43.31 -59.74 -10.00
N GLN A 126 43.39 -59.17 -8.79
CA GLN A 126 44.56 -58.45 -8.27
C GLN A 126 44.96 -57.28 -9.17
N GLY A 127 43.96 -56.51 -9.58
CA GLY A 127 44.19 -55.35 -10.43
C GLY A 127 43.73 -55.53 -11.85
N LYS A 128 42.98 -54.55 -12.37
CA LYS A 128 42.50 -54.57 -13.75
C LYS A 128 43.35 -53.70 -14.68
N ASN A 129 44.38 -53.04 -14.15
CA ASN A 129 45.29 -52.28 -15.01
C ASN A 129 46.27 -53.20 -15.72
N LEU A 130 46.75 -54.24 -15.04
CA LEU A 130 47.64 -55.23 -15.63
C LEU A 130 46.90 -56.35 -16.36
N LEU A 131 45.59 -56.22 -16.52
CA LEU A 131 44.77 -57.17 -17.26
C LEU A 131 44.08 -56.55 -18.46
N ASN A 132 43.64 -55.30 -18.36
CA ASN A 132 43.11 -54.61 -19.54
C ASN A 132 44.22 -54.18 -20.48
N TRP A 133 45.26 -53.55 -19.93
CA TRP A 133 46.52 -53.37 -20.64
C TRP A 133 47.52 -54.44 -20.20
N LEU A 134 47.19 -55.68 -20.54
CA LEU A 134 47.93 -56.85 -20.04
C LEU A 134 49.20 -57.06 -20.88
N THR A 135 50.15 -56.15 -20.69
CA THR A 135 51.46 -56.29 -21.33
C THR A 135 52.44 -57.10 -20.50
N GLU A 136 52.27 -57.15 -19.18
CA GLU A 136 53.24 -57.73 -18.26
C GLU A 136 52.73 -59.02 -17.61
N ASP A 137 52.06 -59.88 -18.35
CA ASP A 137 51.54 -61.13 -17.81
C ASP A 137 52.48 -62.28 -18.12
N SER A 138 52.66 -63.17 -17.15
CA SER A 138 53.55 -64.33 -17.30
C SER A 138 52.84 -65.65 -17.04
N ALA A 139 52.01 -65.74 -16.00
CA ALA A 139 51.25 -66.94 -15.72
C ALA A 139 49.86 -66.92 -16.33
N GLU A 140 49.38 -65.75 -16.76
CA GLU A 140 48.03 -65.62 -17.28
C GLU A 140 47.89 -66.18 -18.69
N ALA A 141 49.00 -66.36 -19.41
CA ALA A 141 48.96 -66.79 -20.80
C ALA A 141 48.37 -68.19 -20.93
N VAL A 142 48.93 -69.16 -20.22
CA VAL A 142 48.39 -70.51 -20.23
C VAL A 142 47.06 -70.60 -19.50
N GLN A 143 46.70 -69.58 -18.71
CA GLN A 143 45.36 -69.50 -18.15
C GLN A 143 44.35 -69.05 -19.19
N ALA A 144 44.80 -68.32 -20.22
CA ALA A 144 43.87 -67.94 -21.28
C ALA A 144 43.53 -69.12 -22.17
N LEU A 145 44.49 -70.00 -22.42
CA LEU A 145 44.26 -71.22 -23.18
C LEU A 145 45.04 -72.34 -22.51
N SER A 146 44.35 -73.21 -21.77
CA SER A 146 45.00 -74.37 -21.16
C SER A 146 44.92 -75.60 -22.08
N ASP A 147 45.29 -75.40 -23.33
CA ASP A 147 45.43 -76.46 -24.32
C ASP A 147 46.72 -76.34 -25.11
N ASN A 148 47.20 -75.13 -25.36
CA ASN A 148 48.38 -74.91 -26.20
C ASN A 148 49.15 -73.73 -25.65
N ALA A 149 50.07 -73.22 -26.45
CA ALA A 149 50.76 -71.97 -26.19
C ALA A 149 50.70 -71.02 -27.38
N GLU A 150 50.20 -71.48 -28.52
CA GLU A 150 50.07 -70.63 -29.70
C GLU A 150 48.82 -69.76 -29.62
N GLN A 151 47.65 -70.39 -29.44
CA GLN A 151 46.41 -69.64 -29.38
C GLN A 151 46.30 -68.80 -28.12
N ALA A 152 47.03 -69.17 -27.06
CA ALA A 152 47.10 -68.34 -25.86
C ALA A 152 47.76 -66.99 -26.15
N ARG A 153 48.91 -67.02 -26.82
CA ARG A 153 49.58 -65.79 -27.23
C ARG A 153 48.77 -65.03 -28.27
N GLU A 154 48.05 -65.76 -29.14
CA GLU A 154 47.17 -65.12 -30.11
C GLU A 154 46.04 -64.36 -29.43
N TRP A 155 45.42 -64.96 -28.41
CA TRP A 155 44.34 -64.29 -27.70
C TRP A 155 44.86 -63.14 -26.84
N ARG A 156 46.07 -63.27 -26.30
CA ARG A 156 46.69 -62.18 -25.55
C ARG A 156 46.97 -60.98 -26.45
N GLN A 157 47.51 -61.22 -27.65
CA GLN A 157 47.76 -60.14 -28.60
C GLN A 157 46.44 -59.55 -29.10
N ALA A 158 45.42 -60.37 -29.30
CA ALA A 158 44.13 -59.87 -29.77
C ALA A 158 43.41 -59.05 -28.69
N PHE A 159 43.69 -59.32 -27.41
CA PHE A 159 43.06 -58.52 -26.36
C PHE A 159 43.82 -57.23 -26.09
N ILE A 160 45.16 -57.27 -26.02
CA ILE A 160 45.91 -56.08 -25.67
C ILE A 160 46.28 -55.22 -26.87
N GLY A 161 46.14 -55.72 -28.09
CA GLY A 161 46.51 -54.95 -29.26
C GLY A 161 45.40 -54.05 -29.76
N ILE A 162 44.16 -54.48 -29.57
CA ILE A 162 43.02 -53.70 -30.07
C ILE A 162 42.66 -52.54 -29.14
N THR A 163 43.25 -52.47 -27.96
CA THR A 163 42.96 -51.41 -27.02
C THR A 163 43.85 -50.19 -27.22
N ALA A 164 44.69 -50.18 -28.28
CA ALA A 164 45.38 -48.98 -28.74
C ALA A 164 45.42 -49.04 -30.27
N VAL A 165 44.39 -48.49 -30.90
CA VAL A 165 44.30 -48.46 -32.36
C VAL A 165 43.45 -47.26 -32.74
N LYS A 166 43.77 -46.63 -33.88
CA LYS A 166 43.15 -45.37 -34.24
C LYS A 166 42.34 -45.44 -35.52
N GLY A 167 42.92 -45.95 -36.61
CA GLY A 167 42.24 -45.92 -37.89
C GLY A 167 42.58 -44.67 -38.68
N ALA A 168 41.70 -43.68 -38.64
CA ALA A 168 41.93 -42.43 -39.36
C ALA A 168 41.30 -41.29 -38.58
N PRO A 169 41.90 -40.09 -38.63
CA PRO A 169 41.25 -38.93 -38.01
C PRO A 169 40.01 -38.52 -38.77
N ALA A 170 38.91 -38.32 -38.03
CA ALA A 170 37.65 -37.94 -38.66
C ALA A 170 36.79 -37.14 -37.69
N SER A 171 35.81 -36.45 -38.24
CA SER A 171 34.75 -35.78 -37.47
C SER A 171 33.52 -35.75 -38.38
N HIS A 172 32.55 -36.64 -38.12
CA HIS A 172 31.60 -37.09 -39.14
C HIS A 172 30.47 -36.09 -39.39
N SER A 173 30.85 -34.85 -39.72
CA SER A 173 30.00 -33.76 -40.21
C SER A 173 28.95 -33.31 -39.20
N LEU A 174 28.95 -33.87 -37.99
CA LEU A 174 28.02 -33.50 -36.94
C LEU A 174 28.74 -33.19 -35.64
N ALA A 175 30.05 -33.44 -35.57
CA ALA A 175 30.91 -32.95 -34.51
C ALA A 175 31.25 -31.48 -34.75
N LYS A 176 31.90 -30.88 -33.77
CA LYS A 176 32.22 -29.46 -33.82
C LYS A 176 33.65 -29.26 -34.30
N GLN A 177 33.85 -28.21 -35.09
CA GLN A 177 35.18 -27.77 -35.50
C GLN A 177 35.09 -26.29 -35.85
N LEU A 178 35.75 -25.44 -35.06
CA LEU A 178 35.54 -24.00 -35.11
C LEU A 178 36.86 -23.26 -35.29
N TYR A 179 36.84 -22.26 -36.19
CA TYR A 179 38.02 -21.50 -36.55
C TYR A 179 38.58 -20.71 -35.36
N PHE A 180 39.90 -20.55 -35.36
CA PHE A 180 40.59 -19.76 -34.34
C PHE A 180 41.48 -18.75 -35.06
N PRO A 181 41.29 -17.45 -34.85
CA PRO A 181 42.13 -16.46 -35.55
C PRO A 181 43.54 -16.43 -34.97
N LEU A 182 44.52 -16.63 -35.85
CA LEU A 182 45.94 -16.59 -35.52
C LEU A 182 46.39 -15.12 -35.37
N PRO A 183 47.59 -14.86 -34.75
CA PRO A 183 48.04 -13.47 -34.60
C PRO A 183 48.24 -12.69 -35.88
N GLY A 184 49.10 -13.14 -36.78
CA GLY A 184 49.36 -12.40 -38.00
C GLY A 184 48.22 -12.49 -38.97
N SER A 185 48.07 -13.66 -39.59
CA SER A 185 46.91 -14.03 -40.38
C SER A 185 46.93 -15.54 -40.56
N GLY A 186 45.76 -16.11 -40.74
CA GLY A 186 45.59 -17.55 -40.80
C GLY A 186 44.64 -18.05 -39.74
N TYR A 187 44.24 -19.32 -39.91
CA TYR A 187 43.31 -19.94 -39.00
C TYR A 187 43.75 -21.37 -38.73
N HIS A 188 43.33 -21.88 -37.58
CA HIS A 188 43.42 -23.30 -37.27
C HIS A 188 42.01 -23.84 -37.05
N LEU A 189 41.81 -25.12 -37.32
CA LEU A 189 40.45 -25.64 -37.48
C LEU A 189 39.81 -26.02 -36.16
N LEU A 190 40.57 -26.58 -35.21
CA LEU A 190 40.24 -26.69 -33.79
C LEU A 190 38.94 -27.47 -33.55
N ALA A 191 39.01 -28.77 -33.80
CA ALA A 191 37.88 -29.67 -33.54
C ALA A 191 37.96 -30.22 -32.13
N PRO A 192 37.03 -29.88 -31.23
CA PRO A 192 37.13 -30.32 -29.85
C PRO A 192 36.48 -31.68 -29.57
N LEU A 193 36.75 -32.19 -28.38
CA LEU A 193 36.27 -33.48 -27.92
C LEU A 193 35.74 -33.36 -26.50
N PHE A 194 35.01 -34.38 -26.06
CA PHE A 194 34.43 -34.40 -24.71
C PHE A 194 35.36 -35.14 -23.76
N PRO A 195 35.80 -34.52 -22.65
CA PRO A 195 36.85 -35.09 -21.79
C PRO A 195 36.33 -35.98 -20.67
N THR A 196 35.84 -37.17 -21.02
CA THR A 196 35.09 -38.04 -20.13
C THR A 196 35.81 -38.48 -18.86
N SER A 197 37.15 -38.60 -18.90
CA SER A 197 37.89 -38.87 -17.67
C SER A 197 37.84 -37.68 -16.72
N LEU A 198 37.95 -36.46 -17.26
CA LEU A 198 37.86 -35.27 -16.43
C LEU A 198 36.45 -35.05 -15.89
N VAL A 199 35.43 -35.27 -16.74
CA VAL A 199 34.05 -35.19 -16.27
C VAL A 199 33.70 -36.32 -15.32
N HIS A 200 34.42 -37.44 -15.38
CA HIS A 200 34.28 -38.48 -14.36
C HIS A 200 34.88 -38.02 -13.04
N HIS A 201 36.07 -37.42 -13.10
CA HIS A 201 36.80 -37.05 -11.88
C HIS A 201 36.12 -35.90 -11.14
N VAL A 202 35.59 -34.92 -11.88
CA VAL A 202 34.87 -33.80 -11.27
C VAL A 202 33.58 -34.29 -10.61
N HIS A 203 32.85 -35.16 -11.32
CA HIS A 203 31.61 -35.74 -10.79
C HIS A 203 31.89 -36.61 -9.56
N ALA A 204 33.04 -37.29 -9.54
CA ALA A 204 33.39 -38.09 -8.38
C ALA A 204 33.77 -37.22 -7.19
N LEU A 205 34.43 -36.08 -7.42
CA LEU A 205 34.69 -35.15 -6.32
C LEU A 205 33.40 -34.55 -5.78
N LEU A 206 32.47 -34.19 -6.66
CA LEU A 206 31.21 -33.62 -6.24
C LEU A 206 30.33 -34.65 -5.53
N ARG A 207 30.49 -35.93 -5.86
CA ARG A 207 29.81 -36.99 -5.13
C ARG A 207 30.47 -37.30 -3.81
N GLU A 208 31.79 -37.12 -3.70
CA GLU A 208 32.49 -37.35 -2.45
C GLU A 208 32.29 -36.23 -1.45
N ALA A 209 32.06 -35.01 -1.91
CA ALA A 209 31.86 -33.89 -0.99
C ALA A 209 30.48 -33.86 -0.35
N ARG A 210 29.50 -34.61 -0.89
CA ARG A 210 28.14 -34.59 -0.37
C ARG A 210 27.72 -35.91 0.24
N PHE A 211 27.78 -37.00 -0.51
CA PHE A 211 27.27 -38.30 -0.09
C PHE A 211 28.30 -39.12 0.66
N GLY A 212 29.47 -38.56 0.95
CA GLY A 212 30.54 -39.30 1.56
C GLY A 212 30.35 -39.53 3.04
N ASP A 213 31.40 -40.08 3.66
CA ASP A 213 31.38 -40.33 5.09
C ASP A 213 31.72 -39.07 5.88
N ALA A 214 32.64 -38.26 5.37
CA ALA A 214 33.06 -37.05 6.07
C ALA A 214 31.95 -36.00 6.09
N ALA A 215 31.20 -35.88 5.00
CA ALA A 215 30.08 -34.95 4.97
C ALA A 215 28.94 -35.41 5.86
N LYS A 216 28.68 -36.72 5.89
CA LYS A 216 27.67 -37.26 6.79
C LYS A 216 28.07 -37.09 8.25
N ALA A 217 29.36 -37.16 8.55
CA ALA A 217 29.83 -36.93 9.92
C ALA A 217 29.75 -35.46 10.29
N ALA A 218 30.14 -34.57 9.39
CA ALA A 218 30.21 -33.15 9.70
C ALA A 218 28.89 -32.42 9.51
N ARG A 219 27.87 -33.08 8.98
CA ARG A 219 26.53 -32.51 8.94
C ARG A 219 25.74 -32.83 10.20
N GLU A 220 25.97 -34.02 10.78
CA GLU A 220 25.38 -34.39 12.05
C GLU A 220 25.83 -33.47 13.16
N ALA A 221 27.06 -32.96 13.09
CA ALA A 221 27.54 -32.01 14.08
C ALA A 221 26.86 -30.66 13.92
N ARG A 222 26.52 -30.27 12.69
CA ARG A 222 25.86 -29.00 12.51
C ARG A 222 24.38 -29.08 12.85
N SER A 223 23.79 -30.25 12.71
CA SER A 223 22.36 -30.37 13.08
C SER A 223 22.24 -30.16 14.60
N ARG A 224 23.35 -30.41 15.32
CA ARG A 224 23.46 -30.32 16.80
C ARG A 224 24.31 -29.12 17.27
N GLN A 225 24.74 -28.21 16.39
CA GLN A 225 25.51 -27.00 16.79
C GLN A 225 26.71 -27.35 17.66
N GLU A 226 27.71 -28.02 17.07
CA GLU A 226 28.96 -28.50 17.72
C GLU A 226 30.26 -27.92 17.14
N SER A 227 31.30 -28.76 17.05
CA SER A 227 32.65 -28.32 16.60
C SER A 227 33.31 -29.28 15.59
N TRP A 228 33.71 -30.47 16.04
CA TRP A 228 34.22 -31.57 15.17
C TRP A 228 35.55 -31.29 14.46
N PRO A 229 36.24 -32.26 13.85
CA PRO A 229 37.49 -31.85 13.29
C PRO A 229 37.36 -30.80 12.17
N HIS A 230 36.40 -30.97 11.27
CA HIS A 230 36.39 -30.15 10.05
C HIS A 230 34.99 -29.68 9.63
N GLY A 231 34.86 -29.25 8.39
CA GLY A 231 33.60 -28.74 7.86
C GLY A 231 33.21 -29.39 6.55
N PHE A 232 32.32 -28.73 5.82
CA PHE A 232 31.76 -29.31 4.60
C PHE A 232 31.30 -28.20 3.65
N SER A 233 30.78 -28.63 2.49
CA SER A 233 30.40 -27.75 1.38
C SER A 233 29.08 -28.22 0.78
N GLU A 234 28.57 -27.46 -0.19
CA GLU A 234 27.20 -27.63 -0.65
C GLU A 234 27.02 -27.82 -2.16
N TYR A 235 27.79 -27.07 -2.97
CA TYR A 235 27.75 -27.06 -4.44
C TYR A 235 26.36 -26.73 -4.98
N PRO A 236 25.93 -25.47 -4.94
CA PRO A 236 24.57 -25.14 -5.39
C PRO A 236 24.46 -24.96 -6.90
N ASN A 237 23.21 -24.98 -7.36
CA ASN A 237 22.81 -24.69 -8.75
C ASN A 237 23.48 -25.61 -9.75
N LEU A 238 23.56 -26.90 -9.42
CA LEU A 238 24.00 -27.87 -10.40
C LEU A 238 22.90 -28.11 -11.45
N ALA A 239 23.31 -28.62 -12.60
CA ALA A 239 22.38 -28.96 -13.67
C ALA A 239 22.73 -30.34 -14.22
N ILE A 240 21.72 -31.03 -14.74
CA ILE A 240 21.86 -32.37 -15.26
C ILE A 240 21.70 -32.31 -16.78
N GLN A 241 22.62 -32.95 -17.50
CA GLN A 241 22.53 -33.11 -18.95
C GLN A 241 22.70 -34.59 -19.25
N LYS A 242 21.62 -35.25 -19.64
CA LYS A 242 21.60 -36.71 -19.77
C LYS A 242 21.86 -37.10 -21.21
N PHE A 243 23.03 -37.70 -21.46
CA PHE A 243 23.48 -37.95 -22.83
C PHE A 243 22.71 -39.11 -23.46
N GLY A 244 22.73 -40.28 -22.82
CA GLY A 244 21.93 -41.38 -23.30
C GLY A 244 20.45 -41.16 -23.00
N GLY A 245 19.62 -41.44 -24.00
CA GLY A 245 18.18 -41.25 -23.86
C GLY A 245 17.54 -42.24 -22.92
N THR A 246 17.56 -43.51 -23.29
CA THR A 246 17.07 -44.58 -22.43
C THR A 246 18.13 -45.61 -22.09
N LYS A 247 19.07 -45.89 -22.99
CA LYS A 247 20.17 -46.81 -22.73
C LYS A 247 21.50 -46.08 -22.91
N PRO A 248 22.23 -45.81 -21.84
CA PRO A 248 23.49 -45.06 -21.97
C PRO A 248 24.68 -45.88 -22.41
N GLN A 249 24.49 -47.17 -22.71
CA GLN A 249 25.61 -48.02 -23.11
C GLN A 249 26.09 -47.74 -24.52
N ASN A 250 25.31 -47.02 -25.33
CA ASN A 250 25.74 -46.69 -26.68
C ASN A 250 26.89 -45.69 -26.67
N ILE A 251 26.89 -44.77 -25.72
CA ILE A 251 27.86 -43.68 -25.72
C ILE A 251 29.18 -44.16 -25.14
N SER A 252 29.15 -44.58 -23.88
CA SER A 252 30.39 -44.92 -23.18
C SER A 252 30.05 -45.85 -22.02
N GLN A 253 31.06 -46.56 -21.55
CA GLN A 253 30.93 -47.29 -20.29
C GLN A 253 30.89 -46.33 -19.12
N LEU A 254 31.66 -45.24 -19.18
CA LEU A 254 31.62 -44.21 -18.14
C LEU A 254 30.31 -43.43 -18.19
N ASN A 255 29.67 -43.37 -19.36
CA ASN A 255 28.34 -42.79 -19.43
C ASN A 255 27.29 -43.74 -18.87
N SER A 256 27.62 -45.02 -18.71
CA SER A 256 26.70 -45.95 -18.06
C SER A 256 26.92 -45.98 -16.56
N GLU A 257 28.17 -45.79 -16.11
CA GLU A 257 28.45 -45.76 -14.68
C GLU A 257 27.90 -44.49 -14.04
N ARG A 258 27.83 -43.40 -14.81
CA ARG A 258 27.30 -42.12 -14.35
C ARG A 258 26.10 -41.75 -15.22
N TYR A 259 25.12 -42.66 -15.29
CA TYR A 259 23.98 -42.69 -16.22
C TYR A 259 23.33 -41.33 -16.43
N GLY A 260 23.40 -40.84 -17.67
CA GLY A 260 23.13 -39.45 -17.95
C GLY A 260 24.16 -38.56 -17.29
N GLU A 261 23.69 -37.71 -16.37
CA GLU A 261 24.44 -37.15 -15.24
C GLU A 261 25.75 -36.46 -15.65
N ASN A 262 25.61 -35.38 -16.41
CA ASN A 262 26.77 -34.57 -16.74
C ASN A 262 27.27 -33.79 -15.53
N TRP A 263 26.35 -33.34 -14.67
CA TRP A 263 26.62 -32.64 -13.41
C TRP A 263 27.44 -31.36 -13.63
N LEU A 264 26.79 -30.43 -14.32
CA LEU A 264 27.42 -29.16 -14.68
C LEU A 264 27.31 -28.14 -13.53
N LEU A 265 28.26 -27.19 -13.52
CA LEU A 265 28.46 -26.18 -12.50
C LEU A 265 28.05 -24.80 -13.00
N PRO A 266 27.49 -23.94 -12.15
CA PRO A 266 26.86 -22.70 -12.63
C PRO A 266 27.86 -21.60 -12.94
N SER A 267 27.68 -20.97 -14.11
CA SER A 267 28.41 -19.77 -14.49
C SER A 267 27.51 -18.55 -14.62
N LEU A 268 26.48 -18.45 -13.78
CA LEU A 268 25.41 -17.50 -13.98
C LEU A 268 25.84 -16.08 -13.61
N PRO A 269 25.12 -15.07 -14.10
CA PRO A 269 25.24 -13.71 -13.57
C PRO A 269 24.72 -13.64 -12.15
N PRO A 270 25.06 -12.58 -11.40
CA PRO A 270 24.57 -12.48 -10.01
C PRO A 270 23.07 -12.24 -9.88
N HIS A 271 22.46 -11.54 -10.84
CA HIS A 271 21.08 -11.09 -10.73
C HIS A 271 20.10 -11.93 -11.52
N TRP A 272 20.48 -13.14 -11.93
CA TRP A 272 19.73 -13.97 -12.88
C TRP A 272 18.29 -14.31 -12.45
N GLN A 273 18.10 -14.84 -11.23
CA GLN A 273 16.77 -15.20 -10.75
C GLN A 273 16.27 -14.09 -9.83
N ARG A 274 16.21 -12.88 -10.37
CA ARG A 274 15.85 -11.72 -9.57
C ARG A 274 14.88 -10.79 -10.28
N GLN A 275 13.99 -11.33 -11.12
CA GLN A 275 13.00 -10.50 -11.80
C GLN A 275 11.96 -9.99 -10.82
N ASP A 276 11.80 -8.67 -10.79
CA ASP A 276 10.79 -8.01 -9.97
C ASP A 276 10.56 -6.62 -10.54
N GLN A 277 9.29 -6.23 -10.65
CA GLN A 277 8.91 -4.94 -11.21
C GLN A 277 7.96 -4.24 -10.24
N ARG A 278 8.43 -3.17 -9.61
CA ARG A 278 7.61 -2.44 -8.65
C ARG A 278 8.07 -1.00 -8.61
N ALA A 279 7.16 -0.11 -8.20
CA ALA A 279 7.43 1.30 -8.06
C ALA A 279 7.10 1.73 -6.64
N PRO A 280 8.00 2.42 -5.93
CA PRO A 280 7.72 2.82 -4.53
C PRO A 280 6.85 4.06 -4.44
N ILE A 281 5.59 3.93 -4.88
CA ILE A 281 4.65 5.05 -4.83
C ILE A 281 4.11 5.23 -3.42
N ARG A 282 4.06 4.15 -2.64
CA ARG A 282 3.49 4.20 -1.29
C ARG A 282 4.42 4.86 -0.29
N HIS A 283 5.60 4.28 -0.07
CA HIS A 283 6.46 4.72 1.03
C HIS A 283 7.22 5.98 0.67
N SER A 284 7.37 6.86 1.66
CA SER A 284 8.10 8.10 1.52
C SER A 284 9.59 7.88 1.28
N SER A 285 10.28 7.27 2.24
CA SER A 285 11.72 7.07 2.17
C SER A 285 12.01 5.75 1.49
N VAL A 286 12.91 5.78 0.49
CA VAL A 286 13.18 4.60 -0.32
C VAL A 286 14.42 3.85 0.14
N PHE A 287 15.23 4.43 1.03
CA PHE A 287 16.40 3.71 1.53
C PHE A 287 16.03 2.75 2.65
N GLU A 288 15.13 3.17 3.54
CA GLU A 288 14.72 2.30 4.65
C GLU A 288 13.80 1.19 4.17
N HIS A 289 12.89 1.51 3.25
CA HIS A 289 11.90 0.56 2.78
C HIS A 289 12.00 0.41 1.27
N ASP A 290 11.87 -0.85 0.80
CA ASP A 290 11.97 -1.37 -0.58
C ASP A 290 13.42 -1.43 -1.05
N PHE A 291 14.36 -0.90 -0.26
CA PHE A 291 15.77 -1.15 -0.53
C PHE A 291 16.27 -2.34 0.27
N GLY A 292 15.95 -2.38 1.57
CA GLY A 292 16.22 -3.58 2.35
C GLY A 292 15.30 -4.72 1.94
N ARG A 293 14.13 -4.39 1.40
CA ARG A 293 13.20 -5.40 0.91
C ARG A 293 13.62 -5.95 -0.45
N SER A 294 14.65 -5.38 -1.08
CA SER A 294 15.23 -5.96 -2.28
C SER A 294 15.92 -7.28 -1.94
N PRO A 295 15.95 -8.24 -2.89
CA PRO A 295 16.42 -9.59 -2.56
C PRO A 295 17.91 -9.74 -2.29
N GLU A 296 18.74 -8.92 -2.94
CA GLU A 296 20.19 -9.10 -2.82
C GLU A 296 20.81 -8.26 -1.71
N VAL A 297 20.18 -7.14 -1.34
CA VAL A 297 20.76 -6.21 -0.37
C VAL A 297 20.72 -6.80 1.04
N SER A 298 19.78 -7.71 1.30
CA SER A 298 19.61 -8.25 2.65
C SER A 298 20.81 -9.08 3.08
N ARG A 299 21.36 -9.88 2.16
CA ARG A 299 22.52 -10.70 2.51
C ARG A 299 23.82 -9.90 2.50
N LEU A 300 23.82 -8.69 1.93
CA LEU A 300 24.93 -7.78 2.13
C LEU A 300 24.85 -7.13 3.51
N THR A 301 23.66 -6.65 3.88
CA THR A 301 23.50 -5.93 5.14
C THR A 301 23.63 -6.86 6.35
N ARG A 302 23.13 -8.09 6.25
CA ARG A 302 23.22 -9.00 7.39
C ARG A 302 24.65 -9.50 7.56
N THR A 303 25.37 -9.68 6.46
CA THR A 303 26.78 -10.02 6.57
C THR A 303 27.60 -8.83 7.07
N LEU A 304 27.14 -7.60 6.80
CA LEU A 304 27.82 -6.43 7.35
C LEU A 304 27.59 -6.32 8.85
N GLN A 305 26.40 -6.66 9.32
CA GLN A 305 26.19 -6.75 10.78
C GLN A 305 27.01 -7.88 11.38
N ARG A 306 27.21 -8.97 10.63
CA ARG A 306 28.07 -10.05 11.10
C ARG A 306 29.53 -9.65 11.14
N LEU A 307 29.96 -8.73 10.26
CA LEU A 307 31.36 -8.35 10.18
C LEU A 307 31.72 -7.11 10.98
N LEU A 308 30.75 -6.28 11.35
CA LEU A 308 31.03 -5.08 12.12
C LEU A 308 31.08 -5.34 13.63
N ALA A 309 31.15 -6.61 14.04
CA ALA A 309 31.40 -7.00 15.43
C ALA A 309 32.35 -8.19 15.39
N LYS A 310 33.65 -7.90 15.40
CA LYS A 310 34.68 -8.93 15.27
C LYS A 310 35.98 -8.38 15.83
N THR A 311 37.02 -9.20 15.77
CA THR A 311 38.33 -8.81 16.25
C THR A 311 39.08 -7.99 15.20
N ARG A 312 39.87 -7.03 15.67
CA ARG A 312 40.63 -6.14 14.80
C ARG A 312 42.12 -6.47 14.79
N HIS A 313 42.49 -7.70 15.13
CA HIS A 313 43.91 -8.06 15.15
C HIS A 313 44.46 -8.30 13.75
N ASN A 314 43.74 -9.06 12.93
CA ASN A 314 44.14 -9.30 11.54
C ASN A 314 43.39 -8.35 10.61
N ASN A 315 43.69 -7.06 10.76
CA ASN A 315 42.90 -6.01 10.11
C ASN A 315 43.09 -5.95 8.60
N PHE A 316 44.21 -6.48 8.08
CA PHE A 316 44.59 -6.25 6.68
C PHE A 316 43.66 -6.96 5.70
N THR A 317 43.00 -8.04 6.13
CA THR A 317 42.02 -8.71 5.29
C THR A 317 40.59 -8.33 5.62
N ILE A 318 40.27 -8.18 6.91
CA ILE A 318 38.88 -7.96 7.28
C ILE A 318 38.46 -6.52 6.97
N ARG A 319 39.41 -5.56 7.03
CA ARG A 319 39.06 -4.21 6.63
C ARG A 319 38.87 -4.10 5.12
N ARG A 320 39.60 -4.91 4.35
CA ARG A 320 39.40 -4.97 2.90
C ARG A 320 38.04 -5.59 2.57
N TYR A 321 37.65 -6.63 3.31
CA TYR A 321 36.35 -7.25 3.07
C TYR A 321 35.22 -6.33 3.50
N ARG A 322 35.40 -5.62 4.61
CA ARG A 322 34.41 -4.65 5.06
C ARG A 322 34.29 -3.47 4.12
N ALA A 323 35.37 -3.09 3.43
CA ALA A 323 35.27 -2.01 2.46
C ALA A 323 34.61 -2.48 1.17
N GLN A 324 34.92 -3.70 0.72
CA GLN A 324 34.33 -4.20 -0.52
C GLN A 324 32.85 -4.52 -0.34
N LEU A 325 32.44 -4.89 0.87
CA LEU A 325 31.03 -5.15 1.12
C LEU A 325 30.19 -3.87 1.15
N VAL A 326 30.80 -2.72 1.39
CA VAL A 326 30.10 -1.43 1.27
C VAL A 326 30.14 -0.91 -0.16
N GLY A 327 31.24 -1.20 -0.85
CA GLY A 327 31.32 -0.90 -2.28
C GLY A 327 30.26 -1.61 -3.08
N GLN A 328 29.97 -2.87 -2.73
CA GLN A 328 28.89 -3.59 -3.39
C GLN A 328 27.53 -2.99 -3.05
N ILE A 329 27.36 -2.45 -1.85
CA ILE A 329 26.08 -1.89 -1.44
C ILE A 329 25.79 -0.62 -2.24
N CYS A 330 26.79 0.24 -2.41
CA CYS A 330 26.56 1.44 -3.22
C CYS A 330 26.48 1.09 -4.71
N ASP A 331 27.09 -0.01 -5.13
CA ASP A 331 26.90 -0.51 -6.49
C ASP A 331 25.44 -0.90 -6.76
N GLU A 332 24.87 -1.71 -5.85
CA GLU A 332 23.45 -2.06 -5.96
C GLU A 332 22.54 -0.83 -5.82
N ALA A 333 22.98 0.16 -5.04
CA ALA A 333 22.23 1.39 -4.88
C ALA A 333 22.15 2.17 -6.19
N LEU A 334 23.24 2.20 -6.95
CA LEU A 334 23.20 2.88 -8.24
C LEU A 334 22.43 2.06 -9.27
N GLN A 335 22.56 0.73 -9.22
CA GLN A 335 21.87 -0.11 -10.20
C GLN A 335 20.36 -0.09 -10.01
N TYR A 336 19.91 0.15 -8.77
CA TYR A 336 18.47 0.28 -8.52
C TYR A 336 17.87 1.45 -9.27
N ALA A 337 18.52 2.62 -9.21
CA ALA A 337 18.05 3.79 -9.96
C ALA A 337 18.26 3.60 -11.45
N ALA A 338 19.28 2.81 -11.83
CA ALA A 338 19.51 2.53 -13.24
C ALA A 338 18.40 1.67 -13.84
N ARG A 339 17.93 0.67 -13.10
CA ARG A 339 16.89 -0.20 -13.62
C ARG A 339 15.48 0.30 -13.32
N LEU A 340 15.32 1.32 -12.49
CA LEU A 340 14.00 1.90 -12.30
C LEU A 340 13.60 2.88 -13.39
N ARG A 341 14.45 3.12 -14.39
CA ARG A 341 14.12 3.98 -15.51
C ARG A 341 13.48 3.21 -16.67
N GLU A 342 13.18 1.93 -16.48
CA GLU A 342 12.52 1.12 -17.49
C GLU A 342 11.04 0.91 -17.21
N LEU A 343 10.54 1.42 -16.09
CA LEU A 343 9.14 1.23 -15.73
C LEU A 343 8.25 2.25 -16.46
N GLU A 344 8.49 3.53 -16.23
CA GLU A 344 7.72 4.61 -16.84
C GLU A 344 8.55 5.88 -16.79
N PRO A 345 8.30 6.83 -17.71
CA PRO A 345 8.98 8.13 -17.61
C PRO A 345 8.59 8.92 -16.38
N GLY A 346 7.37 8.73 -15.86
CA GLY A 346 6.96 9.40 -14.64
C GLY A 346 6.03 8.58 -13.78
N TRP A 347 6.33 8.50 -12.48
CA TRP A 347 5.44 7.83 -11.53
C TRP A 347 5.16 8.71 -10.32
N SER A 348 5.37 10.03 -10.44
CA SER A 348 5.07 10.97 -9.37
C SER A 348 4.09 12.05 -9.77
N ALA A 349 3.69 12.10 -11.05
CA ALA A 349 2.75 13.14 -11.49
C ALA A 349 1.33 12.86 -11.01
N THR A 350 1.02 11.61 -10.69
CA THR A 350 -0.30 11.27 -10.19
C THR A 350 -0.47 11.77 -8.75
N PRO A 351 -1.71 12.03 -8.33
CA PRO A 351 -1.94 12.47 -6.94
C PRO A 351 -1.76 11.30 -5.98
N GLY A 352 -0.83 11.46 -5.05
CA GLY A 352 -0.51 10.41 -4.11
C GLY A 352 -0.59 10.90 -2.68
N CYS A 353 -0.69 9.94 -1.76
CA CYS A 353 -0.71 10.28 -0.34
C CYS A 353 0.66 10.75 0.14
N GLN A 354 1.72 10.09 -0.30
CA GLN A 354 3.09 10.46 0.04
C GLN A 354 3.73 11.11 -1.19
N LEU A 355 4.17 12.36 -1.03
CA LEU A 355 4.81 13.06 -2.14
C LEU A 355 6.19 12.49 -2.43
N HIS A 356 7.09 12.56 -1.43
CA HIS A 356 8.39 11.91 -1.43
C HIS A 356 9.29 12.35 -2.58
N ASP A 357 9.28 13.65 -2.87
CA ASP A 357 10.00 14.17 -4.03
C ASP A 357 11.51 14.17 -3.82
N ALA A 358 11.96 14.15 -2.56
CA ALA A 358 13.38 14.25 -2.24
C ALA A 358 14.17 13.05 -2.76
N GLU A 359 13.57 11.87 -2.71
CA GLU A 359 14.19 10.67 -3.27
C GLU A 359 13.66 10.31 -4.65
N GLN A 360 12.49 10.83 -5.03
CA GLN A 360 11.93 10.53 -6.34
C GLN A 360 12.44 11.46 -7.45
N LEU A 361 13.09 12.56 -7.09
CA LEU A 361 13.81 13.34 -8.10
C LEU A 361 15.03 12.59 -8.61
N TRP A 362 15.59 11.70 -7.78
CA TRP A 362 16.67 10.81 -8.20
C TRP A 362 16.16 9.65 -9.04
N LEU A 363 14.94 9.17 -8.77
CA LEU A 363 14.41 7.96 -9.37
C LEU A 363 13.52 8.22 -10.58
N ASP A 364 13.21 9.47 -10.90
CA ASP A 364 12.34 9.80 -12.04
C ASP A 364 13.00 10.88 -12.90
N PRO A 365 14.00 10.51 -13.70
CA PRO A 365 14.70 11.53 -14.49
C PRO A 365 13.90 12.01 -15.69
N LEU A 366 13.14 11.13 -16.33
CA LEU A 366 12.32 11.49 -17.47
C LEU A 366 11.02 12.18 -17.07
N ARG A 367 10.76 12.35 -15.78
CA ARG A 367 9.63 13.16 -15.34
C ARG A 367 9.82 14.63 -15.67
N ALA A 368 11.08 15.09 -15.69
CA ALA A 368 11.37 16.46 -16.10
C ALA A 368 11.14 16.67 -17.58
N GLN A 369 11.23 15.60 -18.37
CA GLN A 369 10.89 15.69 -19.79
C GLN A 369 9.39 15.88 -19.98
N THR A 370 8.59 15.37 -19.06
CA THR A 370 7.14 15.55 -19.15
C THR A 370 6.71 16.89 -18.58
N ASP A 371 7.09 17.18 -17.32
CA ASP A 371 6.74 18.44 -16.68
C ASP A 371 7.87 19.45 -16.89
N GLU A 372 7.98 19.91 -18.14
CA GLU A 372 9.10 20.73 -18.57
C GLU A 372 9.02 22.18 -18.10
N THR A 373 8.02 22.55 -17.30
CA THR A 373 7.88 23.94 -16.88
C THR A 373 8.62 24.23 -15.57
N PHE A 374 8.26 23.52 -14.50
CA PHE A 374 8.87 23.77 -13.20
C PHE A 374 9.99 22.79 -12.87
N LEU A 375 9.89 21.55 -13.35
CA LEU A 375 10.92 20.56 -13.03
C LEU A 375 12.22 20.82 -13.79
N GLN A 376 12.15 21.43 -14.97
CA GLN A 376 13.35 21.71 -15.74
C GLN A 376 14.22 22.76 -15.07
N ARG A 377 13.60 23.68 -14.34
CA ARG A 377 14.37 24.64 -13.54
C ARG A 377 14.72 24.07 -12.17
N ARG A 378 13.79 23.33 -11.56
CA ARG A 378 13.98 22.89 -10.18
C ARG A 378 14.97 21.73 -10.05
N LEU A 379 15.02 20.83 -11.03
CA LEU A 379 15.93 19.69 -10.95
C LEU A 379 17.37 20.10 -11.24
N ARG A 380 17.56 21.17 -11.99
CA ARG A 380 18.90 21.67 -12.29
C ARG A 380 19.27 22.89 -11.46
N GLY A 381 18.37 23.38 -10.61
CA GLY A 381 18.68 24.51 -9.76
C GLY A 381 18.87 24.17 -8.30
N ASP A 382 18.41 22.99 -7.89
CA ASP A 382 18.46 22.59 -6.49
C ASP A 382 19.67 21.74 -6.14
N TRP A 383 20.24 21.02 -7.12
CA TRP A 383 21.40 20.13 -7.00
C TRP A 383 21.20 19.09 -5.89
N PRO A 384 20.39 18.05 -6.14
CA PRO A 384 20.16 17.03 -5.10
C PRO A 384 21.41 16.19 -4.87
N ALA A 385 22.04 16.39 -3.72
CA ALA A 385 23.27 15.70 -3.38
C ALA A 385 23.29 15.32 -1.90
N GLU A 386 22.18 15.55 -1.21
CA GLU A 386 21.99 15.07 0.15
C GLU A 386 21.29 13.71 0.18
N VAL A 387 21.02 13.12 -0.99
CA VAL A 387 20.37 11.82 -1.07
C VAL A 387 21.34 10.73 -0.63
N GLY A 388 22.64 10.99 -0.70
CA GLY A 388 23.60 10.06 -0.11
C GLY A 388 23.66 10.17 1.40
N ASN A 389 23.34 11.35 1.94
CA ASN A 389 23.29 11.50 3.39
C ASN A 389 22.12 10.72 3.99
N ARG A 390 20.99 10.70 3.28
CA ARG A 390 19.87 9.86 3.69
C ARG A 390 20.22 8.38 3.58
N PHE A 391 21.09 8.04 2.64
CA PHE A 391 21.55 6.66 2.49
C PHE A 391 22.50 6.26 3.62
N ALA A 392 23.30 7.22 4.10
CA ALA A 392 24.25 6.94 5.18
C ALA A 392 23.53 6.69 6.50
N ASN A 393 22.40 7.38 6.72
CA ASN A 393 21.61 7.14 7.93
C ASN A 393 20.99 5.76 7.94
N TRP A 394 20.64 5.23 6.76
CA TRP A 394 20.18 3.85 6.68
C TRP A 394 21.34 2.87 6.85
N LEU A 395 22.52 3.21 6.30
CA LEU A 395 23.66 2.31 6.39
C LEU A 395 24.28 2.29 7.79
N ASN A 396 24.01 3.30 8.61
CA ASN A 396 24.50 3.29 9.99
C ASN A 396 23.81 2.25 10.86
N ARG A 397 22.61 1.80 10.48
CA ARG A 397 21.93 0.72 11.17
C ARG A 397 22.50 -0.65 10.85
N ALA A 398 23.48 -0.73 9.94
CA ALA A 398 24.20 -1.97 9.71
C ALA A 398 25.29 -2.23 10.75
N VAL A 399 25.48 -1.32 11.70
CA VAL A 399 26.45 -1.53 12.77
C VAL A 399 25.73 -2.21 13.94
N SER A 400 26.51 -2.87 14.80
CA SER A 400 25.98 -3.46 16.00
C SER A 400 26.08 -2.47 17.17
N SER A 401 25.08 -2.53 18.04
CA SER A 401 25.01 -1.61 19.19
C SER A 401 25.83 -2.19 20.33
N ASP A 402 27.15 -2.10 20.18
CA ASP A 402 28.11 -2.59 21.17
C ASP A 402 29.05 -1.46 21.56
N SER A 403 29.28 -1.30 22.86
CA SER A 403 30.17 -0.25 23.34
C SER A 403 31.64 -0.59 23.14
N GLN A 404 31.98 -1.87 22.96
CA GLN A 404 33.38 -2.26 22.79
C GLN A 404 33.91 -1.80 21.43
N ILE A 405 33.13 -1.97 20.37
CA ILE A 405 33.53 -1.44 19.07
C ILE A 405 33.33 0.06 18.98
N LEU A 406 32.44 0.63 19.80
CA LEU A 406 32.19 2.06 19.77
C LEU A 406 33.25 2.85 20.53
N GLY A 407 33.92 2.22 21.49
CA GLY A 407 34.91 2.93 22.29
C GLY A 407 36.28 3.01 21.65
N SER A 408 36.63 2.05 20.80
CA SER A 408 37.94 2.00 20.17
C SER A 408 38.00 2.94 18.99
N PRO A 409 39.15 3.05 18.33
CA PRO A 409 39.28 3.94 17.16
C PRO A 409 38.89 3.32 15.83
N GLU A 410 38.48 2.05 15.80
CA GLU A 410 38.12 1.39 14.55
C GLU A 410 36.83 1.94 13.97
N ALA A 411 35.97 2.52 14.83
CA ALA A 411 34.76 3.17 14.34
C ALA A 411 35.10 4.41 13.52
N ALA A 412 36.20 5.09 13.86
CA ALA A 412 36.66 6.21 13.05
C ALA A 412 37.18 5.74 11.70
N GLN A 413 37.80 4.56 11.67
CA GLN A 413 38.23 3.97 10.40
C GLN A 413 37.03 3.59 9.53
N TRP A 414 35.99 3.02 10.16
CA TRP A 414 34.76 2.69 9.46
C TRP A 414 34.09 3.94 8.90
N SER A 415 34.05 5.02 9.69
CA SER A 415 33.51 6.28 9.22
C SER A 415 34.37 6.88 8.11
N GLN A 416 35.69 6.65 8.15
CA GLN A 416 36.57 7.15 7.11
C GLN A 416 36.30 6.47 5.77
N GLU A 417 36.24 5.13 5.77
CA GLU A 417 35.99 4.41 4.52
C GLU A 417 34.56 4.63 4.01
N LEU A 418 33.58 4.71 4.92
CA LEU A 418 32.21 4.98 4.52
C LEU A 418 32.08 6.40 3.97
N SER A 419 32.78 7.37 4.55
CA SER A 419 32.71 8.74 4.05
C SER A 419 33.40 8.87 2.71
N LYS A 420 34.48 8.13 2.48
CA LYS A 420 35.14 8.15 1.17
C LYS A 420 34.24 7.55 0.10
N GLU A 421 33.63 6.39 0.37
CA GLU A 421 32.77 5.76 -0.63
C GLU A 421 31.48 6.54 -0.83
N LEU A 422 30.96 7.19 0.21
CA LEU A 422 29.78 8.04 0.04
C LEU A 422 30.14 9.34 -0.68
N THR A 423 31.38 9.81 -0.54
CA THR A 423 31.83 10.96 -1.33
C THR A 423 31.90 10.61 -2.81
N MET A 424 32.36 9.40 -3.13
CA MET A 424 32.33 8.94 -4.53
C MET A 424 30.89 8.78 -5.01
N PHE A 425 29.99 8.31 -4.14
CA PHE A 425 28.58 8.19 -4.49
C PHE A 425 27.96 9.55 -4.80
N LYS A 426 28.22 10.54 -3.94
CA LYS A 426 27.69 11.88 -4.17
C LYS A 426 28.32 12.54 -5.40
N GLU A 427 29.59 12.21 -5.69
CA GLU A 427 30.22 12.74 -6.89
C GLU A 427 29.58 12.18 -8.15
N ILE A 428 29.23 10.89 -8.14
CA ILE A 428 28.52 10.31 -9.28
C ILE A 428 27.11 10.88 -9.38
N LEU A 429 26.45 11.11 -8.25
CA LEU A 429 25.08 11.61 -8.26
C LEU A 429 25.00 13.09 -8.62
N GLU A 430 26.11 13.83 -8.52
CA GLU A 430 26.09 15.25 -8.84
C GLU A 430 25.91 15.49 -10.34
N ASP A 431 26.58 14.71 -11.17
CA ASP A 431 26.41 14.82 -12.63
C ASP A 431 25.37 13.85 -13.15
N GLU A 432 24.17 13.90 -12.58
CA GLU A 432 23.04 13.11 -13.06
C GLU A 432 22.16 13.89 -14.03
N ARG A 433 22.30 15.21 -14.08
CA ARG A 433 21.49 16.05 -14.95
C ARG A 433 21.92 15.92 -16.41
N LEU B 6 23.76 47.13 23.61
CA LEU B 6 24.70 46.42 22.75
C LEU B 6 24.10 46.13 21.38
N SER B 7 22.99 45.38 21.36
CA SER B 7 22.33 45.01 20.12
C SER B 7 20.84 45.20 20.27
N THR B 8 20.10 44.89 19.20
CA THR B 8 18.67 45.09 19.15
C THR B 8 17.97 43.79 19.58
N ALA B 9 16.84 43.95 20.26
CA ALA B 9 16.02 42.82 20.67
C ALA B 9 15.41 42.12 19.45
N SER B 10 15.04 40.86 19.64
CA SER B 10 14.47 40.08 18.55
C SER B 10 13.07 40.55 18.19
N VAL B 11 12.30 41.04 19.17
CA VAL B 11 10.99 41.61 18.93
C VAL B 11 10.89 42.91 19.72
N LEU B 12 10.25 43.91 19.12
CA LEU B 12 10.03 45.19 19.80
C LEU B 12 8.78 45.81 19.21
N ALA B 13 7.67 45.72 19.92
CA ALA B 13 6.39 46.17 19.42
C ALA B 13 5.92 47.41 20.17
N PHE B 14 5.36 48.35 19.42
CA PHE B 14 4.76 49.55 19.99
C PHE B 14 3.29 49.59 19.59
N GLU B 15 2.42 49.81 20.57
CA GLU B 15 0.98 49.73 20.34
C GLU B 15 0.45 51.02 19.73
N ARG B 16 -0.81 50.96 19.30
CA ARG B 16 -1.44 52.07 18.60
C ARG B 16 -1.87 53.13 19.61
N LYS B 17 -1.09 54.20 19.70
CA LYS B 17 -1.63 55.46 20.13
C LYS B 17 -2.24 56.16 18.93
N LEU B 18 -3.00 57.22 19.18
CA LEU B 18 -3.77 57.97 18.17
C LEU B 18 -4.75 57.02 17.46
N ASP B 19 -5.76 56.62 18.23
CA ASP B 19 -6.74 55.63 17.80
C ASP B 19 -7.96 56.33 17.20
N PRO B 20 -8.22 56.18 15.90
CA PRO B 20 -9.47 56.67 15.33
C PRO B 20 -10.55 55.59 15.29
N SER B 21 -11.78 56.02 15.07
CA SER B 21 -12.92 55.15 14.92
C SER B 21 -13.39 55.14 13.47
N ASP B 22 -14.46 54.38 13.21
CA ASP B 22 -15.07 54.36 11.89
C ASP B 22 -16.05 55.53 11.77
N ALA B 23 -15.80 56.43 10.83
CA ALA B 23 -16.59 57.65 10.70
C ALA B 23 -17.94 57.31 10.10
N LEU B 24 -19.00 57.44 10.88
CA LEU B 24 -20.34 57.17 10.38
C LEU B 24 -20.81 58.34 9.51
N MET B 25 -21.35 58.01 8.34
CA MET B 25 -21.79 59.00 7.37
C MET B 25 -23.28 58.90 7.18
N SER B 26 -23.92 60.05 7.01
CA SER B 26 -25.36 60.10 6.85
C SER B 26 -25.74 61.32 6.02
N ALA B 27 -27.03 61.42 5.70
CA ALA B 27 -27.53 62.50 4.88
C ALA B 27 -27.81 63.73 5.73
N GLY B 28 -28.26 64.79 5.07
CA GLY B 28 -28.61 66.02 5.76
C GLY B 28 -28.83 67.15 4.77
N ALA B 29 -29.26 68.28 5.32
CA ALA B 29 -29.56 69.46 4.52
C ALA B 29 -28.63 70.60 4.91
N TRP B 30 -28.61 71.63 4.07
CA TRP B 30 -27.71 72.76 4.26
C TRP B 30 -28.22 73.71 5.33
N ALA B 31 -27.29 74.37 6.02
CA ALA B 31 -27.51 75.39 7.04
C ALA B 31 -28.37 74.90 8.22
N GLN B 32 -28.34 73.59 8.49
CA GLN B 32 -29.03 72.99 9.63
C GLN B 32 -28.03 72.25 10.51
N ARG B 33 -26.90 72.91 10.79
CA ARG B 33 -25.74 72.26 11.37
C ARG B 33 -25.81 72.10 12.89
N ASP B 34 -26.89 72.56 13.53
CA ASP B 34 -26.89 72.61 14.99
C ASP B 34 -27.52 71.37 15.61
N ALA B 35 -28.74 71.02 15.20
CA ALA B 35 -29.47 69.92 15.81
C ALA B 35 -29.26 68.63 15.00
N SER B 36 -28.09 68.04 15.19
CA SER B 36 -27.66 66.87 14.42
C SER B 36 -27.83 65.61 15.26
N GLN B 37 -29.06 65.10 15.31
CA GLN B 37 -29.33 63.84 15.98
C GLN B 37 -30.31 62.91 15.27
N GLU B 38 -30.92 63.32 14.16
CA GLU B 38 -32.09 62.62 13.62
C GLU B 38 -31.94 62.15 12.17
N TRP B 39 -30.80 62.37 11.53
CA TRP B 39 -30.77 62.11 10.09
C TRP B 39 -30.53 60.63 9.80
N PRO B 40 -31.14 60.09 8.75
CA PRO B 40 -30.98 58.66 8.45
C PRO B 40 -29.61 58.35 7.86
N ALA B 41 -29.04 57.23 8.31
CA ALA B 41 -27.75 56.78 7.81
C ALA B 41 -27.93 56.18 6.41
N VAL B 42 -27.02 56.53 5.50
CA VAL B 42 -27.13 56.12 4.10
C VAL B 42 -26.47 54.77 3.91
N THR B 43 -27.26 53.80 3.46
CA THR B 43 -26.80 52.44 3.24
C THR B 43 -26.40 52.24 1.77
N VAL B 44 -26.17 50.99 1.39
CA VAL B 44 -25.60 50.62 0.10
C VAL B 44 -26.59 49.74 -0.65
N ARG B 45 -26.85 50.06 -1.92
CA ARG B 45 -27.76 49.31 -2.76
C ARG B 45 -26.96 48.53 -3.81
N GLU B 46 -27.66 47.71 -4.59
CA GLU B 46 -27.02 46.86 -5.58
C GLU B 46 -27.59 47.16 -6.97
N LYS B 47 -26.70 47.31 -7.94
CA LYS B 47 -27.10 47.49 -9.34
C LYS B 47 -26.18 46.67 -10.23
N SER B 48 -26.30 46.90 -11.53
CA SER B 48 -25.46 46.20 -12.50
C SER B 48 -24.50 47.18 -13.18
N GLN B 77 -19.53 41.09 -11.99
CA GLN B 77 -20.46 41.70 -12.92
C GLN B 77 -21.34 42.73 -12.21
N THR B 78 -22.05 42.28 -11.19
CA THR B 78 -22.89 43.18 -10.41
C THR B 78 -22.04 44.07 -9.52
N VAL B 79 -22.55 45.28 -9.25
CA VAL B 79 -21.83 46.29 -8.48
C VAL B 79 -22.71 46.70 -7.31
N ASP B 80 -22.08 47.15 -6.23
CA ASP B 80 -22.78 47.80 -5.14
C ASP B 80 -22.53 49.29 -5.19
N VAL B 81 -23.60 50.08 -5.24
CA VAL B 81 -23.53 51.53 -5.36
C VAL B 81 -24.40 52.13 -4.27
N ALA B 82 -23.90 53.19 -3.63
CA ALA B 82 -24.62 53.93 -2.59
C ALA B 82 -24.71 55.39 -3.00
N ASN B 83 -25.92 55.89 -3.12
CA ASN B 83 -26.15 57.25 -3.61
C ASN B 83 -26.96 58.04 -2.61
N LEU B 84 -26.72 59.35 -2.57
CA LEU B 84 -27.51 60.23 -1.74
C LEU B 84 -28.91 60.43 -2.34
N PRO B 85 -29.91 60.69 -1.50
CA PRO B 85 -31.25 60.98 -2.04
C PRO B 85 -31.31 62.35 -2.69
N SER B 86 -32.43 62.60 -3.37
CA SER B 86 -32.60 63.84 -4.12
C SER B 86 -32.79 65.04 -3.21
N ASP B 87 -33.41 64.87 -2.05
CA ASP B 87 -33.64 65.97 -1.11
C ASP B 87 -32.62 65.97 0.02
N ALA B 88 -31.39 65.53 -0.26
CA ALA B 88 -30.32 65.48 0.73
C ALA B 88 -29.04 66.00 0.08
N ASP B 89 -28.77 67.29 0.24
CA ASP B 89 -27.65 67.95 -0.40
C ASP B 89 -26.41 68.03 0.48
N THR B 90 -26.46 67.48 1.70
CA THR B 90 -25.35 67.59 2.65
C THR B 90 -25.03 66.21 3.21
N LEU B 91 -23.75 65.89 3.28
CA LEU B 91 -23.27 64.67 3.91
C LEU B 91 -22.65 65.01 5.27
N LYS B 92 -23.04 64.28 6.30
CA LYS B 92 -22.41 64.38 7.61
C LYS B 92 -21.48 63.20 7.81
N VAL B 93 -20.29 63.47 8.33
CA VAL B 93 -19.42 62.41 8.83
C VAL B 93 -19.07 62.70 10.28
N ARG B 94 -19.12 61.64 11.10
CA ARG B 94 -18.89 61.74 12.54
C ARG B 94 -17.83 60.73 12.93
N PHE B 95 -16.78 61.18 13.61
CA PHE B 95 -15.83 60.23 14.17
C PHE B 95 -15.24 60.77 15.47
N THR B 96 -15.02 59.85 16.41
CA THR B 96 -14.55 60.17 17.75
C THR B 96 -13.14 59.63 17.91
N LEU B 97 -12.15 60.50 17.87
CA LEU B 97 -10.76 60.12 18.01
C LEU B 97 -10.37 60.21 19.48
N ARG B 98 -9.99 59.08 20.05
CA ARG B 98 -9.34 59.09 21.35
C ARG B 98 -7.83 59.03 21.16
N VAL B 99 -7.10 59.53 22.14
CA VAL B 99 -5.65 59.40 22.13
C VAL B 99 -5.21 58.79 23.45
N LEU B 100 -4.32 57.79 23.37
CA LEU B 100 -3.91 57.00 24.52
C LEU B 100 -2.80 57.65 25.34
N GLY B 101 -1.64 57.87 24.71
CA GLY B 101 -0.51 58.43 25.42
C GLY B 101 0.42 57.36 25.96
N GLY B 102 1.57 57.81 26.45
CA GLY B 102 2.64 56.90 26.80
C GLY B 102 3.37 56.48 25.54
N ALA B 103 4.11 57.41 24.95
CA ALA B 103 4.58 57.27 23.58
C ALA B 103 5.66 56.19 23.45
N GLY B 104 6.80 56.39 24.08
CA GLY B 104 7.89 55.48 23.87
C GLY B 104 7.94 54.33 24.84
N THR B 105 6.80 53.71 25.10
CA THR B 105 6.72 52.57 26.02
C THR B 105 6.46 51.29 25.22
N PRO B 106 7.46 50.45 25.02
CA PRO B 106 7.23 49.19 24.31
C PRO B 106 6.48 48.18 25.18
N SER B 107 5.85 47.23 24.50
CA SER B 107 5.07 46.19 25.16
C SER B 107 5.77 44.84 25.21
N ALA B 108 6.52 44.48 24.18
CA ALA B 108 7.20 43.20 24.12
C ALA B 108 8.65 43.43 23.74
N CYS B 109 9.58 43.00 24.58
CA CYS B 109 11.00 43.15 24.31
C CYS B 109 11.76 41.86 24.62
N ASN B 110 13.09 41.93 24.60
CA ASN B 110 13.92 40.80 24.97
C ASN B 110 14.97 41.14 26.02
N ASP B 111 15.35 42.42 26.16
CA ASP B 111 16.38 42.80 27.10
C ASP B 111 16.00 44.15 27.72
N ALA B 112 16.40 44.34 28.99
CA ALA B 112 16.12 45.57 29.69
C ALA B 112 17.09 46.69 29.36
N ALA B 113 18.27 46.36 28.83
CA ALA B 113 19.26 47.40 28.51
C ALA B 113 18.81 48.24 27.32
N TYR B 114 18.36 47.57 26.25
CA TYR B 114 17.83 48.29 25.08
C TYR B 114 16.56 49.03 25.44
N ARG B 115 15.74 48.49 26.35
CA ARG B 115 14.53 49.18 26.78
C ARG B 115 14.88 50.43 27.56
N ASP B 116 15.91 50.36 28.41
CA ASP B 116 16.33 51.53 29.19
C ASP B 116 16.90 52.62 28.29
N LYS B 117 17.72 52.24 27.31
CA LYS B 117 18.25 53.24 26.38
C LYS B 117 17.14 53.81 25.48
N LEU B 118 16.14 53.00 25.14
CA LEU B 118 15.05 53.49 24.30
C LEU B 118 14.16 54.47 25.06
N LEU B 119 13.89 54.17 26.33
CA LEU B 119 13.19 55.15 27.17
C LEU B 119 14.04 56.40 27.39
N GLN B 120 15.37 56.26 27.41
CA GLN B 120 16.23 57.44 27.49
C GLN B 120 16.16 58.29 26.22
N THR B 121 16.02 57.65 25.05
CA THR B 121 15.89 58.41 23.81
C THR B 121 14.55 59.13 23.71
N VAL B 122 13.46 58.47 24.11
CA VAL B 122 12.18 59.16 24.10
C VAL B 122 12.13 60.23 25.19
N ALA B 123 12.85 60.02 26.30
CA ALA B 123 12.93 61.03 27.36
C ALA B 123 13.69 62.26 26.89
N THR B 124 14.83 62.08 26.22
CA THR B 124 15.57 63.25 25.75
C THR B 124 14.89 63.90 24.57
N TYR B 125 14.04 63.18 23.83
CA TYR B 125 13.15 63.84 22.89
C TYR B 125 12.18 64.77 23.63
N VAL B 126 11.35 64.20 24.52
CA VAL B 126 10.29 64.97 25.15
C VAL B 126 10.79 66.04 26.12
N ASN B 127 12.05 65.95 26.56
CA ASN B 127 12.65 67.02 27.33
C ASN B 127 13.39 68.03 26.46
N GLU B 128 13.91 67.60 25.31
CA GLU B 128 14.46 68.54 24.35
C GLU B 128 13.36 69.38 23.70
N GLN B 129 12.35 68.71 23.13
CA GLN B 129 11.16 69.39 22.65
C GLN B 129 9.98 68.43 22.70
N GLY B 130 8.85 68.91 23.24
CA GLY B 130 7.72 68.05 23.51
C GLY B 130 6.91 67.66 22.29
N PHE B 131 5.62 67.46 22.50
CA PHE B 131 4.70 67.08 21.41
C PHE B 131 4.08 68.33 20.80
N ALA B 132 4.93 69.28 20.44
CA ALA B 132 4.48 70.59 19.99
C ALA B 132 4.41 70.71 18.47
N GLU B 133 5.41 70.20 17.76
CA GLU B 133 5.40 70.28 16.30
C GLU B 133 4.54 69.20 15.67
N LEU B 134 4.39 68.05 16.32
CA LEU B 134 3.60 66.97 15.74
C LEU B 134 2.11 67.24 15.92
N ALA B 135 1.72 67.74 17.09
CA ALA B 135 0.31 67.88 17.41
C ALA B 135 -0.34 68.99 16.60
N ARG B 136 0.42 70.00 16.18
CA ARG B 136 -0.13 71.02 15.31
C ARG B 136 -0.47 70.43 13.94
N ARG B 137 0.32 69.44 13.48
CA ARG B 137 0.04 68.79 12.22
C ARG B 137 -1.16 67.85 12.35
N TYR B 138 -1.26 67.14 13.47
CA TYR B 138 -2.43 66.28 13.70
C TYR B 138 -3.70 67.11 13.81
N ALA B 139 -3.64 68.25 14.50
CA ALA B 139 -4.81 69.11 14.61
C ALA B 139 -5.12 69.81 13.30
N HIS B 140 -4.12 70.02 12.45
CA HIS B 140 -4.38 70.53 11.11
C HIS B 140 -5.15 69.51 10.27
N ASN B 141 -4.70 68.25 10.30
CA ASN B 141 -5.38 67.21 9.53
C ASN B 141 -6.76 66.90 10.07
N LEU B 142 -7.01 67.14 11.36
CA LEU B 142 -8.40 67.17 11.83
C LEU B 142 -9.13 68.43 11.38
N ALA B 143 -8.42 69.55 11.23
CA ALA B 143 -9.08 70.81 10.93
C ALA B 143 -9.57 70.84 9.48
N ASN B 144 -8.66 70.70 8.52
CA ASN B 144 -9.09 70.49 7.15
C ASN B 144 -9.66 69.10 7.00
N ALA B 145 -10.72 68.97 6.21
CA ALA B 145 -11.41 67.69 6.05
C ALA B 145 -10.65 66.80 5.07
N ARG B 146 -9.44 66.39 5.49
CA ARG B 146 -8.67 65.44 4.71
C ARG B 146 -9.17 64.01 4.88
N PHE B 147 -9.99 63.76 5.92
CA PHE B 147 -10.53 62.43 6.12
C PHE B 147 -11.75 62.13 5.25
N LEU B 148 -12.36 63.15 4.68
CA LEU B 148 -13.31 62.95 3.58
C LEU B 148 -12.47 62.75 2.34
N TRP B 149 -12.23 61.49 1.99
CA TRP B 149 -11.28 61.11 0.92
C TRP B 149 -11.64 61.40 -0.54
N ARG B 150 -12.82 61.00 -0.98
CA ARG B 150 -13.19 61.21 -2.39
C ARG B 150 -14.48 61.98 -2.36
N ASN B 151 -14.59 62.83 -1.36
CA ASN B 151 -15.69 63.77 -1.38
C ASN B 151 -15.21 65.21 -1.24
N ARG B 152 -14.04 65.42 -0.63
CA ARG B 152 -13.47 66.77 -0.50
C ARG B 152 -12.97 67.31 -1.84
N VAL B 153 -12.78 66.45 -2.85
CA VAL B 153 -12.32 66.90 -4.16
C VAL B 153 -13.38 67.69 -4.92
N GLY B 154 -14.64 67.61 -4.52
CA GLY B 154 -15.69 68.36 -5.16
C GLY B 154 -16.65 68.92 -4.14
N ALA B 155 -16.14 69.17 -2.94
CA ALA B 155 -16.97 69.62 -1.83
C ALA B 155 -17.05 71.14 -1.83
N GLU B 156 -18.28 71.65 -1.92
CA GLU B 156 -18.48 73.09 -2.05
C GLU B 156 -18.26 73.81 -0.73
N ALA B 157 -18.62 73.19 0.39
CA ALA B 157 -18.48 73.81 1.70
C ALA B 157 -18.46 72.73 2.77
N VAL B 158 -17.33 72.59 3.45
CA VAL B 158 -17.21 71.69 4.60
C VAL B 158 -16.91 72.53 5.84
N GLU B 159 -17.73 72.35 6.87
CA GLU B 159 -17.48 72.90 8.19
C GLU B 159 -17.21 71.75 9.15
N VAL B 160 -16.30 71.97 10.10
CA VAL B 160 -15.97 70.97 11.10
C VAL B 160 -16.17 71.56 12.49
N ARG B 161 -16.80 70.77 13.36
CA ARG B 161 -17.00 71.10 14.76
C ARG B 161 -16.34 70.00 15.59
N ILE B 162 -15.39 70.40 16.44
CA ILE B 162 -14.60 69.49 17.26
C ILE B 162 -14.94 69.77 18.72
N ASN B 163 -15.39 68.75 19.43
CA ASN B 163 -15.81 68.87 20.82
C ASN B 163 -14.91 68.01 21.69
N HIS B 164 -14.29 68.61 22.71
CA HIS B 164 -13.45 67.85 23.63
C HIS B 164 -14.34 67.31 24.75
N ILE B 165 -14.43 66.00 24.86
CA ILE B 165 -15.32 65.38 25.84
C ILE B 165 -14.57 65.20 27.15
N ARG B 166 -14.98 65.94 28.18
CA ARG B 166 -14.31 65.86 29.47
C ARG B 166 -14.93 64.77 30.36
N GLN B 167 -16.22 64.89 30.67
CA GLN B 167 -16.85 63.94 31.57
C GLN B 167 -17.89 63.08 30.85
N GLY B 168 -18.93 63.65 30.26
CA GLY B 168 -19.74 62.91 29.32
C GLY B 168 -20.24 63.80 28.21
N GLU B 169 -19.93 65.09 28.32
CA GLU B 169 -20.45 66.12 27.43
C GLU B 169 -19.28 67.00 27.01
N VAL B 170 -19.57 68.14 26.40
CA VAL B 170 -18.56 69.01 25.82
C VAL B 170 -17.86 69.80 26.92
N ALA B 171 -16.54 69.93 26.80
CA ALA B 171 -15.76 70.87 27.60
C ALA B 171 -15.47 72.13 26.80
N ARG B 172 -14.82 71.99 25.66
CA ARG B 172 -14.49 73.11 24.80
C ARG B 172 -14.77 72.70 23.35
N THR B 173 -15.35 73.64 22.60
CA THR B 173 -15.82 73.40 21.24
C THR B 173 -14.99 74.22 20.27
N TRP B 174 -14.99 73.80 19.01
CA TRP B 174 -14.25 74.50 17.97
C TRP B 174 -15.08 74.57 16.69
N ARG B 175 -14.60 75.41 15.75
CA ARG B 175 -15.39 75.78 14.58
C ARG B 175 -14.43 76.15 13.46
N PHE B 176 -14.21 75.24 12.51
CA PHE B 176 -13.36 75.57 11.37
C PHE B 176 -14.08 75.27 10.06
N ASP B 177 -13.54 75.81 8.98
CA ASP B 177 -13.98 75.52 7.63
C ASP B 177 -12.82 74.87 6.89
N ALA B 178 -13.11 73.80 6.14
CA ALA B 178 -12.04 73.01 5.54
C ALA B 178 -11.41 73.72 4.34
N LEU B 179 -12.13 74.66 3.72
CA LEU B 179 -11.62 75.34 2.54
C LEU B 179 -10.56 76.37 2.92
N ALA B 180 -10.82 77.14 3.99
CA ALA B 180 -9.91 78.21 4.39
C ALA B 180 -8.57 77.67 4.91
N ILE B 181 -8.57 76.44 5.42
CA ILE B 181 -7.33 75.78 5.83
C ILE B 181 -6.78 75.02 4.64
N GLY B 182 -5.50 75.23 4.34
CA GLY B 182 -4.88 74.57 3.21
C GLY B 182 -4.54 73.12 3.48
N LEU B 183 -4.09 72.44 2.44
CA LEU B 183 -3.72 71.03 2.52
C LEU B 183 -2.24 70.77 2.33
N ARG B 184 -1.45 71.79 2.03
CA ARG B 184 -0.02 71.61 1.78
C ARG B 184 0.87 72.60 2.51
N ASP B 185 0.33 73.67 3.06
CA ASP B 185 1.09 74.66 3.80
C ASP B 185 0.65 74.71 5.25
N PHE B 186 1.56 75.10 6.13
CA PHE B 186 1.32 75.07 7.57
C PHE B 186 0.81 76.43 8.02
N LYS B 187 -0.48 76.47 8.36
CA LYS B 187 -1.16 77.70 8.74
C LYS B 187 -0.91 77.98 10.23
N ALA B 188 -1.62 78.96 10.78
CA ALA B 188 -1.44 79.33 12.18
C ALA B 188 -2.71 79.98 12.71
N ASP B 189 -3.13 79.56 13.92
CA ASP B 189 -4.25 80.18 14.60
C ASP B 189 -4.09 79.96 16.10
N ALA B 190 -4.83 80.75 16.88
CA ALA B 190 -4.79 80.60 18.33
C ALA B 190 -5.65 79.43 18.79
N GLU B 191 -6.81 79.24 18.15
CA GLU B 191 -7.66 78.10 18.48
C GLU B 191 -7.02 76.80 18.03
N LEU B 192 -6.32 76.82 16.89
CA LEU B 192 -5.58 75.64 16.47
C LEU B 192 -4.39 75.38 17.37
N ASP B 193 -3.81 76.44 17.95
CA ASP B 193 -2.78 76.26 18.96
C ASP B 193 -3.37 75.66 20.24
N ALA B 194 -4.62 76.00 20.56
CA ALA B 194 -5.30 75.40 21.71
C ALA B 194 -5.60 73.92 21.47
N LEU B 195 -6.01 73.57 20.26
CA LEU B 195 -6.25 72.17 19.92
C LEU B 195 -4.95 71.37 19.90
N ALA B 196 -3.86 71.99 19.44
CA ALA B 196 -2.56 71.36 19.48
C ALA B 196 -2.07 71.17 20.91
N GLU B 197 -2.36 72.14 21.78
CA GLU B 197 -2.02 72.01 23.20
C GLU B 197 -2.85 70.93 23.88
N LEU B 198 -4.11 70.77 23.47
CA LEU B 198 -4.96 69.70 24.01
C LEU B 198 -4.45 68.32 23.62
N ILE B 199 -4.17 68.12 22.32
CA ILE B 199 -3.63 66.85 21.85
C ILE B 199 -2.24 66.59 22.43
N ALA B 200 -1.45 67.65 22.65
CA ALA B 200 -0.13 67.50 23.25
C ALA B 200 -0.23 67.14 24.72
N SER B 201 -1.21 67.69 25.43
CA SER B 201 -1.44 67.27 26.82
C SER B 201 -1.93 65.84 26.87
N GLY B 202 -2.58 65.38 25.82
CA GLY B 202 -2.87 63.98 25.68
C GLY B 202 -1.66 63.08 25.50
N LEU B 203 -0.90 63.30 24.42
CA LEU B 203 0.18 62.39 24.04
C LEU B 203 1.35 62.43 25.01
N SER B 204 1.49 63.51 25.79
CA SER B 204 2.52 63.55 26.81
C SER B 204 2.17 62.71 28.02
N GLY B 205 0.91 62.30 28.16
CA GLY B 205 0.49 61.43 29.23
C GLY B 205 -0.28 62.13 30.32
N SER B 206 -0.66 63.38 30.14
CA SER B 206 -1.27 64.18 31.20
C SER B 206 -2.77 64.37 31.01
N GLY B 207 -3.49 63.36 30.54
CA GLY B 207 -4.93 63.46 30.52
C GLY B 207 -5.56 62.42 29.63
N HIS B 208 -6.88 62.33 29.75
CA HIS B 208 -7.71 61.49 28.90
C HIS B 208 -8.34 62.38 27.85
N VAL B 209 -8.04 62.11 26.58
CA VAL B 209 -8.39 62.99 25.48
C VAL B 209 -9.28 62.27 24.49
N LEU B 210 -10.50 62.78 24.34
CA LEU B 210 -11.49 62.27 23.39
C LEU B 210 -12.07 63.46 22.65
N LEU B 211 -12.01 63.41 21.32
CA LEU B 211 -12.45 64.50 20.47
C LEU B 211 -13.52 63.98 19.52
N GLU B 212 -14.74 64.49 19.67
CA GLU B 212 -15.82 64.19 18.74
C GLU B 212 -15.77 65.21 17.61
N VAL B 213 -15.50 64.74 16.39
CA VAL B 213 -15.42 65.60 15.23
C VAL B 213 -16.61 65.29 14.33
N VAL B 214 -17.38 66.32 14.02
CA VAL B 214 -18.48 66.21 13.06
C VAL B 214 -18.19 67.17 11.91
N ALA B 215 -18.26 66.66 10.68
CA ALA B 215 -18.02 67.45 9.48
C ALA B 215 -19.26 67.46 8.62
N PHE B 216 -19.81 68.66 8.40
CA PHE B 216 -20.92 68.91 7.51
C PHE B 216 -20.37 69.33 6.16
N ALA B 217 -20.81 68.68 5.08
CA ALA B 217 -20.28 68.99 3.76
C ALA B 217 -21.42 69.07 2.76
N ARG B 218 -21.62 70.25 2.19
CA ARG B 218 -22.58 70.40 1.11
C ARG B 218 -22.00 69.78 -0.16
N ILE B 219 -22.74 68.85 -0.74
CA ILE B 219 -22.28 68.16 -1.94
C ILE B 219 -23.28 68.40 -3.07
N GLY B 220 -24.54 68.61 -2.70
CA GLY B 220 -25.60 68.76 -3.67
C GLY B 220 -26.47 67.52 -3.76
N ASP B 221 -27.47 67.60 -4.65
CA ASP B 221 -28.50 66.58 -4.75
C ASP B 221 -27.98 65.38 -5.54
N GLY B 222 -27.86 64.24 -4.86
CA GLY B 222 -27.76 62.96 -5.54
C GLY B 222 -26.44 62.64 -6.21
N GLN B 223 -25.32 63.08 -5.65
CA GLN B 223 -24.01 62.72 -6.18
C GLN B 223 -23.59 61.33 -5.69
N GLU B 224 -22.34 60.98 -5.92
CA GLU B 224 -21.80 59.69 -5.52
C GLU B 224 -20.88 59.89 -4.32
N VAL B 225 -21.34 59.48 -3.14
CA VAL B 225 -20.48 59.39 -1.98
C VAL B 225 -19.60 58.16 -2.11
N PHE B 226 -18.50 58.13 -1.36
CA PHE B 226 -17.56 57.02 -1.42
C PHE B 226 -17.27 56.49 -0.03
N PRO B 227 -18.10 55.58 0.48
CA PRO B 227 -17.69 54.73 1.59
C PRO B 227 -16.70 53.68 1.09
N SER B 228 -16.02 53.05 2.04
CA SER B 228 -14.93 52.16 1.70
C SER B 228 -15.42 50.90 0.99
N GLN B 229 -14.51 50.25 0.27
CA GLN B 229 -14.85 49.07 -0.51
C GLN B 229 -14.29 47.83 0.16
N GLU B 230 -15.08 46.76 0.15
CA GLU B 230 -14.70 45.50 0.75
C GLU B 230 -13.87 44.68 -0.24
N LEU B 231 -13.65 43.41 0.08
CA LEU B 231 -12.82 42.53 -0.74
C LEU B 231 -13.47 42.19 -2.08
N LYS B 244 -17.69 44.26 -6.64
CA LYS B 244 -17.40 45.42 -5.81
C LYS B 244 -18.47 45.60 -4.74
N THR B 245 -18.09 45.42 -3.48
CA THR B 245 -18.99 45.50 -2.35
C THR B 245 -18.57 46.65 -1.45
N LEU B 246 -19.53 47.51 -1.09
CA LEU B 246 -19.25 48.61 -0.18
C LEU B 246 -19.41 48.17 1.26
N TYR B 247 -18.78 48.91 2.17
CA TYR B 247 -18.76 48.58 3.58
C TYR B 247 -19.94 49.23 4.31
N SER B 248 -20.61 48.43 5.13
CA SER B 248 -21.72 48.86 5.97
C SER B 248 -21.74 47.97 7.20
N VAL B 249 -22.10 48.53 8.34
CA VAL B 249 -21.99 47.80 9.60
C VAL B 249 -23.31 47.17 10.01
N ARG B 250 -24.37 47.98 10.22
CA ARG B 250 -25.73 47.48 10.41
C ARG B 250 -26.64 48.36 9.55
N ASP B 251 -26.73 48.01 8.26
CA ASP B 251 -27.48 48.76 7.25
C ASP B 251 -27.11 50.24 7.22
N ALA B 252 -25.81 50.52 7.37
CA ALA B 252 -25.33 51.90 7.50
C ALA B 252 -23.88 51.94 7.05
N ALA B 253 -23.62 52.60 5.92
CA ALA B 253 -22.28 52.68 5.38
C ALA B 253 -21.43 53.65 6.18
N ALA B 254 -20.11 53.48 6.08
CA ALA B 254 -19.16 54.30 6.81
C ALA B 254 -17.81 54.22 6.11
N ILE B 255 -16.83 54.94 6.67
CA ILE B 255 -15.44 54.86 6.25
C ILE B 255 -14.70 54.04 7.30
N HIS B 256 -13.70 53.27 6.86
CA HIS B 256 -12.92 52.41 7.74
C HIS B 256 -12.12 53.23 8.75
N SER B 257 -11.58 52.53 9.74
CA SER B 257 -10.85 53.20 10.82
C SER B 257 -9.47 53.64 10.37
N GLN B 258 -8.72 52.75 9.73
CA GLN B 258 -7.36 53.12 9.34
C GLN B 258 -7.31 53.97 8.08
N LYS B 259 -8.43 54.13 7.36
CA LYS B 259 -8.52 55.18 6.34
C LYS B 259 -8.41 56.55 6.98
N ILE B 260 -9.25 56.81 8.00
CA ILE B 260 -9.16 58.05 8.76
C ILE B 260 -7.84 58.12 9.52
N GLY B 261 -7.29 56.97 9.92
CA GLY B 261 -6.00 56.97 10.58
C GLY B 261 -4.83 57.29 9.66
N ASN B 262 -4.99 57.02 8.36
CA ASN B 262 -4.03 57.45 7.37
C ASN B 262 -4.29 58.87 6.88
N ALA B 263 -5.48 59.40 7.14
CA ALA B 263 -5.74 60.81 6.83
C ALA B 263 -4.91 61.75 7.67
N LEU B 264 -4.68 61.41 8.95
CA LEU B 264 -3.97 62.30 9.85
C LEU B 264 -2.51 61.94 10.03
N ARG B 265 -2.05 60.86 9.42
CA ARG B 265 -0.64 60.52 9.47
C ARG B 265 0.17 61.22 8.38
N THR B 266 -0.46 62.14 7.64
CA THR B 266 0.19 62.94 6.60
C THR B 266 0.94 64.11 7.23
N ILE B 267 1.98 63.77 8.00
CA ILE B 267 2.80 64.75 8.70
C ILE B 267 4.25 64.68 8.29
N ASP B 268 4.61 63.78 7.37
CA ASP B 268 6.00 63.62 6.98
C ASP B 268 6.33 64.56 5.83
N THR B 269 7.06 65.63 6.15
CA THR B 269 7.68 66.50 5.16
C THR B 269 9.19 66.40 5.22
N TRP B 270 9.72 65.61 6.14
CA TRP B 270 11.15 65.55 6.44
C TRP B 270 11.79 64.41 5.66
N TYR B 271 11.95 64.62 4.36
CA TYR B 271 12.60 63.65 3.50
C TYR B 271 13.29 64.38 2.35
N PRO B 272 14.33 63.78 1.76
CA PRO B 272 15.30 64.56 1.00
C PRO B 272 14.96 64.80 -0.46
N ASP B 273 13.70 64.60 -0.85
CA ASP B 273 13.32 64.70 -2.24
C ASP B 273 13.35 66.15 -2.73
N GLU B 274 13.50 66.31 -4.04
CA GLU B 274 13.15 67.57 -4.69
C GLU B 274 11.64 67.65 -4.76
N ASP B 275 11.08 68.74 -4.25
CA ASP B 275 9.68 68.81 -3.84
C ASP B 275 8.72 68.69 -5.02
N GLY B 276 7.45 68.48 -4.70
CA GLY B 276 6.42 68.23 -5.68
C GLY B 276 5.37 67.24 -5.22
N LEU B 277 5.69 66.42 -4.22
CA LEU B 277 4.65 65.55 -3.66
C LEU B 277 3.88 66.26 -2.56
N GLY B 278 4.58 66.77 -1.56
CA GLY B 278 3.95 67.42 -0.44
C GLY B 278 4.17 66.66 0.85
N PRO B 279 3.22 66.74 1.78
CA PRO B 279 3.30 65.93 3.00
C PRO B 279 2.80 64.51 2.75
N ILE B 280 3.66 63.54 3.00
CA ILE B 280 3.33 62.14 2.80
C ILE B 280 3.06 61.49 4.16
N ALA B 281 2.58 60.25 4.12
CA ALA B 281 2.28 59.50 5.33
C ALA B 281 3.55 58.81 5.85
N VAL B 282 3.52 58.46 7.14
CA VAL B 282 4.71 58.00 7.85
C VAL B 282 4.74 56.48 7.84
N GLU B 283 5.76 55.92 7.21
CA GLU B 283 6.07 54.49 7.23
C GLU B 283 7.58 54.35 7.19
N PRO B 284 8.12 53.26 7.74
CA PRO B 284 9.53 52.93 7.46
C PRO B 284 9.70 52.64 5.98
N TYR B 285 10.74 53.25 5.38
CA TYR B 285 10.87 53.42 3.94
C TYR B 285 9.59 54.04 3.36
N GLY B 286 9.36 55.29 3.78
CA GLY B 286 8.16 56.05 3.50
C GLY B 286 7.75 56.13 2.04
N SER B 287 6.61 55.53 1.73
CA SER B 287 6.25 55.26 0.36
C SER B 287 4.75 55.42 0.18
N VAL B 288 4.35 55.71 -1.06
CA VAL B 288 2.95 55.84 -1.45
C VAL B 288 2.63 54.68 -2.38
N THR B 289 1.54 53.98 -2.10
CA THR B 289 1.21 52.79 -2.87
C THR B 289 0.55 53.11 -4.19
N SER B 290 -0.17 54.24 -4.27
CA SER B 290 -0.86 54.60 -5.51
C SER B 290 0.13 55.11 -6.56
N GLN B 291 1.10 55.92 -6.15
CA GLN B 291 2.09 56.44 -7.07
C GLN B 291 3.11 55.38 -7.51
N GLY B 292 3.37 54.39 -6.66
CA GLY B 292 4.42 53.44 -6.92
C GLY B 292 5.80 53.89 -6.53
N LYS B 293 5.94 55.12 -6.05
CA LYS B 293 7.24 55.62 -5.62
C LYS B 293 7.53 55.17 -4.19
N ALA B 294 8.81 54.91 -3.92
CA ALA B 294 9.24 54.41 -2.61
C ALA B 294 10.47 55.20 -2.16
N TYR B 295 10.26 56.20 -1.33
CA TYR B 295 11.35 57.01 -0.81
C TYR B 295 12.00 56.31 0.39
N ARG B 296 12.97 57.01 1.00
CA ARG B 296 13.67 56.61 2.24
C ARG B 296 14.32 55.23 2.11
N GLN B 297 14.80 54.89 0.92
CA GLN B 297 15.27 53.55 0.66
C GLN B 297 16.62 53.33 1.36
N PRO B 298 16.91 52.09 1.80
CA PRO B 298 18.06 51.88 2.70
C PRO B 298 19.45 52.09 2.08
N LYS B 299 19.55 52.50 0.82
CA LYS B 299 20.83 53.01 0.32
C LYS B 299 21.16 54.35 0.95
N GLN B 300 20.17 55.25 1.00
CA GLN B 300 20.30 56.55 1.62
C GLN B 300 19.77 56.46 3.04
N LYS B 301 20.61 56.79 4.02
CA LYS B 301 20.26 56.63 5.43
C LYS B 301 19.25 57.71 5.83
N LEU B 302 17.99 57.45 5.46
CA LEU B 302 16.86 58.30 5.84
C LEU B 302 15.63 57.48 6.22
N ASP B 303 15.82 56.21 6.55
CA ASP B 303 14.73 55.31 6.89
C ASP B 303 14.52 55.29 8.41
N PHE B 304 13.78 54.30 8.89
CA PHE B 304 13.52 54.17 10.31
C PHE B 304 14.61 53.36 11.03
N TYR B 305 15.04 52.26 10.42
CA TYR B 305 15.86 51.27 11.13
C TYR B 305 17.30 51.73 11.32
N THR B 306 17.93 52.21 10.24
CA THR B 306 19.30 52.72 10.34
C THR B 306 19.36 53.95 11.22
N LEU B 307 18.33 54.80 11.15
CA LEU B 307 18.23 55.94 12.05
C LEU B 307 18.04 55.49 13.49
N LEU B 308 17.35 54.37 13.70
CA LEU B 308 17.15 53.85 15.05
C LEU B 308 18.46 53.34 15.66
N ASP B 309 19.16 52.45 14.95
CA ASP B 309 20.39 51.93 15.56
C ASP B 309 21.56 52.92 15.46
N ASN B 310 21.40 54.04 14.73
CA ASN B 310 22.36 55.13 14.89
C ASN B 310 22.01 56.02 16.08
N TRP B 311 20.72 56.22 16.40
CA TRP B 311 20.38 57.14 17.48
C TRP B 311 20.26 56.47 18.84
N VAL B 312 19.69 55.26 18.90
CA VAL B 312 19.46 54.61 20.18
C VAL B 312 20.74 53.97 20.71
N LEU B 313 21.54 53.38 19.84
CA LEU B 313 22.73 52.66 20.28
C LEU B 313 23.97 53.55 20.34
N ARG B 314 24.13 54.47 19.39
CA ARG B 314 25.38 55.24 19.33
C ARG B 314 25.16 56.75 19.27
N ASP B 315 23.91 57.22 19.37
CA ASP B 315 23.53 58.63 19.52
C ASP B 315 23.98 59.49 18.33
N GLU B 316 23.37 59.20 17.17
CA GLU B 316 23.47 60.07 16.01
C GLU B 316 22.08 60.27 15.41
N ALA B 317 21.53 61.47 15.58
CA ALA B 317 20.26 61.85 14.97
C ALA B 317 20.24 63.37 14.88
N PRO B 318 19.54 63.95 13.90
CA PRO B 318 19.54 65.42 13.78
C PRO B 318 18.65 66.10 14.80
N ALA B 319 18.50 67.41 14.67
CA ALA B 319 17.81 68.19 15.69
C ALA B 319 16.32 67.92 15.69
N VAL B 320 15.64 68.21 14.58
CA VAL B 320 14.19 68.33 14.55
C VAL B 320 13.56 67.32 13.61
N GLU B 321 14.00 67.28 12.35
CA GLU B 321 13.17 66.75 11.26
C GLU B 321 13.07 65.22 11.30
N GLN B 322 14.20 64.54 11.16
CA GLN B 322 14.19 63.08 11.18
C GLN B 322 13.89 62.54 12.58
N GLN B 323 14.17 63.32 13.61
CA GLN B 323 13.72 62.97 14.95
C GLN B 323 12.21 62.99 15.04
N HIS B 324 11.57 63.98 14.41
CA HIS B 324 10.11 64.01 14.37
C HIS B 324 9.57 62.83 13.57
N TYR B 325 10.30 62.39 12.53
CA TYR B 325 9.89 61.22 11.76
C TYR B 325 9.96 59.93 12.60
N VAL B 326 11.05 59.75 13.36
CA VAL B 326 11.20 58.50 14.10
C VAL B 326 10.24 58.46 15.29
N ILE B 327 9.95 59.62 15.91
CA ILE B 327 8.96 59.62 16.99
C ILE B 327 7.56 59.45 16.44
N ALA B 328 7.27 59.97 15.24
CA ALA B 328 5.97 59.75 14.63
C ALA B 328 5.77 58.29 14.24
N ASN B 329 6.85 57.59 13.88
CA ASN B 329 6.72 56.17 13.61
C ASN B 329 6.53 55.36 14.90
N LEU B 330 7.19 55.78 15.99
CA LEU B 330 6.96 55.10 17.27
C LEU B 330 5.57 55.35 17.82
N ILE B 331 4.99 56.52 17.52
CA ILE B 331 3.62 56.80 17.92
C ILE B 331 2.64 55.98 17.08
N ARG B 332 2.95 55.81 15.79
CA ARG B 332 2.10 54.97 14.92
C ARG B 332 2.10 53.53 15.38
N GLY B 333 3.26 52.99 15.72
CA GLY B 333 3.35 51.65 16.27
C GLY B 333 3.69 50.62 15.20
N GLY B 334 4.07 49.44 15.67
CA GLY B 334 4.48 48.37 14.79
C GLY B 334 5.50 47.49 15.45
N VAL B 335 6.03 46.55 14.67
CA VAL B 335 6.97 45.54 15.13
C VAL B 335 8.32 45.78 14.48
N PHE B 336 9.34 45.98 15.31
CA PHE B 336 10.70 46.25 14.87
C PHE B 336 11.63 45.22 15.49
N GLY B 337 12.83 45.14 14.95
CA GLY B 337 13.83 44.23 15.46
C GLY B 337 14.25 43.23 14.40
N GLU B 338 14.74 42.08 14.85
CA GLU B 338 15.20 41.03 13.95
C GLU B 338 14.04 40.34 13.25
N LEU C 6 15.07 10.14 51.62
CA LEU C 6 13.89 10.82 51.10
C LEU C 6 14.20 11.52 49.79
N SER C 7 13.29 11.37 48.82
CA SER C 7 13.43 11.99 47.51
C SER C 7 12.09 12.57 47.07
N THR C 8 12.15 13.42 46.06
CA THR C 8 10.94 14.01 45.49
C THR C 8 10.22 12.96 44.65
N ALA C 9 8.89 13.03 44.66
CA ALA C 9 8.06 12.03 44.00
C ALA C 9 8.19 12.09 42.48
N SER C 10 7.83 10.98 41.83
CA SER C 10 7.95 10.90 40.38
C SER C 10 6.92 11.77 39.69
N VAL C 11 5.65 11.66 40.08
CA VAL C 11 4.57 12.47 39.55
C VAL C 11 3.92 13.21 40.71
N LEU C 12 3.81 14.53 40.59
CA LEU C 12 3.15 15.38 41.59
C LEU C 12 2.18 16.29 40.85
N ALA C 13 0.89 15.96 40.90
CA ALA C 13 -0.14 16.68 40.17
C ALA C 13 -0.93 17.58 41.11
N PHE C 14 -1.35 18.73 40.60
CA PHE C 14 -2.09 19.70 41.41
C PHE C 14 -3.12 20.41 40.54
N GLU C 15 -4.34 20.51 41.06
CA GLU C 15 -5.42 21.22 40.38
C GLU C 15 -5.39 22.71 40.76
N ARG C 16 -5.95 23.53 39.87
CA ARG C 16 -5.99 24.96 40.10
C ARG C 16 -7.08 25.33 41.11
N LYS C 17 -6.86 26.43 41.81
CA LYS C 17 -7.91 27.06 42.59
C LYS C 17 -8.20 28.45 42.03
N LEU C 18 -9.31 29.03 42.49
CA LEU C 18 -9.88 30.28 41.99
C LEU C 18 -10.15 30.19 40.48
N ASP C 19 -11.08 29.29 40.14
CA ASP C 19 -11.35 28.95 38.75
C ASP C 19 -12.34 29.95 38.16
N PRO C 20 -11.96 30.73 37.15
CA PRO C 20 -12.89 31.69 36.54
C PRO C 20 -13.61 31.10 35.34
N SER C 21 -14.62 31.84 34.89
CA SER C 21 -15.34 31.49 33.68
C SER C 21 -14.85 32.32 32.49
N ASP C 22 -15.50 32.13 31.34
CA ASP C 22 -15.21 32.94 30.16
C ASP C 22 -16.02 34.23 30.23
N ALA C 23 -15.39 35.34 29.86
CA ALA C 23 -15.99 36.65 30.03
C ALA C 23 -17.03 36.93 28.97
N LEU C 24 -18.08 37.65 29.36
CA LEU C 24 -19.10 38.10 28.43
C LEU C 24 -18.96 39.61 28.23
N MET C 25 -19.08 40.05 26.99
CA MET C 25 -18.73 41.41 26.59
C MET C 25 -19.94 42.03 25.89
N SER C 26 -20.60 42.98 26.55
CA SER C 26 -21.74 43.66 25.98
C SER C 26 -21.53 45.17 26.10
N ALA C 27 -22.42 45.94 25.47
CA ALA C 27 -22.23 47.38 25.37
C ALA C 27 -23.54 48.10 25.56
N GLY C 28 -23.46 49.29 26.16
CA GLY C 28 -24.63 50.14 26.37
C GLY C 28 -24.26 51.57 26.72
N ALA C 29 -25.19 52.27 27.38
CA ALA C 29 -25.06 53.70 27.65
C ALA C 29 -24.86 53.93 29.13
N TRP C 30 -24.15 55.00 29.46
CA TRP C 30 -23.96 55.42 30.84
C TRP C 30 -25.26 55.96 31.41
N ALA C 31 -25.31 56.08 32.75
CA ALA C 31 -26.50 56.28 33.57
C ALA C 31 -27.53 55.17 33.36
N GLN C 32 -27.06 53.96 33.02
CA GLN C 32 -27.89 52.77 32.92
C GLN C 32 -27.17 51.56 33.54
N ARG C 33 -26.27 51.79 34.49
CA ARG C 33 -25.49 50.70 35.07
C ARG C 33 -26.33 49.78 35.95
N ASP C 34 -27.44 50.27 36.48
CA ASP C 34 -28.32 49.43 37.29
C ASP C 34 -29.10 48.45 36.43
N ALA C 35 -29.57 48.90 35.27
CA ALA C 35 -30.29 48.03 34.33
C ALA C 35 -29.33 47.46 33.29
N SER C 36 -28.32 46.75 33.77
CA SER C 36 -27.31 46.13 32.91
C SER C 36 -27.68 44.69 32.54
N GLN C 37 -28.90 44.52 32.03
CA GLN C 37 -29.41 43.21 31.65
C GLN C 37 -29.80 43.12 30.19
N GLU C 38 -30.44 44.16 29.64
CA GLU C 38 -31.02 44.11 28.30
C GLU C 38 -30.14 44.79 27.26
N TRP C 39 -28.87 44.99 27.55
CA TRP C 39 -27.95 45.56 26.57
C TRP C 39 -27.56 44.50 25.54
N PRO C 40 -27.51 44.83 24.26
CA PRO C 40 -27.06 43.84 23.27
C PRO C 40 -25.56 43.65 23.32
N ALA C 41 -25.12 42.45 22.95
CA ALA C 41 -23.71 42.09 22.98
C ALA C 41 -23.04 42.41 21.64
N VAL C 42 -21.76 42.80 21.70
CA VAL C 42 -21.03 43.13 20.49
C VAL C 42 -20.62 41.86 19.76
N THR C 43 -20.44 41.99 18.45
CA THR C 43 -20.13 40.86 17.57
C THR C 43 -18.80 41.09 16.86
N VAL C 44 -18.09 40.01 16.58
CA VAL C 44 -16.85 40.07 15.81
C VAL C 44 -17.21 40.09 14.33
N ARG C 45 -16.64 41.04 13.59
CA ARG C 45 -16.79 41.10 12.15
C ARG C 45 -15.41 41.02 11.50
N GLU C 46 -15.39 41.10 10.18
CA GLU C 46 -14.16 41.04 9.42
C GLU C 46 -13.98 42.31 8.58
N LYS C 47 -12.76 42.85 8.58
CA LYS C 47 -12.44 44.04 7.82
C LYS C 47 -11.31 43.73 6.84
N SER C 48 -11.29 44.53 5.78
CA SER C 48 -10.32 44.38 4.69
C SER C 48 -9.25 45.45 4.83
N VAL C 49 -8.00 45.01 4.98
CA VAL C 49 -6.87 45.92 5.11
C VAL C 49 -5.89 45.66 3.97
N ARG C 50 -5.14 46.70 3.62
CA ARG C 50 -4.11 46.63 2.58
C ARG C 50 -2.87 47.31 3.12
N GLY C 51 -1.87 46.52 3.49
CA GLY C 51 -0.71 47.04 4.16
C GLY C 51 0.51 47.14 3.27
N THR C 52 1.35 48.14 3.58
CA THR C 52 2.65 48.28 2.98
C THR C 52 3.65 47.43 3.78
N ILE C 53 4.94 47.61 3.51
CA ILE C 53 5.98 46.77 4.09
C ILE C 53 6.69 47.56 5.17
N SER C 54 6.68 47.02 6.39
CA SER C 54 7.27 47.64 7.57
C SER C 54 8.11 46.62 8.33
N ASN C 55 8.98 45.92 7.61
CA ASN C 55 9.78 44.83 8.15
C ASN C 55 11.26 45.12 7.91
N ARG C 56 12.10 44.11 8.17
CA ARG C 56 13.54 44.25 8.05
C ARG C 56 14.12 43.02 7.34
N LEU C 57 15.42 43.07 7.08
CA LEU C 57 16.09 42.06 6.27
C LEU C 57 17.40 41.65 6.94
N LYS C 58 18.06 40.67 6.33
CA LYS C 58 19.41 40.27 6.74
C LYS C 58 20.48 40.85 5.82
N THR C 59 20.36 40.57 4.53
CA THR C 59 21.29 41.11 3.53
C THR C 59 20.90 42.54 3.22
N LYS C 60 21.60 43.49 3.84
CA LYS C 60 21.31 44.92 3.66
C LYS C 60 21.85 45.36 2.31
N ASP C 61 21.08 45.03 1.26
CA ASP C 61 21.47 45.39 -0.09
C ASP C 61 21.14 46.85 -0.37
N ARG C 62 22.16 47.64 -0.70
CA ARG C 62 22.00 49.07 -0.95
C ARG C 62 21.60 49.38 -2.39
N ASP C 63 21.05 48.42 -3.13
CA ASP C 63 20.64 48.68 -4.49
C ASP C 63 19.17 49.08 -4.54
N PRO C 64 18.72 49.64 -5.67
CA PRO C 64 17.28 49.85 -5.83
C PRO C 64 16.54 48.56 -6.12
N ALA C 65 17.22 47.58 -6.72
CA ALA C 65 16.65 46.26 -6.97
C ALA C 65 17.10 45.31 -5.86
N LYS C 66 16.84 45.73 -4.63
CA LYS C 66 17.23 44.99 -3.44
C LYS C 66 16.08 44.06 -3.02
N LEU C 67 16.15 43.56 -1.78
CA LEU C 67 14.96 42.96 -1.18
C LEU C 67 13.86 44.00 -0.98
N ASP C 68 14.24 45.26 -0.76
CA ASP C 68 13.31 46.38 -0.78
C ASP C 68 13.23 46.99 -2.18
N ALA C 69 12.77 46.19 -3.13
CA ALA C 69 12.47 46.63 -4.48
C ALA C 69 11.01 46.49 -4.85
N SER C 70 10.34 45.45 -4.35
CA SER C 70 8.93 45.18 -4.63
C SER C 70 8.00 45.85 -3.63
N ILE C 71 8.43 46.99 -3.05
CA ILE C 71 7.61 47.71 -2.07
C ILE C 71 6.37 48.34 -2.69
N GLN C 72 6.27 48.39 -4.02
CA GLN C 72 5.02 48.78 -4.66
C GLN C 72 3.94 47.72 -4.46
N SER C 73 4.33 46.47 -4.28
CA SER C 73 3.35 45.40 -4.13
C SER C 73 2.73 45.43 -2.74
N PRO C 74 1.40 45.52 -2.63
CA PRO C 74 0.75 45.58 -1.33
C PRO C 74 0.33 44.20 -0.81
N ASN C 75 0.09 44.15 0.50
CA ASN C 75 -0.37 42.93 1.16
C ASN C 75 -1.84 43.09 1.51
N LEU C 76 -2.69 42.38 0.79
CA LEU C 76 -4.12 42.35 1.11
C LEU C 76 -4.39 41.33 2.21
N GLN C 77 -5.13 41.74 3.23
CA GLN C 77 -5.51 40.84 4.31
C GLN C 77 -6.95 41.16 4.72
N THR C 78 -7.59 40.19 5.36
CA THR C 78 -8.82 40.40 6.08
C THR C 78 -8.61 39.98 7.53
N VAL C 79 -8.88 40.88 8.45
CA VAL C 79 -8.67 40.63 9.87
C VAL C 79 -10.01 40.71 10.57
N ASP C 80 -10.03 40.30 11.85
CA ASP C 80 -11.24 40.29 12.64
C ASP C 80 -11.22 41.45 13.64
N VAL C 81 -12.36 42.12 13.77
CA VAL C 81 -12.46 43.34 14.57
C VAL C 81 -13.70 43.25 15.45
N ALA C 82 -13.68 44.03 16.53
CA ALA C 82 -14.79 44.15 17.46
C ALA C 82 -14.99 45.62 17.80
N ASN C 83 -16.14 46.17 17.42
CA ASN C 83 -16.38 47.61 17.48
C ASN C 83 -17.69 47.91 18.20
N LEU C 84 -17.66 48.97 19.01
CA LEU C 84 -18.81 49.38 19.79
C LEU C 84 -19.87 50.04 18.91
N PRO C 85 -21.12 50.06 19.35
CA PRO C 85 -22.13 50.88 18.67
C PRO C 85 -21.85 52.36 18.84
N SER C 86 -22.41 53.15 17.92
CA SER C 86 -22.13 54.58 17.90
C SER C 86 -22.89 55.36 18.95
N ASP C 87 -23.94 54.79 19.52
CA ASP C 87 -24.63 55.40 20.65
C ASP C 87 -24.14 54.86 21.98
N ALA C 88 -23.79 53.58 22.03
CA ALA C 88 -23.30 52.95 23.25
C ALA C 88 -21.90 53.44 23.57
N ASP C 89 -21.71 53.98 24.76
CA ASP C 89 -20.43 54.55 25.16
C ASP C 89 -19.72 53.75 26.23
N THR C 90 -20.36 52.77 26.85
CA THR C 90 -19.71 51.99 27.90
C THR C 90 -19.84 50.51 27.61
N LEU C 91 -18.91 49.75 28.16
CA LEU C 91 -18.77 48.32 27.94
C LEU C 91 -18.90 47.60 29.28
N LYS C 92 -19.62 46.50 29.29
CA LYS C 92 -19.76 45.65 30.48
C LYS C 92 -19.11 44.30 30.18
N VAL C 93 -18.15 43.93 31.01
CA VAL C 93 -17.56 42.61 30.97
C VAL C 93 -17.96 41.88 32.25
N ARG C 94 -18.47 40.66 32.09
CA ARG C 94 -19.02 39.89 33.20
C ARG C 94 -18.32 38.53 33.30
N PHE C 95 -17.88 38.18 34.51
CA PHE C 95 -17.35 36.85 34.75
C PHE C 95 -17.55 36.48 36.22
N THR C 96 -17.61 35.17 36.46
CA THR C 96 -17.94 34.62 37.78
C THR C 96 -16.77 33.79 38.27
N LEU C 97 -16.21 34.19 39.41
CA LEU C 97 -15.05 33.52 40.00
C LEU C 97 -15.53 32.55 41.08
N ARG C 98 -14.99 31.33 41.04
CA ARG C 98 -15.36 30.26 41.97
C ARG C 98 -14.12 29.89 42.76
N VAL C 99 -14.12 30.24 44.05
CA VAL C 99 -13.00 29.91 44.93
C VAL C 99 -13.25 28.51 45.50
N LEU C 100 -12.34 27.57 45.21
CA LEU C 100 -12.61 26.17 45.53
C LEU C 100 -12.28 25.84 46.98
N GLY C 101 -11.01 25.99 47.37
CA GLY C 101 -10.57 25.59 48.69
C GLY C 101 -9.82 24.26 48.67
N GLY C 102 -9.00 24.06 49.69
CA GLY C 102 -8.19 22.86 49.75
C GLY C 102 -6.96 22.95 48.86
N ALA C 103 -6.08 23.90 49.18
CA ALA C 103 -4.98 24.22 48.27
C ALA C 103 -3.89 23.15 48.30
N GLY C 104 -3.63 22.55 49.46
CA GLY C 104 -2.45 21.71 49.60
C GLY C 104 -2.57 20.30 49.07
N THR C 105 -3.79 19.85 48.77
CA THR C 105 -4.03 18.45 48.48
C THR C 105 -3.53 18.06 47.09
N PRO C 106 -2.61 17.12 46.97
CA PRO C 106 -2.19 16.65 45.65
C PRO C 106 -3.13 15.58 45.12
N SER C 107 -3.29 15.58 43.79
CA SER C 107 -4.18 14.62 43.14
C SER C 107 -3.50 13.32 42.76
N ALA C 108 -2.17 13.32 42.62
CA ALA C 108 -1.44 12.12 42.24
C ALA C 108 -0.02 12.22 42.78
N CYS C 109 0.34 11.31 43.68
CA CYS C 109 1.67 11.34 44.29
C CYS C 109 2.02 9.92 44.73
N ASN C 110 2.83 9.23 43.92
CA ASN C 110 3.09 7.81 44.15
C ASN C 110 4.03 7.55 45.32
N ASP C 111 4.71 8.56 45.83
CA ASP C 111 5.57 8.40 46.99
C ASP C 111 4.73 8.40 48.26
N ALA C 112 5.08 7.52 49.20
CA ALA C 112 4.29 7.34 50.41
C ALA C 112 4.63 8.34 51.50
N ALA C 113 5.90 8.74 51.61
CA ALA C 113 6.29 9.66 52.67
C ALA C 113 6.20 11.11 52.21
N TYR C 114 6.44 11.38 50.92
CA TYR C 114 6.45 12.75 50.42
C TYR C 114 5.05 13.36 50.44
N ARG C 115 4.01 12.55 50.27
CA ARG C 115 2.64 13.06 50.29
C ARG C 115 2.27 13.58 51.68
N ASP C 116 2.53 12.78 52.72
CA ASP C 116 2.21 13.22 54.07
C ASP C 116 3.18 14.29 54.56
N LYS C 117 4.41 14.33 54.02
CA LYS C 117 5.31 15.42 54.38
C LYS C 117 4.85 16.73 53.76
N LEU C 118 4.32 16.67 52.54
CA LEU C 118 3.74 17.86 51.92
C LEU C 118 2.50 18.33 52.66
N LEU C 119 1.65 17.39 53.08
CA LEU C 119 0.45 17.75 53.85
C LEU C 119 0.83 18.33 55.21
N GLN C 120 1.89 17.83 55.84
CA GLN C 120 2.26 18.39 57.13
C GLN C 120 2.95 19.75 56.99
N THR C 121 3.64 20.00 55.88
CA THR C 121 4.24 21.33 55.69
C THR C 121 3.17 22.38 55.39
N VAL C 122 2.18 22.02 54.55
CA VAL C 122 1.04 22.91 54.35
C VAL C 122 0.25 23.07 55.65
N ALA C 123 0.17 22.03 56.47
CA ALA C 123 -0.55 22.10 57.73
C ALA C 123 0.11 23.06 58.70
N THR C 124 1.43 22.97 58.87
CA THR C 124 2.10 23.90 59.78
C THR C 124 2.15 25.31 59.20
N TYR C 125 2.11 25.45 57.87
CA TYR C 125 2.07 26.78 57.28
C TYR C 125 0.75 27.47 57.56
N VAL C 126 -0.37 26.80 57.30
CA VAL C 126 -1.68 27.40 57.56
C VAL C 126 -1.92 27.51 59.07
N ASN C 127 -1.25 26.67 59.88
CA ASN C 127 -1.29 26.86 61.32
C ASN C 127 -0.55 28.14 61.72
N GLU C 128 0.53 28.47 61.01
CA GLU C 128 1.27 29.69 61.32
C GLU C 128 0.52 30.94 60.88
N GLN C 129 -0.06 30.92 59.68
CA GLN C 129 -0.76 32.10 59.18
C GLN C 129 -2.01 31.67 58.41
N GLY C 130 -3.13 32.34 58.69
CA GLY C 130 -4.30 32.19 57.86
C GLY C 130 -4.12 32.88 56.52
N PHE C 131 -4.89 32.42 55.53
CA PHE C 131 -4.74 32.87 54.15
C PHE C 131 -5.31 34.28 53.97
N ALA C 132 -4.59 35.26 54.53
CA ALA C 132 -5.10 36.61 54.63
C ALA C 132 -4.46 37.58 53.64
N GLU C 133 -3.13 37.64 53.60
CA GLU C 133 -2.45 38.60 52.72
C GLU C 133 -2.54 38.19 51.26
N LEU C 134 -2.51 36.87 51.00
CA LEU C 134 -2.71 36.38 49.64
C LEU C 134 -4.11 36.72 49.15
N ALA C 135 -5.11 36.52 50.01
CA ALA C 135 -6.47 36.91 49.66
C ALA C 135 -6.61 38.40 49.50
N ARG C 136 -5.82 39.20 50.23
CA ARG C 136 -5.77 40.63 50.00
C ARG C 136 -5.22 40.97 48.62
N ARG C 137 -4.20 40.23 48.18
CA ARG C 137 -3.63 40.51 46.86
C ARG C 137 -4.57 40.07 45.74
N TYR C 138 -5.25 38.95 45.91
CA TYR C 138 -6.24 38.51 44.91
C TYR C 138 -7.44 39.44 44.87
N ALA C 139 -7.88 39.94 46.02
CA ALA C 139 -8.97 40.91 46.02
C ALA C 139 -8.53 42.27 45.52
N HIS C 140 -7.23 42.59 45.62
CA HIS C 140 -6.75 43.85 45.06
C HIS C 140 -6.71 43.78 43.53
N ASN C 141 -6.32 42.63 42.98
CA ASN C 141 -6.34 42.49 41.53
C ASN C 141 -7.74 42.31 40.97
N LEU C 142 -8.68 41.83 41.79
CA LEU C 142 -10.08 41.92 41.39
C LEU C 142 -10.63 43.32 41.58
N ALA C 143 -10.02 44.12 42.46
CA ALA C 143 -10.52 45.47 42.73
C ALA C 143 -10.15 46.43 41.60
N ASN C 144 -8.85 46.60 41.34
CA ASN C 144 -8.42 47.36 40.18
C ASN C 144 -8.38 46.43 38.98
N ALA C 145 -9.07 46.81 37.91
CA ALA C 145 -9.45 45.88 36.85
C ALA C 145 -8.24 45.54 35.98
N ARG C 146 -7.47 44.56 36.46
CA ARG C 146 -6.50 43.90 35.60
C ARG C 146 -7.16 42.87 34.69
N PHE C 147 -8.40 42.48 35.00
CA PHE C 147 -9.15 41.55 34.17
C PHE C 147 -9.38 42.11 32.77
N LEU C 148 -9.80 43.37 32.68
CA LEU C 148 -9.84 44.09 31.41
C LEU C 148 -8.39 44.38 31.03
N TRP C 149 -7.81 43.49 30.22
CA TRP C 149 -6.35 43.44 30.06
C TRP C 149 -5.83 44.59 29.21
N ARG C 150 -6.44 44.85 28.05
CA ARG C 150 -5.98 45.90 27.17
C ARG C 150 -7.09 46.82 26.68
N ASN C 151 -8.32 46.63 27.16
CA ASN C 151 -9.39 47.61 26.96
C ASN C 151 -9.45 48.62 28.08
N ARG C 152 -8.36 48.76 28.84
CA ARG C 152 -8.30 49.58 30.04
C ARG C 152 -7.32 50.73 29.94
N VAL C 153 -6.44 50.73 28.94
CA VAL C 153 -5.29 51.62 28.93
C VAL C 153 -5.64 53.08 28.64
N GLY C 154 -6.86 53.37 28.20
CA GLY C 154 -7.22 54.74 27.95
C GLY C 154 -8.62 55.14 28.35
N ALA C 155 -9.21 54.43 29.29
CA ALA C 155 -10.59 54.73 29.68
C ALA C 155 -10.62 55.92 30.62
N GLU C 156 -11.82 56.48 30.81
CA GLU C 156 -12.00 57.55 31.77
C GLU C 156 -12.68 57.07 33.04
N ALA C 157 -13.38 55.93 33.00
CA ALA C 157 -14.09 55.42 34.16
C ALA C 157 -14.27 53.91 34.05
N VAL C 158 -13.63 53.16 34.95
CA VAL C 158 -13.76 51.71 35.04
C VAL C 158 -14.20 51.37 36.46
N GLU C 159 -15.32 50.67 36.58
CA GLU C 159 -15.93 50.32 37.86
C GLU C 159 -16.09 48.81 37.95
N VAL C 160 -15.89 48.28 39.16
CA VAL C 160 -15.98 46.85 39.44
C VAL C 160 -17.06 46.63 40.49
N ARG C 161 -18.03 45.78 40.18
CA ARG C 161 -19.13 45.47 41.08
C ARG C 161 -19.17 43.96 41.32
N ILE C 162 -19.14 43.58 42.60
CA ILE C 162 -19.01 42.18 43.01
C ILE C 162 -20.22 41.81 43.85
N ASN C 163 -20.91 40.73 43.46
CA ASN C 163 -22.08 40.23 44.15
C ASN C 163 -21.87 38.77 44.56
N HIS C 164 -22.42 38.39 45.71
CA HIS C 164 -22.38 37.01 46.17
C HIS C 164 -23.69 36.31 45.81
N ILE C 165 -23.60 35.28 44.98
CA ILE C 165 -24.78 34.55 44.51
C ILE C 165 -24.83 33.23 45.26
N ARG C 166 -25.80 33.08 46.16
CA ARG C 166 -25.97 31.82 46.88
C ARG C 166 -26.77 30.82 46.04
N GLN C 167 -28.02 31.15 45.73
CA GLN C 167 -28.85 30.36 44.82
C GLN C 167 -29.23 31.15 43.57
N GLY C 168 -29.90 32.29 43.73
CA GLY C 168 -30.36 33.05 42.59
C GLY C 168 -30.50 34.53 42.84
N GLU C 169 -30.00 35.00 43.98
CA GLU C 169 -30.10 36.40 44.34
C GLU C 169 -28.75 36.85 44.87
N VAL C 170 -28.57 38.16 45.08
CA VAL C 170 -27.33 38.68 45.63
C VAL C 170 -27.46 38.70 47.15
N ALA C 171 -26.32 38.57 47.82
CA ALA C 171 -26.29 38.62 49.28
C ALA C 171 -25.51 39.81 49.80
N ARG C 172 -24.25 39.96 49.39
CA ARG C 172 -23.40 41.05 49.82
C ARG C 172 -22.79 41.73 48.61
N THR C 173 -22.88 43.06 48.56
CA THR C 173 -22.46 43.83 47.41
C THR C 173 -21.20 44.61 47.74
N TRP C 174 -20.27 44.67 46.79
CA TRP C 174 -19.10 45.54 46.88
C TRP C 174 -18.94 46.27 45.55
N ARG C 175 -18.32 47.44 45.62
CA ARG C 175 -18.20 48.31 44.46
C ARG C 175 -16.93 49.13 44.58
N PHE C 176 -16.10 49.11 43.55
CA PHE C 176 -14.82 49.79 43.55
C PHE C 176 -14.64 50.56 42.26
N ASP C 177 -13.83 51.60 42.32
CA ASP C 177 -13.40 52.36 41.14
C ASP C 177 -12.01 51.89 40.77
N ALA C 178 -11.87 51.33 39.57
CA ALA C 178 -10.61 50.69 39.20
C ALA C 178 -9.52 51.69 38.86
N LEU C 179 -9.88 52.96 38.65
CA LEU C 179 -8.86 53.98 38.43
C LEU C 179 -8.13 54.34 39.72
N ALA C 180 -8.76 54.06 40.87
CA ALA C 180 -8.27 54.58 42.15
C ALA C 180 -7.01 53.88 42.60
N ILE C 181 -7.08 52.55 42.79
CA ILE C 181 -5.95 51.81 43.33
C ILE C 181 -4.87 51.68 42.27
N GLY C 182 -3.64 52.00 42.64
CA GLY C 182 -2.52 51.86 41.72
C GLY C 182 -2.19 50.42 41.43
N LEU C 183 -1.59 50.21 40.26
CA LEU C 183 -1.26 48.86 39.80
C LEU C 183 0.03 48.32 40.40
N ARG C 184 0.64 49.04 41.34
CA ARG C 184 1.72 48.49 42.13
C ARG C 184 1.58 48.87 43.61
N ASP C 185 0.41 49.30 44.05
CA ASP C 185 0.16 49.74 45.42
C ASP C 185 -0.90 48.83 46.02
N PHE C 186 -0.66 48.36 47.24
CA PHE C 186 -1.62 47.55 47.99
C PHE C 186 -1.97 48.32 49.24
N LYS C 187 -3.10 49.02 49.21
CA LYS C 187 -3.57 49.79 50.36
C LYS C 187 -4.51 48.93 51.19
N ALA C 188 -5.20 49.55 52.14
CA ALA C 188 -6.20 48.87 52.95
C ALA C 188 -7.48 49.69 52.96
N ASP C 189 -8.62 49.01 52.81
CA ASP C 189 -9.93 49.65 52.88
C ASP C 189 -10.85 48.70 53.63
N ALA C 190 -11.89 49.26 54.27
CA ALA C 190 -12.78 48.44 55.08
C ALA C 190 -13.62 47.50 54.21
N GLU C 191 -14.20 48.04 53.13
CA GLU C 191 -14.91 47.21 52.16
C GLU C 191 -13.96 46.20 51.50
N LEU C 192 -12.74 46.65 51.17
CA LEU C 192 -11.79 45.78 50.50
C LEU C 192 -11.26 44.69 51.42
N ASP C 193 -11.00 45.02 52.68
CA ASP C 193 -10.52 43.99 53.60
C ASP C 193 -11.62 43.03 54.02
N ALA C 194 -12.88 43.50 54.06
CA ALA C 194 -13.98 42.57 54.32
C ALA C 194 -14.20 41.63 53.14
N LEU C 195 -14.07 42.15 51.91
CA LEU C 195 -14.15 41.30 50.73
C LEU C 195 -12.96 40.34 50.67
N ALA C 196 -11.77 40.80 51.09
CA ALA C 196 -10.61 39.94 51.12
C ALA C 196 -10.74 38.86 52.19
N GLU C 197 -11.45 39.15 53.28
CA GLU C 197 -11.73 38.11 54.26
C GLU C 197 -12.75 37.12 53.73
N LEU C 198 -13.68 37.57 52.87
CA LEU C 198 -14.60 36.63 52.22
C LEU C 198 -13.85 35.69 51.29
N ILE C 199 -12.96 36.24 50.45
CA ILE C 199 -12.14 35.41 49.57
C ILE C 199 -11.17 34.55 50.39
N ALA C 200 -10.77 35.02 51.58
CA ALA C 200 -9.94 34.24 52.49
C ALA C 200 -10.69 33.02 53.00
N SER C 201 -11.92 33.21 53.47
CA SER C 201 -12.74 32.11 53.95
C SER C 201 -13.10 31.14 52.82
N GLY C 202 -13.13 31.63 51.59
CA GLY C 202 -13.16 30.72 50.46
C GLY C 202 -11.86 29.92 50.33
N LEU C 203 -10.72 30.59 50.48
CA LEU C 203 -9.43 29.93 50.29
C LEU C 203 -9.09 29.01 51.46
N SER C 204 -9.69 29.24 52.62
CA SER C 204 -9.56 28.31 53.74
C SER C 204 -10.45 27.08 53.58
N GLY C 205 -11.39 27.10 52.63
CA GLY C 205 -12.18 25.92 52.31
C GLY C 205 -13.47 25.79 53.08
N SER C 206 -13.66 26.55 54.16
CA SER C 206 -14.81 26.39 55.05
C SER C 206 -16.13 26.76 54.39
N GLY C 207 -16.10 27.54 53.32
CA GLY C 207 -17.31 27.85 52.58
C GLY C 207 -16.99 27.92 51.11
N HIS C 208 -18.05 27.92 50.31
CA HIS C 208 -17.94 27.97 48.85
C HIS C 208 -18.32 29.37 48.39
N VAL C 209 -17.43 29.99 47.63
CA VAL C 209 -17.52 31.40 47.30
C VAL C 209 -17.62 31.54 45.79
N LEU C 210 -18.71 32.13 45.32
CA LEU C 210 -18.92 32.40 43.90
C LEU C 210 -19.23 33.88 43.75
N LEU C 211 -18.26 34.63 43.25
CA LEU C 211 -18.36 36.08 43.10
C LEU C 211 -18.74 36.40 41.66
N GLU C 212 -19.86 37.08 41.47
CA GLU C 212 -20.25 37.59 40.17
C GLU C 212 -19.67 38.99 40.02
N VAL C 213 -18.76 39.17 39.07
CA VAL C 213 -18.02 40.41 38.87
C VAL C 213 -18.44 41.01 37.54
N VAL C 214 -18.97 42.23 37.59
CA VAL C 214 -19.29 43.01 36.41
C VAL C 214 -18.44 44.27 36.43
N ALA C 215 -17.68 44.48 35.37
CA ALA C 215 -16.82 45.66 35.25
C ALA C 215 -17.32 46.52 34.09
N PHE C 216 -17.60 47.78 34.39
CA PHE C 216 -17.99 48.78 33.40
C PHE C 216 -16.78 49.60 33.01
N ALA C 217 -16.63 49.86 31.71
CA ALA C 217 -15.51 50.64 31.19
C ALA C 217 -16.06 51.63 30.17
N ARG C 218 -15.88 52.92 30.43
CA ARG C 218 -16.28 53.95 29.47
C ARG C 218 -15.03 54.38 28.70
N ILE C 219 -15.03 54.11 27.39
CA ILE C 219 -13.90 54.46 26.53
C ILE C 219 -14.30 55.43 25.43
N GLY C 220 -15.58 55.62 25.18
CA GLY C 220 -16.03 56.43 24.07
C GLY C 220 -16.88 55.63 23.10
N ASP C 221 -17.73 56.33 22.37
CA ASP C 221 -18.68 55.68 21.49
C ASP C 221 -18.04 55.34 20.14
N GLY C 222 -18.38 54.17 19.63
CA GLY C 222 -17.84 53.69 18.38
C GLY C 222 -16.39 53.27 18.40
N GLN C 223 -15.77 53.16 19.57
CA GLN C 223 -14.36 52.84 19.65
C GLN C 223 -14.14 51.33 19.73
N GLU C 224 -12.87 50.95 19.76
CA GLU C 224 -12.46 49.57 19.55
C GLU C 224 -12.14 48.90 20.89
N VAL C 225 -12.88 47.83 21.20
CA VAL C 225 -12.55 46.96 22.32
C VAL C 225 -11.54 45.91 21.86
N PHE C 226 -10.96 45.19 22.80
CA PHE C 226 -9.89 44.22 22.52
C PHE C 226 -10.19 42.86 23.15
N PRO C 227 -10.98 42.01 22.49
CA PRO C 227 -10.99 40.59 22.87
C PRO C 227 -9.72 39.90 22.40
N SER C 228 -9.40 38.80 23.05
CA SER C 228 -8.06 38.23 22.94
C SER C 228 -7.90 37.39 21.67
N GLN C 229 -6.67 37.40 21.15
CA GLN C 229 -6.36 36.75 19.89
C GLN C 229 -6.20 35.25 20.06
N GLU C 230 -6.74 34.50 19.11
CA GLU C 230 -6.62 33.05 19.06
C GLU C 230 -5.40 32.65 18.24
N LEU C 231 -4.72 31.58 18.65
CA LEU C 231 -3.69 30.97 17.80
C LEU C 231 -4.34 30.09 16.73
N ILE C 232 -3.91 30.29 15.49
CA ILE C 232 -4.26 29.39 14.40
C ILE C 232 -3.00 28.76 13.84
N LYS C 242 -8.08 36.47 8.06
CA LYS C 242 -7.12 35.41 7.80
C LYS C 242 -6.01 35.40 8.85
N SER C 243 -5.48 36.58 9.14
CA SER C 243 -4.32 36.67 10.02
C SER C 243 -4.70 36.68 11.49
N LYS C 244 -5.65 37.53 11.88
CA LYS C 244 -6.04 37.68 13.28
C LYS C 244 -7.44 37.12 13.47
N THR C 245 -7.55 36.08 14.31
CA THR C 245 -8.83 35.46 14.65
C THR C 245 -9.14 35.72 16.11
N LEU C 246 -10.32 36.24 16.37
CA LEU C 246 -10.76 36.59 17.72
C LEU C 246 -11.58 35.46 18.32
N TYR C 247 -11.74 35.52 19.65
CA TYR C 247 -12.46 34.50 20.39
C TYR C 247 -13.86 34.99 20.71
N SER C 248 -14.86 34.27 20.21
CA SER C 248 -16.25 34.61 20.43
C SER C 248 -17.06 33.34 20.67
N VAL C 249 -17.94 33.39 21.65
CA VAL C 249 -18.84 32.27 21.96
C VAL C 249 -20.28 32.78 21.93
N ARG C 250 -21.14 32.04 21.21
CA ARG C 250 -22.58 32.32 21.08
C ARG C 250 -22.85 33.71 20.52
N ASP C 251 -22.22 34.01 19.38
CA ASP C 251 -22.24 35.29 18.64
C ASP C 251 -22.09 36.52 19.56
N ALA C 252 -21.07 36.47 20.41
CA ALA C 252 -20.75 37.57 21.31
C ALA C 252 -19.26 37.51 21.63
N ALA C 253 -18.63 38.67 21.75
CA ALA C 253 -17.19 38.73 21.99
C ALA C 253 -16.86 38.28 23.40
N ALA C 254 -15.61 37.81 23.59
CA ALA C 254 -15.26 37.15 24.83
C ALA C 254 -13.74 37.18 25.01
N ILE C 255 -13.33 37.28 26.26
CA ILE C 255 -11.94 37.09 26.64
C ILE C 255 -11.80 35.66 27.14
N HIS C 256 -10.58 35.15 27.11
CA HIS C 256 -10.32 33.80 27.59
C HIS C 256 -10.40 33.72 29.10
N SER C 257 -10.42 32.49 29.61
CA SER C 257 -10.37 32.28 31.05
C SER C 257 -8.94 32.25 31.56
N GLN C 258 -7.97 31.93 30.71
CA GLN C 258 -6.59 31.79 31.17
C GLN C 258 -5.85 33.13 31.23
N LYS C 259 -6.16 34.07 30.35
CA LYS C 259 -5.65 35.43 30.54
C LYS C 259 -6.31 36.11 31.73
N ILE C 260 -7.59 35.81 31.98
CA ILE C 260 -8.27 36.33 33.16
C ILE C 260 -7.66 35.73 34.42
N GLY C 261 -7.29 34.45 34.37
CA GLY C 261 -6.63 33.83 35.50
C GLY C 261 -5.21 34.33 35.69
N ASN C 262 -4.53 34.69 34.60
CA ASN C 262 -3.21 35.30 34.72
C ASN C 262 -3.29 36.70 35.27
N ALA C 263 -4.40 37.40 35.03
CA ALA C 263 -4.57 38.75 35.55
C ALA C 263 -4.83 38.72 37.06
N LEU C 264 -5.59 37.74 37.54
CA LEU C 264 -5.82 37.59 38.97
C LEU C 264 -4.58 37.12 39.70
N ARG C 265 -3.66 36.47 39.01
CA ARG C 265 -2.53 35.80 39.64
C ARG C 265 -1.31 36.70 39.80
N THR C 266 -1.44 38.01 39.55
CA THR C 266 -0.32 38.93 39.70
C THR C 266 -0.07 39.15 41.19
N ILE C 267 0.65 38.21 41.79
CA ILE C 267 0.83 38.15 43.23
C ILE C 267 2.27 38.42 43.62
N ASP C 268 3.22 37.83 42.90
CA ASP C 268 4.63 37.81 43.31
C ASP C 268 5.24 39.18 43.07
N THR C 269 5.29 40.00 44.12
CA THR C 269 6.10 41.21 44.14
C THR C 269 7.41 40.98 44.89
N TRP C 270 7.88 39.73 44.94
CA TRP C 270 9.05 39.33 45.70
C TRP C 270 9.97 38.53 44.79
N TYR C 271 10.84 39.22 44.04
CA TYR C 271 11.85 38.60 43.21
C TYR C 271 13.21 39.20 43.52
N PRO C 272 14.26 38.71 42.87
CA PRO C 272 15.61 39.26 43.14
C PRO C 272 15.86 40.60 42.49
N ASP C 273 15.10 40.98 41.47
CA ASP C 273 15.30 42.24 40.78
C ASP C 273 14.54 43.36 41.49
N GLU C 274 14.55 44.55 40.91
CA GLU C 274 13.96 45.72 41.54
C GLU C 274 12.44 45.65 41.46
N ASP C 275 11.77 45.77 42.60
CA ASP C 275 10.31 45.73 42.67
C ASP C 275 9.66 47.07 42.38
N GLY C 276 10.43 48.09 41.97
CA GLY C 276 9.87 49.39 41.69
C GLY C 276 9.06 49.46 40.41
N LEU C 277 9.24 48.49 39.50
CA LEU C 277 8.44 48.47 38.28
C LEU C 277 7.02 48.01 38.57
N GLY C 278 6.88 46.87 39.25
CA GLY C 278 5.56 46.37 39.59
C GLY C 278 5.51 44.87 39.77
N PRO C 279 4.29 44.32 39.87
CA PRO C 279 4.15 42.89 40.16
C PRO C 279 4.30 42.03 38.92
N ILE C 280 4.64 40.76 39.16
CA ILE C 280 4.57 39.72 38.14
C ILE C 280 3.74 38.57 38.69
N ALA C 281 3.17 37.79 37.78
CA ALA C 281 2.39 36.63 38.18
C ALA C 281 3.29 35.47 38.56
N VAL C 282 2.79 34.64 39.49
CA VAL C 282 3.61 33.60 40.10
C VAL C 282 3.77 32.44 39.13
N GLU C 283 5.02 31.99 38.95
CA GLU C 283 5.39 30.94 38.03
C GLU C 283 6.64 30.28 38.56
N PRO C 284 6.86 28.98 38.29
CA PRO C 284 8.18 28.41 38.55
C PRO C 284 9.21 29.01 37.61
N TYR C 285 10.28 29.55 38.21
CA TYR C 285 11.17 30.53 37.58
C TYR C 285 10.35 31.65 36.95
N GLY C 286 9.69 32.41 37.83
CA GLY C 286 8.66 33.37 37.48
C GLY C 286 9.06 34.42 36.46
N SER C 287 8.55 34.28 35.25
CA SER C 287 9.07 34.97 34.08
C SER C 287 7.93 35.55 33.27
N VAL C 288 8.08 36.79 32.83
CA VAL C 288 7.18 37.39 31.87
C VAL C 288 7.89 37.27 30.52
N THR C 289 7.56 36.21 29.78
CA THR C 289 8.12 36.01 28.45
C THR C 289 7.61 37.02 27.44
N SER C 290 6.48 37.66 27.74
CA SER C 290 6.09 38.88 27.04
C SER C 290 7.17 39.95 27.14
N GLN C 291 7.71 40.13 28.34
CA GLN C 291 8.84 41.03 28.54
C GLN C 291 10.18 40.33 28.29
N GLY C 292 10.15 39.02 28.02
CA GLY C 292 11.31 38.29 27.52
C GLY C 292 12.49 38.23 28.47
N LYS C 293 12.24 38.16 29.76
CA LYS C 293 13.30 38.04 30.75
C LYS C 293 13.04 36.78 31.57
N ALA C 294 14.09 36.27 32.20
CA ALA C 294 13.98 35.11 33.07
C ALA C 294 14.33 35.56 34.49
N TYR C 295 13.32 36.07 35.19
CA TYR C 295 13.50 36.42 36.59
C TYR C 295 13.54 35.16 37.43
N ARG C 296 14.26 35.24 38.56
CA ARG C 296 14.44 34.15 39.52
C ARG C 296 15.03 32.92 38.83
N GLN C 297 16.19 33.14 38.22
CA GLN C 297 16.88 32.13 37.45
C GLN C 297 17.33 30.98 38.35
N PRO C 298 17.33 29.73 37.85
CA PRO C 298 17.56 28.57 38.74
C PRO C 298 18.97 28.44 39.30
N LYS C 299 19.91 29.32 38.96
CA LYS C 299 21.20 29.31 39.64
C LYS C 299 21.09 29.96 41.02
N GLN C 300 20.39 31.09 41.09
CA GLN C 300 20.14 31.77 42.36
C GLN C 300 18.89 31.18 43.01
N LYS C 301 18.96 31.02 44.34
CA LYS C 301 17.89 30.34 45.06
C LYS C 301 16.64 31.21 45.17
N LEU C 302 15.87 31.30 44.09
CA LEU C 302 14.60 32.02 44.11
C LEU C 302 13.52 31.29 43.31
N ASP C 303 13.67 30.00 43.06
CA ASP C 303 12.69 29.24 42.31
C ASP C 303 11.68 28.58 43.24
N PHE C 304 10.73 27.89 42.64
CA PHE C 304 9.78 27.11 43.42
C PHE C 304 10.32 25.75 43.79
N TYR C 305 11.08 25.13 42.87
CA TYR C 305 11.38 23.70 42.99
C TYR C 305 12.38 23.43 44.11
N THR C 306 13.58 24.01 44.01
CA THR C 306 14.64 23.71 44.97
C THR C 306 14.34 24.30 46.34
N LEU C 307 13.66 25.44 46.39
CA LEU C 307 13.27 26.00 47.69
C LEU C 307 12.10 25.23 48.29
N LEU C 308 11.26 24.60 47.46
CA LEU C 308 10.26 23.68 47.98
C LEU C 308 10.92 22.43 48.56
N ASP C 309 11.98 21.94 47.91
CA ASP C 309 12.75 20.83 48.48
C ASP C 309 13.45 21.22 49.77
N ASN C 310 13.84 22.49 49.90
CA ASN C 310 14.40 22.94 51.18
C ASN C 310 13.31 23.07 52.25
N TRP C 311 12.12 23.53 51.86
CA TRP C 311 11.03 23.72 52.82
C TRP C 311 10.43 22.41 53.29
N VAL C 312 10.55 21.35 52.50
CA VAL C 312 9.93 20.07 52.80
C VAL C 312 10.96 19.01 53.18
N LEU C 313 11.95 18.77 52.32
CA LEU C 313 12.86 17.65 52.55
C LEU C 313 13.97 17.99 53.53
N ARG C 314 14.61 19.14 53.36
CA ARG C 314 15.69 19.53 54.25
C ARG C 314 15.22 20.42 55.41
N ASP C 315 13.94 20.80 55.43
CA ASP C 315 13.29 21.52 56.54
C ASP C 315 13.93 22.88 56.81
N GLU C 316 14.37 23.54 55.74
CA GLU C 316 14.86 24.91 55.83
C GLU C 316 13.74 25.85 55.42
N ALA C 317 13.35 26.75 56.33
CA ALA C 317 12.19 27.60 56.14
C ALA C 317 12.62 29.03 55.86
N PRO C 318 12.51 29.53 54.62
CA PRO C 318 12.70 30.97 54.38
C PRO C 318 11.52 31.78 54.88
N ALA C 319 11.61 33.10 54.73
CA ALA C 319 10.68 34.02 55.39
C ALA C 319 9.29 33.95 54.76
N VAL C 320 8.41 34.81 55.26
CA VAL C 320 6.99 34.80 54.87
C VAL C 320 6.79 35.13 53.38
N GLU C 321 7.76 35.82 52.76
CA GLU C 321 7.70 36.08 51.33
C GLU C 321 7.85 34.79 50.51
N GLN C 322 8.84 33.96 50.86
CA GLN C 322 9.06 32.75 50.07
C GLN C 322 8.03 31.68 50.41
N GLN C 323 7.58 31.67 51.67
CA GLN C 323 6.44 30.84 52.04
C GLN C 323 5.21 31.22 51.24
N HIS C 324 4.97 32.53 51.10
CA HIS C 324 3.86 33.04 50.31
C HIS C 324 3.98 32.65 48.85
N TYR C 325 5.21 32.68 48.31
CA TYR C 325 5.45 32.32 46.92
C TYR C 325 5.19 30.84 46.68
N VAL C 326 5.64 29.98 47.60
CA VAL C 326 5.45 28.54 47.45
C VAL C 326 3.97 28.17 47.58
N ILE C 327 3.25 28.79 48.54
CA ILE C 327 1.85 28.42 48.69
C ILE C 327 1.01 29.03 47.57
N ALA C 328 1.42 30.17 46.99
CA ALA C 328 0.70 30.70 45.85
C ALA C 328 0.94 29.88 44.60
N ASN C 329 2.16 29.35 44.45
CA ASN C 329 2.43 28.47 43.32
C ASN C 329 1.69 27.15 43.46
N LEU C 330 1.51 26.66 44.69
CA LEU C 330 0.69 25.47 44.88
C LEU C 330 -0.81 25.76 44.73
N ILE C 331 -1.21 27.01 44.98
CA ILE C 331 -2.57 27.43 44.66
C ILE C 331 -2.79 27.43 43.16
N ARG C 332 -1.76 27.83 42.40
CA ARG C 332 -1.85 27.84 40.94
C ARG C 332 -2.06 26.44 40.36
N GLY C 333 -1.36 25.46 40.89
CA GLY C 333 -1.51 24.09 40.43
C GLY C 333 -0.68 23.80 39.19
N GLY C 334 -0.40 22.52 39.00
CA GLY C 334 0.43 22.11 37.89
C GLY C 334 1.13 20.80 38.19
N VAL C 335 2.18 20.54 37.42
CA VAL C 335 2.93 19.29 37.49
C VAL C 335 4.32 19.59 38.02
N PHE C 336 4.59 19.13 39.24
CA PHE C 336 5.94 19.14 39.79
C PHE C 336 6.38 17.69 39.97
N GLY C 337 7.68 17.48 39.97
CA GLY C 337 8.15 16.13 40.14
C GLY C 337 9.00 15.71 38.97
N GLU C 338 10.09 15.00 39.27
CA GLU C 338 10.99 14.46 38.28
C GLU C 338 10.31 13.37 37.46
N VAL D 3 48.60 -8.20 -28.81
CA VAL D 3 47.47 -7.31 -28.56
C VAL D 3 47.90 -5.87 -28.77
N THR D 4 46.93 -4.97 -28.97
CA THR D 4 47.22 -3.56 -29.22
C THR D 4 46.17 -2.74 -28.49
N ASP D 5 46.37 -1.42 -28.45
CA ASP D 5 45.47 -0.51 -27.74
C ASP D 5 44.49 0.11 -28.72
N PRO D 6 43.23 0.23 -28.34
CA PRO D 6 42.22 0.78 -29.26
C PRO D 6 42.38 2.27 -29.47
N GLU D 7 42.05 2.72 -30.68
CA GLU D 7 41.95 4.13 -30.99
C GLU D 7 40.54 4.66 -30.80
N ALA D 8 39.54 3.77 -30.74
CA ALA D 8 38.18 4.16 -30.46
C ALA D 8 37.45 2.95 -29.88
N LEU D 9 36.36 3.23 -29.18
CA LEU D 9 35.54 2.18 -28.60
C LEU D 9 34.13 2.30 -29.16
N LEU D 10 33.58 1.17 -29.60
CA LEU D 10 32.29 1.10 -30.26
C LEU D 10 31.32 0.41 -29.33
N LEU D 11 30.24 1.10 -28.97
CA LEU D 11 29.21 0.55 -28.10
C LEU D 11 28.00 0.15 -28.95
N LEU D 12 27.82 -1.17 -29.09
CA LEU D 12 26.55 -1.72 -29.53
C LEU D 12 25.60 -1.79 -28.35
N PRO D 13 24.38 -1.25 -28.46
CA PRO D 13 23.43 -1.25 -27.34
C PRO D 13 22.84 -2.63 -27.07
N ARG D 14 21.76 -2.65 -26.27
CA ARG D 14 21.23 -3.85 -25.63
C ARG D 14 20.79 -4.91 -26.64
N LEU D 15 21.63 -5.93 -26.79
CA LEU D 15 21.39 -6.98 -27.78
C LEU D 15 20.55 -8.09 -27.16
N SER D 16 19.49 -8.48 -27.84
CA SER D 16 18.58 -9.52 -27.37
C SER D 16 18.80 -10.77 -28.21
N ILE D 17 19.16 -11.87 -27.54
CA ILE D 17 19.41 -13.15 -28.19
C ILE D 17 18.37 -14.13 -27.67
N GLN D 18 17.69 -14.83 -28.60
CA GLN D 18 16.55 -15.65 -28.21
C GLN D 18 16.95 -17.03 -27.70
N ASN D 19 17.74 -17.80 -28.45
CA ASN D 19 18.14 -19.15 -28.02
C ASN D 19 19.65 -19.27 -28.11
N ALA D 20 20.35 -18.79 -27.08
CA ALA D 20 21.79 -18.92 -27.04
C ALA D 20 22.16 -20.27 -26.47
N ASN D 21 23.44 -20.60 -26.51
CA ASN D 21 23.92 -21.87 -25.99
C ASN D 21 24.26 -21.67 -24.53
N ALA D 22 23.37 -22.14 -23.64
CA ALA D 22 23.62 -22.04 -22.21
C ALA D 22 24.74 -22.99 -21.78
N ILE D 23 24.90 -24.12 -22.49
CA ILE D 23 26.04 -24.98 -22.26
C ILE D 23 27.27 -24.36 -22.91
N SER D 24 28.24 -23.97 -22.09
CA SER D 24 29.44 -23.31 -22.57
C SER D 24 30.69 -24.16 -22.47
N SER D 25 30.60 -25.33 -21.85
CA SER D 25 31.76 -26.18 -21.59
C SER D 25 31.27 -27.61 -21.45
N PRO D 26 32.17 -28.57 -21.34
CA PRO D 26 31.78 -29.88 -20.79
C PRO D 26 31.51 -29.86 -19.29
N LEU D 27 31.77 -28.75 -18.58
CA LEU D 27 31.55 -28.69 -17.15
C LEU D 27 30.76 -27.49 -16.66
N THR D 28 30.74 -26.38 -17.38
CA THR D 28 30.08 -25.17 -16.89
C THR D 28 28.88 -24.84 -17.75
N TRP D 29 27.74 -24.59 -17.10
CA TRP D 29 26.53 -24.15 -17.76
C TRP D 29 26.18 -22.75 -17.29
N GLY D 30 25.38 -22.06 -18.09
CA GLY D 30 24.96 -20.72 -17.74
C GLY D 30 25.21 -19.72 -18.83
N PHE D 31 26.07 -18.76 -18.57
CA PHE D 31 26.42 -17.78 -19.58
C PHE D 31 27.28 -18.43 -20.66
N PRO D 32 27.11 -18.03 -21.93
CA PRO D 32 27.94 -18.59 -23.00
C PRO D 32 29.41 -18.24 -22.84
N SER D 33 30.23 -18.94 -23.61
CA SER D 33 31.67 -18.70 -23.62
C SER D 33 31.97 -17.33 -24.20
N PRO D 34 32.93 -16.60 -23.64
CA PRO D 34 33.33 -15.32 -24.24
C PRO D 34 34.09 -15.47 -25.54
N GLY D 35 34.60 -16.67 -25.82
CA GLY D 35 35.15 -16.96 -27.13
C GLY D 35 34.13 -16.87 -28.24
N ALA D 36 32.85 -17.12 -27.92
CA ALA D 36 31.78 -16.87 -28.87
C ALA D 36 31.65 -15.40 -29.20
N PHE D 37 31.85 -14.53 -28.21
CA PHE D 37 31.76 -13.09 -28.45
C PHE D 37 32.96 -12.59 -29.24
N THR D 38 34.16 -13.10 -28.93
CA THR D 38 35.35 -12.73 -29.71
C THR D 38 35.26 -13.25 -31.15
N GLY D 39 34.71 -14.45 -31.34
CA GLY D 39 34.47 -14.94 -32.69
C GLY D 39 33.41 -14.16 -33.43
N PHE D 40 32.42 -13.64 -32.70
CA PHE D 40 31.42 -12.77 -33.30
C PHE D 40 32.04 -11.47 -33.80
N VAL D 41 32.92 -10.87 -33.01
CA VAL D 41 33.55 -9.62 -33.46
C VAL D 41 34.54 -9.88 -34.60
N HIS D 42 35.22 -11.03 -34.59
CA HIS D 42 36.09 -11.38 -35.71
C HIS D 42 35.29 -11.63 -36.98
N ALA D 43 34.13 -12.27 -36.86
CA ALA D 43 33.27 -12.48 -38.02
C ALA D 43 32.70 -11.16 -38.52
N LEU D 44 32.36 -10.26 -37.61
CA LEU D 44 31.86 -8.94 -38.01
C LEU D 44 32.97 -8.10 -38.63
N GLN D 45 34.22 -8.39 -38.31
CA GLN D 45 35.34 -7.77 -39.02
C GLN D 45 35.47 -8.35 -40.42
N ARG D 46 35.24 -9.65 -40.56
CA ARG D 46 35.29 -10.26 -41.90
C ARG D 46 34.16 -9.75 -42.80
N ARG D 47 32.99 -9.44 -42.22
CA ARG D 47 31.87 -9.01 -43.06
C ARG D 47 31.96 -7.53 -43.39
N VAL D 48 32.14 -6.67 -42.39
CA VAL D 48 32.00 -5.23 -42.56
C VAL D 48 33.25 -4.45 -42.17
N GLY D 49 34.23 -5.08 -41.51
CA GLY D 49 35.41 -4.35 -41.12
C GLY D 49 36.42 -4.11 -42.21
N ILE D 50 36.31 -4.82 -43.34
CA ILE D 50 37.31 -4.70 -44.38
C ILE D 50 37.01 -3.51 -45.29
N SER D 51 35.74 -3.27 -45.61
CA SER D 51 35.37 -2.18 -46.49
C SER D 51 35.57 -0.82 -45.86
N LEU D 52 35.54 -0.72 -44.52
CA LEU D 52 35.77 0.53 -43.82
C LEU D 52 37.23 0.72 -43.41
N ASP D 53 38.06 -0.30 -43.60
CA ASP D 53 39.46 -0.35 -43.15
C ASP D 53 39.57 -0.15 -41.64
N ILE D 54 38.95 -1.07 -40.90
CA ILE D 54 39.02 -1.11 -39.45
C ILE D 54 39.32 -2.54 -39.01
N GLU D 55 40.37 -2.71 -38.20
CA GLU D 55 40.63 -3.99 -37.59
C GLU D 55 39.96 -4.02 -36.21
N LEU D 56 39.10 -5.02 -36.00
CA LEU D 56 38.22 -5.06 -34.83
C LEU D 56 38.67 -6.18 -33.91
N ASP D 57 39.29 -5.82 -32.79
CA ASP D 57 39.71 -6.78 -31.79
C ASP D 57 39.30 -6.30 -30.40
N GLY D 58 39.00 -7.26 -29.52
CA GLY D 58 38.63 -6.96 -28.15
C GLY D 58 37.17 -6.57 -28.00
N VAL D 59 36.46 -7.20 -27.07
CA VAL D 59 35.03 -7.03 -26.90
C VAL D 59 34.67 -7.07 -25.42
N GLY D 60 33.80 -6.13 -24.99
CA GLY D 60 33.27 -6.16 -23.64
C GLY D 60 31.91 -6.83 -23.56
N ILE D 61 31.58 -7.33 -22.37
CA ILE D 61 30.39 -8.15 -22.13
C ILE D 61 29.70 -7.59 -20.89
N VAL D 62 28.49 -7.04 -21.06
CA VAL D 62 27.89 -6.32 -19.93
C VAL D 62 26.63 -6.97 -19.36
N CYS D 63 25.92 -7.79 -20.16
CA CYS D 63 24.90 -8.74 -19.70
C CYS D 63 23.76 -8.08 -18.91
N HIS D 64 22.91 -7.34 -19.62
CA HIS D 64 21.81 -6.63 -18.98
C HIS D 64 20.82 -7.59 -18.30
N ARG D 65 20.47 -8.70 -18.95
CA ARG D 65 19.66 -9.71 -18.26
C ARG D 65 19.87 -11.09 -18.88
N PHE D 66 19.41 -12.10 -18.16
CA PHE D 66 19.69 -13.49 -18.49
C PHE D 66 18.55 -14.35 -17.95
N GLU D 67 17.91 -15.13 -18.83
CA GLU D 67 16.81 -16.02 -18.44
C GLU D 67 17.04 -17.38 -19.09
N ALA D 68 17.45 -18.35 -18.29
CA ALA D 68 17.74 -19.69 -18.78
C ALA D 68 16.48 -20.54 -18.78
N GLN D 69 16.28 -21.31 -19.85
CA GLN D 69 15.12 -22.17 -19.99
C GLN D 69 15.39 -23.49 -19.26
N ILE D 70 15.31 -23.42 -17.93
CA ILE D 70 15.53 -24.57 -17.07
C ILE D 70 14.30 -24.79 -16.22
N SER D 71 14.21 -25.99 -15.65
CA SER D 71 13.12 -26.35 -14.75
C SER D 71 13.71 -27.18 -13.62
N GLN D 72 13.33 -26.85 -12.39
CA GLN D 72 13.69 -27.70 -11.27
C GLN D 72 12.66 -28.80 -11.12
N PRO D 73 13.06 -30.08 -11.22
CA PRO D 73 12.11 -31.16 -11.00
C PRO D 73 11.68 -31.24 -9.54
N ALA D 74 10.38 -31.46 -9.33
CA ALA D 74 9.86 -31.59 -7.98
C ALA D 74 10.36 -32.87 -7.34
N GLY D 75 11.09 -32.74 -6.25
CA GLY D 75 11.71 -33.87 -5.59
C GLY D 75 13.20 -33.99 -5.78
N LYS D 76 13.84 -33.03 -6.45
CA LYS D 76 15.29 -33.02 -6.61
C LYS D 76 15.78 -31.59 -6.50
N ARG D 77 17.01 -31.44 -6.00
CA ARG D 77 17.60 -30.12 -5.83
C ARG D 77 18.12 -29.54 -7.14
N THR D 78 18.68 -30.39 -8.00
CA THR D 78 19.31 -29.94 -9.23
C THR D 78 18.27 -29.53 -10.27
N LYS D 79 18.75 -29.10 -11.43
CA LYS D 79 17.90 -28.54 -12.47
C LYS D 79 18.11 -29.30 -13.78
N VAL D 80 17.09 -29.28 -14.64
CA VAL D 80 17.17 -29.89 -15.96
C VAL D 80 16.73 -28.85 -16.99
N PHE D 81 16.94 -29.18 -18.26
CA PHE D 81 16.72 -28.25 -19.36
C PHE D 81 15.42 -28.55 -20.08
N ASN D 82 14.74 -27.48 -20.50
CA ASN D 82 13.58 -27.60 -21.38
C ASN D 82 14.06 -27.75 -22.81
N LEU D 83 13.73 -28.87 -23.45
CA LEU D 83 14.24 -29.20 -24.77
C LEU D 83 13.22 -28.84 -25.84
N THR D 84 13.63 -29.02 -27.10
CA THR D 84 12.76 -28.91 -28.25
C THR D 84 12.65 -30.27 -28.92
N ARG D 85 11.63 -30.43 -29.74
CA ARG D 85 11.30 -31.74 -30.32
C ARG D 85 11.76 -31.81 -31.77
N ASN D 86 12.29 -33.00 -32.16
CA ASN D 86 12.90 -33.32 -33.45
C ASN D 86 11.96 -34.13 -34.33
N PRO D 87 12.07 -34.02 -35.67
CA PRO D 87 11.20 -34.81 -36.55
C PRO D 87 11.56 -36.29 -36.61
N LEU D 88 10.77 -37.06 -37.36
CA LEU D 88 10.94 -38.50 -37.43
C LEU D 88 12.10 -38.87 -38.35
N ASN D 89 12.60 -40.10 -38.19
CA ASN D 89 13.85 -40.44 -38.85
C ASN D 89 13.64 -40.85 -40.30
N ARG D 90 13.06 -42.03 -40.52
CA ARG D 90 12.85 -42.52 -41.89
C ARG D 90 11.54 -43.25 -42.10
N ASP D 91 10.94 -43.85 -41.08
CA ASP D 91 9.73 -44.64 -41.25
C ASP D 91 8.58 -44.14 -40.38
N GLY D 92 8.83 -43.20 -39.49
CA GLY D 92 7.89 -42.78 -38.47
C GLY D 92 8.30 -43.38 -37.15
N SER D 93 9.04 -42.61 -36.36
CA SER D 93 9.60 -42.98 -35.07
C SER D 93 10.22 -41.73 -34.46
N THR D 94 10.07 -41.58 -33.15
CA THR D 94 10.66 -40.43 -32.48
C THR D 94 12.17 -40.58 -32.40
N ALA D 95 12.88 -39.51 -32.75
CA ALA D 95 14.33 -39.55 -32.81
C ALA D 95 14.93 -39.57 -31.41
N ALA D 96 16.23 -39.87 -31.35
CA ALA D 96 16.97 -39.73 -30.11
C ALA D 96 17.14 -38.25 -29.80
N ILE D 97 16.71 -37.84 -28.61
CA ILE D 97 16.69 -36.42 -28.26
C ILE D 97 18.09 -35.97 -27.90
N VAL D 98 18.52 -34.86 -28.51
CA VAL D 98 19.82 -34.26 -28.23
C VAL D 98 19.62 -33.15 -27.22
N GLU D 99 20.43 -33.16 -26.16
CA GLU D 99 20.30 -32.19 -25.08
C GLU D 99 21.03 -30.92 -25.47
N GLU D 100 20.27 -29.85 -25.70
CA GLU D 100 20.82 -28.53 -25.97
C GLU D 100 20.15 -27.54 -25.04
N GLY D 101 20.95 -26.86 -24.23
CA GLY D 101 20.43 -25.82 -23.35
C GLY D 101 20.25 -24.52 -24.10
N ARG D 102 19.17 -23.83 -23.78
CA ARG D 102 18.86 -22.55 -24.41
C ARG D 102 18.63 -21.49 -23.34
N ALA D 103 19.02 -20.27 -23.65
CA ALA D 103 18.86 -19.17 -22.72
C ALA D 103 18.63 -17.88 -23.50
N HIS D 104 17.65 -17.10 -23.04
CA HIS D 104 17.44 -15.77 -23.56
C HIS D 104 18.41 -14.81 -22.90
N LEU D 105 19.11 -14.01 -23.69
CA LEU D 105 20.14 -13.12 -23.19
C LEU D 105 19.84 -11.69 -23.64
N GLU D 106 20.28 -10.73 -22.84
CA GLU D 106 20.33 -9.33 -23.25
C GLU D 106 21.67 -8.80 -22.78
N VAL D 107 22.59 -8.65 -23.72
CA VAL D 107 23.94 -8.16 -23.48
C VAL D 107 24.25 -7.07 -24.50
N SER D 108 24.80 -5.95 -24.03
CA SER D 108 25.34 -4.93 -24.90
C SER D 108 26.84 -5.12 -25.01
N LEU D 109 27.42 -4.63 -26.10
CA LEU D 109 28.81 -4.90 -26.38
C LEU D 109 29.58 -3.60 -26.50
N LEU D 110 30.82 -3.61 -26.03
CA LEU D 110 31.78 -2.56 -26.36
C LEU D 110 33.01 -3.25 -26.92
N LEU D 111 33.35 -2.91 -28.17
CA LEU D 111 34.47 -3.52 -28.85
C LEU D 111 35.45 -2.45 -29.30
N GLY D 112 36.65 -2.91 -29.65
CA GLY D 112 37.75 -1.99 -29.90
C GLY D 112 38.04 -1.68 -31.35
N VAL D 113 37.64 -0.49 -31.82
CA VAL D 113 38.02 -0.04 -33.15
C VAL D 113 39.46 0.42 -33.10
N HIS D 114 40.29 -0.13 -33.98
CA HIS D 114 41.73 -0.03 -33.85
C HIS D 114 42.40 0.49 -35.12
N GLY D 115 41.78 0.24 -36.27
CA GLY D 115 42.39 0.51 -37.55
C GLY D 115 42.39 1.98 -37.93
N ASP D 116 42.68 2.22 -39.20
CA ASP D 116 42.90 3.57 -39.74
C ASP D 116 41.79 3.99 -40.70
N GLY D 117 40.54 3.69 -40.36
CA GLY D 117 39.42 4.01 -41.22
C GLY D 117 38.60 5.23 -40.85
N LEU D 118 38.82 5.80 -39.67
CA LEU D 118 38.12 7.01 -39.26
C LEU D 118 39.16 8.08 -39.05
N ASP D 119 39.06 9.17 -39.82
CA ASP D 119 39.88 10.35 -39.58
C ASP D 119 39.04 11.57 -39.19
N ASP D 120 38.18 12.05 -40.09
CA ASP D 120 37.20 13.06 -39.69
C ASP D 120 35.86 12.93 -40.40
N HIS D 121 35.83 12.24 -41.54
CA HIS D 121 34.62 12.28 -42.37
C HIS D 121 33.54 11.29 -41.91
N PRO D 122 33.79 9.95 -41.81
CA PRO D 122 32.66 9.12 -41.35
C PRO D 122 32.60 9.05 -39.83
N ALA D 123 32.08 10.12 -39.22
CA ALA D 123 32.19 10.29 -37.77
C ALA D 123 31.24 9.36 -37.02
N GLN D 124 30.04 9.10 -37.55
CA GLN D 124 29.10 8.22 -36.90
C GLN D 124 28.54 7.13 -37.81
N GLU D 125 28.93 7.11 -39.09
CA GLU D 125 28.38 6.15 -40.04
C GLU D 125 28.98 4.76 -39.86
N ILE D 126 30.20 4.68 -39.34
CA ILE D 126 30.86 3.41 -39.08
C ILE D 126 30.10 2.62 -38.02
N ALA D 127 29.65 3.30 -36.96
CA ALA D 127 28.90 2.66 -35.90
C ALA D 127 27.55 2.16 -36.38
N ARG D 128 26.88 2.94 -37.24
CA ARG D 128 25.59 2.54 -37.78
C ARG D 128 25.72 1.36 -38.73
N GLN D 129 26.79 1.32 -39.53
CA GLN D 129 26.96 0.19 -40.45
C GLN D 129 27.32 -1.09 -39.71
N VAL D 130 28.13 -0.98 -38.64
CA VAL D 130 28.43 -2.17 -37.85
C VAL D 130 27.19 -2.65 -37.10
N GLN D 131 26.33 -1.72 -36.67
CA GLN D 131 25.08 -2.12 -36.01
C GLN D 131 24.11 -2.77 -37.01
N GLU D 132 24.07 -2.29 -38.25
CA GLU D 132 23.20 -2.91 -39.25
C GLU D 132 23.75 -4.21 -39.79
N GLN D 133 25.05 -4.48 -39.63
CA GLN D 133 25.55 -5.80 -40.00
C GLN D 133 25.54 -6.78 -38.84
N ALA D 134 25.51 -6.30 -37.60
CA ALA D 134 25.48 -7.19 -36.46
C ALA D 134 24.11 -7.79 -36.21
N GLY D 135 23.05 -7.20 -36.77
CA GLY D 135 21.71 -7.69 -36.51
C GLY D 135 21.40 -8.99 -37.22
N ALA D 136 21.89 -9.14 -38.44
CA ALA D 136 21.65 -10.36 -39.22
C ALA D 136 22.77 -11.38 -39.03
N MET D 137 23.07 -11.66 -37.77
CA MET D 137 24.12 -12.62 -37.40
C MET D 137 23.64 -13.36 -36.15
N ARG D 138 24.54 -14.17 -35.58
CA ARG D 138 24.27 -14.85 -34.32
C ARG D 138 25.42 -14.61 -33.35
N LEU D 139 25.12 -14.77 -32.06
CA LEU D 139 26.07 -14.44 -31.00
C LEU D 139 26.53 -15.65 -30.21
N ALA D 140 25.66 -16.59 -29.90
CA ALA D 140 26.08 -17.83 -29.24
C ALA D 140 25.34 -19.02 -29.80
N GLY D 141 24.96 -18.97 -31.07
CA GLY D 141 24.08 -19.96 -31.65
C GLY D 141 22.65 -19.52 -31.77
N GLY D 142 22.33 -18.30 -31.37
CA GLY D 142 20.96 -17.82 -31.41
C GLY D 142 20.85 -16.50 -32.14
N SER D 143 19.70 -16.30 -32.76
CA SER D 143 19.49 -15.12 -33.57
C SER D 143 19.30 -13.89 -32.70
N ILE D 144 19.83 -12.77 -33.18
CA ILE D 144 19.68 -11.50 -32.49
C ILE D 144 18.32 -10.92 -32.86
N LEU D 145 17.59 -10.44 -31.85
CA LEU D 145 16.22 -9.98 -32.05
C LEU D 145 16.20 -8.71 -32.90
N PRO D 146 15.20 -8.56 -33.77
CA PRO D 146 15.20 -7.44 -34.71
C PRO D 146 14.88 -6.08 -34.11
N TRP D 147 14.25 -6.05 -32.93
CA TRP D 147 13.78 -4.83 -32.26
C TRP D 147 12.82 -4.05 -33.16
N CYS D 148 11.63 -4.62 -33.32
CA CYS D 148 10.54 -3.91 -33.96
C CYS D 148 10.07 -2.75 -33.07
N ASN D 149 9.25 -1.88 -33.65
CA ASN D 149 8.91 -0.60 -33.05
C ASN D 149 8.00 -0.79 -31.84
N GLU D 150 8.51 -0.48 -30.65
CA GLU D 150 7.71 -0.51 -29.44
C GLU D 150 7.53 0.89 -28.85
N ARG D 151 8.60 1.56 -28.45
CA ARG D 151 8.47 2.96 -28.02
C ARG D 151 9.52 3.88 -28.63
N PHE D 152 10.78 3.42 -28.68
CA PHE D 152 11.94 4.24 -29.03
C PHE D 152 13.16 3.35 -29.24
N PRO D 153 14.01 3.62 -30.23
CA PRO D 153 15.14 2.72 -30.50
C PRO D 153 16.32 2.96 -29.58
N ALA D 154 17.40 2.23 -29.84
CA ALA D 154 18.64 2.34 -29.07
C ALA D 154 19.78 2.52 -30.06
N PRO D 155 20.37 3.70 -30.14
CA PRO D 155 21.39 3.96 -31.17
C PRO D 155 22.75 3.39 -30.78
N ASN D 156 23.63 3.33 -31.77
CA ASN D 156 25.00 2.87 -31.58
C ASN D 156 25.84 4.03 -31.04
N ALA D 157 27.08 3.72 -30.65
CA ALA D 157 27.97 4.77 -30.17
C ALA D 157 29.39 4.50 -30.61
N GLU D 158 30.12 5.58 -30.90
CA GLU D 158 31.55 5.50 -31.22
C GLU D 158 32.26 6.63 -30.49
N LEU D 159 33.11 6.31 -29.53
CA LEU D 159 33.83 7.31 -28.74
C LEU D 159 35.32 7.12 -28.90
N LEU D 160 36.03 8.20 -29.21
CA LEU D 160 37.46 8.16 -29.43
C LEU D 160 38.17 8.56 -28.14
N MET D 161 38.97 7.64 -27.58
CA MET D 161 39.65 7.91 -26.32
C MET D 161 40.77 8.94 -26.50
N LEU D 162 41.34 9.03 -27.71
CA LEU D 162 42.30 10.09 -27.99
C LEU D 162 41.63 11.41 -28.35
N GLY D 163 40.33 11.39 -28.61
CA GLY D 163 39.62 12.61 -28.99
C GLY D 163 39.23 13.47 -27.80
N GLY D 164 40.20 14.14 -27.22
CA GLY D 164 39.98 15.02 -26.08
C GLY D 164 41.12 14.96 -25.10
N SER D 165 41.05 15.83 -24.09
CA SER D 165 42.06 15.91 -23.05
C SER D 165 41.84 14.83 -22.00
N ASP D 166 42.50 14.95 -20.85
CA ASP D 166 42.33 13.97 -19.79
C ASP D 166 40.96 14.08 -19.13
N GLU D 167 40.50 15.31 -18.87
CA GLU D 167 39.17 15.46 -18.31
C GLU D 167 38.09 15.19 -19.35
N GLN D 168 38.38 15.38 -20.64
CA GLN D 168 37.45 14.93 -21.67
C GLN D 168 37.40 13.42 -21.74
N ARG D 169 38.53 12.74 -21.50
CA ARG D 169 38.55 11.29 -21.43
C ARG D 169 37.71 10.78 -20.26
N ARG D 170 37.87 11.40 -19.09
CA ARG D 170 37.09 10.99 -17.93
C ARG D 170 35.60 11.32 -18.08
N LYS D 171 35.28 12.45 -18.72
CA LYS D 171 33.88 12.82 -18.88
C LYS D 171 33.19 11.93 -19.90
N ASN D 172 33.87 11.61 -21.01
CA ASN D 172 33.29 10.73 -22.00
C ASN D 172 33.19 9.30 -21.47
N GLN D 173 34.13 8.88 -20.63
CA GLN D 173 34.04 7.56 -20.04
C GLN D 173 32.91 7.48 -19.02
N ARG D 174 32.69 8.56 -18.27
CA ARG D 174 31.58 8.59 -17.32
C ARG D 174 30.23 8.65 -18.03
N ARG D 175 30.16 9.37 -19.15
CA ARG D 175 28.92 9.44 -19.91
C ARG D 175 28.63 8.13 -20.64
N LEU D 176 29.67 7.43 -21.08
CA LEU D 176 29.45 6.15 -21.74
C LEU D 176 29.09 5.07 -20.73
N THR D 177 29.74 5.07 -19.56
CA THR D 177 29.54 4.01 -18.58
C THR D 177 28.19 4.08 -17.87
N ARG D 178 27.46 5.19 -18.03
CA ARG D 178 26.08 5.25 -17.55
C ARG D 178 25.11 4.60 -18.53
N ARG D 179 25.49 4.49 -19.80
CA ARG D 179 24.65 3.86 -20.81
C ARG D 179 24.67 2.35 -20.75
N LEU D 180 25.50 1.74 -19.90
CA LEU D 180 25.52 0.30 -19.72
C LEU D 180 25.45 -0.06 -18.24
N LEU D 181 24.76 0.76 -17.45
CA LEU D 181 24.75 0.68 -15.99
C LEU D 181 23.92 -0.45 -15.36
N PRO D 182 22.74 -0.85 -15.85
CA PRO D 182 22.05 -2.00 -15.21
C PRO D 182 22.73 -3.36 -15.33
N GLY D 183 23.91 -3.48 -15.92
CA GLY D 183 24.54 -4.74 -16.16
C GLY D 183 25.83 -4.93 -15.36
N PHE D 184 26.48 -6.05 -15.64
CA PHE D 184 27.68 -6.49 -14.93
C PHE D 184 28.73 -6.92 -15.93
N ALA D 185 29.92 -6.34 -15.84
CA ALA D 185 30.98 -6.67 -16.80
C ALA D 185 31.69 -7.94 -16.37
N LEU D 186 32.13 -8.72 -17.36
CA LEU D 186 32.83 -9.97 -17.09
C LEU D 186 34.31 -9.77 -17.39
N VAL D 187 35.15 -9.94 -16.36
CA VAL D 187 36.59 -9.85 -16.52
C VAL D 187 37.21 -11.18 -16.13
N SER D 188 38.40 -11.44 -16.66
CA SER D 188 39.12 -12.69 -16.42
C SER D 188 40.16 -12.48 -15.34
N ARG D 189 40.20 -13.40 -14.39
CA ARG D 189 41.06 -13.31 -13.21
C ARG D 189 41.89 -14.59 -13.12
N GLU D 190 43.04 -14.59 -13.77
CA GLU D 190 43.95 -15.72 -13.73
C GLU D 190 44.93 -15.63 -12.56
N ALA D 191 45.37 -14.41 -12.24
CA ALA D 191 46.32 -14.20 -11.15
C ALA D 191 45.72 -14.52 -9.79
N LEU D 192 44.43 -14.21 -9.61
CA LEU D 192 43.76 -14.52 -8.35
C LEU D 192 43.65 -16.02 -8.12
N LEU D 193 43.35 -16.77 -9.18
CA LEU D 193 43.32 -18.22 -9.08
C LEU D 193 44.70 -18.79 -8.84
N GLN D 194 45.74 -18.16 -9.37
CA GLN D 194 47.09 -18.62 -9.07
C GLN D 194 47.49 -18.30 -7.63
N GLN D 195 47.02 -17.16 -7.09
CA GLN D 195 47.23 -16.86 -5.67
C GLN D 195 46.53 -17.87 -4.77
N HIS D 196 45.32 -18.28 -5.14
CA HIS D 196 44.60 -19.29 -4.37
C HIS D 196 45.28 -20.65 -4.45
N LEU D 197 45.84 -20.98 -5.61
CA LEU D 197 46.61 -22.22 -5.74
C LEU D 197 47.90 -22.14 -4.92
N GLU D 198 48.50 -20.95 -4.83
CA GLU D 198 49.71 -20.79 -4.03
C GLU D 198 49.43 -20.97 -2.54
N THR D 199 48.37 -20.34 -2.04
CA THR D 199 48.11 -20.44 -0.60
C THR D 199 47.50 -21.79 -0.24
N LEU D 200 46.86 -22.46 -1.19
CA LEU D 200 46.19 -23.73 -0.87
C LEU D 200 47.18 -24.87 -0.82
N ARG D 201 48.14 -24.89 -1.74
CA ARG D 201 49.06 -26.01 -1.90
C ARG D 201 50.14 -25.94 -0.82
N THR D 202 49.79 -26.45 0.35
CA THR D 202 50.72 -26.55 1.48
C THR D 202 50.94 -28.03 1.76
N THR D 203 51.85 -28.64 0.98
CA THR D 203 52.23 -30.05 0.94
C THR D 203 51.10 -30.98 0.48
N LEU D 204 49.95 -30.44 0.08
CA LEU D 204 48.90 -31.23 -0.53
C LEU D 204 48.78 -30.87 -2.00
N PRO D 205 48.81 -31.83 -2.91
CA PRO D 205 48.70 -31.52 -4.33
C PRO D 205 47.26 -31.25 -4.74
N GLU D 206 47.12 -30.40 -5.75
CA GLU D 206 45.82 -30.08 -6.34
C GLU D 206 45.62 -30.94 -7.58
N ALA D 207 44.35 -31.16 -7.93
CA ALA D 207 43.99 -31.66 -9.26
C ALA D 207 43.11 -30.67 -10.00
N THR D 208 41.94 -30.35 -9.44
CA THR D 208 41.09 -29.29 -9.97
C THR D 208 40.40 -28.52 -8.85
N THR D 209 40.81 -28.71 -7.59
CA THR D 209 40.05 -28.19 -6.46
C THR D 209 40.16 -26.69 -6.29
N LEU D 210 41.12 -26.05 -6.95
CA LEU D 210 41.32 -24.61 -6.83
C LEU D 210 40.17 -23.80 -7.42
N ASP D 211 39.43 -24.37 -8.37
CA ASP D 211 38.30 -23.72 -9.02
C ASP D 211 36.97 -24.17 -8.45
N ALA D 212 36.81 -25.47 -8.22
CA ALA D 212 35.59 -25.97 -7.60
C ALA D 212 35.49 -25.59 -6.14
N LEU D 213 36.60 -25.19 -5.51
CA LEU D 213 36.57 -24.70 -4.13
C LEU D 213 36.09 -23.25 -4.06
N LEU D 214 36.44 -22.44 -5.05
CA LEU D 214 35.86 -21.10 -5.15
C LEU D 214 34.46 -21.12 -5.72
N ASP D 215 34.08 -22.19 -6.41
CA ASP D 215 32.74 -22.28 -6.96
C ASP D 215 31.72 -22.73 -5.92
N LEU D 216 32.15 -23.46 -4.89
CA LEU D 216 31.20 -23.96 -3.91
C LEU D 216 30.85 -22.88 -2.90
N CYS D 217 29.94 -23.23 -1.99
CA CYS D 217 29.64 -22.44 -0.81
C CYS D 217 29.86 -23.34 0.40
N ARG D 218 30.87 -23.02 1.21
CA ARG D 218 31.18 -23.79 2.39
C ARG D 218 30.70 -23.08 3.65
N ILE D 219 30.13 -23.85 4.56
CA ILE D 219 29.71 -23.34 5.86
C ILE D 219 30.57 -23.98 6.92
N ASN D 220 31.84 -24.22 6.60
CA ASN D 220 32.77 -24.87 7.52
C ASN D 220 33.03 -24.02 8.76
N PHE D 221 33.54 -24.69 9.80
CA PHE D 221 33.72 -24.07 11.10
C PHE D 221 35.20 -23.85 11.40
N GLU D 222 35.54 -22.64 11.79
CA GLU D 222 36.79 -22.33 12.46
C GLU D 222 36.41 -21.79 13.84
N PRO D 223 36.44 -22.62 14.91
CA PRO D 223 35.88 -22.30 16.22
C PRO D 223 36.58 -21.16 16.93
N TRP D 239 26.36 -22.34 12.02
CA TRP D 239 27.73 -21.88 12.17
C TRP D 239 27.96 -20.60 11.37
N GLN D 240 29.18 -20.47 10.85
CA GLN D 240 29.56 -19.38 9.97
C GLN D 240 29.64 -19.87 8.53
N VAL D 241 29.40 -18.95 7.59
CA VAL D 241 29.58 -19.21 6.17
C VAL D 241 30.67 -18.30 5.66
N ARG D 242 31.71 -18.89 5.07
CA ARG D 242 32.84 -18.09 4.64
C ARG D 242 32.54 -17.41 3.32
N ASP D 243 33.12 -16.22 3.13
CA ASP D 243 32.75 -15.36 2.03
C ASP D 243 33.97 -14.84 1.30
N LYS D 244 33.74 -14.43 0.06
CA LYS D 244 34.72 -13.85 -0.84
C LYS D 244 34.23 -12.47 -1.25
N PRO D 245 35.11 -11.62 -1.80
CA PRO D 245 34.62 -10.42 -2.48
C PRO D 245 34.16 -10.73 -3.91
N GLY D 246 32.96 -10.27 -4.24
CA GLY D 246 32.48 -10.35 -5.60
C GLY D 246 31.98 -11.74 -5.97
N TRP D 247 31.78 -11.94 -7.28
CA TRP D 247 31.20 -13.16 -7.80
C TRP D 247 32.20 -13.82 -8.73
N LEU D 248 32.71 -14.98 -8.34
CA LEU D 248 33.81 -15.64 -9.04
C LEU D 248 33.30 -16.94 -9.66
N VAL D 249 33.14 -16.93 -10.98
CA VAL D 249 32.55 -18.05 -11.71
C VAL D 249 33.58 -18.72 -12.59
N PRO D 250 33.58 -20.04 -12.71
CA PRO D 250 34.46 -20.72 -13.68
C PRO D 250 33.94 -20.52 -15.10
N ILE D 251 34.82 -20.02 -15.96
CA ILE D 251 34.48 -19.74 -17.36
C ILE D 251 35.45 -20.49 -18.27
N PRO D 252 35.01 -20.91 -19.47
CA PRO D 252 35.93 -21.58 -20.39
C PRO D 252 36.94 -20.62 -21.02
N ALA D 253 38.19 -20.70 -20.57
CA ALA D 253 39.23 -19.79 -21.04
C ALA D 253 40.08 -20.47 -22.11
N GLY D 254 39.46 -20.73 -23.25
CA GLY D 254 40.20 -21.20 -24.41
C GLY D 254 40.40 -22.71 -24.47
N TYR D 255 41.22 -23.12 -25.44
CA TYR D 255 41.46 -24.53 -25.71
C TYR D 255 42.93 -24.89 -25.49
N ASN D 256 43.19 -26.19 -25.54
CA ASN D 256 44.50 -26.77 -25.38
C ASN D 256 44.65 -27.93 -26.37
N ALA D 257 45.87 -28.19 -26.81
CA ALA D 257 46.11 -29.12 -27.91
C ALA D 257 46.42 -30.52 -27.40
N LEU D 258 45.82 -31.52 -28.04
CA LEU D 258 46.19 -32.92 -27.87
C LEU D 258 46.92 -33.47 -29.08
N SER D 259 46.40 -33.20 -30.27
CA SER D 259 46.86 -33.83 -31.50
C SER D 259 48.05 -33.07 -32.07
N PRO D 260 49.09 -33.77 -32.52
CA PRO D 260 50.07 -33.14 -33.41
C PRO D 260 49.37 -32.72 -34.70
N LEU D 261 49.69 -31.52 -35.16
CA LEU D 261 48.84 -30.83 -36.13
C LEU D 261 48.92 -31.46 -37.51
N TYR D 262 47.80 -31.47 -38.21
CA TYR D 262 47.63 -32.17 -39.47
C TYR D 262 47.62 -31.20 -40.63
N LEU D 263 48.00 -31.72 -41.80
CA LEU D 263 47.98 -30.98 -43.05
C LEU D 263 46.54 -30.65 -43.44
N PRO D 264 46.33 -29.62 -44.28
CA PRO D 264 44.96 -29.27 -44.69
C PRO D 264 44.23 -30.36 -45.45
N GLY D 265 44.93 -31.17 -46.24
CA GLY D 265 44.23 -32.20 -46.98
C GLY D 265 44.46 -33.59 -46.44
N GLU D 266 44.47 -33.74 -45.12
CA GLU D 266 44.87 -35.01 -44.52
C GLU D 266 43.76 -35.64 -43.70
N VAL D 267 43.14 -34.89 -42.79
CA VAL D 267 42.05 -35.42 -41.99
C VAL D 267 40.79 -35.50 -42.84
N ARG D 268 40.20 -36.69 -42.92
CA ARG D 268 38.93 -36.83 -43.61
C ARG D 268 37.81 -36.27 -42.75
N ASN D 269 36.70 -35.94 -43.42
CA ASN D 269 35.51 -35.33 -42.82
C ASN D 269 35.87 -34.04 -42.07
N ALA D 270 36.59 -33.18 -42.77
CA ALA D 270 37.01 -31.90 -42.23
C ALA D 270 35.99 -30.82 -42.59
N ARG D 271 36.15 -29.66 -41.96
CA ARG D 271 35.24 -28.56 -42.25
C ARG D 271 35.68 -27.81 -43.49
N ASP D 272 36.99 -27.69 -43.72
CA ASP D 272 37.54 -27.25 -44.99
C ASP D 272 38.95 -27.82 -45.11
N ARG D 273 39.41 -27.97 -46.35
CA ARG D 273 40.72 -28.55 -46.61
C ARG D 273 41.77 -27.52 -46.99
N GLU D 274 41.68 -26.31 -46.42
CA GLU D 274 42.73 -25.32 -46.54
C GLU D 274 43.09 -24.71 -45.19
N THR D 275 42.72 -25.36 -44.09
CA THR D 275 43.00 -24.90 -42.75
C THR D 275 43.42 -26.10 -41.91
N PRO D 276 44.55 -26.04 -41.21
CA PRO D 276 45.04 -27.21 -40.47
C PRO D 276 44.18 -27.53 -39.25
N LEU D 277 43.98 -28.82 -39.01
CA LEU D 277 43.11 -29.31 -37.96
C LEU D 277 43.91 -29.71 -36.73
N ARG D 278 43.31 -29.50 -35.56
CA ARG D 278 43.89 -29.95 -34.31
C ARG D 278 42.77 -30.39 -33.39
N PHE D 279 42.94 -31.55 -32.76
CA PHE D 279 42.02 -32.02 -31.73
C PHE D 279 42.33 -31.33 -30.42
N VAL D 280 41.33 -30.65 -29.85
CA VAL D 280 41.57 -29.78 -28.72
C VAL D 280 40.64 -30.13 -27.56
N GLU D 281 41.06 -29.71 -26.37
CA GLU D 281 40.34 -29.85 -25.12
C GLU D 281 40.05 -28.45 -24.59
N ASN D 282 39.12 -28.36 -23.64
CA ASN D 282 38.80 -27.06 -23.08
C ASN D 282 39.82 -26.64 -22.03
N LEU D 283 39.65 -25.41 -21.55
CA LEU D 283 40.38 -24.87 -20.41
C LEU D 283 39.38 -24.17 -19.50
N PHE D 284 39.74 -24.00 -18.22
CA PHE D 284 38.85 -23.42 -17.24
C PHE D 284 39.58 -22.40 -16.38
N GLY D 285 39.04 -21.19 -16.32
CA GLY D 285 39.62 -20.13 -15.51
C GLY D 285 38.54 -19.40 -14.75
N LEU D 286 38.87 -18.27 -14.14
CA LEU D 286 37.92 -17.54 -13.32
C LEU D 286 37.44 -16.28 -14.02
N GLY D 287 36.28 -15.81 -13.59
CA GLY D 287 35.74 -14.57 -14.11
C GLY D 287 34.93 -13.88 -13.04
N GLU D 288 34.96 -12.56 -13.07
CA GLU D 288 34.23 -11.75 -12.10
C GLU D 288 33.26 -10.81 -12.81
N TRP D 289 32.10 -10.65 -12.18
CA TRP D 289 31.01 -9.83 -12.69
C TRP D 289 31.02 -8.52 -11.92
N LEU D 290 31.80 -7.57 -12.42
CA LEU D 290 31.94 -6.27 -11.80
C LEU D 290 30.84 -5.31 -12.23
N SER D 291 30.93 -4.12 -11.76
CA SER D 291 30.13 -3.00 -12.20
C SER D 291 30.83 -2.29 -13.35
N PRO D 292 30.11 -1.48 -14.12
CA PRO D 292 30.77 -0.63 -15.12
C PRO D 292 31.49 0.59 -14.56
N HIS D 293 31.56 0.78 -13.24
CA HIS D 293 32.15 1.99 -12.69
C HIS D 293 33.14 1.72 -11.57
N ARG D 294 33.78 0.55 -11.58
CA ARG D 294 34.92 0.33 -10.70
C ARG D 294 36.05 -0.39 -11.42
N VAL D 295 36.25 -0.06 -12.69
CA VAL D 295 37.30 -0.66 -13.50
C VAL D 295 38.40 0.33 -13.86
N ALA D 296 38.17 1.64 -13.62
CA ALA D 296 39.08 2.77 -13.77
C ALA D 296 39.46 3.10 -15.21
N ALA D 297 39.04 2.26 -16.16
CA ALA D 297 39.24 2.47 -17.59
C ALA D 297 38.32 1.55 -18.37
N LEU D 298 37.44 2.10 -19.20
CA LEU D 298 36.59 1.28 -20.05
C LEU D 298 37.32 0.76 -21.27
N SER D 299 38.57 1.15 -21.50
CA SER D 299 39.41 0.51 -22.50
C SER D 299 39.84 -0.89 -22.08
N ASP D 300 39.63 -1.25 -20.82
CA ASP D 300 39.68 -2.64 -20.39
C ASP D 300 38.34 -3.30 -20.67
N LEU D 301 38.09 -4.45 -20.02
CA LEU D 301 36.98 -5.38 -20.22
C LEU D 301 36.98 -6.03 -21.61
N LEU D 302 38.03 -5.84 -22.39
CA LEU D 302 38.04 -6.24 -23.79
C LEU D 302 38.70 -7.60 -23.90
N TRP D 303 38.00 -8.54 -24.51
CA TRP D 303 38.42 -9.93 -24.54
C TRP D 303 39.18 -10.19 -25.83
N TYR D 304 40.45 -10.56 -25.70
CA TYR D 304 41.32 -10.80 -26.84
C TYR D 304 41.70 -12.27 -26.92
N HIS D 305 42.16 -12.67 -28.11
CA HIS D 305 42.75 -13.98 -28.34
C HIS D 305 44.24 -13.96 -28.04
N HIS D 306 44.80 -15.16 -27.90
CA HIS D 306 46.23 -15.36 -27.81
C HIS D 306 46.46 -16.80 -28.24
N ALA D 307 47.12 -17.00 -29.38
CA ALA D 307 47.19 -18.34 -29.93
C ALA D 307 48.39 -19.12 -29.40
N GLU D 308 49.61 -18.64 -29.70
CA GLU D 308 50.89 -19.33 -29.56
C GLU D 308 50.76 -20.71 -30.22
N PRO D 309 50.69 -20.76 -31.55
CA PRO D 309 50.14 -21.96 -32.21
C PRO D 309 51.05 -23.18 -32.18
N ASP D 310 52.34 -23.03 -31.90
CA ASP D 310 53.22 -24.19 -31.89
C ASP D 310 53.03 -25.03 -30.63
N LYS D 311 52.51 -24.45 -29.56
CA LYS D 311 52.34 -25.15 -28.30
C LYS D 311 50.93 -25.66 -28.08
N GLY D 312 49.95 -25.06 -28.75
CA GLY D 312 48.58 -25.20 -28.35
C GLY D 312 48.19 -23.95 -27.60
N LEU D 313 47.45 -24.10 -26.50
CA LEU D 313 47.07 -23.00 -25.60
C LEU D 313 46.35 -21.88 -26.35
N TYR D 314 45.36 -22.27 -27.15
CA TYR D 314 44.56 -21.30 -27.87
C TYR D 314 43.62 -20.61 -26.91
N ARG D 315 44.06 -19.53 -26.28
CA ARG D 315 43.38 -18.96 -25.13
C ARG D 315 42.74 -17.61 -25.47
N TRP D 316 41.78 -17.21 -24.64
CA TRP D 316 41.21 -15.88 -24.73
C TRP D 316 41.08 -15.31 -23.32
N SER D 317 41.41 -14.03 -23.18
CA SER D 317 41.43 -13.39 -21.87
C SER D 317 41.39 -11.87 -22.04
N THR D 318 41.20 -11.19 -20.92
CA THR D 318 41.28 -9.74 -20.88
C THR D 318 42.64 -9.33 -20.34
N PRO D 319 43.53 -8.77 -21.15
CA PRO D 319 44.82 -8.32 -20.64
C PRO D 319 44.69 -6.93 -20.01
N ARG D 320 45.83 -6.40 -19.56
CA ARG D 320 46.03 -5.02 -19.06
C ARG D 320 45.04 -4.62 -17.96
N PHE D 321 44.49 -5.59 -17.24
CA PHE D 321 43.51 -5.31 -16.19
C PHE D 321 44.19 -5.07 -14.85
N VAL D 322 44.96 -6.04 -14.36
CA VAL D 322 45.71 -5.89 -13.12
C VAL D 322 47.14 -6.39 -13.32
N ILE E 5 -6.59 -34.20 45.79
CA ILE E 5 -6.13 -32.83 45.55
C ILE E 5 -7.00 -32.18 44.46
N LEU E 6 -7.36 -30.92 44.69
CA LEU E 6 -8.17 -30.14 43.75
C LEU E 6 -7.46 -28.82 43.47
N SER E 7 -7.31 -28.50 42.20
CA SER E 7 -6.62 -27.29 41.76
C SER E 7 -7.60 -26.31 41.14
N THR E 8 -7.11 -25.08 40.91
CA THR E 8 -7.93 -24.01 40.38
C THR E 8 -8.21 -24.23 38.89
N ALA E 9 -9.19 -23.49 38.38
CA ALA E 9 -9.44 -23.49 36.95
C ALA E 9 -8.37 -22.69 36.22
N SER E 10 -7.90 -23.23 35.11
CA SER E 10 -6.90 -22.52 34.31
C SER E 10 -7.50 -21.32 33.61
N VAL E 11 -8.79 -21.37 33.30
CA VAL E 11 -9.53 -20.29 32.66
C VAL E 11 -10.82 -20.09 33.44
N LEU E 12 -10.98 -18.91 34.04
CA LEU E 12 -12.16 -18.59 34.81
C LEU E 12 -12.64 -17.21 34.40
N ALA E 13 -13.93 -17.10 34.09
CA ALA E 13 -14.51 -15.87 33.58
C ALA E 13 -15.76 -15.56 34.37
N PHE E 14 -15.76 -14.40 35.04
CA PHE E 14 -16.93 -13.93 35.78
C PHE E 14 -17.49 -12.69 35.11
N GLU E 15 -18.81 -12.68 34.92
CA GLU E 15 -19.47 -11.62 34.18
C GLU E 15 -19.88 -10.50 35.13
N ARG E 16 -19.84 -9.28 34.62
CA ARG E 16 -20.10 -8.08 35.40
C ARG E 16 -21.58 -7.97 35.72
N LYS E 17 -21.89 -7.85 37.00
CA LYS E 17 -23.19 -7.34 37.45
C LYS E 17 -23.03 -5.85 37.73
N LEU E 18 -24.15 -5.18 38.02
CA LEU E 18 -24.23 -3.73 38.21
C LEU E 18 -23.69 -3.00 36.98
N ASP E 19 -24.40 -3.17 35.87
CA ASP E 19 -23.95 -2.66 34.57
C ASP E 19 -24.32 -1.20 34.41
N PRO E 20 -23.35 -0.28 34.29
CA PRO E 20 -23.68 1.11 34.02
C PRO E 20 -23.66 1.43 32.53
N SER E 21 -24.04 2.65 32.17
CA SER E 21 -23.85 3.15 30.82
C SER E 21 -23.02 4.43 30.87
N ASP E 22 -22.64 4.90 29.69
CA ASP E 22 -21.98 6.20 29.58
C ASP E 22 -22.97 7.30 29.93
N ALA E 23 -22.51 8.24 30.75
CA ALA E 23 -23.39 9.25 31.33
C ALA E 23 -23.39 10.49 30.45
N LEU E 24 -24.57 10.91 30.02
CA LEU E 24 -24.70 12.07 29.15
C LEU E 24 -24.83 13.34 30.00
N MET E 25 -24.29 14.43 29.45
CA MET E 25 -24.24 15.71 30.13
C MET E 25 -25.15 16.72 29.45
N SER E 26 -25.67 17.64 30.24
CA SER E 26 -26.61 18.64 29.78
C SER E 26 -26.54 19.83 30.73
N ALA E 27 -27.25 20.90 30.39
CA ALA E 27 -27.12 22.15 31.11
C ALA E 27 -28.44 22.89 31.14
N GLY E 28 -28.76 23.45 32.31
CA GLY E 28 -29.97 24.24 32.45
C GLY E 28 -29.92 25.08 33.69
N ALA E 29 -31.07 25.65 34.05
CA ALA E 29 -31.20 26.52 35.20
C ALA E 29 -31.97 25.81 36.30
N TRP E 30 -31.56 26.05 37.55
CA TRP E 30 -32.20 25.46 38.72
C TRP E 30 -33.64 25.93 38.83
N ALA E 31 -34.46 25.09 39.48
CA ALA E 31 -35.92 25.08 39.61
C ALA E 31 -36.61 24.70 38.32
N GLN E 32 -35.88 24.45 37.24
CA GLN E 32 -36.38 23.70 36.10
C GLN E 32 -35.97 22.23 36.19
N ARG E 33 -35.73 21.75 37.41
CA ARG E 33 -35.33 20.37 37.64
C ARG E 33 -36.43 19.37 37.33
N ASP E 34 -37.69 19.81 37.31
CA ASP E 34 -38.79 18.88 37.05
C ASP E 34 -38.83 18.47 35.58
N ALA E 35 -38.92 19.45 34.67
CA ALA E 35 -38.97 19.16 33.24
C ALA E 35 -37.58 19.20 32.61
N SER E 36 -36.66 18.42 33.16
CA SER E 36 -35.28 18.41 32.70
C SER E 36 -35.05 17.22 31.77
N GLN E 37 -35.61 17.32 30.56
CA GLN E 37 -35.29 16.34 29.52
C GLN E 37 -34.90 17.05 28.23
N GLU E 38 -35.46 18.23 27.99
CA GLU E 38 -35.25 18.97 26.76
C GLU E 38 -34.33 20.16 26.94
N TRP E 39 -33.45 20.12 27.95
CA TRP E 39 -32.35 21.04 28.04
C TRP E 39 -31.37 20.80 26.89
N PRO E 40 -30.54 21.78 26.54
CA PRO E 40 -29.51 21.55 25.50
C PRO E 40 -28.41 20.60 25.96
N ALA E 41 -27.45 20.41 25.07
CA ALA E 41 -26.35 19.49 25.31
C ALA E 41 -25.02 20.23 25.34
N VAL E 42 -24.13 19.79 26.23
CA VAL E 42 -22.81 20.40 26.37
C VAL E 42 -21.89 19.81 25.32
N THR E 43 -21.22 20.68 24.57
CA THR E 43 -20.37 20.26 23.46
C THR E 43 -18.90 20.49 23.77
N VAL E 44 -18.06 19.62 23.21
CA VAL E 44 -16.62 19.74 23.35
C VAL E 44 -16.12 20.81 22.38
N ARG E 45 -15.44 21.83 22.91
CA ARG E 45 -14.88 22.90 22.11
C ARG E 45 -13.36 22.81 22.09
N GLU E 46 -12.75 23.44 21.10
CA GLU E 46 -11.32 23.36 20.82
C GLU E 46 -10.72 24.77 20.87
N LYS E 47 -10.14 25.16 22.00
CA LYS E 47 -9.53 26.47 22.15
C LYS E 47 -8.02 26.35 22.12
N SER E 48 -7.37 27.16 21.30
CA SER E 48 -5.93 27.24 21.30
C SER E 48 -5.47 28.20 22.38
N VAL E 49 -4.44 27.80 23.13
CA VAL E 49 -3.90 28.59 24.23
C VAL E 49 -2.39 28.71 24.05
N ARG E 50 -1.81 29.62 24.82
CA ARG E 50 -0.37 29.85 24.82
C ARG E 50 0.09 29.93 26.26
N GLY E 51 1.18 29.25 26.59
CA GLY E 51 1.62 29.26 27.97
C GLY E 51 3.12 29.26 28.07
N THR E 52 3.63 29.18 29.28
CA THR E 52 5.06 29.22 29.53
C THR E 52 5.59 27.81 29.72
N ILE E 53 6.92 27.69 29.74
CA ILE E 53 7.54 26.39 29.95
C ILE E 53 7.90 26.25 31.43
N SER E 54 6.92 25.84 32.23
CA SER E 54 7.11 25.55 33.66
C SER E 54 7.10 24.05 33.85
N ASN E 55 8.20 23.40 33.47
CA ASN E 55 8.34 21.96 33.65
C ASN E 55 9.80 21.67 33.96
N ARG E 56 10.02 20.61 34.72
CA ARG E 56 11.31 20.39 35.39
C ARG E 56 12.42 20.12 34.39
N LEU E 57 13.63 20.53 34.75
CA LEU E 57 14.73 20.66 33.82
C LEU E 57 15.96 19.93 34.32
N LYS E 58 16.49 19.05 33.48
CA LYS E 58 17.85 18.56 33.59
C LYS E 58 18.60 19.00 32.34
N THR E 59 19.77 19.60 32.54
CA THR E 59 20.59 20.11 31.44
C THR E 59 21.91 19.35 31.51
N LYS E 60 21.96 18.19 30.85
CA LYS E 60 23.05 17.25 31.02
C LYS E 60 24.29 17.69 30.25
N ASP E 61 24.16 17.91 28.94
CA ASP E 61 25.31 18.18 28.08
C ASP E 61 25.08 19.41 27.20
N ARG E 62 24.44 20.44 27.73
CA ARG E 62 24.17 21.66 26.99
C ARG E 62 24.62 22.87 27.81
N ASP E 63 24.26 24.07 27.34
CA ASP E 63 24.49 25.31 28.06
C ASP E 63 23.59 25.35 29.29
N PRO E 64 23.95 26.17 30.32
CA PRO E 64 23.05 26.31 31.49
C PRO E 64 21.69 26.89 31.13
N ALA E 65 21.68 28.13 30.62
CA ALA E 65 20.49 28.65 29.96
C ALA E 65 20.84 29.58 28.81
N LYS E 66 22.09 29.60 28.35
CA LYS E 66 22.52 30.60 27.39
C LYS E 66 21.98 30.30 26.00
N LEU E 67 22.40 29.18 25.42
CA LEU E 67 21.81 28.68 24.19
C LEU E 67 20.63 27.75 24.46
N ASP E 68 20.30 27.55 25.74
CA ASP E 68 19.16 26.75 26.16
C ASP E 68 18.07 27.61 26.78
N ALA E 69 17.93 28.86 26.32
CA ALA E 69 16.88 29.74 26.80
C ALA E 69 15.56 29.39 26.09
N SER E 70 14.99 28.25 26.49
CA SER E 70 13.64 27.90 26.07
C SER E 70 12.62 28.79 26.76
N ILE E 71 12.95 29.28 27.95
CA ILE E 71 12.20 30.36 28.58
C ILE E 71 12.40 31.64 27.76
N GLN E 72 11.54 32.64 28.03
CA GLN E 72 11.37 33.88 27.24
C GLN E 72 10.91 33.56 25.82
N SER E 73 10.20 32.45 25.67
CA SER E 73 9.58 31.97 24.44
C SER E 73 8.53 30.94 24.84
N PRO E 74 7.29 31.09 24.39
CA PRO E 74 6.19 30.29 24.94
C PRO E 74 6.11 28.89 24.33
N ASN E 75 5.08 28.16 24.75
CA ASN E 75 4.64 26.93 24.09
C ASN E 75 3.16 27.10 23.73
N LEU E 76 2.78 26.65 22.54
CA LEU E 76 1.51 27.03 21.94
C LEU E 76 0.66 25.79 21.72
N GLN E 77 -0.31 25.59 22.61
CA GLN E 77 -1.11 24.39 22.61
C GLN E 77 -2.50 24.65 22.02
N THR E 78 -3.23 23.57 21.81
CA THR E 78 -4.67 23.64 21.58
C THR E 78 -5.30 22.58 22.45
N VAL E 79 -6.19 23.00 23.34
CA VAL E 79 -6.80 22.09 24.29
C VAL E 79 -8.30 22.02 24.03
N ASP E 80 -8.87 20.87 24.32
CA ASP E 80 -10.32 20.72 24.33
C ASP E 80 -10.85 21.04 25.70
N VAL E 81 -11.98 21.73 25.73
CA VAL E 81 -12.59 22.16 26.97
C VAL E 81 -14.11 22.13 26.80
N ALA E 82 -14.80 21.98 27.91
CA ALA E 82 -16.24 22.03 27.95
C ALA E 82 -16.68 23.20 28.83
N ASN E 83 -17.97 23.50 28.79
CA ASN E 83 -18.46 24.70 29.44
C ASN E 83 -19.95 24.55 29.66
N LEU E 84 -20.50 25.49 30.40
CA LEU E 84 -21.93 25.70 30.47
C LEU E 84 -22.30 26.95 29.69
N PRO E 85 -23.58 27.17 29.41
CA PRO E 85 -23.99 28.46 28.85
C PRO E 85 -23.91 29.59 29.87
N SER E 86 -24.20 30.80 29.37
CA SER E 86 -24.33 31.97 30.23
C SER E 86 -25.66 32.02 30.98
N ASP E 87 -26.62 31.20 30.59
CA ASP E 87 -27.92 31.11 31.26
C ASP E 87 -28.21 29.66 31.65
N ALA E 88 -27.21 28.99 32.22
CA ALA E 88 -27.37 27.61 32.68
C ALA E 88 -26.33 27.36 33.77
N ASP E 89 -26.78 27.25 35.01
CA ASP E 89 -25.89 27.07 36.14
C ASP E 89 -25.93 25.66 36.72
N THR E 90 -26.70 24.76 36.14
CA THR E 90 -26.83 23.39 36.63
C THR E 90 -26.42 22.41 35.54
N LEU E 91 -25.40 21.61 35.84
CA LEU E 91 -25.02 20.47 35.03
C LEU E 91 -25.88 19.26 35.39
N LYS E 92 -26.52 18.68 34.37
CA LYS E 92 -27.32 17.47 34.52
C LYS E 92 -26.55 16.31 33.91
N VAL E 93 -26.44 15.21 34.66
CA VAL E 93 -25.72 14.03 34.20
C VAL E 93 -26.64 12.84 34.38
N ARG E 94 -26.93 12.14 33.29
CA ARG E 94 -27.96 11.10 33.30
C ARG E 94 -27.41 9.82 32.70
N PHE E 95 -27.68 8.70 33.37
CA PHE E 95 -27.27 7.39 32.89
C PHE E 95 -28.21 6.32 33.42
N THR E 96 -28.05 5.11 32.90
CA THR E 96 -28.89 3.96 33.24
C THR E 96 -28.05 2.87 33.88
N LEU E 97 -28.71 2.02 34.67
CA LEU E 97 -28.03 1.06 35.52
C LEU E 97 -28.86 -0.22 35.59
N ARG E 98 -28.24 -1.34 35.24
CA ARG E 98 -28.87 -2.65 35.27
C ARG E 98 -28.27 -3.46 36.40
N VAL E 99 -29.11 -3.96 37.30
CA VAL E 99 -28.65 -4.82 38.39
C VAL E 99 -29.16 -6.23 38.08
N LEU E 100 -28.23 -7.16 37.81
CA LEU E 100 -28.60 -8.38 37.11
C LEU E 100 -28.92 -9.54 38.04
N GLY E 101 -27.96 -9.98 38.83
CA GLY E 101 -28.14 -11.18 39.62
C GLY E 101 -27.28 -12.33 39.11
N GLY E 102 -27.10 -13.33 39.97
CA GLY E 102 -26.28 -14.47 39.62
C GLY E 102 -24.80 -14.17 39.75
N ALA E 103 -24.34 -13.92 40.97
CA ALA E 103 -22.97 -13.47 41.18
C ALA E 103 -21.96 -14.58 41.00
N GLY E 104 -22.05 -15.64 41.81
CA GLY E 104 -21.00 -16.63 41.89
C GLY E 104 -20.99 -17.70 40.83
N THR E 105 -21.75 -17.55 39.75
CA THR E 105 -21.82 -18.54 38.69
C THR E 105 -21.02 -18.05 37.49
N PRO E 106 -19.89 -18.68 37.17
CA PRO E 106 -19.05 -18.17 36.08
C PRO E 106 -19.63 -18.48 34.71
N SER E 107 -19.05 -17.81 33.71
CA SER E 107 -19.40 -18.04 32.32
C SER E 107 -18.45 -18.99 31.62
N ALA E 108 -17.31 -19.30 32.23
CA ALA E 108 -16.34 -20.22 31.67
C ALA E 108 -15.56 -20.83 32.82
N CYS E 109 -15.26 -22.12 32.71
CA CYS E 109 -14.58 -22.85 33.78
C CYS E 109 -13.87 -24.03 33.15
N ASN E 110 -12.53 -24.08 33.29
CA ASN E 110 -11.77 -25.16 32.68
C ASN E 110 -11.99 -26.49 33.41
N ASP E 111 -12.39 -26.44 34.68
CA ASP E 111 -12.83 -27.60 35.42
C ASP E 111 -14.24 -27.35 35.94
N ALA E 112 -15.05 -28.42 36.00
CA ALA E 112 -16.37 -28.31 36.59
C ALA E 112 -16.35 -28.48 38.10
N ALA E 113 -15.30 -29.10 38.63
CA ALA E 113 -15.12 -29.25 40.07
C ALA E 113 -14.98 -27.88 40.75
N TYR E 114 -14.18 -27.00 40.14
CA TYR E 114 -14.06 -25.64 40.66
C TYR E 114 -15.36 -24.87 40.53
N ARG E 115 -16.15 -25.17 39.50
CA ARG E 115 -17.43 -24.49 39.29
C ARG E 115 -18.42 -24.83 40.41
N ASP E 116 -18.62 -26.13 40.68
CA ASP E 116 -19.57 -26.46 41.76
C ASP E 116 -18.99 -26.18 43.14
N LYS E 117 -17.66 -26.18 43.29
CA LYS E 117 -17.05 -25.84 44.57
C LYS E 117 -17.27 -24.37 44.92
N LEU E 118 -16.95 -23.48 43.98
CA LEU E 118 -17.17 -22.05 44.18
C LEU E 118 -18.66 -21.71 44.24
N LEU E 119 -19.52 -22.48 43.56
CA LEU E 119 -20.95 -22.22 43.66
C LEU E 119 -21.49 -22.61 45.02
N GLN E 120 -20.97 -23.70 45.60
CA GLN E 120 -21.27 -24.05 46.99
C GLN E 120 -20.84 -22.96 47.94
N THR E 121 -19.67 -22.36 47.71
CA THR E 121 -19.17 -21.28 48.57
C THR E 121 -20.05 -20.03 48.50
N VAL E 122 -20.41 -19.59 47.29
CA VAL E 122 -21.21 -18.37 47.16
C VAL E 122 -22.65 -18.61 47.64
N ALA E 123 -23.17 -19.83 47.47
CA ALA E 123 -24.49 -20.14 48.03
C ALA E 123 -24.44 -20.15 49.56
N THR E 124 -23.33 -20.64 50.14
CA THR E 124 -23.12 -20.60 51.59
C THR E 124 -23.13 -19.17 52.10
N TYR E 125 -22.45 -18.26 51.40
CA TYR E 125 -22.46 -16.85 51.80
C TYR E 125 -23.85 -16.25 51.69
N VAL E 126 -24.51 -16.44 50.54
CA VAL E 126 -25.80 -15.78 50.25
C VAL E 126 -26.88 -16.24 51.23
N ASN E 127 -26.92 -17.54 51.53
CA ASN E 127 -27.85 -18.01 52.54
C ASN E 127 -27.43 -17.58 53.94
N GLU E 128 -26.13 -17.49 54.21
CA GLU E 128 -25.67 -17.18 55.56
C GLU E 128 -25.77 -15.69 55.88
N GLN E 129 -25.28 -14.83 54.98
CA GLN E 129 -25.36 -13.39 55.15
C GLN E 129 -25.82 -12.79 53.82
N GLY E 130 -26.98 -12.15 53.84
CA GLY E 130 -27.61 -11.71 52.61
C GLY E 130 -26.89 -10.55 51.94
N PHE E 131 -27.49 -10.08 50.86
CA PHE E 131 -26.92 -8.97 50.07
C PHE E 131 -27.36 -7.62 50.62
N ALA E 132 -27.21 -7.42 51.93
CA ALA E 132 -27.63 -6.19 52.57
C ALA E 132 -26.47 -5.33 53.02
N GLU E 133 -25.29 -5.92 53.21
CA GLU E 133 -24.09 -5.13 53.49
C GLU E 133 -23.65 -4.36 52.25
N LEU E 134 -23.61 -5.02 51.10
CA LEU E 134 -23.05 -4.41 49.90
C LEU E 134 -24.04 -3.48 49.22
N ALA E 135 -25.34 -3.79 49.27
CA ALA E 135 -26.32 -2.97 48.58
C ALA E 135 -26.57 -1.65 49.28
N ARG E 136 -26.37 -1.60 50.60
CA ARG E 136 -26.42 -0.33 51.32
C ARG E 136 -25.29 0.59 50.88
N ARG E 137 -24.09 0.05 50.75
CA ARG E 137 -22.95 0.83 50.29
C ARG E 137 -23.08 1.24 48.83
N TYR E 138 -23.67 0.39 47.99
CA TYR E 138 -23.93 0.77 46.61
C TYR E 138 -24.97 1.87 46.51
N ALA E 139 -26.05 1.77 47.29
CA ALA E 139 -27.07 2.82 47.26
C ALA E 139 -26.57 4.12 47.87
N HIS E 140 -25.61 4.03 48.81
CA HIS E 140 -24.96 5.22 49.31
C HIS E 140 -24.12 5.88 48.22
N ASN E 141 -23.30 5.09 47.52
CA ASN E 141 -22.49 5.62 46.43
C ASN E 141 -23.32 6.08 45.23
N LEU E 142 -24.58 5.68 45.14
CA LEU E 142 -25.51 6.32 44.23
C LEU E 142 -26.08 7.61 44.81
N ALA E 143 -26.31 7.65 46.14
CA ALA E 143 -26.95 8.80 46.76
C ALA E 143 -26.00 9.98 46.89
N ASN E 144 -24.83 9.78 47.51
CA ASN E 144 -23.77 10.76 47.33
C ASN E 144 -23.19 10.57 45.94
N ALA E 145 -23.33 11.60 45.10
CA ALA E 145 -23.08 11.45 43.67
C ALA E 145 -21.58 11.48 43.39
N ARG E 146 -20.92 10.39 43.80
CA ARG E 146 -19.49 10.25 43.57
C ARG E 146 -19.15 10.11 42.10
N PHE E 147 -20.11 9.74 41.26
CA PHE E 147 -19.86 9.56 39.84
C PHE E 147 -19.66 10.87 39.09
N LEU E 148 -20.00 12.00 39.70
CA LEU E 148 -19.47 13.29 39.27
C LEU E 148 -18.14 13.44 39.96
N TRP E 149 -17.05 13.21 39.21
CA TRP E 149 -15.75 13.06 39.85
C TRP E 149 -15.13 14.41 40.21
N ARG E 150 -15.11 15.34 39.26
CA ARG E 150 -14.60 16.68 39.54
C ARG E 150 -15.64 17.77 39.37
N ASN E 151 -16.85 17.44 38.95
CA ASN E 151 -17.96 18.39 38.98
C ASN E 151 -18.66 18.43 40.31
N ARG E 152 -18.02 17.93 41.36
CA ARG E 152 -18.62 17.81 42.68
C ARG E 152 -17.88 18.58 43.75
N VAL E 153 -16.63 18.97 43.52
CA VAL E 153 -15.87 19.67 44.54
C VAL E 153 -16.37 21.09 44.70
N GLY E 154 -16.63 21.77 43.60
CA GLY E 154 -17.08 23.14 43.66
C GLY E 154 -18.57 23.27 43.48
N ALA E 155 -19.29 22.19 43.76
CA ALA E 155 -20.74 22.23 43.66
C ALA E 155 -21.33 22.97 44.85
N GLU E 156 -22.63 23.24 44.76
CA GLU E 156 -23.35 23.92 45.83
C GLU E 156 -24.53 23.13 46.34
N ALA E 157 -25.29 22.49 45.44
CA ALA E 157 -26.38 21.62 45.85
C ALA E 157 -26.49 20.52 44.80
N VAL E 158 -25.93 19.36 45.09
CA VAL E 158 -26.12 18.19 44.25
C VAL E 158 -27.44 17.53 44.63
N GLU E 159 -28.29 17.28 43.64
CA GLU E 159 -29.54 16.56 43.84
C GLU E 159 -29.57 15.36 42.91
N VAL E 160 -29.76 14.17 43.48
CA VAL E 160 -29.72 12.93 42.71
C VAL E 160 -31.11 12.34 42.67
N ARG E 161 -31.73 12.34 41.49
CA ARG E 161 -33.02 11.71 41.28
C ARG E 161 -32.81 10.32 40.68
N ILE E 162 -33.35 9.31 41.33
CA ILE E 162 -33.16 7.91 40.94
C ILE E 162 -34.53 7.30 40.68
N ASN E 163 -34.82 6.99 39.42
CA ASN E 163 -36.11 6.42 39.02
C ASN E 163 -35.95 4.95 38.68
N HIS E 164 -36.76 4.10 39.30
CA HIS E 164 -36.77 2.68 38.97
C HIS E 164 -37.80 2.47 37.86
N ILE E 165 -37.33 2.12 36.66
CA ILE E 165 -38.18 2.02 35.48
C ILE E 165 -38.87 0.66 35.50
N ARG E 166 -40.20 0.66 35.49
CA ARG E 166 -40.94 -0.60 35.70
C ARG E 166 -40.90 -1.48 34.46
N GLN E 167 -41.57 -1.04 33.39
CA GLN E 167 -41.36 -1.63 32.07
C GLN E 167 -41.01 -0.57 31.03
N GLY E 168 -41.78 0.51 30.96
CA GLY E 168 -41.47 1.65 30.12
C GLY E 168 -41.84 2.94 30.83
N GLU E 169 -42.42 2.79 32.02
CA GLU E 169 -42.83 3.89 32.87
C GLU E 169 -42.05 3.86 34.17
N VAL E 170 -42.30 4.86 35.02
CA VAL E 170 -41.69 4.93 36.34
C VAL E 170 -42.68 4.42 37.37
N ALA E 171 -42.18 3.63 38.31
CA ALA E 171 -43.00 3.11 39.40
C ALA E 171 -42.52 3.57 40.77
N ARG E 172 -41.29 4.07 40.89
CA ARG E 172 -40.78 4.58 42.15
C ARG E 172 -39.66 5.56 41.87
N THR E 173 -39.70 6.71 42.55
CA THR E 173 -38.66 7.72 42.46
C THR E 173 -38.10 8.01 43.84
N TRP E 174 -36.77 8.03 43.95
CA TRP E 174 -36.09 8.55 45.11
C TRP E 174 -35.38 9.85 44.74
N ARG E 175 -35.12 10.67 45.76
CA ARG E 175 -34.42 11.94 45.59
C ARG E 175 -33.50 12.16 46.77
N PHE E 176 -32.19 12.08 46.54
CA PHE E 176 -31.20 12.16 47.59
C PHE E 176 -30.31 13.39 47.41
N ASP E 177 -29.58 13.70 48.48
CA ASP E 177 -28.58 14.74 48.50
C ASP E 177 -27.20 14.10 48.61
N ALA E 178 -26.18 14.85 48.19
CA ALA E 178 -24.81 14.38 48.22
C ALA E 178 -23.91 15.17 49.16
N LEU E 179 -24.42 16.26 49.75
CA LEU E 179 -23.62 17.05 50.68
C LEU E 179 -23.96 16.77 52.13
N ALA E 180 -25.23 16.54 52.44
CA ALA E 180 -25.59 16.04 53.76
C ALA E 180 -25.15 14.60 53.93
N ILE E 181 -25.51 13.74 52.97
CA ILE E 181 -25.00 12.38 52.87
C ILE E 181 -23.64 12.48 52.19
N GLY E 182 -22.58 12.47 52.99
CA GLY E 182 -21.24 12.65 52.47
C GLY E 182 -20.65 11.35 51.95
N LEU E 183 -19.32 11.38 51.72
CA LEU E 183 -18.62 10.24 51.17
C LEU E 183 -17.90 9.40 52.23
N ARG E 184 -17.46 9.99 53.32
CA ARG E 184 -16.53 9.32 54.22
C ARG E 184 -17.19 8.32 55.16
N ASP E 185 -18.46 8.51 55.52
CA ASP E 185 -19.15 7.65 56.45
C ASP E 185 -20.45 7.15 55.83
N PHE E 186 -20.67 5.83 55.89
CA PHE E 186 -21.91 5.22 55.41
C PHE E 186 -22.93 5.27 56.55
N LYS E 187 -23.85 6.22 56.48
CA LYS E 187 -24.91 6.32 57.47
C LYS E 187 -26.13 5.53 57.01
N ALA E 188 -27.26 5.71 57.67
CA ALA E 188 -28.48 4.98 57.35
C ALA E 188 -29.64 5.97 57.28
N ASP E 189 -30.69 5.56 56.57
CA ASP E 189 -31.84 6.43 56.38
C ASP E 189 -33.09 5.60 56.18
N ALA E 190 -34.19 6.28 55.85
CA ALA E 190 -35.48 5.64 55.63
C ALA E 190 -35.77 5.40 54.17
N GLU E 191 -35.01 6.01 53.27
CA GLU E 191 -35.15 5.78 51.84
C GLU E 191 -33.95 5.07 51.23
N LEU E 192 -32.78 5.12 51.88
CA LEU E 192 -31.63 4.38 51.38
C LEU E 192 -31.74 2.89 51.65
N ASP E 193 -32.44 2.49 52.71
CA ASP E 193 -32.62 1.07 52.98
C ASP E 193 -33.58 0.43 52.00
N ALA E 194 -34.56 1.18 51.51
CA ALA E 194 -35.48 0.65 50.50
C ALA E 194 -34.78 0.44 49.16
N LEU E 195 -33.93 1.40 48.77
CA LEU E 195 -33.17 1.24 47.54
C LEU E 195 -32.08 0.19 47.69
N ALA E 196 -31.56 0.01 48.91
CA ALA E 196 -30.67 -1.10 49.17
C ALA E 196 -31.40 -2.44 49.07
N GLU E 197 -32.65 -2.50 49.53
CA GLU E 197 -33.45 -3.71 49.33
C GLU E 197 -33.75 -3.96 47.85
N LEU E 198 -33.91 -2.88 47.07
CA LEU E 198 -34.14 -3.01 45.63
C LEU E 198 -32.89 -3.54 44.92
N ILE E 199 -31.72 -2.99 45.26
CA ILE E 199 -30.45 -3.49 44.73
C ILE E 199 -30.18 -4.92 45.21
N ALA E 200 -30.62 -5.26 46.43
CA ALA E 200 -30.44 -6.62 46.94
C ALA E 200 -31.35 -7.62 46.23
N SER E 201 -32.57 -7.19 45.89
CA SER E 201 -33.46 -8.05 45.12
C SER E 201 -32.98 -8.20 43.68
N GLY E 202 -32.26 -7.20 43.17
CA GLY E 202 -31.61 -7.37 41.88
C GLY E 202 -30.44 -8.33 41.93
N LEU E 203 -29.57 -8.17 42.92
CA LEU E 203 -28.40 -9.04 43.07
C LEU E 203 -28.78 -10.46 43.48
N SER E 204 -29.96 -10.66 44.07
CA SER E 204 -30.40 -12.00 44.45
C SER E 204 -31.08 -12.71 43.30
N GLY E 205 -31.94 -12.01 42.56
CA GLY E 205 -32.59 -12.62 41.41
C GLY E 205 -34.10 -12.49 41.45
N SER E 206 -34.60 -11.60 42.29
CA SER E 206 -36.04 -11.46 42.44
C SER E 206 -36.67 -10.67 41.31
N GLY E 207 -35.89 -9.88 40.57
CA GLY E 207 -36.51 -9.07 39.53
C GLY E 207 -35.50 -8.43 38.59
N HIS E 208 -36.06 -7.85 37.53
CA HIS E 208 -35.30 -7.05 36.58
C HIS E 208 -35.20 -5.63 37.12
N VAL E 209 -34.02 -5.23 37.58
CA VAL E 209 -33.83 -3.94 38.21
C VAL E 209 -33.12 -3.01 37.22
N LEU E 210 -33.84 -2.00 36.76
CA LEU E 210 -33.34 -0.98 35.85
C LEU E 210 -33.58 0.38 36.52
N LEU E 211 -32.50 1.03 36.91
CA LEU E 211 -32.57 2.36 37.51
C LEU E 211 -32.04 3.39 36.52
N GLU E 212 -32.55 4.61 36.64
CA GLU E 212 -32.11 5.76 35.86
C GLU E 212 -31.68 6.82 36.85
N VAL E 213 -30.39 7.18 36.79
CA VAL E 213 -29.77 8.09 37.74
C VAL E 213 -29.53 9.42 37.03
N VAL E 214 -30.13 10.49 37.53
CA VAL E 214 -29.92 11.84 37.01
C VAL E 214 -29.43 12.71 38.16
N ALA E 215 -28.20 13.20 38.03
CA ALA E 215 -27.57 14.06 39.03
C ALA E 215 -27.57 15.50 38.55
N PHE E 216 -27.85 16.41 39.48
CA PHE E 216 -27.81 17.84 39.24
C PHE E 216 -26.74 18.47 40.12
N ALA E 217 -25.70 18.99 39.49
CA ALA E 217 -24.62 19.71 40.18
C ALA E 217 -24.64 21.15 39.73
N ARG E 218 -24.93 22.07 40.65
CA ARG E 218 -24.93 23.49 40.34
C ARG E 218 -23.55 24.05 40.69
N ILE E 219 -22.78 24.36 39.65
CA ILE E 219 -21.44 24.90 39.83
C ILE E 219 -21.36 26.37 39.50
N GLY E 220 -22.45 26.99 39.05
CA GLY E 220 -22.46 28.37 38.64
C GLY E 220 -22.55 28.51 37.14
N ASP E 221 -22.52 29.77 36.70
CA ASP E 221 -22.83 30.13 35.32
C ASP E 221 -21.57 30.19 34.47
N GLY E 222 -21.63 29.56 33.30
CA GLY E 222 -20.53 29.57 32.36
C GLY E 222 -19.26 28.89 32.81
N GLN E 223 -19.35 27.96 33.74
CA GLN E 223 -18.17 27.41 34.39
C GLN E 223 -17.64 26.18 33.64
N GLU E 224 -16.51 25.66 34.09
CA GLU E 224 -15.86 24.54 33.44
C GLU E 224 -16.35 23.22 33.99
N VAL E 225 -16.84 22.35 33.11
CA VAL E 225 -17.22 20.98 33.47
C VAL E 225 -16.24 20.04 32.81
N PHE E 226 -16.13 18.83 33.38
CA PHE E 226 -15.12 17.86 32.96
C PHE E 226 -15.76 16.57 32.49
N PRO E 227 -15.96 16.41 31.18
CA PRO E 227 -16.13 15.07 30.63
C PRO E 227 -14.83 14.27 30.72
N SER E 228 -14.96 12.97 30.52
CA SER E 228 -13.84 12.06 30.69
C SER E 228 -12.84 12.23 29.55
N GLN E 229 -11.57 12.29 29.90
CA GLN E 229 -10.53 12.49 28.90
C GLN E 229 -10.23 11.18 28.18
N GLU E 230 -10.00 11.30 26.86
CA GLU E 230 -9.67 10.14 26.07
C GLU E 230 -8.26 9.67 26.33
N LEU E 231 -7.93 8.52 25.77
CA LEU E 231 -6.61 7.92 25.87
C LEU E 231 -6.06 7.76 24.45
N ILE E 232 -5.21 8.69 24.04
CA ILE E 232 -4.49 8.64 22.78
C ILE E 232 -3.02 8.85 23.08
N LEU E 233 -2.19 7.91 22.65
CA LEU E 233 -0.76 7.98 22.95
C LEU E 233 -0.08 9.08 22.13
N ASP E 234 0.72 9.90 22.79
CA ASP E 234 1.49 10.94 22.13
C ASP E 234 2.87 10.42 21.77
N LYS E 235 3.30 10.71 20.54
CA LYS E 235 4.61 10.32 20.07
C LYS E 235 5.60 11.47 20.20
N GLY E 236 6.85 11.13 20.50
CA GLY E 236 7.88 12.14 20.69
C GLY E 236 8.29 12.86 19.42
N ASP E 237 8.12 12.23 18.26
CA ASP E 237 8.41 12.85 16.98
C ASP E 237 7.16 13.49 16.40
N LYS E 238 7.38 14.52 15.57
CA LYS E 238 6.33 15.35 14.95
C LYS E 238 5.41 15.96 16.01
N LYS E 239 6.03 16.79 16.85
CA LYS E 239 5.35 17.38 17.99
C LYS E 239 4.42 18.51 17.54
N GLY E 240 3.75 19.12 18.52
CA GLY E 240 2.75 20.13 18.24
C GLY E 240 1.35 19.57 18.37
N GLN E 241 1.20 18.63 19.30
CA GLN E 241 -0.02 17.85 19.45
C GLN E 241 -0.98 18.53 20.43
N LYS E 242 -2.01 17.80 20.86
CA LYS E 242 -3.13 18.31 21.63
C LYS E 242 -3.07 17.92 23.10
N SER E 243 -2.97 16.62 23.38
CA SER E 243 -2.82 16.00 24.71
C SER E 243 -4.03 16.19 25.62
N LYS E 244 -5.09 16.83 25.15
CA LYS E 244 -6.34 16.96 25.90
C LYS E 244 -7.48 16.82 24.91
N THR E 245 -8.05 15.62 24.87
CA THR E 245 -9.28 15.35 24.14
C THR E 245 -10.32 14.90 25.14
N LEU E 246 -11.58 15.22 24.87
CA LEU E 246 -12.67 14.90 25.76
C LEU E 246 -13.63 13.94 25.08
N TYR E 247 -14.02 12.89 25.80
CA TYR E 247 -14.90 11.87 25.25
C TYR E 247 -16.29 12.43 25.05
N SER E 248 -16.93 12.00 23.96
CA SER E 248 -18.25 12.50 23.62
C SER E 248 -19.00 11.48 22.78
N VAL E 249 -20.30 11.35 23.06
CA VAL E 249 -21.27 10.86 22.10
C VAL E 249 -21.58 12.00 21.15
N ARG E 250 -22.35 11.73 20.10
CA ARG E 250 -22.59 12.69 19.02
C ARG E 250 -23.25 13.98 19.50
N ASP E 251 -22.45 15.06 19.49
CA ASP E 251 -22.83 16.41 19.90
C ASP E 251 -23.33 16.48 21.34
N ALA E 252 -22.65 15.75 22.24
CA ALA E 252 -22.90 15.83 23.67
C ALA E 252 -21.68 15.30 24.41
N ALA E 253 -21.23 16.03 25.43
CA ALA E 253 -20.14 15.59 26.27
C ALA E 253 -20.59 14.40 27.13
N ALA E 254 -19.63 13.53 27.49
CA ALA E 254 -20.00 12.30 28.16
C ALA E 254 -18.84 11.77 29.00
N ILE E 255 -19.20 11.01 30.03
CA ILE E 255 -18.25 10.31 30.90
C ILE E 255 -18.30 8.83 30.57
N HIS E 256 -17.17 8.15 30.74
CA HIS E 256 -17.04 6.74 30.42
C HIS E 256 -17.86 5.87 31.36
N SER E 257 -18.10 4.63 30.93
CA SER E 257 -18.88 3.69 31.73
C SER E 257 -18.08 3.15 32.90
N GLN E 258 -16.80 2.83 32.66
CA GLN E 258 -15.95 2.29 33.71
C GLN E 258 -15.63 3.33 34.79
N LYS E 259 -15.72 4.62 34.47
CA LYS E 259 -15.55 5.66 35.47
C LYS E 259 -16.70 5.66 36.48
N ILE E 260 -17.94 5.60 35.97
CA ILE E 260 -19.11 5.48 36.83
C ILE E 260 -19.10 4.15 37.58
N GLY E 261 -18.55 3.10 36.95
CA GLY E 261 -18.40 1.83 37.66
C GLY E 261 -17.41 1.90 38.81
N ASN E 262 -16.29 2.59 38.60
CA ASN E 262 -15.31 2.75 39.68
C ASN E 262 -15.84 3.62 40.79
N ALA E 263 -16.70 4.58 40.47
CA ALA E 263 -17.32 5.36 41.52
C ALA E 263 -18.37 4.58 42.28
N LEU E 264 -19.13 3.71 41.60
CA LEU E 264 -20.12 2.90 42.30
C LEU E 264 -19.47 1.80 43.14
N ARG E 265 -18.31 1.32 42.72
CA ARG E 265 -17.65 0.21 43.37
C ARG E 265 -16.89 0.64 44.62
N THR E 266 -16.71 1.94 44.83
CA THR E 266 -15.89 2.46 45.92
C THR E 266 -16.60 2.27 47.26
N ILE E 267 -16.50 1.06 47.80
CA ILE E 267 -17.22 0.67 49.01
C ILE E 267 -16.31 -0.02 50.02
N ASP E 268 -15.07 -0.34 49.62
CA ASP E 268 -14.16 -1.13 50.46
C ASP E 268 -13.60 -0.25 51.57
N THR E 269 -14.17 -0.41 52.77
CA THR E 269 -13.63 0.20 53.99
C THR E 269 -13.01 -0.84 54.92
N TRP E 270 -12.54 -1.96 54.39
CA TRP E 270 -11.92 -3.02 55.20
C TRP E 270 -10.59 -3.38 54.56
N TYR E 271 -9.54 -2.66 54.93
CA TYR E 271 -8.21 -3.04 54.49
C TYR E 271 -7.24 -2.81 55.65
N PRO E 272 -5.96 -3.12 55.48
CA PRO E 272 -5.07 -3.20 56.65
C PRO E 272 -4.69 -1.84 57.25
N ASP E 273 -4.91 -0.74 56.54
CA ASP E 273 -4.49 0.57 57.04
C ASP E 273 -5.59 1.61 56.83
N GLU E 274 -6.81 1.30 57.22
CA GLU E 274 -7.89 2.28 57.20
C GLU E 274 -8.17 2.75 58.61
N ASP E 275 -8.27 4.07 58.79
CA ASP E 275 -8.63 4.64 60.08
C ASP E 275 -9.58 5.83 59.92
N GLY E 276 -10.38 5.83 58.86
CA GLY E 276 -11.23 6.96 58.56
C GLY E 276 -10.81 7.67 57.29
N LEU E 277 -9.94 7.01 56.52
CA LEU E 277 -9.40 7.61 55.30
C LEU E 277 -10.39 7.60 54.16
N GLY E 278 -11.45 6.81 54.25
CA GLY E 278 -12.52 6.84 53.27
C GLY E 278 -12.66 5.53 52.53
N PRO E 279 -13.75 5.38 51.78
CA PRO E 279 -13.95 4.15 51.02
C PRO E 279 -13.03 4.05 49.81
N ILE E 280 -12.79 2.82 49.39
CA ILE E 280 -11.85 2.47 48.31
C ILE E 280 -12.60 1.54 47.35
N ALA E 281 -12.27 1.64 46.06
CA ALA E 281 -12.80 0.68 45.08
C ALA E 281 -12.30 -0.72 45.36
N VAL E 282 -13.18 -1.70 45.20
CA VAL E 282 -12.79 -3.10 45.40
C VAL E 282 -11.92 -3.53 44.24
N GLU E 283 -10.88 -4.31 44.55
CA GLU E 283 -9.87 -4.74 43.61
C GLU E 283 -9.09 -5.91 44.21
N PRO E 284 -8.71 -6.89 43.40
CA PRO E 284 -7.64 -7.80 43.82
C PRO E 284 -6.30 -7.09 43.66
N TYR E 285 -5.48 -7.14 44.72
CA TYR E 285 -4.35 -6.21 44.94
C TYR E 285 -4.86 -4.77 44.95
N GLY E 286 -5.68 -4.47 45.96
CA GLY E 286 -6.46 -3.25 46.06
C GLY E 286 -5.69 -1.96 46.01
N SER E 287 -5.78 -1.26 44.89
CA SER E 287 -4.91 -0.14 44.60
C SER E 287 -5.70 1.04 44.07
N VAL E 288 -5.26 2.23 44.44
CA VAL E 288 -5.73 3.48 43.86
C VAL E 288 -4.63 3.98 42.93
N THR E 289 -4.98 4.16 41.65
CA THR E 289 -3.98 4.59 40.67
C THR E 289 -3.57 6.04 40.86
N SER E 290 -4.50 6.89 41.30
CA SER E 290 -4.22 8.30 41.50
C SER E 290 -3.18 8.51 42.59
N GLN E 291 -3.52 8.13 43.82
CA GLN E 291 -2.66 8.33 44.98
C GLN E 291 -1.42 7.45 44.97
N GLY E 292 -1.26 6.54 44.00
CA GLY E 292 -0.08 5.71 43.89
C GLY E 292 0.02 4.60 44.91
N LYS E 293 -0.91 4.50 45.84
CA LYS E 293 -0.85 3.50 46.89
C LYS E 293 -1.50 2.21 46.42
N ALA E 294 -0.91 1.10 46.85
CA ALA E 294 -1.45 -0.23 46.55
C ALA E 294 -1.56 -0.95 47.89
N TYR E 295 -2.77 -0.96 48.46
CA TYR E 295 -3.04 -1.79 49.62
C TYR E 295 -3.22 -3.24 49.19
N ARG E 296 -3.40 -4.11 50.18
CA ARG E 296 -3.73 -5.53 49.99
C ARG E 296 -2.67 -6.25 49.16
N GLN E 297 -1.40 -5.97 49.46
CA GLN E 297 -0.27 -6.59 48.81
C GLN E 297 -0.23 -8.10 49.08
N PRO E 298 0.40 -8.88 48.20
CA PRO E 298 0.47 -10.34 48.44
C PRO E 298 1.43 -10.74 49.54
N LYS E 299 2.29 -9.83 50.01
CA LYS E 299 3.13 -10.14 51.17
C LYS E 299 2.32 -10.24 52.45
N GLN E 300 1.16 -9.57 52.49
CA GLN E 300 0.14 -9.82 53.49
C GLN E 300 -0.85 -10.84 52.96
N LYS E 301 -1.48 -11.57 53.89
CA LYS E 301 -2.48 -12.57 53.53
C LYS E 301 -3.89 -11.98 53.62
N LEU E 302 -4.11 -10.91 52.84
CA LEU E 302 -5.43 -10.28 52.75
C LEU E 302 -5.77 -9.90 51.31
N ASP E 303 -5.14 -10.53 50.34
CA ASP E 303 -5.48 -10.34 48.94
C ASP E 303 -6.79 -11.06 48.63
N PHE E 304 -7.33 -10.79 47.45
CA PHE E 304 -8.55 -11.48 47.01
C PHE E 304 -8.26 -12.95 46.71
N TYR E 305 -7.14 -13.23 46.05
CA TYR E 305 -6.81 -14.60 45.67
C TYR E 305 -6.47 -15.46 46.88
N THR E 306 -5.91 -14.86 47.93
CA THR E 306 -5.57 -15.61 49.13
C THR E 306 -6.82 -16.10 49.84
N LEU E 307 -7.76 -15.20 50.13
CA LEU E 307 -9.02 -15.60 50.74
C LEU E 307 -9.87 -16.47 49.81
N LEU E 308 -9.69 -16.33 48.50
CA LEU E 308 -10.48 -17.16 47.58
C LEU E 308 -9.94 -18.59 47.52
N ASP E 309 -8.62 -18.76 47.47
CA ASP E 309 -8.05 -20.11 47.57
C ASP E 309 -8.12 -20.68 48.98
N ASN E 310 -8.41 -19.87 49.98
CA ASN E 310 -8.69 -20.42 51.30
C ASN E 310 -10.13 -20.87 51.44
N TRP E 311 -11.08 -20.07 50.95
CA TRP E 311 -12.51 -20.33 51.12
C TRP E 311 -13.03 -21.40 50.17
N VAL E 312 -12.23 -21.81 49.19
CA VAL E 312 -12.64 -22.81 48.20
C VAL E 312 -11.78 -24.07 48.30
N LEU E 313 -10.47 -23.94 48.13
CA LEU E 313 -9.58 -25.09 48.22
C LEU E 313 -9.40 -25.56 49.66
N ARG E 314 -8.86 -24.69 50.51
CA ARG E 314 -8.49 -25.04 51.88
C ARG E 314 -9.65 -24.94 52.87
N ASP E 315 -10.87 -24.67 52.38
CA ASP E 315 -12.13 -24.56 53.14
C ASP E 315 -12.04 -23.57 54.32
N GLU E 316 -11.11 -22.62 54.26
CA GLU E 316 -10.88 -21.65 55.33
C GLU E 316 -11.64 -20.36 55.00
N ALA E 317 -12.80 -20.20 55.60
CA ALA E 317 -13.54 -18.97 55.46
C ALA E 317 -12.81 -17.86 56.19
N PRO E 318 -12.66 -16.68 55.59
CA PRO E 318 -12.11 -15.53 56.32
C PRO E 318 -13.15 -14.90 57.23
N ALA E 319 -12.86 -13.72 57.77
CA ALA E 319 -13.85 -12.99 58.53
C ALA E 319 -15.01 -12.54 57.65
N VAL E 320 -16.02 -11.97 58.30
CA VAL E 320 -17.25 -11.55 57.62
C VAL E 320 -16.98 -10.43 56.61
N GLU E 321 -16.14 -9.47 56.97
CA GLU E 321 -15.88 -8.32 56.12
C GLU E 321 -14.99 -8.68 54.93
N GLN E 322 -14.05 -9.60 55.11
CA GLN E 322 -13.28 -10.08 53.96
C GLN E 322 -14.15 -10.90 53.02
N GLN E 323 -15.18 -11.56 53.55
CA GLN E 323 -16.13 -12.26 52.71
C GLN E 323 -16.98 -11.27 51.91
N HIS E 324 -17.33 -10.13 52.52
CA HIS E 324 -17.96 -9.03 51.78
C HIS E 324 -17.07 -8.54 50.65
N TYR E 325 -15.77 -8.42 50.91
CA TYR E 325 -14.84 -7.93 49.89
C TYR E 325 -14.72 -8.90 48.72
N VAL E 326 -14.61 -10.21 49.00
CA VAL E 326 -14.42 -11.14 47.90
C VAL E 326 -15.73 -11.36 47.13
N ILE E 327 -16.88 -11.21 47.78
CA ILE E 327 -18.14 -11.27 47.05
C ILE E 327 -18.32 -10.02 46.18
N ALA E 328 -17.88 -8.85 46.65
CA ALA E 328 -17.93 -7.66 45.80
C ALA E 328 -16.97 -7.77 44.62
N ASN E 329 -15.85 -8.48 44.81
CA ASN E 329 -14.98 -8.81 43.68
C ASN E 329 -15.68 -9.70 42.67
N LEU E 330 -16.42 -10.70 43.14
CA LEU E 330 -17.14 -11.57 42.21
C LEU E 330 -18.31 -10.87 41.53
N ILE E 331 -18.87 -9.83 42.15
CA ILE E 331 -19.84 -8.99 41.45
C ILE E 331 -19.15 -8.11 40.41
N ARG E 332 -17.91 -7.69 40.69
CA ARG E 332 -17.14 -6.94 39.71
C ARG E 332 -16.80 -7.79 38.48
N GLY E 333 -16.38 -9.03 38.69
CA GLY E 333 -16.14 -9.95 37.61
C GLY E 333 -14.79 -9.75 36.96
N GLY E 334 -14.37 -10.76 36.21
CA GLY E 334 -13.09 -10.67 35.54
C GLY E 334 -12.49 -12.03 35.27
N VAL E 335 -11.19 -12.03 34.99
CA VAL E 335 -10.44 -13.18 34.50
C VAL E 335 -9.56 -13.71 35.62
N PHE E 336 -9.75 -14.99 35.99
CA PHE E 336 -8.88 -15.67 36.93
C PHE E 336 -8.25 -16.88 36.23
N GLY E 337 -7.06 -17.27 36.67
CA GLY E 337 -6.38 -18.32 35.94
C GLY E 337 -5.20 -19.00 36.59
N GLU E 338 -4.19 -19.30 35.78
CA GLU E 338 -3.02 -20.05 36.20
C GLU E 338 -1.82 -19.12 36.41
N ILE F 5 -16.20 -58.11 5.35
CA ILE F 5 -16.72 -58.20 6.71
C ILE F 5 -17.57 -56.98 7.02
N LEU F 6 -17.80 -56.16 5.99
CA LEU F 6 -18.56 -54.90 6.05
C LEU F 6 -17.96 -53.95 7.09
N SER F 7 -16.74 -53.52 6.80
CA SER F 7 -16.13 -52.46 7.58
C SER F 7 -16.70 -51.11 7.16
N THR F 8 -16.43 -50.09 7.97
CA THR F 8 -16.94 -48.76 7.69
C THR F 8 -16.11 -48.08 6.61
N ALA F 9 -16.66 -46.99 6.07
CA ALA F 9 -15.99 -46.27 4.99
C ALA F 9 -14.82 -45.46 5.53
N SER F 10 -13.82 -45.25 4.68
CA SER F 10 -12.67 -44.46 5.07
C SER F 10 -12.92 -42.97 4.92
N VAL F 11 -13.59 -42.57 3.85
CA VAL F 11 -14.02 -41.20 3.65
C VAL F 11 -15.53 -41.14 3.80
N LEU F 12 -16.00 -40.33 4.74
CA LEU F 12 -17.42 -40.20 5.01
C LEU F 12 -17.74 -38.75 5.32
N ALA F 13 -18.76 -38.22 4.65
CA ALA F 13 -19.10 -36.81 4.77
C ALA F 13 -20.61 -36.65 4.74
N PHE F 14 -21.15 -35.97 5.75
CA PHE F 14 -22.56 -35.63 5.80
C PHE F 14 -22.70 -34.13 5.80
N GLU F 15 -23.55 -33.62 4.91
CA GLU F 15 -23.76 -32.19 4.78
C GLU F 15 -24.65 -31.66 5.90
N ARG F 16 -24.76 -30.34 5.96
CA ARG F 16 -25.48 -29.66 7.02
C ARG F 16 -26.90 -29.34 6.58
N LYS F 17 -27.86 -29.71 7.42
CA LYS F 17 -29.19 -29.13 7.38
C LYS F 17 -29.25 -28.06 8.47
N LEU F 18 -30.28 -27.21 8.37
CA LEU F 18 -30.46 -26.02 9.22
C LEU F 18 -29.26 -25.08 9.14
N ASP F 19 -29.06 -24.55 7.93
CA ASP F 19 -27.99 -23.58 7.70
C ASP F 19 -28.48 -22.15 7.95
N PRO F 20 -28.01 -21.47 9.01
CA PRO F 20 -28.49 -20.11 9.29
C PRO F 20 -27.64 -19.04 8.62
N SER F 21 -28.00 -17.78 8.81
CA SER F 21 -27.20 -16.66 8.37
C SER F 21 -26.62 -15.93 9.58
N ASP F 22 -25.76 -14.95 9.32
CA ASP F 22 -25.26 -14.10 10.39
C ASP F 22 -26.37 -13.18 10.88
N ALA F 23 -26.50 -13.08 12.21
CA ALA F 23 -27.58 -12.31 12.80
C ALA F 23 -27.23 -10.83 12.80
N LEU F 24 -27.98 -10.04 12.05
CA LEU F 24 -27.74 -8.62 12.03
C LEU F 24 -28.42 -7.95 13.21
N MET F 25 -27.74 -6.94 13.76
CA MET F 25 -28.13 -6.27 15.00
C MET F 25 -28.49 -4.83 14.70
N SER F 26 -29.60 -4.38 15.25
CA SER F 26 -30.05 -3.02 15.06
C SER F 26 -30.74 -2.54 16.33
N ALA F 27 -31.02 -1.24 16.37
CA ALA F 27 -31.42 -0.56 17.60
C ALA F 27 -32.72 0.19 17.39
N GLY F 28 -33.53 0.26 18.43
CA GLY F 28 -34.76 1.00 18.33
C GLY F 28 -35.51 1.06 19.64
N ALA F 29 -36.79 1.39 19.54
CA ALA F 29 -37.65 1.60 20.70
C ALA F 29 -38.78 0.58 20.70
N TRP F 30 -39.08 0.06 21.89
CA TRP F 30 -40.20 -0.86 22.07
C TRP F 30 -41.51 -0.13 21.82
N ALA F 31 -42.51 -0.91 21.38
CA ALA F 31 -43.81 -0.54 20.79
C ALA F 31 -43.66 0.05 19.39
N GLN F 32 -42.45 0.26 18.90
CA GLN F 32 -42.15 0.46 17.49
C GLN F 32 -41.51 -0.78 16.90
N ARG F 33 -41.87 -1.94 17.43
CA ARG F 33 -41.28 -3.21 17.00
C ARG F 33 -41.69 -3.57 15.57
N ASP F 34 -42.94 -3.29 15.20
CA ASP F 34 -43.46 -3.78 13.94
C ASP F 34 -42.89 -3.03 12.75
N ALA F 35 -42.57 -1.75 12.92
CA ALA F 35 -41.93 -0.96 11.86
C ALA F 35 -40.42 -0.91 12.07
N SER F 36 -39.79 -2.07 11.91
CA SER F 36 -38.37 -2.25 12.18
C SER F 36 -37.57 -2.52 10.92
N GLN F 37 -38.06 -2.09 9.77
CA GLN F 37 -37.34 -2.26 8.52
C GLN F 37 -36.41 -1.09 8.20
N GLU F 38 -36.57 0.03 8.89
CA GLU F 38 -35.70 1.19 8.72
C GLU F 38 -34.96 1.52 10.01
N TRP F 39 -34.75 0.51 10.86
CA TRP F 39 -34.12 0.74 12.15
C TRP F 39 -32.62 0.95 11.98
N PRO F 40 -32.02 1.85 12.77
CA PRO F 40 -30.58 2.09 12.65
C PRO F 40 -29.76 0.96 13.24
N ALA F 41 -28.62 0.71 12.61
CA ALA F 41 -27.76 -0.41 12.99
C ALA F 41 -26.88 -0.07 14.18
N VAL F 42 -26.56 -1.09 14.96
CA VAL F 42 -25.63 -0.95 16.07
C VAL F 42 -24.21 -1.09 15.55
N THR F 43 -23.36 -0.14 15.90
CA THR F 43 -22.00 -0.06 15.37
C THR F 43 -21.00 -0.47 16.44
N VAL F 44 -19.95 -1.16 16.02
CA VAL F 44 -18.80 -1.45 16.87
C VAL F 44 -17.86 -0.27 16.82
N ARG F 45 -17.47 0.24 18.00
CA ARG F 45 -16.53 1.34 18.08
C ARG F 45 -15.44 1.01 19.09
N GLU F 46 -14.29 1.64 18.93
CA GLU F 46 -13.16 1.40 19.82
C GLU F 46 -13.23 2.32 21.02
N LYS F 47 -12.66 1.85 22.13
CA LYS F 47 -12.46 2.71 23.28
C LYS F 47 -11.16 2.30 23.94
N SER F 48 -10.45 3.28 24.49
CA SER F 48 -9.15 3.05 25.10
C SER F 48 -9.29 3.29 26.59
N VAL F 49 -9.32 2.20 27.34
CA VAL F 49 -9.55 2.26 28.75
C VAL F 49 -8.21 2.22 29.48
N ARG F 50 -8.24 2.62 30.74
CA ARG F 50 -7.08 2.57 31.62
C ARG F 50 -7.49 1.77 32.84
N GLY F 51 -6.92 0.58 33.00
CA GLY F 51 -7.21 -0.27 34.12
C GLY F 51 -6.03 -0.34 35.07
N THR F 52 -6.29 -0.88 36.24
CA THR F 52 -5.19 -1.22 37.14
C THR F 52 -4.83 -2.69 36.92
N ILE F 53 -3.66 -3.08 37.42
CA ILE F 53 -3.16 -4.43 37.21
C ILE F 53 -3.94 -5.38 38.12
N SER F 54 -4.97 -6.00 37.57
CA SER F 54 -5.83 -6.93 38.30
C SER F 54 -5.75 -8.29 37.62
N ASN F 55 -4.72 -9.06 37.97
CA ASN F 55 -4.52 -10.40 37.44
C ASN F 55 -3.52 -11.13 38.33
N ARG F 56 -3.44 -12.44 38.13
CA ARG F 56 -2.47 -13.27 38.84
C ARG F 56 -1.11 -13.13 38.17
N LEU F 57 -0.11 -12.68 38.93
CA LEU F 57 1.21 -12.43 38.39
C LEU F 57 2.14 -13.62 38.62
N LYS F 58 3.00 -13.88 37.64
CA LYS F 58 4.00 -14.94 37.70
C LYS F 58 5.12 -14.49 38.62
N THR F 59 5.06 -14.93 39.88
CA THR F 59 5.99 -14.50 40.91
C THR F 59 7.14 -15.49 41.12
N LYS F 60 7.38 -16.38 40.15
CA LYS F 60 8.46 -17.35 40.30
C LYS F 60 9.82 -16.72 39.97
N ASP F 61 9.92 -16.00 38.85
CA ASP F 61 11.20 -15.49 38.39
C ASP F 61 11.20 -13.97 38.26
N ARG F 62 10.25 -13.29 38.90
CA ARG F 62 10.18 -11.84 38.89
C ARG F 62 10.48 -11.30 40.29
N ASP F 63 11.18 -10.16 40.32
CA ASP F 63 11.49 -9.52 41.59
C ASP F 63 10.25 -8.83 42.15
N PRO F 64 10.11 -8.77 43.49
CA PRO F 64 8.93 -8.10 44.07
C PRO F 64 8.95 -6.59 43.92
N ALA F 65 10.10 -5.99 43.62
CA ALA F 65 10.13 -4.54 43.38
C ALA F 65 9.44 -4.19 42.07
N LYS F 66 9.77 -4.91 40.99
CA LYS F 66 9.10 -4.69 39.72
C LYS F 66 7.63 -5.12 39.79
N LEU F 67 7.32 -6.13 40.60
CA LEU F 67 5.93 -6.56 40.77
C LEU F 67 5.11 -5.49 41.50
N ASP F 68 5.70 -4.87 42.53
CA ASP F 68 5.00 -3.83 43.26
C ASP F 68 4.84 -2.56 42.44
N ALA F 69 5.92 -2.13 41.77
CA ALA F 69 5.84 -0.98 40.88
C ALA F 69 4.94 -1.26 39.67
N SER F 70 4.76 -2.52 39.31
CA SER F 70 3.79 -2.88 38.28
C SER F 70 2.37 -2.70 38.78
N ILE F 71 2.04 -3.33 39.91
CA ILE F 71 0.66 -3.28 40.40
C ILE F 71 0.29 -1.97 41.07
N GLN F 72 1.23 -1.02 41.19
CA GLN F 72 0.83 0.34 41.52
C GLN F 72 0.36 1.11 40.27
N SER F 73 1.23 1.21 39.27
CA SER F 73 0.93 2.00 38.08
C SER F 73 -0.13 1.31 37.22
N PRO F 74 -0.91 2.07 36.46
CA PRO F 74 -1.97 1.47 35.64
C PRO F 74 -1.41 0.85 34.36
N ASN F 75 -2.34 0.34 33.55
CA ASN F 75 -2.08 -0.16 32.21
C ASN F 75 -3.16 0.35 31.28
N LEU F 76 -2.81 0.46 30.00
CA LEU F 76 -3.64 1.10 28.99
C LEU F 76 -4.00 0.08 27.92
N GLN F 77 -5.28 -0.01 27.58
CA GLN F 77 -5.76 -1.04 26.66
C GLN F 77 -6.73 -0.46 25.65
N THR F 78 -6.67 -0.98 24.42
CA THR F 78 -7.59 -0.64 23.35
C THR F 78 -8.54 -1.80 23.14
N VAL F 79 -9.83 -1.56 23.36
CA VAL F 79 -10.84 -2.62 23.36
C VAL F 79 -12.06 -2.14 22.59
N ASP F 80 -12.59 -2.99 21.72
CA ASP F 80 -13.81 -2.68 20.99
C ASP F 80 -15.03 -2.86 21.90
N VAL F 81 -16.11 -2.18 21.53
CA VAL F 81 -17.33 -2.17 22.33
C VAL F 81 -18.50 -1.84 21.41
N ALA F 82 -19.70 -2.22 21.84
CA ALA F 82 -20.94 -1.93 21.12
C ALA F 82 -22.02 -1.66 22.15
N ASN F 83 -22.63 -0.49 22.08
CA ASN F 83 -23.67 -0.10 23.03
C ASN F 83 -24.92 0.29 22.28
N LEU F 84 -26.03 0.34 22.99
CA LEU F 84 -27.25 0.87 22.42
C LEU F 84 -27.19 2.39 22.41
N PRO F 85 -27.95 3.04 21.52
CA PRO F 85 -28.12 4.49 21.59
C PRO F 85 -28.86 4.91 22.86
N SER F 86 -28.87 6.22 23.10
CA SER F 86 -29.39 6.76 24.34
C SER F 86 -30.89 7.04 24.32
N ASP F 87 -31.54 6.89 23.17
CA ASP F 87 -33.00 6.93 23.10
C ASP F 87 -33.61 5.58 22.73
N ALA F 88 -32.80 4.52 22.71
CA ALA F 88 -33.20 3.21 22.23
C ALA F 88 -33.11 2.20 23.36
N ASP F 89 -34.19 1.47 23.60
CA ASP F 89 -34.23 0.43 24.62
C ASP F 89 -34.41 -0.96 24.05
N THR F 90 -34.23 -1.15 22.74
CA THR F 90 -34.54 -2.43 22.12
C THR F 90 -33.45 -2.79 21.12
N LEU F 91 -32.94 -4.01 21.25
CA LEU F 91 -32.10 -4.65 20.26
C LEU F 91 -32.96 -5.53 19.36
N LYS F 92 -32.63 -5.56 18.08
CA LYS F 92 -33.28 -6.44 17.12
C LYS F 92 -32.19 -7.27 16.44
N VAL F 93 -32.30 -8.59 16.54
CA VAL F 93 -31.44 -9.50 15.77
C VAL F 93 -32.30 -10.15 14.70
N ARG F 94 -31.75 -10.24 13.49
CA ARG F 94 -32.49 -10.79 12.36
C ARG F 94 -31.60 -11.75 11.61
N PHE F 95 -32.14 -12.93 11.31
CA PHE F 95 -31.44 -13.89 10.46
C PHE F 95 -32.45 -14.72 9.69
N THR F 96 -31.95 -15.47 8.71
CA THR F 96 -32.75 -16.37 7.91
C THR F 96 -32.25 -17.79 8.11
N LEU F 97 -33.13 -18.76 7.90
CA LEU F 97 -32.82 -20.16 8.18
C LEU F 97 -33.53 -21.05 7.16
N ARG F 98 -32.77 -21.92 6.50
CA ARG F 98 -33.33 -22.89 5.57
C ARG F 98 -33.29 -24.28 6.21
N VAL F 99 -34.37 -25.03 6.07
CA VAL F 99 -34.43 -26.42 6.50
C VAL F 99 -34.59 -27.27 5.25
N LEU F 100 -33.57 -28.08 4.95
CA LEU F 100 -33.39 -28.63 3.61
C LEU F 100 -34.03 -30.00 3.42
N GLY F 101 -33.59 -30.99 4.17
CA GLY F 101 -34.00 -32.36 3.96
C GLY F 101 -32.86 -33.20 3.41
N GLY F 102 -33.15 -34.50 3.23
CA GLY F 102 -32.12 -35.42 2.84
C GLY F 102 -31.24 -35.80 4.02
N ALA F 103 -31.83 -36.49 5.00
CA ALA F 103 -31.22 -36.65 6.32
C ALA F 103 -29.99 -37.55 6.31
N GLY F 104 -30.13 -38.77 5.80
CA GLY F 104 -29.10 -39.77 5.94
C GLY F 104 -28.32 -40.13 4.69
N THR F 105 -28.40 -39.32 3.63
CA THR F 105 -27.67 -39.60 2.41
C THR F 105 -26.30 -38.96 2.46
N PRO F 106 -25.22 -39.73 2.46
CA PRO F 106 -23.88 -39.13 2.51
C PRO F 106 -23.46 -38.58 1.15
N SER F 107 -22.79 -37.43 1.19
CA SER F 107 -22.28 -36.81 -0.02
C SER F 107 -20.90 -37.33 -0.42
N ALA F 108 -20.29 -38.17 0.40
CA ALA F 108 -19.01 -38.78 0.07
C ALA F 108 -18.91 -40.11 0.78
N CYS F 109 -18.55 -41.15 0.03
CA CYS F 109 -18.37 -42.49 0.55
C CYS F 109 -17.36 -43.22 -0.31
N ASN F 110 -16.71 -44.23 0.27
CA ASN F 110 -15.80 -45.08 -0.49
C ASN F 110 -16.38 -46.45 -0.78
N ASP F 111 -17.38 -46.88 -0.03
CA ASP F 111 -18.02 -48.18 -0.22
C ASP F 111 -19.51 -47.96 -0.46
N ALA F 112 -20.04 -48.63 -1.49
CA ALA F 112 -21.48 -48.62 -1.72
C ALA F 112 -22.23 -49.56 -0.80
N ALA F 113 -21.54 -50.58 -0.25
CA ALA F 113 -22.15 -51.49 0.70
C ALA F 113 -22.51 -50.78 2.01
N TYR F 114 -21.55 -50.03 2.57
CA TYR F 114 -21.83 -49.23 3.76
C TYR F 114 -22.84 -48.13 3.47
N ARG F 115 -22.83 -47.58 2.25
CA ARG F 115 -23.80 -46.55 1.88
C ARG F 115 -25.22 -47.10 1.85
N ASP F 116 -25.42 -48.28 1.25
CA ASP F 116 -26.77 -48.82 1.18
C ASP F 116 -27.23 -49.34 2.53
N LYS F 117 -26.30 -49.86 3.35
CA LYS F 117 -26.62 -50.26 4.71
C LYS F 117 -27.06 -49.06 5.56
N LEU F 118 -26.35 -47.94 5.44
CA LEU F 118 -26.69 -46.73 6.19
C LEU F 118 -28.00 -46.12 5.70
N LEU F 119 -28.24 -46.14 4.39
CA LEU F 119 -29.50 -45.62 3.85
C LEU F 119 -30.68 -46.47 4.30
N GLN F 120 -30.50 -47.79 4.37
CA GLN F 120 -31.56 -48.67 4.87
C GLN F 120 -31.83 -48.44 6.35
N THR F 121 -30.78 -48.24 7.15
CA THR F 121 -30.95 -47.98 8.58
C THR F 121 -31.67 -46.66 8.83
N VAL F 122 -31.28 -45.60 8.11
CA VAL F 122 -31.91 -44.29 8.29
C VAL F 122 -33.35 -44.32 7.78
N ALA F 123 -33.61 -45.02 6.67
CA ALA F 123 -34.98 -45.14 6.17
C ALA F 123 -35.86 -45.94 7.12
N THR F 124 -35.29 -46.94 7.80
CA THR F 124 -36.01 -47.67 8.85
C THR F 124 -36.37 -46.75 10.01
N TYR F 125 -35.42 -45.88 10.41
CA TYR F 125 -35.70 -44.90 11.47
C TYR F 125 -36.84 -43.96 11.09
N VAL F 126 -36.79 -43.41 9.88
CA VAL F 126 -37.78 -42.41 9.48
C VAL F 126 -39.14 -43.07 9.26
N ASN F 127 -39.16 -44.33 8.80
CA ASN F 127 -40.42 -45.03 8.62
C ASN F 127 -41.05 -45.47 9.94
N GLU F 128 -40.25 -45.74 10.97
CA GLU F 128 -40.86 -46.18 12.24
C GLU F 128 -41.33 -45.00 13.06
N GLN F 129 -40.57 -43.90 13.08
CA GLN F 129 -40.95 -42.69 13.81
C GLN F 129 -40.49 -41.47 13.02
N GLY F 130 -41.40 -40.51 12.84
CA GLY F 130 -41.14 -39.38 11.96
C GLY F 130 -40.19 -38.36 12.58
N PHE F 131 -40.16 -37.19 11.94
CA PHE F 131 -39.31 -36.08 12.38
C PHE F 131 -40.07 -35.18 13.36
N ALA F 132 -40.68 -35.80 14.37
CA ALA F 132 -41.54 -35.07 15.29
C ALA F 132 -40.83 -34.64 16.55
N GLU F 133 -39.84 -35.41 17.02
CA GLU F 133 -39.14 -35.07 18.25
C GLU F 133 -38.11 -33.96 18.01
N LEU F 134 -37.20 -34.19 17.05
CA LEU F 134 -36.12 -33.25 16.76
C LEU F 134 -36.66 -31.90 16.30
N ALA F 135 -37.73 -31.90 15.51
CA ALA F 135 -38.30 -30.64 15.06
C ALA F 135 -39.02 -29.91 16.18
N ARG F 136 -39.59 -30.65 17.14
CA ARG F 136 -40.16 -30.03 18.34
C ARG F 136 -39.09 -29.33 19.17
N ARG F 137 -37.93 -29.97 19.31
CA ARG F 137 -36.86 -29.36 20.07
C ARG F 137 -36.23 -28.17 19.33
N TYR F 138 -36.13 -28.25 18.00
CA TYR F 138 -35.65 -27.12 17.21
C TYR F 138 -36.63 -25.96 17.25
N ALA F 139 -37.93 -26.24 17.28
CA ALA F 139 -38.92 -25.18 17.43
C ALA F 139 -38.88 -24.56 18.81
N HIS F 140 -38.55 -25.36 19.83
CA HIS F 140 -38.32 -24.82 21.16
C HIS F 140 -37.15 -23.85 21.18
N ASN F 141 -36.04 -24.23 20.54
CA ASN F 141 -34.88 -23.34 20.47
C ASN F 141 -35.10 -22.15 19.56
N LEU F 142 -36.08 -22.21 18.66
CA LEU F 142 -36.45 -21.03 17.88
C LEU F 142 -37.34 -20.09 18.67
N ALA F 143 -38.33 -20.63 19.38
CA ALA F 143 -39.36 -19.80 20.00
C ALA F 143 -38.87 -19.13 21.27
N ASN F 144 -38.02 -19.80 22.05
CA ASN F 144 -37.26 -19.09 23.05
C ASN F 144 -36.01 -18.54 22.37
N ALA F 145 -35.65 -17.30 22.70
CA ALA F 145 -34.56 -16.61 22.03
C ALA F 145 -33.24 -16.98 22.70
N ARG F 146 -32.88 -18.25 22.55
CA ARG F 146 -31.53 -18.69 22.86
C ARG F 146 -30.55 -18.21 21.81
N PHE F 147 -31.05 -17.85 20.62
CA PHE F 147 -30.29 -17.14 19.60
C PHE F 147 -29.65 -15.87 20.15
N LEU F 148 -30.41 -15.09 20.91
CA LEU F 148 -29.88 -13.94 21.65
C LEU F 148 -29.19 -14.49 22.90
N TRP F 149 -27.86 -14.56 22.85
CA TRP F 149 -27.13 -15.40 23.81
C TRP F 149 -26.92 -14.71 25.16
N ARG F 150 -26.13 -13.64 25.18
CA ARG F 150 -25.95 -12.86 26.39
C ARG F 150 -26.74 -11.56 26.37
N ASN F 151 -27.40 -11.26 25.25
CA ASN F 151 -28.33 -10.15 25.15
C ASN F 151 -29.71 -10.48 25.70
N ARG F 152 -29.92 -11.71 26.19
CA ARG F 152 -31.16 -12.12 26.83
C ARG F 152 -30.93 -12.62 28.25
N VAL F 153 -29.77 -12.31 28.83
CA VAL F 153 -29.47 -12.76 30.19
C VAL F 153 -30.31 -12.00 31.19
N GLY F 154 -30.32 -10.68 31.11
CA GLY F 154 -31.14 -9.88 31.99
C GLY F 154 -32.06 -8.92 31.27
N ALA F 155 -32.49 -9.28 30.07
CA ALA F 155 -33.44 -8.46 29.33
C ALA F 155 -34.80 -8.52 29.99
N GLU F 156 -35.56 -7.44 29.83
CA GLU F 156 -36.86 -7.32 30.49
C GLU F 156 -37.95 -8.07 29.74
N ALA F 157 -38.03 -7.86 28.43
CA ALA F 157 -39.00 -8.57 27.59
C ALA F 157 -38.33 -8.94 26.29
N VAL F 158 -38.41 -10.23 25.95
CA VAL F 158 -37.84 -10.74 24.70
C VAL F 158 -39.00 -11.28 23.87
N GLU F 159 -39.03 -10.94 22.59
CA GLU F 159 -40.09 -11.36 21.69
C GLU F 159 -39.51 -11.87 20.39
N VAL F 160 -39.89 -13.08 19.99
CA VAL F 160 -39.42 -13.71 18.76
C VAL F 160 -40.55 -13.72 17.74
N ARG F 161 -40.24 -13.36 16.50
CA ARG F 161 -41.21 -13.35 15.42
C ARG F 161 -40.65 -14.14 14.26
N ILE F 162 -41.38 -15.18 13.84
CA ILE F 162 -40.94 -16.10 12.80
C ILE F 162 -41.88 -15.97 11.61
N ASN F 163 -41.31 -15.78 10.43
CA ASN F 163 -42.05 -15.63 9.19
C ASN F 163 -41.68 -16.74 8.23
N HIS F 164 -42.68 -17.29 7.54
CA HIS F 164 -42.47 -18.34 6.54
C HIS F 164 -42.46 -17.67 5.17
N ILE F 165 -41.29 -17.57 4.55
CA ILE F 165 -41.14 -16.88 3.27
C ILE F 165 -41.42 -17.88 2.15
N ARG F 166 -42.48 -17.64 1.38
CA ARG F 166 -42.92 -18.60 0.38
C ARG F 166 -42.23 -18.35 -0.96
N GLN F 167 -42.46 -17.19 -1.57
CA GLN F 167 -41.72 -16.77 -2.74
C GLN F 167 -40.92 -15.50 -2.46
N GLY F 168 -41.58 -14.41 -2.11
CA GLY F 168 -40.88 -13.19 -1.76
C GLY F 168 -41.58 -12.43 -0.65
N GLU F 169 -42.71 -12.95 -0.18
CA GLU F 169 -43.46 -12.35 0.90
C GLU F 169 -43.89 -13.43 1.88
N VAL F 170 -44.56 -13.00 2.95
CA VAL F 170 -44.85 -13.86 4.09
C VAL F 170 -46.02 -14.78 3.78
N ALA F 171 -45.96 -16.01 4.30
CA ALA F 171 -47.03 -16.98 4.16
C ALA F 171 -47.62 -17.43 5.49
N ARG F 172 -46.86 -17.35 6.58
CA ARG F 172 -47.34 -17.75 7.90
C ARG F 172 -46.48 -17.06 8.95
N THR F 173 -47.12 -16.50 9.98
CA THR F 173 -46.43 -15.78 11.03
C THR F 173 -46.65 -16.45 12.38
N TRP F 174 -45.59 -16.55 13.17
CA TRP F 174 -45.69 -16.89 14.58
C TRP F 174 -45.08 -15.78 15.42
N ARG F 175 -45.69 -15.50 16.56
CA ARG F 175 -45.17 -14.55 17.54
C ARG F 175 -45.07 -15.23 18.88
N PHE F 176 -43.89 -15.17 19.49
CA PHE F 176 -43.60 -15.92 20.70
C PHE F 176 -42.99 -15.01 21.76
N ASP F 177 -43.37 -15.28 23.02
CA ASP F 177 -42.74 -14.66 24.17
C ASP F 177 -41.61 -15.56 24.63
N ALA F 178 -40.37 -15.08 24.48
CA ALA F 178 -39.21 -15.92 24.71
C ALA F 178 -38.94 -16.20 26.18
N LEU F 179 -39.49 -15.39 27.08
CA LEU F 179 -39.29 -15.63 28.50
C LEU F 179 -40.42 -16.45 29.13
N ALA F 180 -41.60 -16.48 28.49
CA ALA F 180 -42.65 -17.40 28.91
C ALA F 180 -42.23 -18.83 28.72
N ILE F 181 -41.57 -19.12 27.61
CA ILE F 181 -40.97 -20.43 27.34
C ILE F 181 -39.61 -20.47 28.00
N GLY F 182 -39.26 -21.62 28.58
CA GLY F 182 -38.04 -21.73 29.34
C GLY F 182 -36.82 -21.95 28.47
N LEU F 183 -35.70 -22.19 29.14
CA LEU F 183 -34.46 -22.62 28.49
C LEU F 183 -34.12 -24.07 28.78
N ARG F 184 -34.82 -24.74 29.69
CA ARG F 184 -34.53 -26.11 30.08
C ARG F 184 -35.67 -27.07 29.86
N ASP F 185 -36.92 -26.60 29.84
CA ASP F 185 -38.08 -27.47 29.70
C ASP F 185 -38.53 -27.55 28.25
N PHE F 186 -39.12 -28.68 27.89
CA PHE F 186 -39.71 -28.90 26.57
C PHE F 186 -41.19 -29.17 26.77
N LYS F 187 -42.02 -28.19 26.42
CA LYS F 187 -43.44 -28.19 26.70
C LYS F 187 -44.25 -28.42 25.43
N ALA F 188 -45.58 -28.34 25.55
CA ALA F 188 -46.48 -28.55 24.44
C ALA F 188 -47.36 -27.32 24.25
N ASP F 189 -47.26 -26.70 23.08
CA ASP F 189 -48.05 -25.54 22.71
C ASP F 189 -48.65 -25.78 21.34
N ALA F 190 -49.62 -24.93 20.95
CA ALA F 190 -50.26 -25.09 19.65
C ALA F 190 -49.39 -24.55 18.52
N GLU F 191 -49.00 -23.26 18.62
CA GLU F 191 -48.20 -22.64 17.56
C GLU F 191 -46.78 -23.20 17.51
N LEU F 192 -46.26 -23.63 18.66
CA LEU F 192 -44.99 -24.33 18.69
C LEU F 192 -45.06 -25.65 17.95
N ASP F 193 -46.19 -26.36 18.07
CA ASP F 193 -46.34 -27.61 17.34
C ASP F 193 -46.58 -27.38 15.85
N ALA F 194 -47.22 -26.26 15.48
CA ALA F 194 -47.38 -25.97 14.06
C ALA F 194 -46.05 -25.60 13.41
N LEU F 195 -45.22 -24.82 14.11
CA LEU F 195 -43.87 -24.53 13.62
C LEU F 195 -43.01 -25.79 13.57
N ALA F 196 -43.18 -26.68 14.56
CA ALA F 196 -42.44 -27.94 14.55
C ALA F 196 -42.88 -28.85 13.41
N GLU F 197 -44.17 -28.83 13.06
CA GLU F 197 -44.62 -29.59 11.90
C GLU F 197 -44.10 -29.00 10.59
N LEU F 198 -43.92 -27.67 10.53
CA LEU F 198 -43.31 -27.10 9.33
C LEU F 198 -41.84 -27.48 9.21
N ILE F 199 -41.10 -27.46 10.33
CA ILE F 199 -39.70 -27.91 10.31
C ILE F 199 -39.63 -29.40 9.99
N ALA F 200 -40.61 -30.18 10.46
CA ALA F 200 -40.66 -31.61 10.16
C ALA F 200 -40.92 -31.88 8.68
N SER F 201 -41.79 -31.08 8.07
CA SER F 201 -42.00 -31.19 6.63
C SER F 201 -40.78 -30.72 5.85
N GLY F 202 -39.99 -29.81 6.43
CA GLY F 202 -38.75 -29.42 5.78
C GLY F 202 -37.69 -30.51 5.83
N LEU F 203 -37.54 -31.16 6.98
CA LEU F 203 -36.54 -32.21 7.14
C LEU F 203 -36.94 -33.52 6.48
N SER F 204 -38.21 -33.68 6.08
CA SER F 204 -38.68 -34.90 5.44
C SER F 204 -38.41 -34.93 3.94
N GLY F 205 -37.96 -33.83 3.36
CA GLY F 205 -37.80 -33.76 1.92
C GLY F 205 -39.06 -33.44 1.16
N SER F 206 -40.12 -33.05 1.85
CA SER F 206 -41.43 -32.81 1.26
C SER F 206 -41.74 -31.32 1.18
N GLY F 207 -40.75 -30.50 0.89
CA GLY F 207 -40.95 -29.08 0.73
C GLY F 207 -39.71 -28.30 1.09
N HIS F 208 -39.70 -27.04 0.68
CA HIS F 208 -38.61 -26.11 0.94
C HIS F 208 -39.05 -25.14 2.02
N VAL F 209 -38.30 -25.09 3.12
CA VAL F 209 -38.64 -24.28 4.28
C VAL F 209 -37.58 -23.19 4.41
N LEU F 210 -38.01 -21.94 4.26
CA LEU F 210 -37.17 -20.77 4.47
C LEU F 210 -37.88 -19.84 5.44
N LEU F 211 -37.21 -19.52 6.54
CA LEU F 211 -37.80 -18.75 7.62
C LEU F 211 -36.98 -17.50 7.88
N GLU F 212 -37.69 -16.44 8.27
CA GLU F 212 -37.08 -15.20 8.74
C GLU F 212 -37.35 -15.09 10.24
N VAL F 213 -36.28 -15.03 11.03
CA VAL F 213 -36.36 -15.00 12.48
C VAL F 213 -35.88 -13.63 12.94
N VAL F 214 -36.77 -12.88 13.57
CA VAL F 214 -36.37 -11.65 14.25
C VAL F 214 -36.61 -11.83 15.74
N ALA F 215 -35.78 -11.18 16.54
CA ALA F 215 -35.92 -11.20 17.99
C ALA F 215 -35.65 -9.79 18.52
N PHE F 216 -36.64 -9.25 19.23
CA PHE F 216 -36.53 -7.97 19.91
C PHE F 216 -36.27 -8.22 21.39
N ALA F 217 -35.16 -7.69 21.90
CA ALA F 217 -34.80 -7.78 23.31
C ALA F 217 -34.79 -6.39 23.93
N ARG F 218 -35.56 -6.21 25.00
CA ARG F 218 -35.67 -4.93 25.69
C ARG F 218 -34.59 -4.84 26.76
N ILE F 219 -33.47 -4.22 26.43
CA ILE F 219 -32.34 -4.13 27.35
C ILE F 219 -32.38 -2.84 28.16
N GLY F 220 -32.52 -1.70 27.49
CA GLY F 220 -32.53 -0.43 28.18
C GLY F 220 -31.84 0.66 27.39
N ASP F 221 -31.92 1.91 27.86
CA ASP F 221 -31.34 3.02 27.12
C ASP F 221 -29.83 3.05 27.32
N GLY F 222 -29.08 2.99 26.23
CA GLY F 222 -27.65 3.20 26.28
C GLY F 222 -26.84 2.05 26.82
N GLN F 223 -27.44 0.89 27.06
CA GLN F 223 -26.73 -0.22 27.66
C GLN F 223 -25.90 -0.95 26.60
N GLU F 224 -25.12 -1.92 27.06
CA GLU F 224 -24.17 -2.62 26.21
C GLU F 224 -24.80 -3.87 25.60
N VAL F 225 -24.73 -3.98 24.28
CA VAL F 225 -25.13 -5.19 23.57
C VAL F 225 -23.87 -5.94 23.18
N PHE F 226 -24.00 -7.27 23.03
CA PHE F 226 -22.86 -8.16 22.87
C PHE F 226 -22.93 -8.92 21.55
N PRO F 227 -22.28 -8.44 20.50
CA PRO F 227 -22.06 -9.27 19.31
C PRO F 227 -20.88 -10.22 19.52
N SER F 228 -20.53 -10.95 18.47
CA SER F 228 -19.50 -11.98 18.58
C SER F 228 -18.11 -11.39 18.46
N GLN F 229 -17.16 -12.08 19.07
CA GLN F 229 -15.76 -11.72 19.08
C GLN F 229 -15.06 -12.54 17.99
N GLU F 230 -13.75 -12.35 17.84
CA GLU F 230 -13.05 -12.91 16.69
C GLU F 230 -11.72 -13.51 17.14
N LEU F 231 -11.38 -14.65 16.55
CA LEU F 231 -10.10 -15.30 16.74
C LEU F 231 -9.07 -14.63 15.85
N ILE F 232 -8.16 -13.87 16.44
CA ILE F 232 -6.97 -13.41 15.71
C ILE F 232 -5.90 -14.48 15.89
N LEU F 233 -5.77 -15.35 14.90
CA LEU F 233 -4.90 -16.53 14.99
C LEU F 233 -3.58 -16.21 14.30
N ASP F 234 -2.49 -16.23 15.09
CA ASP F 234 -1.11 -16.01 14.65
C ASP F 234 -0.92 -14.64 14.00
N LYS F 235 -1.74 -13.67 14.37
CA LYS F 235 -1.64 -12.32 13.84
C LYS F 235 -1.75 -11.23 14.90
N GLY F 236 -2.13 -11.56 16.12
CA GLY F 236 -2.22 -10.58 17.18
C GLY F 236 -1.80 -11.12 18.53
N ASP F 237 -1.25 -12.34 18.54
CA ASP F 237 -0.85 -13.02 19.77
C ASP F 237 0.65 -12.88 20.03
N LYS F 238 1.25 -11.76 19.62
CA LYS F 238 2.67 -11.51 19.81
C LYS F 238 2.96 -10.70 21.06
N LYS F 239 2.32 -9.53 21.20
CA LYS F 239 2.54 -8.67 22.34
C LYS F 239 1.27 -8.10 22.95
N GLY F 240 0.10 -8.35 22.35
CA GLY F 240 -1.13 -7.80 22.88
C GLY F 240 -1.41 -6.38 22.47
N GLN F 241 -1.23 -6.06 21.19
CA GLN F 241 -1.44 -4.70 20.71
C GLN F 241 -2.91 -4.34 20.57
N LYS F 242 -3.79 -5.32 20.37
CA LYS F 242 -5.22 -5.10 20.29
C LYS F 242 -5.91 -6.17 21.13
N SER F 243 -6.80 -5.74 22.02
CA SER F 243 -7.33 -6.63 23.05
C SER F 243 -8.53 -7.42 22.55
N LYS F 244 -9.59 -6.74 22.15
CA LYS F 244 -10.86 -7.37 21.82
C LYS F 244 -11.36 -6.80 20.51
N THR F 245 -11.71 -7.69 19.59
CA THR F 245 -12.26 -7.31 18.29
C THR F 245 -13.63 -7.96 18.11
N LEU F 246 -14.65 -7.14 17.90
CA LEU F 246 -16.01 -7.62 17.75
C LEU F 246 -16.35 -7.75 16.27
N TYR F 247 -17.23 -8.70 15.97
CA TYR F 247 -17.55 -9.06 14.59
C TYR F 247 -18.63 -8.15 14.05
N SER F 248 -18.34 -7.50 12.94
CA SER F 248 -19.27 -6.63 12.25
C SER F 248 -19.03 -6.76 10.75
N VAL F 249 -20.10 -6.90 9.98
CA VAL F 249 -19.94 -7.20 8.56
C VAL F 249 -19.73 -5.92 7.74
N ARG F 250 -20.73 -5.03 7.71
CA ARG F 250 -20.60 -3.76 6.99
C ARG F 250 -21.25 -2.67 7.82
N ASP F 251 -20.44 -2.06 8.71
CA ASP F 251 -20.84 -0.99 9.63
C ASP F 251 -22.05 -1.35 10.50
N ALA F 252 -22.21 -2.64 10.79
CA ALA F 252 -23.31 -3.14 11.61
C ALA F 252 -22.82 -4.36 12.36
N ALA F 253 -22.99 -4.35 13.67
CA ALA F 253 -22.55 -5.46 14.50
C ALA F 253 -23.36 -6.70 14.20
N ALA F 254 -22.73 -7.86 14.36
CA ALA F 254 -23.33 -9.11 13.93
C ALA F 254 -22.93 -10.25 14.85
N ILE F 255 -23.77 -11.28 14.86
CA ILE F 255 -23.51 -12.51 15.59
C ILE F 255 -23.13 -13.57 14.56
N HIS F 256 -22.16 -14.42 14.92
CA HIS F 256 -21.68 -15.47 14.03
C HIS F 256 -22.77 -16.49 13.74
N SER F 257 -22.71 -17.07 12.54
CA SER F 257 -23.72 -18.02 12.11
C SER F 257 -23.59 -19.35 12.85
N GLN F 258 -22.37 -19.76 13.16
CA GLN F 258 -22.20 -20.99 13.92
C GLN F 258 -22.60 -20.84 15.38
N LYS F 259 -22.65 -19.60 15.89
CA LYS F 259 -23.17 -19.37 17.23
C LYS F 259 -24.70 -19.53 17.26
N ILE F 260 -25.39 -19.02 16.24
CA ILE F 260 -26.83 -19.25 16.11
C ILE F 260 -27.13 -20.73 15.89
N GLY F 261 -26.29 -21.40 15.10
CA GLY F 261 -26.47 -22.83 14.89
C GLY F 261 -26.21 -23.65 16.14
N ASN F 262 -25.28 -23.20 16.99
CA ASN F 262 -25.09 -23.87 18.27
C ASN F 262 -26.23 -23.59 19.23
N ALA F 263 -26.88 -22.43 19.09
CA ALA F 263 -28.07 -22.15 19.86
C ALA F 263 -29.26 -22.97 19.37
N LEU F 264 -29.23 -23.41 18.11
CA LEU F 264 -30.32 -24.23 17.60
C LEU F 264 -30.15 -25.71 17.90
N ARG F 265 -28.92 -26.18 18.08
CA ARG F 265 -28.65 -27.59 18.29
C ARG F 265 -28.68 -28.00 19.76
N THR F 266 -29.03 -27.09 20.67
CA THR F 266 -28.95 -27.37 22.10
C THR F 266 -30.18 -28.18 22.51
N ILE F 267 -30.16 -29.46 22.13
CA ILE F 267 -31.28 -30.37 22.30
C ILE F 267 -30.88 -31.67 22.98
N ASP F 268 -29.62 -31.87 23.31
CA ASP F 268 -29.13 -33.13 23.86
C ASP F 268 -29.48 -33.21 25.34
N THR F 269 -30.64 -33.79 25.63
CA THR F 269 -31.10 -34.03 26.99
C THR F 269 -30.89 -35.48 27.44
N TRP F 270 -30.03 -36.22 26.75
CA TRP F 270 -29.75 -37.63 27.08
C TRP F 270 -28.24 -37.82 27.05
N TYR F 271 -27.63 -38.00 28.21
CA TYR F 271 -26.21 -38.34 28.27
C TYR F 271 -25.94 -39.08 29.56
N PRO F 272 -24.94 -39.98 29.59
CA PRO F 272 -24.77 -40.86 30.76
C PRO F 272 -24.34 -40.18 32.06
N ASP F 273 -24.04 -38.88 32.04
CA ASP F 273 -23.91 -38.09 33.26
C ASP F 273 -25.28 -37.61 33.72
N GLU F 274 -25.34 -36.65 34.63
CA GLU F 274 -26.62 -36.11 35.05
C GLU F 274 -27.18 -35.22 33.94
N ASP F 275 -28.18 -35.74 33.22
CA ASP F 275 -28.84 -35.00 32.15
C ASP F 275 -29.89 -34.03 32.67
N GLY F 276 -30.12 -33.98 33.98
CA GLY F 276 -31.07 -33.05 34.56
C GLY F 276 -30.53 -31.66 34.84
N LEU F 277 -29.24 -31.45 34.63
CA LEU F 277 -28.65 -30.13 34.86
C LEU F 277 -28.80 -29.19 33.67
N GLY F 278 -29.26 -29.67 32.52
CA GLY F 278 -29.51 -28.81 31.38
C GLY F 278 -29.20 -29.44 30.03
N PRO F 279 -29.94 -29.03 29.00
CA PRO F 279 -29.64 -29.51 27.64
C PRO F 279 -28.35 -28.92 27.09
N ILE F 280 -27.63 -29.76 26.36
CA ILE F 280 -26.40 -29.32 25.68
C ILE F 280 -26.59 -29.52 24.18
N ALA F 281 -25.57 -29.19 23.40
CA ALA F 281 -25.64 -29.26 21.95
C ALA F 281 -25.15 -30.61 21.45
N VAL F 282 -25.64 -31.00 20.28
CA VAL F 282 -25.34 -32.31 19.71
C VAL F 282 -23.96 -32.26 19.06
N GLU F 283 -22.98 -32.82 19.73
CA GLU F 283 -21.64 -33.01 19.20
C GLU F 283 -21.24 -34.45 19.39
N PRO F 284 -20.36 -34.99 18.54
CA PRO F 284 -19.72 -36.27 18.84
C PRO F 284 -18.80 -36.11 20.05
N TYR F 285 -18.95 -37.00 21.03
CA TYR F 285 -18.41 -36.85 22.39
C TYR F 285 -18.86 -35.52 22.98
N GLY F 286 -20.15 -35.44 23.31
CA GLY F 286 -20.86 -34.18 23.53
C GLY F 286 -20.23 -33.24 24.51
N SER F 287 -19.63 -32.19 23.98
CA SER F 287 -18.55 -31.47 24.64
C SER F 287 -18.96 -30.03 24.89
N VAL F 288 -18.85 -29.62 26.15
CA VAL F 288 -18.92 -28.20 26.49
C VAL F 288 -17.53 -27.80 26.94
N THR F 289 -16.72 -27.33 25.99
CA THR F 289 -15.31 -27.02 26.25
C THR F 289 -15.17 -25.78 27.13
N SER F 290 -16.13 -24.85 27.03
CA SER F 290 -16.14 -23.71 27.93
C SER F 290 -16.49 -24.11 29.35
N GLN F 291 -17.23 -25.21 29.52
CA GLN F 291 -17.46 -25.82 30.81
C GLN F 291 -16.40 -26.86 31.16
N GLY F 292 -15.42 -27.06 30.29
CA GLY F 292 -14.23 -27.84 30.62
C GLY F 292 -14.43 -29.34 30.77
N LYS F 293 -15.58 -29.87 30.36
CA LYS F 293 -15.92 -31.26 30.59
C LYS F 293 -16.43 -31.86 29.28
N ALA F 294 -16.30 -33.18 29.17
CA ALA F 294 -16.71 -33.92 27.96
C ALA F 294 -17.73 -34.97 28.35
N TYR F 295 -19.01 -34.61 28.23
CA TYR F 295 -20.06 -35.61 28.35
C TYR F 295 -20.01 -36.54 27.15
N ARG F 296 -20.52 -37.76 27.35
CA ARG F 296 -20.44 -38.87 26.38
C ARG F 296 -18.99 -39.16 25.98
N GLN F 297 -18.18 -39.51 26.98
CA GLN F 297 -16.82 -39.93 26.72
C GLN F 297 -16.82 -41.28 26.01
N PRO F 298 -15.76 -41.57 25.23
CA PRO F 298 -15.69 -42.88 24.55
C PRO F 298 -15.38 -44.05 25.46
N LYS F 299 -15.14 -43.83 26.76
CA LYS F 299 -14.94 -44.94 27.68
C LYS F 299 -16.24 -45.71 27.90
N GLN F 300 -17.27 -45.03 28.41
CA GLN F 300 -18.61 -45.59 28.42
C GLN F 300 -19.15 -45.60 26.99
N LYS F 301 -19.83 -46.68 26.62
CA LYS F 301 -20.20 -46.92 25.23
C LYS F 301 -21.50 -46.19 24.90
N LEU F 302 -21.40 -44.86 24.85
CA LEU F 302 -22.57 -44.05 24.53
C LEU F 302 -22.28 -42.83 23.64
N ASP F 303 -21.19 -42.82 22.88
CA ASP F 303 -20.90 -41.69 22.02
C ASP F 303 -21.62 -41.84 20.68
N PHE F 304 -21.27 -40.98 19.73
CA PHE F 304 -21.84 -41.09 18.39
C PHE F 304 -21.26 -42.29 17.64
N TYR F 305 -19.95 -42.50 17.75
CA TYR F 305 -19.27 -43.44 16.87
C TYR F 305 -19.54 -44.89 17.26
N THR F 306 -19.51 -45.20 18.56
CA THR F 306 -19.81 -46.56 19.01
C THR F 306 -21.26 -46.92 18.73
N LEU F 307 -22.17 -45.95 18.89
CA LEU F 307 -23.58 -46.17 18.57
C LEU F 307 -23.79 -46.43 17.08
N LEU F 308 -23.07 -45.68 16.22
CA LEU F 308 -23.26 -45.85 14.79
C LEU F 308 -22.60 -47.10 14.25
N ASP F 309 -21.41 -47.47 14.77
CA ASP F 309 -20.83 -48.74 14.31
C ASP F 309 -21.47 -49.95 14.98
N ASN F 310 -22.27 -49.77 16.03
CA ASN F 310 -23.10 -50.87 16.49
C ASN F 310 -24.38 -50.97 15.66
N TRP F 311 -24.94 -49.83 15.25
CA TRP F 311 -26.25 -49.85 14.60
C TRP F 311 -26.17 -50.33 13.16
N VAL F 312 -25.27 -49.75 12.37
CA VAL F 312 -25.22 -50.03 10.94
C VAL F 312 -24.48 -51.33 10.64
N LEU F 313 -23.35 -51.55 11.31
CA LEU F 313 -22.59 -52.78 11.08
C LEU F 313 -23.29 -53.98 11.68
N ARG F 314 -23.55 -53.94 12.99
CA ARG F 314 -23.88 -55.12 13.77
C ARG F 314 -25.37 -55.29 14.02
N ASP F 315 -26.21 -54.41 13.47
CA ASP F 315 -27.68 -54.54 13.44
C ASP F 315 -28.28 -54.58 14.84
N GLU F 316 -27.63 -53.94 15.81
CA GLU F 316 -28.14 -53.84 17.18
C GLU F 316 -28.47 -52.38 17.44
N ALA F 317 -29.76 -52.07 17.48
CA ALA F 317 -30.20 -50.70 17.66
C ALA F 317 -30.13 -50.30 19.13
N PRO F 318 -29.70 -49.06 19.42
CA PRO F 318 -29.81 -48.54 20.79
C PRO F 318 -31.23 -48.13 21.14
N ALA F 319 -31.39 -47.49 22.30
CA ALA F 319 -32.69 -46.96 22.69
C ALA F 319 -33.12 -45.84 21.74
N VAL F 320 -34.41 -45.48 21.84
CA VAL F 320 -35.02 -44.50 20.93
C VAL F 320 -34.39 -43.12 21.12
N GLU F 321 -34.01 -42.78 22.35
CA GLU F 321 -33.35 -41.50 22.61
C GLU F 321 -31.97 -41.45 21.98
N GLN F 322 -31.24 -42.58 22.00
CA GLN F 322 -29.90 -42.57 21.43
C GLN F 322 -29.91 -42.57 19.91
N GLN F 323 -30.89 -43.19 19.27
CA GLN F 323 -30.94 -43.07 17.81
C GLN F 323 -31.49 -41.72 17.40
N HIS F 324 -32.32 -41.08 18.24
CA HIS F 324 -32.64 -39.67 18.05
C HIS F 324 -31.38 -38.81 18.10
N TYR F 325 -30.48 -39.12 19.03
CA TYR F 325 -29.20 -38.40 19.12
C TYR F 325 -28.33 -38.62 17.88
N VAL F 326 -28.25 -39.84 17.36
CA VAL F 326 -27.39 -40.05 16.20
C VAL F 326 -28.02 -39.47 14.93
N ILE F 327 -29.35 -39.38 14.87
CA ILE F 327 -29.96 -38.71 13.72
C ILE F 327 -29.77 -37.19 13.81
N ALA F 328 -29.77 -36.64 15.04
CA ALA F 328 -29.41 -35.24 15.21
C ALA F 328 -27.95 -34.98 14.84
N ASN F 329 -27.07 -35.94 15.11
CA ASN F 329 -25.68 -35.83 14.68
C ASN F 329 -25.54 -35.91 13.16
N LEU F 330 -26.42 -36.67 12.50
CA LEU F 330 -26.38 -36.70 11.04
C LEU F 330 -27.00 -35.44 10.43
N ILE F 331 -27.96 -34.83 11.12
CA ILE F 331 -28.54 -33.57 10.66
C ILE F 331 -27.53 -32.45 10.78
N ARG F 332 -26.75 -32.45 11.86
CA ARG F 332 -25.66 -31.48 12.00
C ARG F 332 -24.59 -31.69 10.94
N GLY F 333 -24.24 -32.94 10.66
CA GLY F 333 -23.31 -33.26 9.60
C GLY F 333 -21.86 -33.12 10.04
N GLY F 334 -20.99 -33.81 9.31
CA GLY F 334 -19.58 -33.74 9.62
C GLY F 334 -18.78 -34.76 8.84
N VAL F 335 -17.51 -34.87 9.22
CA VAL F 335 -16.55 -35.78 8.62
C VAL F 335 -16.36 -36.97 9.54
N PHE F 336 -16.67 -38.16 9.04
CA PHE F 336 -16.40 -39.40 9.76
C PHE F 336 -15.64 -40.35 8.83
N GLY F 337 -15.04 -41.39 9.41
CA GLY F 337 -14.32 -42.37 8.62
C GLY F 337 -13.07 -42.94 9.26
N GLU F 338 -12.93 -44.26 9.22
CA GLU F 338 -11.80 -44.94 9.84
C GLU F 338 -10.69 -45.16 8.82
N ALA F 339 -9.46 -44.89 9.26
CA ALA F 339 -8.29 -45.03 8.41
C ALA F 339 -7.97 -46.49 8.11
N LEU G 6 -2.99 -52.07 -38.32
CA LEU G 6 -4.32 -52.36 -37.79
C LEU G 6 -4.32 -52.30 -36.28
N SER G 7 -3.15 -52.46 -35.68
CA SER G 7 -3.04 -52.47 -34.23
C SER G 7 -3.20 -51.05 -33.66
N THR G 8 -3.41 -51.00 -32.35
CA THR G 8 -3.64 -49.72 -31.68
C THR G 8 -2.35 -48.91 -31.62
N ALA G 9 -2.48 -47.61 -31.84
CA ALA G 9 -1.33 -46.72 -31.85
C ALA G 9 -0.77 -46.55 -30.45
N SER G 10 0.54 -46.32 -30.39
CA SER G 10 1.18 -46.07 -29.10
C SER G 10 0.80 -44.70 -28.54
N VAL G 11 0.65 -43.71 -29.40
CA VAL G 11 0.21 -42.36 -29.01
C VAL G 11 -1.12 -42.11 -29.68
N LEU G 12 -2.15 -41.81 -28.88
CA LEU G 12 -3.43 -41.37 -29.41
C LEU G 12 -3.95 -40.26 -28.51
N ALA G 13 -4.13 -39.08 -29.07
CA ALA G 13 -4.53 -37.91 -28.30
C ALA G 13 -5.78 -37.32 -28.90
N PHE G 14 -6.72 -36.93 -28.05
CA PHE G 14 -7.98 -36.35 -28.51
C PHE G 14 -8.25 -35.06 -27.76
N GLU G 15 -8.53 -34.00 -28.53
CA GLU G 15 -8.76 -32.65 -28.02
C GLU G 15 -10.18 -32.52 -27.49
N ARG G 16 -10.34 -31.68 -26.48
CA ARG G 16 -11.62 -31.48 -25.83
C ARG G 16 -12.53 -30.61 -26.69
N LYS G 17 -13.69 -31.15 -27.05
CA LYS G 17 -14.82 -30.32 -27.47
C LYS G 17 -15.67 -30.03 -26.24
N LEU G 18 -16.60 -29.09 -26.40
CA LEU G 18 -17.46 -28.57 -25.33
C LEU G 18 -16.63 -28.00 -24.18
N ASP G 19 -15.94 -26.89 -24.50
CA ASP G 19 -15.06 -26.22 -23.54
C ASP G 19 -15.81 -25.11 -22.82
N PRO G 20 -16.03 -25.20 -21.50
CA PRO G 20 -16.66 -24.08 -20.77
C PRO G 20 -15.63 -23.14 -20.16
N SER G 21 -16.08 -22.02 -19.61
CA SER G 21 -15.22 -21.08 -18.90
C SER G 21 -15.44 -21.22 -17.40
N ASP G 22 -14.58 -20.55 -16.63
CA ASP G 22 -14.74 -20.49 -15.19
C ASP G 22 -15.96 -19.66 -14.84
N ALA G 23 -16.90 -20.25 -14.11
CA ALA G 23 -18.20 -19.65 -13.89
C ALA G 23 -18.16 -18.71 -12.70
N LEU G 24 -18.47 -17.43 -12.93
CA LEU G 24 -18.31 -16.40 -11.93
C LEU G 24 -19.63 -16.10 -11.24
N MET G 25 -19.54 -15.69 -9.97
CA MET G 25 -20.68 -15.56 -9.08
C MET G 25 -20.89 -14.11 -8.66
N SER G 26 -22.14 -13.67 -8.68
CA SER G 26 -22.55 -12.36 -8.23
C SER G 26 -23.85 -12.51 -7.46
N ALA G 27 -24.39 -11.40 -6.95
CA ALA G 27 -25.52 -11.47 -6.05
C ALA G 27 -26.43 -10.27 -6.24
N GLY G 28 -27.72 -10.49 -6.02
CA GLY G 28 -28.68 -9.42 -6.15
C GLY G 28 -30.06 -9.89 -5.78
N ALA G 29 -31.07 -9.13 -6.21
CA ALA G 29 -32.45 -9.42 -5.88
C ALA G 29 -33.19 -10.03 -7.06
N TRP G 30 -34.16 -10.89 -6.74
CA TRP G 30 -35.12 -11.38 -7.72
C TRP G 30 -35.95 -10.21 -8.25
N ALA G 31 -36.52 -10.42 -9.45
CA ALA G 31 -37.21 -9.44 -10.30
C ALA G 31 -36.29 -8.31 -10.76
N GLN G 32 -34.98 -8.48 -10.65
CA GLN G 32 -33.98 -7.67 -11.35
C GLN G 32 -33.08 -8.56 -12.19
N ARG G 33 -33.61 -9.70 -12.64
CA ARG G 33 -32.85 -10.63 -13.48
C ARG G 33 -32.54 -10.02 -14.84
N ASP G 34 -33.42 -9.15 -15.34
CA ASP G 34 -33.22 -8.57 -16.66
C ASP G 34 -32.06 -7.57 -16.67
N ALA G 35 -32.07 -6.62 -15.74
CA ALA G 35 -30.98 -5.64 -15.64
C ALA G 35 -29.94 -6.08 -14.61
N SER G 36 -29.49 -7.32 -14.73
CA SER G 36 -28.50 -7.88 -13.81
C SER G 36 -27.10 -7.83 -14.42
N GLN G 37 -26.67 -6.62 -14.78
CA GLN G 37 -25.34 -6.42 -15.35
C GLN G 37 -24.36 -5.82 -14.36
N GLU G 38 -24.83 -4.96 -13.47
CA GLU G 38 -23.99 -4.27 -12.50
C GLU G 38 -24.09 -4.88 -11.11
N TRP G 39 -24.28 -6.19 -11.04
CA TRP G 39 -24.49 -6.87 -9.78
C TRP G 39 -23.16 -7.10 -9.06
N PRO G 40 -23.11 -6.87 -7.75
CA PRO G 40 -21.83 -6.95 -7.04
C PRO G 40 -21.37 -8.39 -6.82
N ALA G 41 -20.06 -8.59 -6.95
CA ALA G 41 -19.48 -9.92 -6.98
C ALA G 41 -19.33 -10.48 -5.57
N VAL G 42 -19.65 -11.77 -5.42
CA VAL G 42 -19.59 -12.44 -4.13
C VAL G 42 -18.13 -12.66 -3.75
N THR G 43 -17.73 -12.14 -2.60
CA THR G 43 -16.34 -12.16 -2.18
C THR G 43 -16.11 -13.25 -1.14
N VAL G 44 -15.00 -13.97 -1.30
CA VAL G 44 -14.58 -14.96 -0.32
C VAL G 44 -13.95 -14.22 0.85
N ARG G 45 -14.40 -14.52 2.07
CA ARG G 45 -13.84 -13.94 3.29
C ARG G 45 -13.20 -15.05 4.10
N GLU G 46 -11.99 -14.80 4.59
CA GLU G 46 -11.34 -15.71 5.52
C GLU G 46 -11.85 -15.43 6.93
N LYS G 47 -12.39 -16.46 7.57
CA LYS G 47 -12.84 -16.33 8.95
C LYS G 47 -12.17 -17.41 9.79
N SER G 48 -12.20 -17.20 11.10
CA SER G 48 -11.65 -18.17 12.04
C SER G 48 -12.78 -18.68 12.92
N VAL G 49 -12.87 -20.00 13.04
CA VAL G 49 -13.88 -20.64 13.85
C VAL G 49 -13.21 -21.38 14.99
N ARG G 50 -14.00 -21.64 16.02
CA ARG G 50 -13.57 -22.35 17.22
C ARG G 50 -14.51 -23.53 17.40
N GLY G 51 -13.99 -24.74 17.25
CA GLY G 51 -14.84 -25.90 17.27
C GLY G 51 -14.60 -26.83 18.42
N THR G 52 -14.64 -28.13 18.14
CA THR G 52 -14.33 -29.18 19.10
C THR G 52 -13.55 -30.25 18.36
N ILE G 53 -13.42 -31.41 18.99
CA ILE G 53 -12.84 -32.58 18.34
C ILE G 53 -13.98 -33.50 17.97
N SER G 54 -14.31 -33.53 16.68
CA SER G 54 -15.39 -34.36 16.15
C SER G 54 -14.87 -35.56 15.38
N ASN G 55 -13.57 -35.80 15.39
CA ASN G 55 -13.00 -36.96 14.72
C ASN G 55 -12.81 -38.09 15.72
N ARG G 56 -12.73 -39.31 15.18
CA ARG G 56 -12.51 -40.48 16.02
C ARG G 56 -11.08 -40.51 16.51
N LEU G 57 -10.92 -40.91 17.77
CA LEU G 57 -9.60 -40.87 18.41
C LEU G 57 -8.72 -42.00 17.90
N LYS G 58 -7.43 -41.71 17.84
CA LYS G 58 -6.47 -42.65 17.27
C LYS G 58 -6.03 -43.66 18.34
N THR G 59 -5.09 -44.52 17.96
CA THR G 59 -4.54 -45.49 18.91
C THR G 59 -3.58 -44.85 19.92
N LYS G 60 -3.03 -43.69 19.58
CA LYS G 60 -2.11 -42.99 20.49
C LYS G 60 -2.82 -41.95 21.35
N ASP G 61 -3.92 -41.38 20.87
CA ASP G 61 -4.63 -40.32 21.57
C ASP G 61 -5.73 -40.84 22.49
N ARG G 62 -5.76 -42.15 22.75
CA ARG G 62 -6.75 -42.73 23.65
C ARG G 62 -6.18 -43.03 25.03
N ASP G 63 -5.07 -42.41 25.40
CA ASP G 63 -4.45 -42.64 26.70
C ASP G 63 -5.28 -42.00 27.81
N PRO G 64 -5.02 -42.39 29.06
CA PRO G 64 -5.81 -41.81 30.17
C PRO G 64 -5.43 -40.36 30.46
N ALA G 65 -4.14 -40.04 30.44
CA ALA G 65 -3.70 -38.66 30.66
C ALA G 65 -3.83 -37.79 29.42
N LYS G 66 -4.05 -38.39 28.25
CA LYS G 66 -4.19 -37.66 27.00
C LYS G 66 -5.55 -37.94 26.38
N LEU G 67 -6.56 -38.13 27.24
CA LEU G 67 -7.95 -38.16 26.85
C LEU G 67 -8.57 -36.76 26.92
N ASP G 68 -7.78 -35.76 27.33
CA ASP G 68 -8.24 -34.39 27.44
C ASP G 68 -8.54 -33.74 26.09
N ALA G 69 -8.09 -34.35 24.98
CA ALA G 69 -8.35 -33.83 23.65
C ALA G 69 -9.84 -33.75 23.35
N SER G 70 -10.62 -34.75 23.77
CA SER G 70 -12.06 -34.63 23.63
C SER G 70 -12.64 -33.68 24.68
N ILE G 71 -11.91 -33.43 25.76
CA ILE G 71 -12.41 -32.61 26.86
C ILE G 71 -12.10 -31.15 26.60
N GLN G 72 -10.82 -30.81 26.52
CA GLN G 72 -10.40 -29.41 26.40
C GLN G 72 -9.66 -29.19 25.08
N SER G 73 -10.43 -28.93 24.02
CA SER G 73 -9.87 -28.56 22.72
C SER G 73 -10.88 -27.75 21.94
N PRO G 74 -10.79 -26.42 22.01
CA PRO G 74 -11.55 -25.58 21.08
C PRO G 74 -11.16 -25.71 19.61
N ASN G 75 -9.98 -26.27 19.32
CA ASN G 75 -9.53 -26.81 18.02
C ASN G 75 -9.20 -25.75 16.96
N LEU G 76 -9.60 -24.49 17.17
CA LEU G 76 -8.98 -23.26 16.66
C LEU G 76 -8.63 -23.28 15.17
N GLN G 77 -9.66 -23.34 14.33
CA GLN G 77 -9.41 -23.46 12.90
C GLN G 77 -9.66 -22.13 12.18
N THR G 78 -9.12 -22.05 10.95
CA THR G 78 -9.34 -20.91 10.08
C THR G 78 -9.70 -21.39 8.67
N VAL G 79 -10.83 -20.92 8.16
CA VAL G 79 -11.38 -21.40 6.90
C VAL G 79 -11.77 -20.20 6.04
N ASP G 80 -12.23 -20.50 4.82
CA ASP G 80 -12.78 -19.52 3.90
C ASP G 80 -14.27 -19.73 3.77
N VAL G 81 -15.01 -18.64 3.59
CA VAL G 81 -16.47 -18.69 3.54
C VAL G 81 -16.97 -17.62 2.57
N ALA G 82 -17.94 -17.99 1.74
CA ALA G 82 -18.60 -17.07 0.83
C ALA G 82 -20.08 -17.04 1.15
N ASN G 83 -20.61 -15.85 1.43
CA ASN G 83 -22.01 -15.66 1.73
C ASN G 83 -22.61 -14.58 0.83
N LEU G 84 -23.92 -14.54 0.81
CA LEU G 84 -24.66 -13.51 0.09
C LEU G 84 -24.79 -12.26 0.96
N PRO G 85 -24.88 -11.08 0.34
CA PRO G 85 -25.25 -9.89 1.09
C PRO G 85 -26.67 -9.99 1.65
N SER G 86 -26.93 -9.22 2.70
CA SER G 86 -28.11 -9.43 3.53
C SER G 86 -29.39 -8.92 2.92
N ASP G 87 -29.31 -8.10 1.86
CA ASP G 87 -30.49 -7.62 1.15
C ASP G 87 -30.61 -8.24 -0.23
N ALA G 88 -29.96 -9.37 -0.46
CA ALA G 88 -29.92 -10.02 -1.76
C ALA G 88 -30.19 -11.50 -1.56
N ASP G 89 -31.09 -12.06 -2.36
CA ASP G 89 -31.51 -13.45 -2.22
C ASP G 89 -31.28 -14.27 -3.47
N THR G 90 -30.62 -13.71 -4.49
CA THR G 90 -30.43 -14.37 -5.77
C THR G 90 -28.95 -14.40 -6.11
N LEU G 91 -28.45 -15.60 -6.41
CA LEU G 91 -27.08 -15.82 -6.80
C LEU G 91 -27.01 -16.05 -8.30
N LYS G 92 -26.13 -15.32 -8.97
CA LYS G 92 -25.99 -15.35 -10.42
C LYS G 92 -24.66 -15.99 -10.78
N VAL G 93 -24.71 -17.05 -11.59
CA VAL G 93 -23.53 -17.78 -12.04
C VAL G 93 -23.48 -17.65 -13.55
N ARG G 94 -22.38 -17.10 -14.07
CA ARG G 94 -22.25 -16.80 -15.49
C ARG G 94 -21.01 -17.48 -16.06
N PHE G 95 -21.18 -18.15 -17.21
CA PHE G 95 -20.03 -18.69 -17.93
C PHE G 95 -20.33 -18.72 -19.42
N THR G 96 -19.30 -19.00 -20.20
CA THR G 96 -19.41 -19.15 -21.65
C THR G 96 -19.05 -20.57 -22.03
N LEU G 97 -19.75 -21.09 -23.03
CA LEU G 97 -19.60 -22.47 -23.46
C LEU G 97 -19.35 -22.51 -24.96
N ARG G 98 -18.16 -22.97 -25.36
CA ARG G 98 -17.80 -23.12 -26.76
C ARG G 98 -17.91 -24.58 -27.16
N VAL G 99 -18.60 -24.85 -28.26
CA VAL G 99 -18.64 -26.20 -28.83
C VAL G 99 -17.98 -26.14 -30.21
N LEU G 100 -17.08 -27.09 -30.46
CA LEU G 100 -16.10 -26.95 -31.54
C LEU G 100 -16.45 -27.75 -32.79
N GLY G 101 -16.58 -29.07 -32.67
CA GLY G 101 -16.75 -29.90 -33.83
C GLY G 101 -15.47 -30.63 -34.20
N GLY G 102 -15.62 -31.69 -35.01
CA GLY G 102 -14.51 -32.57 -35.33
C GLY G 102 -14.26 -33.57 -34.23
N ALA G 103 -15.26 -34.42 -33.97
CA ALA G 103 -15.28 -35.19 -32.74
C ALA G 103 -14.33 -36.38 -32.78
N GLY G 104 -14.13 -36.97 -33.95
CA GLY G 104 -13.36 -38.19 -34.05
C GLY G 104 -11.98 -38.08 -34.65
N THR G 105 -11.47 -36.86 -34.84
CA THR G 105 -10.16 -36.68 -35.46
C THR G 105 -9.11 -36.52 -34.36
N PRO G 106 -8.13 -37.40 -34.26
CA PRO G 106 -7.11 -37.25 -33.23
C PRO G 106 -6.14 -36.12 -33.55
N SER G 107 -5.45 -35.65 -32.51
CA SER G 107 -4.44 -34.62 -32.65
C SER G 107 -3.03 -35.16 -32.67
N ALA G 108 -2.85 -36.45 -32.39
CA ALA G 108 -1.54 -37.08 -32.41
C ALA G 108 -1.73 -38.57 -32.61
N CYS G 109 -0.91 -39.16 -33.49
CA CYS G 109 -0.99 -40.58 -33.78
C CYS G 109 0.35 -41.06 -34.32
N ASN G 110 0.64 -42.34 -34.12
CA ASN G 110 1.85 -42.95 -34.65
C ASN G 110 1.60 -43.87 -35.83
N ASP G 111 0.37 -44.32 -36.04
CA ASP G 111 0.03 -45.20 -37.15
C ASP G 111 -1.15 -44.60 -37.91
N ALA G 112 -0.92 -44.28 -39.19
CA ALA G 112 -1.96 -43.65 -39.98
C ALA G 112 -2.98 -44.64 -40.54
N ALA G 113 -2.67 -45.93 -40.56
CA ALA G 113 -3.67 -46.93 -40.93
C ALA G 113 -4.74 -47.05 -39.85
N TYR G 114 -4.31 -47.05 -38.59
CA TYR G 114 -5.23 -46.96 -37.46
C TYR G 114 -6.01 -45.66 -37.48
N ARG G 115 -5.39 -44.57 -37.94
CA ARG G 115 -6.07 -43.28 -38.02
C ARG G 115 -7.15 -43.29 -39.09
N ASP G 116 -6.88 -43.90 -40.25
CA ASP G 116 -7.88 -44.00 -41.31
C ASP G 116 -9.01 -44.94 -40.91
N LYS G 117 -8.69 -46.02 -40.21
CA LYS G 117 -9.71 -46.91 -39.67
C LYS G 117 -10.62 -46.21 -38.66
N LEU G 118 -10.03 -45.39 -37.78
CA LEU G 118 -10.80 -44.66 -36.79
C LEU G 118 -11.68 -43.60 -37.43
N LEU G 119 -11.15 -42.90 -38.44
CA LEU G 119 -11.94 -41.89 -39.13
C LEU G 119 -13.09 -42.52 -39.91
N GLN G 120 -12.85 -43.69 -40.53
CA GLN G 120 -13.91 -44.43 -41.20
C GLN G 120 -14.99 -44.88 -40.23
N THR G 121 -14.58 -45.31 -39.03
CA THR G 121 -15.55 -45.75 -38.02
C THR G 121 -16.40 -44.60 -37.50
N VAL G 122 -15.78 -43.45 -37.24
CA VAL G 122 -16.53 -42.30 -36.74
C VAL G 122 -17.44 -41.72 -37.83
N ALA G 123 -16.98 -41.75 -39.09
CA ALA G 123 -17.82 -41.30 -40.20
C ALA G 123 -19.00 -42.24 -40.42
N THR G 124 -18.78 -43.55 -40.21
CA THR G 124 -19.87 -44.52 -40.26
C THR G 124 -20.91 -44.25 -39.18
N TYR G 125 -20.44 -43.91 -37.97
CA TYR G 125 -21.34 -43.49 -36.89
C TYR G 125 -22.17 -42.28 -37.29
N VAL G 126 -21.51 -41.18 -37.67
CA VAL G 126 -22.18 -39.91 -37.96
C VAL G 126 -23.10 -40.02 -39.17
N ASN G 127 -22.78 -40.90 -40.12
CA ASN G 127 -23.71 -41.16 -41.22
C ASN G 127 -24.93 -41.93 -40.74
N GLU G 128 -24.75 -42.97 -39.94
CA GLU G 128 -25.92 -43.69 -39.43
C GLU G 128 -26.59 -42.94 -38.29
N GLN G 129 -25.88 -42.75 -37.17
CA GLN G 129 -26.42 -42.09 -35.98
C GLN G 129 -25.76 -40.72 -35.84
N GLY G 130 -26.52 -39.66 -36.17
CA GLY G 130 -26.01 -38.32 -36.01
C GLY G 130 -25.91 -37.91 -34.55
N PHE G 131 -25.51 -36.66 -34.34
CA PHE G 131 -25.36 -36.13 -32.98
C PHE G 131 -26.70 -35.64 -32.42
N ALA G 132 -27.69 -36.52 -32.43
CA ALA G 132 -29.03 -36.19 -31.99
C ALA G 132 -29.29 -36.53 -30.53
N GLU G 133 -28.74 -37.65 -30.04
CA GLU G 133 -28.92 -38.02 -28.65
C GLU G 133 -27.95 -37.29 -27.74
N LEU G 134 -26.69 -37.17 -28.17
CA LEU G 134 -25.66 -36.55 -27.36
C LEU G 134 -25.94 -35.06 -27.18
N ALA G 135 -26.37 -34.38 -28.25
CA ALA G 135 -26.68 -32.96 -28.14
C ALA G 135 -27.93 -32.72 -27.31
N ARG G 136 -28.90 -33.64 -27.37
CA ARG G 136 -30.08 -33.54 -26.51
C ARG G 136 -29.72 -33.70 -25.05
N ARG G 137 -28.80 -34.61 -24.74
CA ARG G 137 -28.39 -34.81 -23.35
C ARG G 137 -27.55 -33.65 -22.82
N TYR G 138 -26.67 -33.10 -23.67
CA TYR G 138 -25.92 -31.90 -23.30
C TYR G 138 -26.85 -30.70 -23.10
N ALA G 139 -27.88 -30.58 -23.94
CA ALA G 139 -28.81 -29.48 -23.82
C ALA G 139 -29.69 -29.61 -22.58
N HIS G 140 -30.01 -30.85 -22.18
CA HIS G 140 -30.75 -31.03 -20.94
C HIS G 140 -29.88 -30.78 -19.72
N ASN G 141 -28.57 -31.07 -19.82
CA ASN G 141 -27.68 -30.73 -18.72
C ASN G 141 -27.38 -29.24 -18.67
N LEU G 142 -27.65 -28.50 -19.76
CA LEU G 142 -27.63 -27.04 -19.69
C LEU G 142 -28.95 -26.48 -19.16
N ALA G 143 -30.08 -27.11 -19.52
CA ALA G 143 -31.40 -26.50 -19.28
C ALA G 143 -31.78 -26.54 -17.81
N ASN G 144 -31.37 -27.58 -17.10
CA ASN G 144 -31.39 -27.54 -15.64
C ASN G 144 -30.00 -27.18 -15.14
N ALA G 145 -29.95 -26.47 -14.02
CA ALA G 145 -28.69 -25.94 -13.51
C ALA G 145 -27.98 -26.99 -12.66
N ARG G 146 -27.48 -28.02 -13.35
CA ARG G 146 -26.55 -28.95 -12.72
C ARG G 146 -25.16 -28.36 -12.58
N PHE G 147 -24.89 -27.27 -13.32
CA PHE G 147 -23.66 -26.49 -13.13
C PHE G 147 -23.61 -25.87 -11.74
N LEU G 148 -24.76 -25.64 -11.11
CA LEU G 148 -24.87 -25.17 -9.74
C LEU G 148 -24.93 -26.41 -8.87
N TRP G 149 -23.81 -26.80 -8.28
CA TRP G 149 -23.70 -28.15 -7.73
C TRP G 149 -24.34 -28.25 -6.35
N ARG G 150 -23.82 -27.52 -5.37
CA ARG G 150 -24.44 -27.42 -4.06
C ARG G 150 -25.28 -26.16 -3.92
N ASN G 151 -25.36 -25.36 -4.96
CA ASN G 151 -26.14 -24.13 -4.99
C ASN G 151 -27.58 -24.35 -5.45
N ARG G 152 -27.92 -25.57 -5.83
CA ARG G 152 -29.25 -25.90 -6.34
C ARG G 152 -30.06 -26.71 -5.34
N VAL G 153 -29.44 -27.23 -4.27
CA VAL G 153 -30.05 -28.28 -3.47
C VAL G 153 -31.16 -27.79 -2.55
N GLY G 154 -31.35 -26.48 -2.41
CA GLY G 154 -32.47 -26.00 -1.64
C GLY G 154 -33.10 -24.73 -2.17
N ALA G 155 -32.82 -24.40 -3.43
CA ALA G 155 -33.23 -23.12 -3.98
C ALA G 155 -34.71 -23.11 -4.31
N GLU G 156 -35.37 -22.00 -3.99
CA GLU G 156 -36.81 -21.88 -4.19
C GLU G 156 -37.16 -21.77 -5.67
N ALA G 157 -36.31 -21.11 -6.45
CA ALA G 157 -36.54 -20.94 -7.87
C ALA G 157 -35.22 -20.79 -8.59
N VAL G 158 -34.93 -21.71 -9.50
CA VAL G 158 -33.73 -21.64 -10.34
C VAL G 158 -34.17 -21.36 -11.76
N GLU G 159 -33.51 -20.42 -12.41
CA GLU G 159 -33.79 -20.06 -13.79
C GLU G 159 -32.49 -19.93 -14.57
N VAL G 160 -32.37 -20.65 -15.68
CA VAL G 160 -31.20 -20.50 -16.54
C VAL G 160 -31.61 -19.74 -17.78
N ARG G 161 -30.63 -19.07 -18.38
CA ARG G 161 -30.85 -18.22 -19.54
C ARG G 161 -29.64 -18.34 -20.45
N ILE G 162 -29.87 -18.75 -21.69
CA ILE G 162 -28.81 -19.04 -22.65
C ILE G 162 -28.95 -18.09 -23.83
N ASN G 163 -27.87 -17.39 -24.15
CA ASN G 163 -27.82 -16.47 -25.28
C ASN G 163 -26.82 -16.98 -26.32
N HIS G 164 -27.12 -16.74 -27.59
CA HIS G 164 -26.25 -17.13 -28.69
C HIS G 164 -25.43 -15.91 -29.11
N ILE G 165 -24.12 -15.99 -28.92
CA ILE G 165 -23.21 -14.89 -29.26
C ILE G 165 -22.81 -15.09 -30.71
N ARG G 166 -23.51 -14.42 -31.62
CA ARG G 166 -23.31 -14.61 -33.05
C ARG G 166 -22.11 -13.83 -33.56
N GLN G 167 -22.15 -12.50 -33.44
CA GLN G 167 -21.02 -11.65 -33.79
C GLN G 167 -20.42 -11.05 -32.53
N GLY G 168 -21.16 -10.21 -31.81
CA GLY G 168 -20.77 -9.80 -30.49
C GLY G 168 -21.97 -9.77 -29.56
N GLU G 169 -23.14 -10.02 -30.14
CA GLU G 169 -24.41 -9.77 -29.47
C GLU G 169 -25.31 -11.00 -29.58
N VAL G 170 -26.53 -10.85 -29.06
CA VAL G 170 -27.46 -11.97 -28.91
C VAL G 170 -28.11 -12.28 -30.25
N ALA G 171 -28.20 -13.57 -30.57
CA ALA G 171 -28.95 -14.05 -31.72
C ALA G 171 -30.19 -14.85 -31.34
N ARG G 172 -30.19 -15.48 -30.18
CA ARG G 172 -31.31 -16.30 -29.73
C ARG G 172 -31.25 -16.41 -28.21
N THR G 173 -32.41 -16.36 -27.57
CA THR G 173 -32.52 -16.37 -26.11
C THR G 173 -33.41 -17.53 -25.67
N TRP G 174 -32.89 -18.36 -24.77
CA TRP G 174 -33.67 -19.39 -24.11
C TRP G 174 -33.75 -19.08 -22.62
N ARG G 175 -34.92 -19.30 -22.03
CA ARG G 175 -35.23 -18.93 -20.65
C ARG G 175 -35.89 -20.13 -19.99
N PHE G 176 -35.07 -21.01 -19.41
CA PHE G 176 -35.56 -22.28 -18.90
C PHE G 176 -35.71 -22.27 -17.39
N ASP G 177 -36.68 -23.03 -16.90
CA ASP G 177 -36.89 -23.23 -15.47
C ASP G 177 -36.20 -24.53 -15.10
N ALA G 178 -35.17 -24.43 -14.26
CA ALA G 178 -34.37 -25.59 -13.88
C ALA G 178 -35.06 -26.50 -12.89
N LEU G 179 -36.16 -26.06 -12.27
CA LEU G 179 -36.88 -26.89 -11.31
C LEU G 179 -38.01 -27.67 -11.95
N ALA G 180 -38.53 -27.23 -13.10
CA ALA G 180 -39.49 -28.05 -13.82
C ALA G 180 -38.80 -29.18 -14.55
N ILE G 181 -37.61 -28.94 -15.09
CA ILE G 181 -36.82 -29.97 -15.76
C ILE G 181 -35.99 -30.69 -14.70
N GLY G 182 -36.22 -31.99 -14.57
CA GLY G 182 -35.59 -32.76 -13.52
C GLY G 182 -34.11 -33.02 -13.78
N LEU G 183 -33.49 -33.70 -12.82
CA LEU G 183 -32.07 -34.00 -12.88
C LEU G 183 -31.79 -35.47 -13.15
N ARG G 184 -32.81 -36.28 -13.47
CA ARG G 184 -32.59 -37.69 -13.69
C ARG G 184 -33.38 -38.29 -14.85
N ASP G 185 -34.09 -37.49 -15.63
CA ASP G 185 -34.78 -37.98 -16.82
C ASP G 185 -34.60 -37.00 -17.96
N PHE G 186 -34.54 -37.52 -19.18
CA PHE G 186 -34.35 -36.72 -20.38
C PHE G 186 -35.68 -36.67 -21.13
N LYS G 187 -36.45 -35.61 -20.90
CA LYS G 187 -37.76 -35.42 -21.50
C LYS G 187 -37.63 -34.63 -22.80
N ALA G 188 -38.75 -34.15 -23.34
CA ALA G 188 -38.78 -33.44 -24.60
C ALA G 188 -39.47 -32.09 -24.45
N ASP G 189 -39.00 -31.13 -25.24
CA ASP G 189 -39.55 -29.77 -25.27
C ASP G 189 -39.09 -29.15 -26.59
N ALA G 190 -39.84 -28.14 -27.05
CA ALA G 190 -39.55 -27.53 -28.34
C ALA G 190 -38.29 -26.67 -28.29
N GLU G 191 -38.17 -25.81 -27.27
CA GLU G 191 -37.00 -24.95 -27.15
C GLU G 191 -35.76 -25.74 -26.77
N LEU G 192 -35.94 -26.81 -25.98
CA LEU G 192 -34.84 -27.73 -25.71
C LEU G 192 -34.38 -28.44 -26.98
N ASP G 193 -35.33 -28.75 -27.87
CA ASP G 193 -34.95 -29.38 -29.13
C ASP G 193 -34.26 -28.39 -30.05
N ALA G 194 -34.63 -27.10 -29.99
CA ALA G 194 -33.93 -26.10 -30.78
C ALA G 194 -32.50 -25.89 -30.28
N LEU G 195 -32.31 -25.91 -28.97
CA LEU G 195 -30.97 -25.83 -28.40
C LEU G 195 -30.16 -27.08 -28.73
N ALA G 196 -30.82 -28.24 -28.79
CA ALA G 196 -30.13 -29.47 -29.17
C ALA G 196 -29.74 -29.46 -30.65
N GLU G 197 -30.59 -28.88 -31.51
CA GLU G 197 -30.23 -28.73 -32.92
C GLU G 197 -29.05 -27.77 -33.10
N LEU G 198 -29.02 -26.69 -32.32
CA LEU G 198 -27.89 -25.76 -32.41
C LEU G 198 -26.60 -26.38 -31.90
N ILE G 199 -26.68 -27.17 -30.82
CA ILE G 199 -25.48 -27.82 -30.27
C ILE G 199 -25.00 -28.92 -31.21
N ALA G 200 -25.92 -29.64 -31.84
CA ALA G 200 -25.56 -30.65 -32.83
C ALA G 200 -24.97 -30.03 -34.10
N SER G 201 -25.45 -28.85 -34.49
CA SER G 201 -24.88 -28.14 -35.63
C SER G 201 -23.46 -27.66 -35.31
N GLY G 202 -23.23 -27.26 -34.07
CA GLY G 202 -21.87 -26.92 -33.67
C GLY G 202 -20.95 -28.12 -33.60
N LEU G 203 -21.46 -29.25 -33.09
CA LEU G 203 -20.65 -30.44 -32.91
C LEU G 203 -20.37 -31.17 -34.21
N SER G 204 -21.25 -31.04 -35.21
CA SER G 204 -21.01 -31.67 -36.50
C SER G 204 -20.10 -30.85 -37.40
N GLY G 205 -20.04 -29.53 -37.20
CA GLY G 205 -19.16 -28.68 -37.96
C GLY G 205 -19.83 -27.76 -38.95
N SER G 206 -21.13 -27.51 -38.81
CA SER G 206 -21.84 -26.61 -39.72
C SER G 206 -21.94 -25.19 -39.19
N GLY G 207 -21.16 -24.85 -38.17
CA GLY G 207 -21.20 -23.51 -37.62
C GLY G 207 -20.40 -23.42 -36.35
N HIS G 208 -20.21 -22.18 -35.91
CA HIS G 208 -19.46 -21.86 -34.70
C HIS G 208 -20.43 -21.49 -33.59
N VAL G 209 -20.38 -22.21 -32.48
CA VAL G 209 -21.32 -22.03 -31.37
C VAL G 209 -20.55 -21.62 -30.12
N LEU G 210 -20.77 -20.38 -29.69
CA LEU G 210 -20.33 -19.88 -28.39
C LEU G 210 -21.57 -19.34 -27.69
N LEU G 211 -21.96 -19.97 -26.59
CA LEU G 211 -23.14 -19.59 -25.85
C LEU G 211 -22.77 -18.91 -24.54
N GLU G 212 -23.65 -18.05 -24.07
CA GLU G 212 -23.54 -17.40 -22.77
C GLU G 212 -24.61 -18.00 -21.87
N VAL G 213 -24.20 -18.75 -20.85
CA VAL G 213 -25.10 -19.41 -19.92
C VAL G 213 -25.06 -18.67 -18.60
N VAL G 214 -26.19 -18.08 -18.21
CA VAL G 214 -26.33 -17.50 -16.88
C VAL G 214 -27.39 -18.31 -16.12
N ALA G 215 -27.24 -18.34 -14.80
CA ALA G 215 -28.14 -19.12 -13.95
C ALA G 215 -28.37 -18.37 -12.65
N PHE G 216 -29.65 -18.18 -12.30
CA PHE G 216 -30.06 -17.55 -11.06
C PHE G 216 -30.62 -18.62 -10.13
N ALA G 217 -30.04 -18.71 -8.93
CA ALA G 217 -30.53 -19.58 -7.86
C ALA G 217 -31.00 -18.68 -6.72
N ARG G 218 -32.27 -18.85 -6.31
CA ARG G 218 -32.85 -18.01 -5.27
C ARG G 218 -32.65 -18.69 -3.92
N ILE G 219 -31.53 -18.39 -3.27
CA ILE G 219 -31.16 -19.05 -2.03
C ILE G 219 -31.88 -18.43 -0.84
N GLY G 220 -31.95 -17.11 -0.79
CA GLY G 220 -32.37 -16.37 0.39
C GLY G 220 -31.30 -15.41 0.84
N ASP G 221 -31.69 -14.54 1.77
CA ASP G 221 -30.82 -13.46 2.22
C ASP G 221 -29.75 -13.99 3.17
N GLY G 222 -28.51 -13.53 2.95
CA GLY G 222 -27.42 -13.79 3.87
C GLY G 222 -26.91 -15.21 3.89
N GLN G 223 -27.35 -16.06 2.98
CA GLN G 223 -27.05 -17.48 3.07
C GLN G 223 -25.68 -17.80 2.50
N GLU G 224 -25.24 -19.03 2.74
CA GLU G 224 -23.91 -19.48 2.35
C GLU G 224 -23.97 -20.06 0.94
N VAL G 225 -23.25 -19.43 0.02
CA VAL G 225 -23.11 -19.95 -1.33
C VAL G 225 -21.77 -20.66 -1.43
N PHE G 226 -21.69 -21.63 -2.33
CA PHE G 226 -20.57 -22.56 -2.37
C PHE G 226 -19.82 -22.44 -3.69
N PRO G 227 -18.65 -21.82 -3.70
CA PRO G 227 -17.80 -21.87 -4.89
C PRO G 227 -16.91 -23.11 -4.86
N SER G 228 -16.02 -23.25 -5.83
CA SER G 228 -15.14 -24.41 -5.87
C SER G 228 -14.05 -24.28 -4.81
N GLN G 229 -13.72 -25.42 -4.20
CA GLN G 229 -12.67 -25.48 -3.20
C GLN G 229 -11.37 -25.93 -3.85
N GLU G 230 -10.28 -25.22 -3.57
CA GLU G 230 -9.02 -25.48 -4.22
C GLU G 230 -8.36 -26.73 -3.66
N LEU G 231 -7.73 -27.49 -4.55
CA LEU G 231 -6.91 -28.64 -4.17
C LEU G 231 -5.48 -28.16 -3.96
N ILE G 232 -4.90 -28.50 -2.81
CA ILE G 232 -3.58 -28.03 -2.42
C ILE G 232 -2.66 -29.24 -2.28
N LEU G 233 -1.66 -29.33 -3.15
CA LEU G 233 -0.66 -30.39 -3.06
C LEU G 233 0.63 -29.84 -2.47
N LYS G 242 -4.82 -23.89 7.20
CA LYS G 242 -6.09 -23.40 6.67
C LYS G 242 -7.05 -24.56 6.37
N SER G 243 -6.63 -25.42 5.43
CA SER G 243 -7.33 -26.62 4.98
C SER G 243 -8.68 -26.33 4.33
N LYS G 244 -8.98 -25.09 4.01
CA LYS G 244 -10.16 -24.74 3.21
C LYS G 244 -9.85 -23.43 2.50
N THR G 245 -9.60 -23.52 1.20
CA THR G 245 -9.27 -22.36 0.38
C THR G 245 -10.24 -22.32 -0.80
N LEU G 246 -11.14 -21.34 -0.80
CA LEU G 246 -12.07 -21.20 -1.89
C LEU G 246 -11.40 -20.56 -3.11
N TYR G 247 -12.02 -20.75 -4.26
CA TYR G 247 -11.47 -20.32 -5.54
C TYR G 247 -12.03 -18.96 -5.91
N SER G 248 -11.16 -18.09 -6.44
CA SER G 248 -11.56 -16.75 -6.80
C SER G 248 -10.63 -16.23 -7.88
N VAL G 249 -11.22 -15.60 -8.91
CA VAL G 249 -10.47 -14.86 -9.92
C VAL G 249 -10.91 -13.41 -9.89
N ARG G 250 -9.93 -12.51 -9.70
CA ARG G 250 -10.12 -11.06 -9.58
C ARG G 250 -11.07 -10.70 -8.45
N ASP G 251 -10.80 -11.26 -7.27
CA ASP G 251 -11.51 -10.99 -6.01
C ASP G 251 -13.00 -11.29 -6.11
N ALA G 252 -13.36 -12.30 -6.88
CA ALA G 252 -14.74 -12.71 -7.05
C ALA G 252 -14.79 -14.23 -7.06
N ALA G 253 -15.66 -14.81 -6.23
CA ALA G 253 -15.74 -16.25 -6.09
C ALA G 253 -16.23 -16.91 -7.37
N ALA G 254 -15.58 -18.01 -7.74
CA ALA G 254 -15.87 -18.66 -9.00
C ALA G 254 -15.88 -20.17 -8.82
N ILE G 255 -16.52 -20.85 -9.76
CA ILE G 255 -16.48 -22.30 -9.90
C ILE G 255 -15.52 -22.63 -11.02
N HIS G 256 -14.80 -23.74 -10.85
CA HIS G 256 -13.85 -24.18 -11.86
C HIS G 256 -14.57 -24.63 -13.14
N SER G 257 -13.85 -24.54 -14.25
CA SER G 257 -14.43 -24.95 -15.53
C SER G 257 -14.54 -26.46 -15.66
N GLN G 258 -13.70 -27.21 -14.94
CA GLN G 258 -13.80 -28.66 -14.99
C GLN G 258 -15.01 -29.17 -14.23
N LYS G 259 -15.46 -28.45 -13.21
CA LYS G 259 -16.69 -28.82 -12.50
C LYS G 259 -17.91 -28.53 -13.36
N ILE G 260 -17.91 -27.39 -14.07
CA ILE G 260 -18.98 -27.07 -15.01
C ILE G 260 -19.01 -28.07 -16.16
N GLY G 261 -17.84 -28.49 -16.64
CA GLY G 261 -17.78 -29.48 -17.69
C GLY G 261 -18.17 -30.87 -17.23
N ASN G 262 -17.92 -31.19 -15.97
CA ASN G 262 -18.43 -32.43 -15.40
C ASN G 262 -19.94 -32.39 -15.24
N ALA G 263 -20.51 -31.20 -15.04
CA ALA G 263 -21.96 -31.09 -14.92
C ALA G 263 -22.66 -31.35 -16.25
N LEU G 264 -22.02 -30.99 -17.36
CA LEU G 264 -22.61 -31.25 -18.67
C LEU G 264 -22.18 -32.58 -19.27
N ARG G 265 -21.27 -33.31 -18.62
CA ARG G 265 -20.86 -34.62 -19.08
C ARG G 265 -21.64 -35.74 -18.41
N THR G 266 -22.60 -35.42 -17.54
CA THR G 266 -23.43 -36.43 -16.87
C THR G 266 -24.57 -36.80 -17.79
N ILE G 267 -24.24 -37.59 -18.81
CA ILE G 267 -25.19 -38.00 -19.85
C ILE G 267 -25.29 -39.52 -19.97
N ASP G 268 -24.62 -40.27 -19.10
CA ASP G 268 -24.47 -41.71 -19.27
C ASP G 268 -25.54 -42.43 -18.46
N THR G 269 -26.65 -42.79 -19.10
CA THR G 269 -27.65 -43.67 -18.53
C THR G 269 -27.58 -45.08 -19.11
N TRP G 270 -26.44 -45.48 -19.66
CA TRP G 270 -26.23 -46.83 -20.18
C TRP G 270 -24.94 -47.35 -19.58
N TYR G 271 -25.04 -48.18 -18.55
CA TYR G 271 -23.84 -48.79 -18.00
C TYR G 271 -24.19 -50.17 -17.47
N PRO G 272 -23.19 -50.99 -17.13
CA PRO G 272 -23.45 -52.39 -16.81
C PRO G 272 -24.02 -52.63 -15.43
N ASP G 273 -24.11 -51.60 -14.59
CA ASP G 273 -24.68 -51.73 -13.26
C ASP G 273 -26.21 -51.64 -13.33
N GLU G 274 -26.84 -51.52 -12.18
CA GLU G 274 -28.29 -51.32 -12.12
C GLU G 274 -28.55 -49.86 -12.45
N ASP G 275 -28.77 -49.57 -13.73
CA ASP G 275 -28.90 -48.20 -14.21
C ASP G 275 -30.36 -47.73 -14.17
N GLY G 276 -30.96 -47.92 -13.00
CA GLY G 276 -32.24 -47.32 -12.69
C GLY G 276 -32.04 -46.26 -11.64
N LEU G 277 -30.76 -46.00 -11.31
CA LEU G 277 -30.40 -45.04 -10.29
C LEU G 277 -30.30 -43.63 -10.85
N GLY G 278 -29.47 -43.42 -11.87
CA GLY G 278 -29.34 -42.12 -12.49
C GLY G 278 -28.16 -42.00 -13.43
N PRO G 279 -28.07 -40.88 -14.13
CA PRO G 279 -26.95 -40.66 -15.05
C PRO G 279 -25.65 -40.39 -14.30
N ILE G 280 -24.55 -40.83 -14.91
CA ILE G 280 -23.22 -40.60 -14.38
C ILE G 280 -22.39 -39.89 -15.45
N ALA G 281 -21.19 -39.48 -15.05
CA ALA G 281 -20.27 -38.81 -15.97
C ALA G 281 -19.61 -39.82 -16.89
N VAL G 282 -19.18 -39.33 -18.05
CA VAL G 282 -18.59 -40.17 -19.08
C VAL G 282 -17.10 -40.28 -18.81
N GLU G 283 -16.65 -41.49 -18.43
CA GLU G 283 -15.25 -41.79 -18.21
C GLU G 283 -14.94 -43.18 -18.75
N PRO G 284 -13.71 -43.41 -19.20
CA PRO G 284 -13.26 -44.79 -19.38
C PRO G 284 -13.10 -45.46 -18.01
N TYR G 285 -13.65 -46.66 -17.88
CA TYR G 285 -13.92 -47.32 -16.60
C TYR G 285 -14.72 -46.38 -15.69
N GLY G 286 -15.96 -46.13 -16.12
CA GLY G 286 -16.78 -45.02 -15.65
C GLY G 286 -16.95 -44.92 -14.16
N SER G 287 -16.30 -43.92 -13.58
CA SER G 287 -15.96 -43.89 -12.17
C SER G 287 -16.64 -42.70 -11.50
N VAL G 288 -17.33 -42.97 -10.40
CA VAL G 288 -17.72 -41.93 -9.47
C VAL G 288 -16.89 -42.12 -8.20
N THR G 289 -15.73 -41.45 -8.15
CA THR G 289 -14.81 -41.61 -7.03
C THR G 289 -15.34 -41.02 -5.74
N SER G 290 -16.31 -40.12 -5.81
CA SER G 290 -16.97 -39.62 -4.60
C SER G 290 -17.93 -40.63 -4.02
N GLN G 291 -18.39 -41.60 -4.81
CA GLN G 291 -19.17 -42.71 -4.31
C GLN G 291 -18.37 -44.00 -4.18
N GLY G 292 -17.09 -43.97 -4.55
CA GLY G 292 -16.18 -45.07 -4.31
C GLY G 292 -16.35 -46.27 -5.20
N LYS G 293 -17.34 -46.29 -6.09
CA LYS G 293 -17.57 -47.42 -6.97
C LYS G 293 -17.31 -47.00 -8.41
N ALA G 294 -16.60 -47.86 -9.13
CA ALA G 294 -16.32 -47.65 -10.55
C ALA G 294 -17.19 -48.63 -11.35
N TYR G 295 -18.23 -48.10 -12.00
CA TYR G 295 -18.94 -48.89 -12.99
C TYR G 295 -18.10 -49.02 -14.25
N ARG G 296 -18.58 -49.85 -15.17
CA ARG G 296 -17.90 -50.19 -16.42
C ARG G 296 -16.49 -50.71 -16.17
N GLN G 297 -16.41 -51.67 -15.25
CA GLN G 297 -15.16 -52.32 -14.91
C GLN G 297 -14.61 -53.09 -16.10
N PRO G 298 -13.29 -53.24 -16.21
CA PRO G 298 -12.73 -53.98 -17.36
C PRO G 298 -12.97 -55.48 -17.32
N LYS G 299 -13.50 -56.04 -16.24
CA LYS G 299 -13.76 -57.47 -16.21
C LYS G 299 -14.97 -57.83 -17.07
N GLN G 300 -16.03 -57.05 -16.97
CA GLN G 300 -17.13 -57.12 -17.93
C GLN G 300 -16.75 -56.32 -19.16
N LYS G 301 -17.02 -56.88 -20.34
CA LYS G 301 -16.55 -56.30 -21.59
C LYS G 301 -17.42 -55.12 -22.05
N LEU G 302 -17.47 -54.08 -21.20
CA LEU G 302 -18.30 -52.91 -21.50
C LEU G 302 -17.63 -51.59 -21.11
N ASP G 303 -16.30 -51.52 -21.08
CA ASP G 303 -15.64 -50.24 -20.90
C ASP G 303 -15.22 -49.70 -22.26
N PHE G 304 -14.64 -48.49 -22.26
CA PHE G 304 -14.39 -47.76 -23.50
C PHE G 304 -13.30 -48.41 -24.35
N TYR G 305 -12.29 -49.00 -23.72
CA TYR G 305 -11.17 -49.54 -24.47
C TYR G 305 -11.56 -50.82 -25.20
N THR G 306 -12.37 -51.67 -24.57
CA THR G 306 -12.78 -52.91 -25.22
C THR G 306 -13.73 -52.64 -26.38
N LEU G 307 -14.65 -51.68 -26.22
CA LEU G 307 -15.56 -51.34 -27.31
C LEU G 307 -14.81 -50.63 -28.45
N LEU G 308 -13.80 -49.82 -28.12
CA LEU G 308 -13.06 -49.13 -29.16
C LEU G 308 -12.13 -50.07 -29.91
N ASP G 309 -11.54 -51.05 -29.21
CA ASP G 309 -10.71 -52.03 -29.88
C ASP G 309 -11.52 -53.12 -30.56
N ASN G 310 -12.81 -53.24 -30.26
CA ASN G 310 -13.65 -54.15 -31.02
C ASN G 310 -14.31 -53.47 -32.22
N TRP G 311 -14.53 -52.16 -32.14
CA TRP G 311 -15.21 -51.46 -33.22
C TRP G 311 -14.27 -51.09 -34.35
N VAL G 312 -13.04 -50.72 -34.02
CA VAL G 312 -12.08 -50.24 -35.02
C VAL G 312 -11.22 -51.36 -35.55
N LEU G 313 -10.68 -52.20 -34.66
CA LEU G 313 -9.74 -53.23 -35.09
C LEU G 313 -10.45 -54.43 -35.70
N ARG G 314 -11.47 -54.96 -35.01
CA ARG G 314 -12.08 -56.21 -35.40
C ARG G 314 -13.42 -56.05 -36.13
N ASP G 315 -13.87 -54.81 -36.32
CA ASP G 315 -15.15 -54.47 -36.97
C ASP G 315 -16.34 -55.11 -36.26
N GLU G 316 -16.25 -55.25 -34.94
CA GLU G 316 -17.34 -55.77 -34.11
C GLU G 316 -18.05 -54.58 -33.49
N ALA G 317 -19.11 -54.14 -34.14
CA ALA G 317 -19.84 -52.97 -33.65
C ALA G 317 -20.66 -53.31 -32.43
N PRO G 318 -20.52 -52.58 -31.33
CA PRO G 318 -21.39 -52.79 -30.17
C PRO G 318 -22.75 -52.15 -30.40
N ALA G 319 -23.59 -52.19 -29.36
CA ALA G 319 -24.93 -51.64 -29.41
C ALA G 319 -24.88 -50.13 -29.56
N VAL G 320 -26.03 -49.56 -29.96
CA VAL G 320 -26.10 -48.14 -30.32
C VAL G 320 -25.87 -47.25 -29.12
N GLU G 321 -26.29 -47.69 -27.93
CA GLU G 321 -26.02 -46.94 -26.70
C GLU G 321 -24.53 -46.97 -26.36
N GLN G 322 -23.88 -48.10 -26.63
CA GLN G 322 -22.43 -48.18 -26.43
C GLN G 322 -21.68 -47.32 -27.45
N GLN G 323 -22.21 -47.20 -28.67
CA GLN G 323 -21.64 -46.28 -29.64
C GLN G 323 -21.80 -44.83 -29.19
N HIS G 324 -22.95 -44.50 -28.58
CA HIS G 324 -23.15 -43.17 -28.02
C HIS G 324 -22.14 -42.88 -26.92
N TYR G 325 -21.91 -43.86 -26.05
CA TYR G 325 -20.94 -43.68 -24.96
C TYR G 325 -19.51 -43.56 -25.48
N VAL G 326 -19.19 -44.28 -26.55
CA VAL G 326 -17.85 -44.21 -27.15
C VAL G 326 -17.61 -42.85 -27.80
N ILE G 327 -18.60 -42.35 -28.54
CA ILE G 327 -18.47 -41.03 -29.15
C ILE G 327 -18.45 -39.92 -28.10
N ALA G 328 -19.18 -40.09 -26.99
CA ALA G 328 -19.11 -39.11 -25.90
C ALA G 328 -17.74 -39.12 -25.23
N ASN G 329 -17.14 -40.30 -25.08
CA ASN G 329 -15.78 -40.38 -24.54
C ASN G 329 -14.76 -39.81 -25.52
N LEU G 330 -15.05 -39.85 -26.82
CA LEU G 330 -14.18 -39.17 -27.79
C LEU G 330 -14.35 -37.66 -27.75
N ILE G 331 -15.56 -37.18 -27.43
CA ILE G 331 -15.80 -35.75 -27.29
C ILE G 331 -15.07 -35.21 -26.06
N ARG G 332 -15.04 -36.00 -24.97
CA ARG G 332 -14.31 -35.60 -23.78
C ARG G 332 -12.81 -35.51 -24.04
N GLY G 333 -12.27 -36.43 -24.84
CA GLY G 333 -10.88 -36.39 -25.21
C GLY G 333 -9.98 -36.98 -24.15
N GLY G 334 -8.71 -37.11 -24.49
CA GLY G 334 -7.76 -37.64 -23.55
C GLY G 334 -6.64 -38.40 -24.24
N VAL G 335 -6.00 -39.25 -23.45
CA VAL G 335 -4.82 -40.01 -23.86
C VAL G 335 -5.21 -41.48 -23.94
N PHE G 336 -5.40 -41.98 -25.16
CA PHE G 336 -5.68 -43.38 -25.40
C PHE G 336 -4.55 -43.96 -26.24
N GLY G 337 -4.24 -45.23 -25.99
CA GLY G 337 -3.12 -45.85 -26.65
C GLY G 337 -2.57 -46.98 -25.81
N GLU G 338 -1.48 -47.56 -26.30
CA GLU G 338 -0.81 -48.68 -25.65
C GLU G 338 -0.29 -48.33 -24.25
N LEU H 6 32.26 -33.50 -58.45
CA LEU H 6 32.39 -34.85 -58.98
C LEU H 6 31.87 -35.86 -57.95
N SER H 7 32.48 -35.87 -56.78
CA SER H 7 32.01 -36.65 -55.65
C SER H 7 31.22 -35.74 -54.71
N THR H 8 30.46 -36.38 -53.83
CA THR H 8 29.62 -35.61 -52.91
C THR H 8 30.45 -34.94 -51.82
N ALA H 9 29.96 -33.79 -51.37
CA ALA H 9 30.63 -33.06 -50.29
C ALA H 9 30.41 -33.78 -48.98
N SER H 10 31.50 -34.08 -48.27
CA SER H 10 31.40 -34.86 -47.04
C SER H 10 30.73 -34.09 -45.90
N VAL H 11 30.78 -32.76 -45.92
CA VAL H 11 29.96 -31.95 -45.04
C VAL H 11 29.13 -31.02 -45.91
N LEU H 12 27.97 -30.63 -45.39
CA LEU H 12 27.08 -29.68 -46.06
C LEU H 12 26.18 -29.07 -45.01
N ALA H 13 26.01 -27.77 -45.03
CA ALA H 13 25.21 -27.08 -44.03
C ALA H 13 24.56 -25.86 -44.65
N PHE H 14 23.36 -25.55 -44.19
CA PHE H 14 22.63 -24.37 -44.64
C PHE H 14 21.98 -23.71 -43.44
N GLU H 15 22.31 -22.44 -43.22
CA GLU H 15 21.76 -21.67 -42.13
C GLU H 15 20.29 -21.35 -42.40
N ARG H 16 19.54 -21.14 -41.33
CA ARG H 16 18.10 -20.95 -41.43
C ARG H 16 17.78 -19.54 -41.88
N LYS H 17 17.02 -19.41 -42.95
CA LYS H 17 16.39 -18.16 -43.33
C LYS H 17 14.92 -18.20 -42.91
N LEU H 18 14.23 -17.07 -43.11
CA LEU H 18 12.88 -16.81 -42.60
C LEU H 18 12.82 -17.03 -41.09
N ASP H 19 13.57 -16.21 -40.37
CA ASP H 19 13.79 -16.41 -38.94
C ASP H 19 12.56 -15.97 -38.14
N PRO H 20 11.91 -16.88 -37.41
CA PRO H 20 10.80 -16.47 -36.56
C PRO H 20 11.28 -16.06 -35.17
N SER H 21 10.35 -15.71 -34.29
CA SER H 21 10.68 -15.34 -32.92
C SER H 21 9.59 -15.89 -32.00
N ASP H 22 9.82 -15.76 -30.70
CA ASP H 22 8.80 -16.10 -29.72
C ASP H 22 7.67 -15.07 -29.80
N ALA H 23 6.44 -15.57 -29.89
CA ALA H 23 5.28 -14.71 -30.11
C ALA H 23 4.56 -14.47 -28.80
N LEU H 24 4.62 -13.23 -28.31
CA LEU H 24 3.99 -12.88 -27.05
C LEU H 24 2.47 -12.77 -27.22
N MET H 25 1.75 -13.16 -26.17
CA MET H 25 0.29 -13.22 -26.20
C MET H 25 -0.28 -12.27 -25.15
N SER H 26 -1.24 -11.47 -25.55
CA SER H 26 -1.94 -10.55 -24.66
C SER H 26 -3.45 -10.72 -24.85
N ALA H 27 -4.20 -10.11 -23.94
CA ALA H 27 -5.65 -10.22 -23.94
C ALA H 27 -6.28 -8.84 -24.06
N GLY H 28 -7.45 -8.79 -24.67
CA GLY H 28 -8.16 -7.52 -24.78
C GLY H 28 -9.43 -7.72 -25.60
N ALA H 29 -10.27 -6.69 -25.55
CA ALA H 29 -11.57 -6.77 -26.19
C ALA H 29 -11.48 -6.48 -27.69
N TRP H 30 -12.43 -7.03 -28.43
CA TRP H 30 -12.57 -6.73 -29.84
C TRP H 30 -13.12 -5.31 -30.01
N ALA H 31 -12.97 -4.78 -31.23
CA ALA H 31 -13.24 -3.40 -31.64
C ALA H 31 -12.39 -2.37 -30.90
N GLN H 32 -11.29 -2.80 -30.29
CA GLN H 32 -10.29 -1.92 -29.72
C GLN H 32 -8.91 -2.20 -30.31
N ARG H 33 -8.87 -2.75 -31.52
CA ARG H 33 -7.62 -3.10 -32.18
C ARG H 33 -6.87 -1.90 -32.72
N ASP H 34 -7.48 -0.72 -32.75
CA ASP H 34 -6.78 0.49 -33.16
C ASP H 34 -5.73 0.89 -32.12
N ALA H 35 -6.15 1.13 -30.89
CA ALA H 35 -5.22 1.42 -29.79
C ALA H 35 -4.90 0.16 -28.99
N SER H 36 -4.47 -0.90 -29.69
CA SER H 36 -4.15 -2.17 -29.05
C SER H 36 -2.65 -2.27 -28.74
N GLN H 37 -2.15 -1.31 -27.97
CA GLN H 37 -0.76 -1.28 -27.58
C GLN H 37 -0.54 -1.29 -26.08
N GLU H 38 -1.61 -1.23 -25.28
CA GLU H 38 -1.51 -1.27 -23.83
C GLU H 38 -2.19 -2.50 -23.25
N TRP H 39 -2.25 -3.59 -24.01
CA TRP H 39 -3.00 -4.76 -23.59
C TRP H 39 -2.20 -5.56 -22.57
N PRO H 40 -2.81 -5.98 -21.47
CA PRO H 40 -2.08 -6.83 -20.51
C PRO H 40 -1.89 -8.24 -21.05
N ALA H 41 -0.74 -8.81 -20.71
CA ALA H 41 -0.37 -10.13 -21.23
C ALA H 41 -0.92 -11.22 -20.33
N VAL H 42 -1.27 -12.35 -20.96
CA VAL H 42 -1.81 -13.49 -20.22
C VAL H 42 -0.66 -14.20 -19.51
N THR H 43 -0.93 -14.68 -18.31
CA THR H 43 0.07 -15.33 -17.47
C THR H 43 -0.28 -16.81 -17.29
N VAL H 44 0.73 -17.60 -16.99
CA VAL H 44 0.55 -19.01 -16.71
C VAL H 44 0.24 -19.19 -15.23
N ARG H 45 -0.68 -20.10 -14.93
CA ARG H 45 -1.16 -20.32 -13.58
C ARG H 45 -1.21 -21.81 -13.28
N GLU H 46 -0.60 -22.20 -12.17
CA GLU H 46 -0.58 -23.60 -11.73
C GLU H 46 -1.83 -23.89 -10.92
N LYS H 47 -2.73 -24.68 -11.50
CA LYS H 47 -3.93 -25.11 -10.78
C LYS H 47 -3.91 -26.62 -10.63
N SER H 48 -4.53 -27.10 -9.56
CA SER H 48 -4.55 -28.52 -9.23
C SER H 48 -5.92 -29.10 -9.52
N VAL H 49 -5.94 -30.26 -10.17
CA VAL H 49 -7.17 -30.90 -10.62
C VAL H 49 -7.29 -32.28 -9.99
N ARG H 50 -8.55 -32.70 -9.85
CA ARG H 50 -8.91 -34.04 -9.40
C ARG H 50 -9.66 -34.73 -10.53
N GLY H 51 -9.09 -35.82 -11.04
CA GLY H 51 -9.75 -36.57 -12.08
C GLY H 51 -9.87 -38.04 -11.76
N THR H 52 -10.08 -38.87 -12.78
CA THR H 52 -10.17 -40.31 -12.63
C THR H 52 -8.97 -40.98 -13.30
N ILE H 53 -8.82 -42.28 -13.02
CA ILE H 53 -7.81 -43.08 -13.70
C ILE H 53 -8.37 -43.47 -15.05
N SER H 54 -8.00 -42.72 -16.10
CA SER H 54 -8.52 -42.94 -17.43
C SER H 54 -7.54 -43.63 -18.36
N ASN H 55 -6.28 -43.79 -17.95
CA ASN H 55 -5.33 -44.52 -18.77
C ASN H 55 -5.61 -46.02 -18.72
N ARG H 56 -5.29 -46.70 -19.80
CA ARG H 56 -5.55 -48.13 -19.88
C ARG H 56 -4.51 -48.89 -19.07
N LEU H 57 -4.94 -50.00 -18.49
CA LEU H 57 -4.15 -50.71 -17.50
C LEU H 57 -3.29 -51.79 -18.14
N LYS H 58 -2.18 -52.10 -17.47
CA LYS H 58 -1.26 -53.17 -17.87
C LYS H 58 -1.36 -54.26 -16.82
N THR H 59 -2.22 -55.25 -17.06
CA THR H 59 -2.48 -56.32 -16.10
C THR H 59 -1.37 -57.38 -16.20
N LYS H 60 -0.22 -57.03 -15.63
CA LYS H 60 0.94 -57.91 -15.60
C LYS H 60 1.53 -57.89 -14.20
N ASP H 61 1.64 -59.08 -13.58
CA ASP H 61 2.26 -59.30 -12.26
C ASP H 61 1.57 -58.49 -11.16
N ARG H 62 0.26 -58.29 -11.30
CA ARG H 62 -0.55 -57.57 -10.33
C ARG H 62 -1.77 -58.42 -9.96
N ASP H 63 -2.65 -57.85 -9.16
CA ASP H 63 -3.92 -58.44 -8.77
C ASP H 63 -5.05 -57.50 -9.18
N PRO H 64 -6.25 -58.03 -9.48
CA PRO H 64 -7.36 -57.15 -9.88
C PRO H 64 -7.86 -56.23 -8.78
N ALA H 65 -7.61 -56.56 -7.50
CA ALA H 65 -8.10 -55.73 -6.40
C ALA H 65 -7.37 -54.39 -6.35
N LYS H 66 -6.05 -54.40 -6.60
CA LYS H 66 -5.28 -53.17 -6.54
C LYS H 66 -5.63 -52.22 -7.68
N LEU H 67 -5.74 -52.74 -8.91
CA LEU H 67 -6.10 -51.87 -10.03
C LEU H 67 -7.56 -51.44 -9.96
N ASP H 68 -8.43 -52.29 -9.39
CA ASP H 68 -9.82 -51.88 -9.19
C ASP H 68 -9.94 -50.78 -8.15
N ALA H 69 -9.21 -50.89 -7.04
CA ALA H 69 -9.18 -49.81 -6.06
C ALA H 69 -8.47 -48.58 -6.59
N SER H 70 -7.60 -48.74 -7.59
CA SER H 70 -7.01 -47.59 -8.27
C SER H 70 -8.05 -46.85 -9.09
N ILE H 71 -8.82 -47.56 -9.92
CA ILE H 71 -9.82 -46.90 -10.74
C ILE H 71 -11.04 -46.45 -9.95
N GLN H 72 -11.22 -46.92 -8.72
CA GLN H 72 -12.23 -46.34 -7.84
C GLN H 72 -11.73 -45.10 -7.10
N SER H 73 -10.39 -44.91 -6.99
CA SER H 73 -9.77 -43.80 -6.28
C SER H 73 -9.44 -42.67 -7.24
N PRO H 74 -9.54 -41.41 -6.80
CA PRO H 74 -9.28 -40.29 -7.70
C PRO H 74 -7.79 -40.11 -7.98
N ASN H 75 -7.52 -39.33 -9.02
CA ASN H 75 -6.18 -39.04 -9.50
C ASN H 75 -5.91 -37.56 -9.28
N LEU H 76 -4.85 -37.25 -8.55
CA LEU H 76 -4.57 -35.89 -8.09
C LEU H 76 -3.39 -35.34 -8.89
N GLN H 77 -3.64 -34.35 -9.75
CA GLN H 77 -2.58 -33.78 -10.57
C GLN H 77 -2.53 -32.27 -10.38
N THR H 78 -1.41 -31.68 -10.81
CA THR H 78 -1.23 -30.23 -10.81
C THR H 78 -0.71 -29.80 -12.18
N VAL H 79 -1.52 -29.05 -12.91
CA VAL H 79 -1.20 -28.65 -14.27
C VAL H 79 -1.07 -27.14 -14.34
N ASP H 80 -0.67 -26.65 -15.50
CA ASP H 80 -0.48 -25.23 -15.74
C ASP H 80 -1.41 -24.84 -16.89
N VAL H 81 -2.31 -23.87 -16.63
CA VAL H 81 -3.22 -23.37 -17.64
C VAL H 81 -3.09 -21.86 -17.73
N ALA H 82 -3.63 -21.30 -18.82
CA ALA H 82 -3.63 -19.86 -19.04
C ALA H 82 -4.88 -19.49 -19.82
N ASN H 83 -5.73 -18.65 -19.24
CA ASN H 83 -6.99 -18.27 -19.86
C ASN H 83 -7.14 -16.76 -19.88
N LEU H 84 -7.95 -16.28 -20.82
CA LEU H 84 -8.27 -14.86 -20.91
C LEU H 84 -9.12 -14.42 -19.72
N PRO H 85 -9.08 -13.15 -19.37
CA PRO H 85 -9.98 -12.64 -18.32
C PRO H 85 -11.43 -12.60 -18.80
N SER H 86 -12.32 -12.34 -17.85
CA SER H 86 -13.76 -12.30 -18.09
C SER H 86 -14.22 -11.03 -18.79
N ASP H 87 -13.32 -10.07 -19.02
CA ASP H 87 -13.64 -8.87 -19.79
C ASP H 87 -12.81 -8.81 -21.07
N ALA H 88 -12.25 -9.95 -21.50
CA ALA H 88 -11.38 -9.99 -22.66
C ALA H 88 -11.63 -11.26 -23.44
N ASP H 89 -12.04 -11.11 -24.70
CA ASP H 89 -12.32 -12.24 -25.58
C ASP H 89 -11.40 -12.31 -26.79
N THR H 90 -10.39 -11.44 -26.86
CA THR H 90 -9.53 -11.32 -28.02
C THR H 90 -8.09 -11.59 -27.58
N LEU H 91 -7.48 -12.60 -28.19
CA LEU H 91 -6.08 -12.93 -27.98
C LEU H 91 -5.24 -12.27 -29.06
N LYS H 92 -4.18 -11.59 -28.65
CA LYS H 92 -3.29 -10.87 -29.56
C LYS H 92 -1.93 -11.52 -29.51
N VAL H 93 -1.51 -12.09 -30.64
CA VAL H 93 -0.27 -12.85 -30.76
C VAL H 93 0.67 -12.05 -31.65
N ARG H 94 1.85 -11.72 -31.13
CA ARG H 94 2.77 -10.81 -31.80
C ARG H 94 4.15 -11.43 -31.93
N PHE H 95 4.74 -11.35 -33.13
CA PHE H 95 6.12 -11.81 -33.30
C PHE H 95 6.81 -11.03 -34.42
N THR H 96 8.10 -11.30 -34.56
CA THR H 96 8.98 -10.65 -35.54
C THR H 96 9.55 -11.69 -36.49
N LEU H 97 9.58 -11.34 -37.77
CA LEU H 97 10.12 -12.19 -38.82
C LEU H 97 11.29 -11.47 -39.47
N ARG H 98 12.41 -12.18 -39.60
CA ARG H 98 13.65 -11.64 -40.14
C ARG H 98 14.03 -12.47 -41.36
N VAL H 99 13.65 -12.02 -42.55
CA VAL H 99 14.00 -12.75 -43.78
C VAL H 99 15.40 -12.31 -44.22
N LEU H 100 16.34 -13.27 -44.24
CA LEU H 100 17.75 -12.92 -44.21
C LEU H 100 18.32 -12.57 -45.58
N GLY H 101 18.33 -13.52 -46.50
CA GLY H 101 19.02 -13.35 -47.76
C GLY H 101 20.22 -14.28 -47.87
N GLY H 102 20.62 -14.51 -49.13
CA GLY H 102 21.65 -15.49 -49.40
C GLY H 102 21.11 -16.90 -49.27
N ALA H 103 20.18 -17.27 -50.16
CA ALA H 103 19.39 -18.49 -49.97
C ALA H 103 20.22 -19.74 -50.20
N GLY H 104 20.76 -19.91 -51.39
CA GLY H 104 21.44 -21.15 -51.72
C GLY H 104 22.91 -21.23 -51.37
N THR H 105 23.47 -20.22 -50.73
CA THR H 105 24.86 -20.25 -50.34
C THR H 105 25.03 -21.16 -49.13
N PRO H 106 25.85 -22.20 -49.20
CA PRO H 106 26.06 -23.06 -48.03
C PRO H 106 26.90 -22.38 -46.97
N SER H 107 26.92 -22.98 -45.80
CA SER H 107 27.74 -22.52 -44.70
C SER H 107 28.84 -23.50 -44.32
N ALA H 108 28.95 -24.63 -45.02
CA ALA H 108 30.02 -25.59 -44.82
C ALA H 108 30.13 -26.44 -46.07
N CYS H 109 31.36 -26.69 -46.51
CA CYS H 109 31.61 -27.49 -47.71
C CYS H 109 33.05 -27.99 -47.68
N ASN H 110 33.23 -29.29 -47.88
CA ASN H 110 34.58 -29.84 -47.97
C ASN H 110 35.24 -29.45 -49.29
N ASP H 111 34.54 -29.65 -50.40
CA ASP H 111 35.13 -29.51 -51.72
C ASP H 111 34.84 -28.14 -52.32
N ALA H 112 35.72 -27.70 -53.21
CA ALA H 112 35.44 -26.52 -54.01
C ALA H 112 34.57 -26.85 -55.21
N ALA H 113 34.69 -28.08 -55.73
CA ALA H 113 33.94 -28.49 -56.90
C ALA H 113 32.45 -28.58 -56.61
N TYR H 114 32.09 -29.17 -55.47
CA TYR H 114 30.68 -29.28 -55.09
C TYR H 114 30.06 -27.91 -54.85
N ARG H 115 30.82 -27.00 -54.23
CA ARG H 115 30.33 -25.65 -53.98
C ARG H 115 30.13 -24.88 -55.27
N ASP H 116 31.06 -25.06 -56.22
CA ASP H 116 30.94 -24.42 -57.52
C ASP H 116 29.71 -24.90 -58.29
N LYS H 117 29.54 -26.23 -58.37
CA LYS H 117 28.40 -26.79 -59.09
C LYS H 117 27.08 -26.46 -58.41
N LEU H 118 27.07 -26.42 -57.06
CA LEU H 118 25.85 -26.13 -56.33
C LEU H 118 25.43 -24.67 -56.52
N LEU H 119 26.40 -23.75 -56.49
CA LEU H 119 26.06 -22.36 -56.75
C LEU H 119 25.66 -22.14 -58.19
N GLN H 120 26.19 -22.96 -59.11
CA GLN H 120 25.75 -22.89 -60.50
C GLN H 120 24.30 -23.32 -60.67
N THR H 121 23.90 -24.44 -60.05
CA THR H 121 22.52 -24.92 -60.20
C THR H 121 21.52 -24.01 -59.48
N VAL H 122 21.88 -23.49 -58.31
CA VAL H 122 21.01 -22.53 -57.64
C VAL H 122 20.94 -21.22 -58.42
N ALA H 123 22.02 -20.85 -59.12
CA ALA H 123 21.99 -19.69 -60.00
C ALA H 123 21.05 -19.90 -61.18
N THR H 124 21.10 -21.07 -61.82
CA THR H 124 20.17 -21.35 -62.91
C THR H 124 18.72 -21.44 -62.42
N TYR H 125 18.52 -21.89 -61.19
CA TYR H 125 17.17 -21.88 -60.61
C TYR H 125 16.65 -20.45 -60.47
N VAL H 126 17.42 -19.59 -59.80
CA VAL H 126 16.93 -18.24 -59.52
C VAL H 126 16.86 -17.39 -60.79
N ASN H 127 17.63 -17.72 -61.83
CA ASN H 127 17.42 -17.09 -63.13
C ASN H 127 16.13 -17.57 -63.77
N GLU H 128 15.98 -18.88 -63.97
CA GLU H 128 14.88 -19.39 -64.78
C GLU H 128 13.54 -19.40 -64.04
N GLN H 129 13.55 -19.51 -62.71
CA GLN H 129 12.29 -19.45 -61.95
C GLN H 129 12.60 -18.75 -60.62
N GLY H 130 12.22 -17.48 -60.53
CA GLY H 130 12.48 -16.70 -59.33
C GLY H 130 11.66 -17.17 -58.14
N PHE H 131 11.95 -16.57 -56.99
CA PHE H 131 11.27 -16.93 -55.74
C PHE H 131 9.85 -16.36 -55.79
N ALA H 132 8.99 -17.05 -56.53
CA ALA H 132 7.63 -16.58 -56.79
C ALA H 132 6.57 -17.56 -56.33
N GLU H 133 6.81 -18.87 -56.47
CA GLU H 133 5.92 -19.84 -55.85
C GLU H 133 6.18 -19.95 -54.36
N LEU H 134 7.46 -20.00 -53.97
CA LEU H 134 7.81 -20.20 -52.56
C LEU H 134 7.48 -18.97 -51.71
N ALA H 135 7.67 -17.77 -52.27
CA ALA H 135 7.33 -16.56 -51.54
C ALA H 135 5.84 -16.40 -51.39
N ARG H 136 5.08 -16.78 -52.42
CA ARG H 136 3.62 -16.75 -52.33
C ARG H 136 3.12 -17.78 -51.32
N ARG H 137 3.78 -18.93 -51.24
CA ARG H 137 3.39 -19.95 -50.27
C ARG H 137 3.70 -19.53 -48.84
N TYR H 138 4.86 -18.89 -48.61
CA TYR H 138 5.19 -18.38 -47.28
C TYR H 138 4.29 -17.22 -46.89
N ALA H 139 3.98 -16.33 -47.85
CA ALA H 139 3.09 -15.21 -47.55
C ALA H 139 1.66 -15.67 -47.32
N HIS H 140 1.26 -16.78 -47.92
CA HIS H 140 -0.05 -17.35 -47.61
C HIS H 140 -0.04 -18.01 -46.24
N ASN H 141 1.07 -18.65 -45.86
CA ASN H 141 1.18 -19.24 -44.54
C ASN H 141 1.20 -18.18 -43.44
N LEU H 142 1.70 -16.98 -43.75
CA LEU H 142 1.55 -15.85 -42.82
C LEU H 142 0.19 -15.17 -42.96
N ALA H 143 -0.49 -15.34 -44.10
CA ALA H 143 -1.77 -14.69 -44.31
C ALA H 143 -2.86 -15.32 -43.45
N ASN H 144 -2.94 -16.65 -43.47
CA ASN H 144 -3.78 -17.34 -42.51
C ASN H 144 -2.99 -17.52 -41.21
N ALA H 145 -3.72 -17.62 -40.10
CA ALA H 145 -3.08 -17.74 -38.79
C ALA H 145 -2.71 -19.19 -38.52
N ARG H 146 -1.76 -19.68 -39.32
CA ARG H 146 -1.25 -21.02 -39.11
C ARG H 146 -0.34 -21.10 -37.90
N PHE H 147 0.24 -19.98 -37.47
CA PHE H 147 1.09 -19.97 -36.29
C PHE H 147 0.26 -20.05 -35.01
N LEU H 148 -0.93 -19.47 -35.01
CA LEU H 148 -1.90 -19.70 -33.94
C LEU H 148 -2.51 -21.07 -34.20
N TRP H 149 -1.89 -22.09 -33.60
CA TRP H 149 -2.20 -23.47 -33.98
C TRP H 149 -3.55 -23.92 -33.44
N ARG H 150 -3.70 -23.95 -32.12
CA ARG H 150 -4.92 -24.43 -31.50
C ARG H 150 -5.88 -23.32 -31.14
N ASN H 151 -5.44 -22.07 -31.20
CA ASN H 151 -6.31 -20.92 -30.96
C ASN H 151 -7.11 -20.52 -32.20
N ARG H 152 -6.98 -21.27 -33.30
CA ARG H 152 -7.71 -21.01 -34.53
C ARG H 152 -8.83 -22.02 -34.77
N VAL H 153 -8.88 -23.11 -34.01
CA VAL H 153 -9.86 -24.16 -34.27
C VAL H 153 -11.26 -23.78 -33.84
N GLY H 154 -11.42 -22.70 -33.07
CA GLY H 154 -12.73 -22.28 -32.62
C GLY H 154 -12.89 -20.77 -32.63
N ALA H 155 -11.92 -20.07 -33.18
CA ALA H 155 -12.00 -18.62 -33.30
C ALA H 155 -13.04 -18.25 -34.34
N GLU H 156 -13.82 -17.20 -34.03
CA GLU H 156 -14.86 -16.77 -34.96
C GLU H 156 -14.26 -16.01 -36.13
N ALA H 157 -13.28 -15.16 -35.86
CA ALA H 157 -12.61 -14.39 -36.90
C ALA H 157 -11.20 -14.05 -36.43
N VAL H 158 -10.25 -14.12 -37.36
CA VAL H 158 -8.86 -13.77 -37.09
C VAL H 158 -8.46 -12.66 -38.06
N GLU H 159 -7.90 -11.57 -37.51
CA GLU H 159 -7.41 -10.46 -38.29
C GLU H 159 -5.90 -10.34 -38.10
N VAL H 160 -5.15 -10.40 -39.19
CA VAL H 160 -3.69 -10.44 -39.15
C VAL H 160 -3.16 -9.15 -39.77
N ARG H 161 -2.40 -8.39 -38.99
CA ARG H 161 -1.78 -7.16 -39.49
C ARG H 161 -0.28 -7.36 -39.56
N ILE H 162 0.28 -7.18 -40.75
CA ILE H 162 1.72 -7.34 -40.98
C ILE H 162 2.28 -5.98 -41.38
N ASN H 163 3.29 -5.52 -40.65
CA ASN H 163 3.91 -4.23 -40.90
C ASN H 163 5.35 -4.44 -41.31
N HIS H 164 5.79 -3.70 -42.33
CA HIS H 164 7.14 -3.78 -42.86
C HIS H 164 7.98 -2.67 -42.25
N ILE H 165 8.95 -3.03 -41.41
CA ILE H 165 9.77 -2.06 -40.71
C ILE H 165 11.12 -2.01 -41.41
N ARG H 166 11.46 -0.86 -41.98
CA ARG H 166 12.62 -0.76 -42.85
C ARG H 166 13.87 -0.30 -42.10
N GLN H 167 13.82 0.90 -41.53
CA GLN H 167 14.98 1.44 -40.82
C GLN H 167 14.71 1.67 -39.34
N GLY H 168 13.64 2.36 -38.99
CA GLY H 168 13.28 2.57 -37.60
C GLY H 168 11.79 2.63 -37.42
N GLU H 169 11.05 2.48 -38.51
CA GLU H 169 9.61 2.66 -38.48
C GLU H 169 8.98 1.87 -39.61
N VAL H 170 7.64 1.86 -39.63
CA VAL H 170 6.92 1.12 -40.66
C VAL H 170 6.97 1.87 -41.98
N ALA H 171 6.74 1.12 -43.06
CA ALA H 171 6.61 1.69 -44.39
C ALA H 171 5.47 1.10 -45.19
N ARG H 172 4.89 -0.02 -44.77
CA ARG H 172 3.81 -0.67 -45.50
C ARG H 172 3.04 -1.58 -44.55
N THR H 173 1.71 -1.43 -44.53
CA THR H 173 0.85 -2.23 -43.68
C THR H 173 -0.06 -3.12 -44.53
N TRP H 174 -0.27 -4.35 -44.07
CA TRP H 174 -1.18 -5.30 -44.69
C TRP H 174 -2.16 -5.79 -43.63
N ARG H 175 -3.42 -5.96 -44.02
CA ARG H 175 -4.50 -6.35 -43.11
C ARG H 175 -5.29 -7.48 -43.74
N PHE H 176 -5.06 -8.71 -43.28
CA PHE H 176 -5.67 -9.90 -43.85
C PHE H 176 -6.76 -10.44 -42.93
N ASP H 177 -7.77 -11.05 -43.54
CA ASP H 177 -8.74 -11.88 -42.84
C ASP H 177 -8.29 -13.33 -43.03
N ALA H 178 -7.94 -14.00 -41.93
CA ALA H 178 -7.20 -15.24 -42.00
C ALA H 178 -8.06 -16.46 -42.28
N LEU H 179 -9.38 -16.34 -42.22
CA LEU H 179 -10.24 -17.49 -42.48
C LEU H 179 -10.75 -17.55 -43.91
N ALA H 180 -10.80 -16.42 -44.61
CA ALA H 180 -11.11 -16.44 -46.04
C ALA H 180 -10.00 -17.11 -46.82
N ILE H 181 -8.74 -16.76 -46.53
CA ILE H 181 -7.59 -17.45 -47.07
C ILE H 181 -7.42 -18.72 -46.25
N GLY H 182 -7.89 -19.84 -46.78
CA GLY H 182 -7.95 -21.08 -46.04
C GLY H 182 -6.59 -21.74 -45.85
N LEU H 183 -6.62 -22.88 -45.20
CA LEU H 183 -5.43 -23.65 -44.91
C LEU H 183 -5.07 -24.65 -46.00
N ARG H 184 -5.77 -24.63 -47.12
CA ARG H 184 -5.53 -25.61 -48.19
C ARG H 184 -5.41 -25.00 -49.58
N ASP H 185 -5.97 -23.83 -49.84
CA ASP H 185 -5.95 -23.24 -51.17
C ASP H 185 -4.85 -22.20 -51.28
N PHE H 186 -4.28 -22.09 -52.48
CA PHE H 186 -3.20 -21.16 -52.78
C PHE H 186 -3.59 -20.35 -54.01
N LYS H 187 -4.24 -19.22 -53.79
CA LYS H 187 -4.72 -18.35 -54.85
C LYS H 187 -3.77 -17.17 -55.03
N ALA H 188 -4.18 -16.18 -55.82
CA ALA H 188 -3.33 -15.05 -56.15
C ALA H 188 -4.12 -13.76 -55.95
N ASP H 189 -3.70 -12.95 -54.98
CA ASP H 189 -4.26 -11.64 -54.70
C ASP H 189 -3.18 -10.59 -54.90
N ALA H 190 -3.59 -9.32 -54.95
CA ALA H 190 -2.65 -8.24 -55.23
C ALA H 190 -1.76 -7.95 -54.03
N GLU H 191 -2.36 -7.82 -52.85
CA GLU H 191 -1.59 -7.53 -51.65
C GLU H 191 -0.74 -8.72 -51.22
N LEU H 192 -1.22 -9.94 -51.47
CA LEU H 192 -0.43 -11.13 -51.18
C LEU H 192 0.74 -11.25 -52.15
N ASP H 193 0.55 -10.86 -53.41
CA ASP H 193 1.67 -10.85 -54.35
C ASP H 193 2.66 -9.73 -54.03
N ALA H 194 2.18 -8.61 -53.46
CA ALA H 194 3.11 -7.57 -53.02
C ALA H 194 3.95 -8.03 -51.84
N LEU H 195 3.32 -8.71 -50.87
CA LEU H 195 4.06 -9.27 -49.74
C LEU H 195 5.03 -10.36 -50.20
N ALA H 196 4.62 -11.17 -51.18
CA ALA H 196 5.51 -12.17 -51.75
C ALA H 196 6.67 -11.52 -52.52
N GLU H 197 6.43 -10.36 -53.14
CA GLU H 197 7.51 -9.64 -53.79
C GLU H 197 8.51 -9.10 -52.77
N LEU H 198 8.02 -8.66 -51.61
CA LEU H 198 8.93 -8.19 -50.55
C LEU H 198 9.77 -9.33 -49.99
N ILE H 199 9.13 -10.48 -49.70
CA ILE H 199 9.88 -11.64 -49.22
C ILE H 199 10.84 -12.16 -50.30
N ALA H 200 10.47 -12.03 -51.58
CA ALA H 200 11.34 -12.46 -52.66
C ALA H 200 12.56 -11.55 -52.78
N SER H 201 12.35 -10.24 -52.63
CA SER H 201 13.47 -9.30 -52.64
C SER H 201 14.37 -9.48 -51.43
N GLY H 202 13.82 -9.95 -50.31
CA GLY H 202 14.63 -10.15 -49.14
C GLY H 202 15.43 -11.44 -49.12
N LEU H 203 15.03 -12.44 -49.90
CA LEU H 203 15.69 -13.74 -49.90
C LEU H 203 16.86 -13.81 -50.88
N SER H 204 17.17 -12.74 -51.59
CA SER H 204 18.14 -12.79 -52.67
C SER H 204 19.46 -12.11 -52.32
N GLY H 205 19.62 -11.64 -51.09
CA GLY H 205 20.90 -11.17 -50.60
C GLY H 205 21.03 -9.66 -50.49
N SER H 206 20.13 -8.91 -51.12
CA SER H 206 20.25 -7.45 -51.15
C SER H 206 19.99 -6.84 -49.77
N GLY H 207 19.06 -7.41 -49.02
CA GLY H 207 18.80 -6.94 -47.66
C GLY H 207 18.18 -8.03 -46.82
N HIS H 208 18.16 -7.80 -45.52
CA HIS H 208 17.48 -8.64 -44.55
C HIS H 208 16.28 -7.84 -44.05
N VAL H 209 15.09 -8.27 -44.43
CA VAL H 209 13.90 -7.47 -44.20
C VAL H 209 13.22 -7.89 -42.90
N LEU H 210 12.62 -6.90 -42.26
CA LEU H 210 12.01 -6.99 -40.94
C LEU H 210 10.50 -6.86 -41.09
N LEU H 211 9.78 -7.91 -40.76
CA LEU H 211 8.33 -7.90 -40.70
C LEU H 211 7.92 -8.04 -39.23
N GLU H 212 6.87 -7.34 -38.83
CA GLU H 212 6.27 -7.57 -37.52
C GLU H 212 4.81 -7.98 -37.75
N VAL H 213 4.41 -9.08 -37.13
CA VAL H 213 3.11 -9.69 -37.36
C VAL H 213 2.33 -9.67 -36.06
N VAL H 214 1.13 -9.10 -36.09
CA VAL H 214 0.19 -9.23 -35.00
C VAL H 214 -1.04 -9.97 -35.51
N ALA H 215 -1.66 -10.74 -34.62
CA ALA H 215 -2.82 -11.56 -34.96
C ALA H 215 -3.85 -11.44 -33.85
N PHE H 216 -5.03 -10.90 -34.20
CA PHE H 216 -6.15 -10.79 -33.29
C PHE H 216 -7.09 -11.96 -33.54
N ALA H 217 -7.35 -12.74 -32.50
CA ALA H 217 -8.23 -13.92 -32.58
C ALA H 217 -9.36 -13.75 -31.56
N ARG H 218 -10.59 -13.74 -32.06
CA ARG H 218 -11.78 -13.62 -31.21
C ARG H 218 -12.18 -15.01 -30.78
N ILE H 219 -11.67 -15.42 -29.62
CA ILE H 219 -11.80 -16.81 -29.17
C ILE H 219 -13.09 -17.00 -28.37
N GLY H 220 -13.32 -16.14 -27.40
CA GLY H 220 -14.46 -16.28 -26.51
C GLY H 220 -14.17 -15.61 -25.18
N ASP H 221 -15.23 -15.22 -24.49
CA ASP H 221 -15.13 -14.40 -23.30
C ASP H 221 -14.66 -15.27 -22.14
N GLY H 222 -13.39 -15.14 -21.77
CA GLY H 222 -12.84 -15.90 -20.67
C GLY H 222 -12.54 -17.35 -21.01
N GLN H 223 -12.29 -17.66 -22.27
CA GLN H 223 -12.04 -19.03 -22.68
C GLN H 223 -10.56 -19.35 -22.54
N GLU H 224 -10.15 -20.50 -23.06
CA GLU H 224 -8.81 -21.04 -22.85
C GLU H 224 -7.95 -20.76 -24.08
N VAL H 225 -6.77 -20.20 -23.86
CA VAL H 225 -5.75 -20.06 -24.89
C VAL H 225 -4.59 -20.98 -24.54
N PHE H 226 -3.82 -21.33 -25.57
CA PHE H 226 -2.81 -22.39 -25.44
C PHE H 226 -1.44 -21.92 -25.92
N PRO H 227 -0.53 -21.61 -25.01
CA PRO H 227 0.90 -21.56 -25.35
C PRO H 227 1.46 -22.96 -25.45
N SER H 228 2.74 -23.02 -25.81
CA SER H 228 3.36 -24.31 -26.13
C SER H 228 3.89 -24.99 -24.88
N GLN H 229 3.89 -26.33 -24.91
CA GLN H 229 4.28 -27.15 -23.78
C GLN H 229 5.75 -27.55 -23.91
N GLU H 230 6.43 -27.65 -22.77
CA GLU H 230 7.85 -27.98 -22.75
C GLU H 230 8.07 -29.48 -22.70
N LEU H 231 9.22 -29.90 -23.19
CA LEU H 231 9.62 -31.30 -23.24
C LEU H 231 10.59 -31.57 -22.11
N ILE H 232 10.06 -32.02 -20.97
CA ILE H 232 10.88 -32.47 -19.85
C ILE H 232 10.85 -33.99 -19.84
N LEU H 233 12.00 -34.60 -19.99
CA LEU H 233 12.08 -36.06 -20.09
C LEU H 233 11.96 -36.71 -18.72
N LYS H 238 6.72 -38.79 -7.53
CA LYS H 238 5.55 -38.76 -8.41
C LYS H 238 4.40 -37.99 -7.77
N LYS H 239 4.66 -37.44 -6.59
CA LYS H 239 3.68 -36.64 -5.85
C LYS H 239 4.19 -35.21 -5.75
N GLY H 240 3.33 -34.26 -6.12
CA GLY H 240 3.71 -32.87 -6.12
C GLY H 240 4.47 -32.41 -7.35
N GLN H 241 4.47 -33.20 -8.42
CA GLN H 241 5.21 -32.88 -9.63
C GLN H 241 4.26 -32.32 -10.68
N LYS H 242 4.71 -31.28 -11.38
CA LYS H 242 3.91 -30.64 -12.41
C LYS H 242 3.96 -31.48 -13.69
N SER H 243 2.81 -32.01 -14.11
CA SER H 243 2.76 -32.84 -15.30
C SER H 243 2.87 -32.01 -16.57
N LYS H 244 2.14 -30.90 -16.63
CA LYS H 244 2.12 -30.03 -17.80
C LYS H 244 2.72 -28.68 -17.43
N THR H 245 3.80 -28.32 -18.10
CA THR H 245 4.46 -27.03 -17.91
C THR H 245 4.28 -26.19 -19.17
N LEU H 246 3.92 -24.93 -19.00
CA LEU H 246 3.63 -24.05 -20.10
C LEU H 246 4.76 -23.04 -20.28
N TYR H 247 4.96 -22.60 -21.53
CA TYR H 247 6.03 -21.68 -21.86
C TYR H 247 5.59 -20.25 -21.61
N SER H 248 6.45 -19.49 -20.93
CA SER H 248 6.17 -18.08 -20.62
C SER H 248 7.50 -17.35 -20.48
N VAL H 249 7.74 -16.37 -21.34
CA VAL H 249 8.96 -15.58 -21.32
C VAL H 249 8.64 -14.16 -20.86
N ARG H 250 9.42 -13.68 -19.89
CA ARG H 250 9.21 -12.39 -19.20
C ARG H 250 7.82 -12.30 -18.58
N ASP H 251 7.39 -13.38 -17.92
CA ASP H 251 6.08 -13.52 -17.26
C ASP H 251 4.91 -13.26 -18.21
N ALA H 252 5.06 -13.67 -19.47
CA ALA H 252 4.01 -13.53 -20.48
C ALA H 252 4.00 -14.79 -21.32
N ALA H 253 2.81 -15.36 -21.51
CA ALA H 253 2.69 -16.64 -22.22
C ALA H 253 3.01 -16.48 -23.70
N ALA H 254 3.70 -17.46 -24.25
CA ALA H 254 4.23 -17.35 -25.60
C ALA H 254 4.40 -18.73 -26.20
N ILE H 255 4.54 -18.76 -27.53
CA ILE H 255 4.77 -19.98 -28.30
C ILE H 255 6.24 -20.02 -28.70
N HIS H 256 6.75 -21.22 -28.93
CA HIS H 256 8.14 -21.39 -29.34
C HIS H 256 8.37 -20.84 -30.75
N SER H 257 9.65 -20.68 -31.08
CA SER H 257 10.01 -20.26 -32.43
C SER H 257 9.93 -21.40 -33.43
N GLN H 258 10.24 -22.63 -33.00
CA GLN H 258 10.19 -23.77 -33.90
C GLN H 258 8.77 -24.13 -34.29
N LYS H 259 7.82 -23.90 -33.40
CA LYS H 259 6.41 -24.12 -33.73
C LYS H 259 5.94 -23.16 -34.81
N ILE H 260 6.34 -21.89 -34.73
CA ILE H 260 5.98 -20.90 -35.73
C ILE H 260 6.70 -21.18 -37.05
N GLY H 261 7.95 -21.67 -36.95
CA GLY H 261 8.68 -22.04 -38.16
C GLY H 261 8.05 -23.21 -38.89
N ASN H 262 7.63 -24.23 -38.15
CA ASN H 262 6.91 -25.35 -38.75
C ASN H 262 5.55 -24.91 -39.27
N ALA H 263 4.95 -23.90 -38.64
CA ALA H 263 3.64 -23.43 -39.07
C ALA H 263 3.70 -22.68 -40.38
N LEU H 264 4.62 -21.73 -40.50
CA LEU H 264 4.78 -21.00 -41.75
C LEU H 264 5.71 -21.71 -42.73
N ARG H 265 6.11 -22.94 -42.43
CA ARG H 265 6.89 -23.75 -43.36
C ARG H 265 6.08 -24.87 -44.01
N THR H 266 4.85 -25.12 -43.54
CA THR H 266 4.01 -26.15 -44.15
C THR H 266 3.46 -25.65 -45.48
N ILE H 267 4.22 -25.85 -46.57
CA ILE H 267 3.84 -25.33 -47.88
C ILE H 267 3.99 -26.43 -48.92
N ASP H 268 4.52 -27.58 -48.52
CA ASP H 268 4.82 -28.66 -49.45
C ASP H 268 3.54 -29.38 -49.84
N THR H 269 3.06 -29.14 -51.07
CA THR H 269 1.87 -29.79 -51.59
C THR H 269 2.16 -30.74 -52.74
N TRP H 270 3.41 -31.21 -52.85
CA TRP H 270 3.82 -32.11 -53.93
C TRP H 270 4.52 -33.32 -53.29
N TYR H 271 3.75 -34.35 -52.96
CA TYR H 271 4.30 -35.55 -52.33
C TYR H 271 3.52 -36.74 -52.85
N PRO H 272 4.19 -37.87 -53.10
CA PRO H 272 3.65 -38.87 -54.02
C PRO H 272 2.57 -39.78 -53.45
N ASP H 273 2.06 -39.53 -52.25
CA ASP H 273 1.03 -40.38 -51.66
C ASP H 273 -0.17 -39.51 -51.29
N GLU H 274 -1.03 -39.27 -52.28
CA GLU H 274 -2.32 -38.57 -52.15
C GLU H 274 -2.11 -37.15 -51.59
N ASP H 275 -1.47 -36.32 -52.41
CA ASP H 275 -1.07 -34.96 -52.01
C ASP H 275 -2.25 -34.01 -51.81
N GLY H 276 -3.48 -34.41 -52.11
CA GLY H 276 -4.63 -33.56 -51.93
C GLY H 276 -5.16 -33.44 -50.52
N LEU H 277 -4.52 -34.07 -49.53
CA LEU H 277 -4.99 -33.97 -48.16
C LEU H 277 -4.65 -32.62 -47.55
N GLY H 278 -3.47 -32.08 -47.86
CA GLY H 278 -3.09 -30.77 -47.42
C GLY H 278 -1.61 -30.50 -47.52
N PRO H 279 -1.22 -29.23 -47.37
CA PRO H 279 0.21 -28.91 -47.33
C PRO H 279 0.84 -29.41 -46.05
N ILE H 280 2.00 -30.06 -46.20
CA ILE H 280 2.74 -30.60 -45.07
C ILE H 280 4.08 -29.87 -44.98
N ALA H 281 4.84 -30.18 -43.93
CA ALA H 281 6.07 -29.47 -43.63
C ALA H 281 7.17 -29.85 -44.62
N VAL H 282 8.06 -28.88 -44.85
CA VAL H 282 9.18 -29.05 -45.77
C VAL H 282 10.32 -29.69 -44.99
N GLU H 283 10.65 -30.93 -45.33
CA GLU H 283 11.59 -31.70 -44.53
C GLU H 283 12.26 -32.74 -45.42
N PRO H 284 13.52 -33.08 -45.16
CA PRO H 284 14.08 -34.31 -45.73
C PRO H 284 13.36 -35.51 -45.13
N TYR H 285 12.91 -36.41 -46.02
CA TYR H 285 11.97 -37.50 -45.71
C TYR H 285 10.72 -36.94 -45.05
N GLY H 286 9.97 -36.15 -45.85
CA GLY H 286 8.96 -35.23 -45.38
C GLY H 286 7.89 -35.80 -44.47
N SER H 287 7.98 -35.43 -43.20
CA SER H 287 7.29 -36.10 -42.12
C SER H 287 6.33 -35.14 -41.43
N VAL H 288 5.16 -35.64 -41.08
CA VAL H 288 4.21 -34.93 -40.22
C VAL H 288 4.13 -35.73 -38.93
N THR H 289 4.62 -35.13 -37.83
CA THR H 289 4.68 -35.83 -36.55
C THR H 289 3.31 -36.03 -35.94
N SER H 290 2.30 -35.26 -36.36
CA SER H 290 0.94 -35.49 -35.90
C SER H 290 0.35 -36.73 -36.55
N GLN H 291 0.78 -37.05 -37.78
CA GLN H 291 0.25 -38.20 -38.48
C GLN H 291 1.12 -39.44 -38.34
N GLY H 292 2.39 -39.30 -37.98
CA GLY H 292 3.27 -40.43 -37.80
C GLY H 292 3.82 -41.04 -39.08
N LYS H 293 3.37 -40.57 -40.25
CA LYS H 293 3.71 -41.17 -41.53
C LYS H 293 4.74 -40.29 -42.24
N ALA H 294 5.82 -40.91 -42.69
CA ALA H 294 6.91 -40.20 -43.35
C ALA H 294 6.74 -40.33 -44.85
N TYR H 295 6.10 -39.33 -45.46
CA TYR H 295 6.04 -39.25 -46.91
C TYR H 295 7.41 -38.86 -47.47
N ARG H 296 7.50 -38.87 -48.80
CA ARG H 296 8.76 -38.73 -49.55
C ARG H 296 9.78 -39.75 -49.05
N GLN H 297 9.36 -41.00 -49.11
CA GLN H 297 10.16 -42.12 -48.61
C GLN H 297 11.40 -42.30 -49.48
N PRO H 298 12.53 -42.70 -48.88
CA PRO H 298 13.73 -42.96 -49.68
C PRO H 298 13.66 -44.22 -50.53
N LYS H 299 12.70 -45.11 -50.28
CA LYS H 299 12.47 -46.22 -51.20
C LYS H 299 11.93 -45.70 -52.54
N GLN H 300 11.05 -44.71 -52.48
CA GLN H 300 10.70 -43.95 -53.67
C GLN H 300 11.83 -42.97 -53.97
N LYS H 301 11.85 -42.47 -55.20
CA LYS H 301 12.90 -41.54 -55.64
C LYS H 301 12.43 -40.09 -55.54
N LEU H 302 12.03 -39.67 -54.33
CA LEU H 302 11.57 -38.29 -54.18
C LEU H 302 12.01 -37.64 -52.86
N ASP H 303 13.04 -38.17 -52.20
CA ASP H 303 13.55 -37.49 -51.01
C ASP H 303 14.45 -36.34 -51.43
N PHE H 304 14.82 -35.52 -50.45
CA PHE H 304 15.63 -34.34 -50.72
C PHE H 304 17.07 -34.71 -51.10
N TYR H 305 17.59 -35.80 -50.52
CA TYR H 305 19.01 -36.11 -50.68
C TYR H 305 19.30 -36.64 -52.08
N THR H 306 18.51 -37.63 -52.52
CA THR H 306 18.71 -38.23 -53.83
C THR H 306 18.37 -37.24 -54.95
N LEU H 307 17.36 -36.39 -54.73
CA LEU H 307 17.04 -35.38 -55.73
C LEU H 307 18.12 -34.32 -55.84
N LEU H 308 18.72 -33.92 -54.70
CA LEU H 308 19.77 -32.92 -54.73
C LEU H 308 21.04 -33.45 -55.40
N ASP H 309 21.48 -34.66 -55.03
CA ASP H 309 22.69 -35.16 -55.68
C ASP H 309 22.43 -35.76 -57.05
N ASN H 310 21.16 -35.93 -57.45
CA ASN H 310 20.83 -36.19 -58.83
C ASN H 310 20.81 -34.91 -59.66
N TRP H 311 20.55 -33.78 -59.01
CA TRP H 311 20.59 -32.50 -59.71
C TRP H 311 22.02 -31.99 -59.90
N VAL H 312 22.86 -32.07 -58.86
CA VAL H 312 24.15 -31.39 -58.92
C VAL H 312 25.33 -32.30 -59.28
N LEU H 313 25.18 -33.63 -59.22
CA LEU H 313 26.28 -34.51 -59.55
C LEU H 313 26.07 -35.32 -60.82
N ARG H 314 24.82 -35.63 -61.18
CA ARG H 314 24.55 -36.45 -62.37
C ARG H 314 23.87 -35.63 -63.46
N ASP H 315 23.70 -34.32 -63.23
CA ASP H 315 23.23 -33.32 -64.19
C ASP H 315 21.82 -33.56 -64.70
N GLU H 316 21.09 -34.51 -64.10
CA GLU H 316 19.69 -34.69 -64.41
C GLU H 316 18.88 -33.66 -63.64
N ALA H 317 17.56 -33.66 -63.86
CA ALA H 317 16.79 -32.63 -63.25
C ALA H 317 15.42 -33.18 -62.92
N PRO H 318 14.91 -32.89 -61.74
CA PRO H 318 13.49 -33.19 -61.45
C PRO H 318 12.55 -32.22 -62.15
N ALA H 319 11.26 -32.32 -61.83
CA ALA H 319 10.28 -31.43 -62.43
C ALA H 319 10.36 -30.05 -61.78
N VAL H 320 9.40 -29.19 -62.12
CA VAL H 320 9.36 -27.83 -61.58
C VAL H 320 9.04 -27.85 -60.08
N GLU H 321 8.33 -28.88 -59.63
CA GLU H 321 7.85 -28.94 -58.25
C GLU H 321 8.91 -29.47 -57.28
N GLN H 322 9.62 -30.53 -57.66
CA GLN H 322 10.58 -31.13 -56.74
C GLN H 322 11.81 -30.23 -56.55
N GLN H 323 12.16 -29.43 -57.55
CA GLN H 323 13.25 -28.48 -57.34
C GLN H 323 12.81 -27.29 -56.52
N HIS H 324 11.51 -26.94 -56.57
CA HIS H 324 10.97 -25.97 -55.62
C HIS H 324 11.06 -26.49 -54.20
N TYR H 325 10.80 -27.79 -54.02
CA TYR H 325 10.96 -28.44 -52.72
C TYR H 325 12.42 -28.43 -52.26
N VAL H 326 13.35 -28.67 -53.18
CA VAL H 326 14.77 -28.72 -52.84
C VAL H 326 15.27 -27.32 -52.43
N ILE H 327 14.83 -26.30 -53.17
CA ILE H 327 15.20 -24.92 -52.85
C ILE H 327 14.56 -24.48 -51.53
N ALA H 328 13.34 -24.95 -51.25
CA ALA H 328 12.71 -24.63 -49.97
C ALA H 328 13.41 -25.30 -48.81
N ASN H 329 13.93 -26.52 -49.00
CA ASN H 329 14.73 -27.16 -47.97
C ASN H 329 16.05 -26.43 -47.76
N LEU H 330 16.63 -25.89 -48.83
CA LEU H 330 17.84 -25.08 -48.68
C LEU H 330 17.56 -23.76 -47.96
N ILE H 331 16.35 -23.22 -48.14
CA ILE H 331 15.96 -22.02 -47.41
C ILE H 331 15.75 -22.33 -45.93
N ARG H 332 15.18 -23.50 -45.63
CA ARG H 332 14.94 -23.90 -44.24
C ARG H 332 16.23 -24.12 -43.47
N GLY H 333 17.20 -24.78 -44.09
CA GLY H 333 18.47 -25.09 -43.45
C GLY H 333 18.62 -26.57 -43.19
N GLY H 334 19.83 -26.96 -42.80
CA GLY H 334 20.05 -28.36 -42.51
C GLY H 334 21.53 -28.67 -42.36
N VAL H 335 21.77 -29.87 -41.84
CA VAL H 335 23.11 -30.43 -41.68
C VAL H 335 23.10 -31.80 -42.36
N PHE H 336 23.78 -31.89 -43.51
CA PHE H 336 23.88 -33.11 -44.28
C PHE H 336 25.35 -33.44 -44.49
N GLY H 337 25.59 -34.62 -45.07
CA GLY H 337 26.95 -34.99 -45.42
C GLY H 337 27.28 -36.44 -45.19
N GLU H 338 28.07 -37.01 -46.09
CA GLU H 338 28.46 -38.41 -46.01
C GLU H 338 29.94 -38.54 -45.73
N THR I 3 15.44 -47.96 6.60
CA THR I 3 16.05 -47.73 7.90
C THR I 3 16.62 -46.32 8.00
N ILE I 4 16.01 -45.38 7.29
CA ILE I 4 16.46 -43.99 7.29
C ILE I 4 15.80 -43.26 8.47
N SER I 5 16.60 -42.93 9.46
CA SER I 5 16.10 -42.27 10.65
C SER I 5 15.85 -40.78 10.37
N LYS I 6 15.27 -40.10 11.35
CA LYS I 6 14.99 -38.68 11.19
C LYS I 6 16.27 -37.86 11.22
N THR I 7 17.33 -38.35 11.88
CA THR I 7 18.59 -37.62 11.86
C THR I 7 19.32 -37.77 10.53
N ASP I 8 19.10 -38.85 9.79
CA ASP I 8 19.71 -39.00 8.47
C ASP I 8 19.08 -38.05 7.45
N ILE I 9 17.77 -37.84 7.57
CA ILE I 9 17.09 -36.82 6.77
C ILE I 9 17.48 -35.43 7.26
N ASP I 10 17.68 -35.29 8.56
CA ASP I 10 18.05 -34.02 9.17
C ASP I 10 19.47 -33.58 8.85
N CYS I 11 20.33 -34.52 8.42
CA CYS I 11 21.64 -34.14 7.87
C CYS I 11 21.49 -33.23 6.67
N TYR I 12 20.61 -33.58 5.73
CA TYR I 12 20.47 -32.87 4.47
C TYR I 12 19.31 -31.88 4.49
N LEU I 13 18.52 -31.87 5.55
CA LEU I 13 17.47 -30.86 5.68
C LEU I 13 17.96 -29.58 6.35
N GLN I 14 19.11 -29.63 7.02
CA GLN I 14 19.55 -28.52 7.87
C GLN I 14 20.02 -27.31 7.06
N THR I 15 20.35 -27.48 5.80
CA THR I 15 21.01 -26.41 5.04
C THR I 15 19.99 -25.41 4.50
N TYR I 16 18.71 -25.70 4.67
CA TYR I 16 17.65 -24.77 4.30
C TYR I 16 17.27 -23.84 5.44
N VAL I 17 17.99 -23.87 6.57
CA VAL I 17 17.73 -22.96 7.67
C VAL I 17 18.99 -22.13 7.94
N VAL I 18 18.79 -20.98 8.57
CA VAL I 18 19.86 -20.08 8.96
C VAL I 18 19.56 -19.60 10.38
N ILE I 19 20.60 -19.49 11.20
CA ILE I 19 20.48 -19.11 12.60
C ILE I 19 21.29 -17.84 12.81
N ASP I 20 20.61 -16.70 12.91
CA ASP I 20 21.27 -15.42 13.10
C ASP I 20 21.19 -15.00 14.56
N PRO I 21 22.32 -14.80 15.24
CA PRO I 21 22.29 -14.14 16.55
C PRO I 21 21.91 -12.68 16.41
N VAL I 22 20.86 -12.28 17.11
CA VAL I 22 20.37 -10.90 17.11
C VAL I 22 20.63 -10.32 18.49
N SER I 23 20.23 -9.05 18.70
CA SER I 23 20.54 -8.34 19.93
C SER I 23 19.88 -8.96 21.16
N ASN I 24 18.76 -9.66 20.98
CA ASN I 24 18.13 -10.33 22.12
C ASN I 24 18.47 -11.82 22.18
N GLY I 25 18.56 -12.50 21.02
CA GLY I 25 18.82 -13.91 21.03
C GLY I 25 19.18 -14.52 19.68
N TRP I 26 18.70 -15.74 19.43
CA TRP I 26 19.06 -16.53 18.26
C TRP I 26 17.83 -16.70 17.37
N GLN I 27 17.65 -15.79 16.43
CA GLN I 27 16.55 -15.90 15.48
C GLN I 27 16.90 -16.93 14.41
N TRP I 28 15.88 -17.52 13.79
CA TRP I 28 16.09 -18.46 12.71
C TRP I 28 15.23 -18.10 11.51
N GLY I 29 15.62 -18.63 10.35
CA GLY I 29 14.89 -18.38 9.12
C GLY I 29 15.12 -19.52 8.14
N ILE I 30 14.32 -19.52 7.07
CA ILE I 30 14.33 -20.59 6.09
C ILE I 30 15.05 -20.11 4.84
N ASP I 31 15.96 -20.93 4.34
CA ASP I 31 16.75 -20.63 3.15
C ASP I 31 16.23 -21.44 1.98
N GLU I 32 15.99 -20.77 0.85
CA GLU I 32 15.38 -21.45 -0.30
C GLU I 32 16.40 -22.31 -1.05
N ASN I 33 17.58 -21.77 -1.33
CA ASN I 33 18.55 -22.47 -2.15
C ASN I 33 19.25 -23.61 -1.44
N GLY I 34 19.13 -23.69 -0.11
CA GLY I 34 19.74 -24.78 0.63
C GLY I 34 21.25 -24.64 0.75
N VAL I 35 21.71 -23.44 1.11
CA VAL I 35 23.13 -23.17 1.28
C VAL I 35 23.46 -22.56 2.63
N GLY I 36 22.48 -22.37 3.50
CA GLY I 36 22.71 -21.70 4.76
C GLY I 36 22.53 -20.20 4.73
N GLY I 37 21.94 -19.66 3.66
CA GLY I 37 21.70 -18.23 3.58
C GLY I 37 22.96 -17.43 3.35
N ALA I 38 23.68 -17.75 2.28
CA ALA I 38 24.95 -17.10 2.02
C ALA I 38 24.75 -15.78 1.26
N LEU I 39 25.85 -15.15 0.91
CA LEU I 39 25.79 -13.84 0.27
C LEU I 39 25.49 -13.97 -1.21
N HIS I 40 26.28 -14.76 -1.93
CA HIS I 40 26.26 -14.74 -3.39
C HIS I 40 25.27 -15.73 -3.99
N HIS I 41 25.25 -16.96 -3.48
CA HIS I 41 24.49 -18.02 -4.14
C HIS I 41 23.08 -18.19 -3.58
N GLY I 42 22.84 -17.77 -2.34
CA GLY I 42 21.60 -18.08 -1.67
C GLY I 42 20.57 -16.97 -1.65
N ARG I 43 19.39 -17.32 -1.16
CA ARG I 43 18.29 -16.38 -0.96
C ARG I 43 17.43 -16.88 0.19
N VAL I 44 17.36 -16.10 1.27
CA VAL I 44 16.59 -16.43 2.46
C VAL I 44 15.28 -15.65 2.43
N GLU I 45 14.16 -16.35 2.66
CA GLU I 45 12.86 -15.69 2.63
C GLU I 45 12.65 -14.90 3.91
N MET I 46 12.07 -13.71 3.79
CA MET I 46 11.83 -12.80 4.90
C MET I 46 10.33 -12.68 5.12
N VAL I 47 9.90 -12.78 6.40
CA VAL I 47 8.48 -12.74 6.71
C VAL I 47 8.03 -11.29 6.84
N GLU I 48 6.79 -11.02 6.44
CA GLU I 48 6.19 -9.70 6.61
C GLU I 48 5.58 -9.62 8.01
N TYR I 53 6.95 -4.56 9.01
CA TYR I 53 8.16 -5.19 9.54
C TYR I 53 8.66 -6.28 8.60
N PHE I 54 9.96 -6.29 8.35
CA PHE I 54 10.59 -7.33 7.55
C PHE I 54 11.67 -7.99 8.39
N GLY I 55 11.76 -9.32 8.29
CA GLY I 55 12.75 -10.04 9.08
C GLY I 55 12.59 -11.53 8.89
N LEU I 56 13.36 -12.28 9.68
CA LEU I 56 13.34 -13.73 9.59
C LEU I 56 12.07 -14.29 10.24
N ARG I 57 11.61 -15.43 9.73
CA ARG I 57 10.43 -16.11 10.26
C ARG I 57 10.89 -17.09 11.35
N GLY I 58 11.14 -16.54 12.53
CA GLY I 58 11.63 -17.35 13.62
C GLY I 58 11.41 -16.67 14.96
N ALA I 59 11.24 -17.49 15.98
CA ALA I 59 11.17 -16.99 17.34
C ALA I 59 12.57 -16.75 17.87
N THR I 60 12.67 -15.87 18.87
CA THR I 60 13.96 -15.45 19.41
C THR I 60 14.33 -16.38 20.57
N HIS I 61 14.80 -17.56 20.21
CA HIS I 61 15.19 -18.55 21.20
C HIS I 61 16.51 -18.16 21.86
N PRO I 62 16.66 -18.41 23.18
CA PRO I 62 17.93 -18.10 23.85
C PRO I 62 19.09 -18.95 23.40
N THR I 63 18.93 -20.27 23.39
CA THR I 63 19.99 -21.17 23.01
C THR I 63 19.88 -21.51 21.53
N GLU I 64 21.03 -21.84 20.92
CA GLU I 64 21.07 -22.11 19.48
C GLU I 64 20.49 -23.48 19.17
N LYS I 65 20.57 -24.44 20.10
CA LYS I 65 19.94 -25.74 19.91
C LYS I 65 18.42 -25.63 19.86
N GLU I 66 17.86 -24.71 20.67
CA GLU I 66 16.42 -24.49 20.67
C GLU I 66 15.93 -23.90 19.36
N ALA I 67 16.64 -22.89 18.83
CA ALA I 67 16.26 -22.29 17.56
C ALA I 67 16.48 -23.23 16.39
N MET I 68 17.54 -24.05 16.46
CA MET I 68 17.78 -25.05 15.43
C MET I 68 16.69 -26.11 15.42
N ALA I 69 16.27 -26.56 16.61
CA ALA I 69 15.19 -27.53 16.69
C ALA I 69 13.86 -26.92 16.27
N ALA I 70 13.63 -25.65 16.55
CA ALA I 70 12.39 -25.00 16.13
C ALA I 70 12.33 -24.86 14.62
N ALA I 71 13.45 -24.44 14.01
CA ALA I 71 13.56 -24.37 12.54
C ALA I 71 13.35 -25.73 11.90
N LEU I 72 13.99 -26.76 12.44
CA LEU I 72 13.92 -28.07 11.79
C LEU I 72 12.57 -28.75 12.02
N GLY I 73 11.94 -28.49 13.17
CA GLY I 73 10.59 -29.01 13.39
C GLY I 73 9.56 -28.31 12.53
N TYR I 74 9.73 -26.99 12.32
CA TYR I 74 8.85 -26.28 11.40
C TYR I 74 9.06 -26.73 9.96
N LEU I 75 10.29 -27.08 9.60
CA LEU I 75 10.55 -27.64 8.27
C LEU I 75 9.89 -29.00 8.09
N TRP I 76 10.00 -29.87 9.09
CA TRP I 76 9.34 -31.17 9.04
C TRP I 76 7.81 -31.05 9.06
N ARG I 77 7.29 -30.00 9.71
CA ARG I 77 5.85 -29.87 9.89
C ARG I 77 5.18 -29.24 8.68
N CYS I 78 5.71 -28.13 8.18
CA CYS I 78 5.01 -27.32 7.19
C CYS I 78 5.50 -27.55 5.76
N ARG I 79 6.81 -27.46 5.53
CA ARG I 79 7.38 -27.50 4.18
C ARG I 79 7.82 -28.93 3.89
N GLN I 80 6.92 -29.72 3.32
CA GLN I 80 7.18 -31.13 3.11
C GLN I 80 7.98 -31.41 1.84
N ASP I 81 8.02 -30.47 0.89
CA ASP I 81 8.83 -30.66 -0.31
C ASP I 81 10.32 -30.59 0.01
N LEU I 82 10.70 -29.76 0.98
CA LEU I 82 12.08 -29.70 1.42
C LEU I 82 12.47 -30.99 2.13
N VAL I 83 11.54 -31.57 2.89
CA VAL I 83 11.77 -32.88 3.51
C VAL I 83 11.86 -33.97 2.45
N ALA I 84 11.13 -33.82 1.35
CA ALA I 84 11.22 -34.78 0.25
C ALA I 84 12.57 -34.71 -0.44
N ILE I 85 13.09 -33.50 -0.64
CA ILE I 85 14.42 -33.32 -1.20
C ILE I 85 15.49 -33.89 -0.27
N ALA I 86 15.31 -33.68 1.04
CA ALA I 86 16.25 -34.22 2.02
C ALA I 86 16.20 -35.74 2.08
N ARG I 87 15.02 -36.34 1.89
CA ARG I 87 14.93 -37.79 1.88
C ARG I 87 15.51 -38.38 0.59
N ASN I 88 15.30 -37.69 -0.54
CA ASN I 88 15.89 -38.13 -1.80
C ASN I 88 17.41 -38.03 -1.77
N ASP I 89 17.96 -37.08 -1.01
CA ASP I 89 19.40 -37.05 -0.79
C ASP I 89 19.83 -38.13 0.20
N ALA I 90 19.01 -38.40 1.22
CA ALA I 90 19.39 -39.32 2.28
C ALA I 90 19.40 -40.78 1.81
N ILE I 91 18.59 -41.11 0.80
CA ILE I 91 18.64 -42.46 0.24
C ILE I 91 19.96 -42.71 -0.48
N GLU I 92 20.38 -41.76 -1.31
CA GLU I 92 21.66 -41.87 -2.00
C GLU I 92 22.85 -41.72 -1.04
N ALA I 93 22.64 -41.08 0.12
CA ALA I 93 23.70 -40.95 1.11
C ALA I 93 24.14 -42.31 1.66
N GLU I 94 23.22 -43.28 1.73
CA GLU I 94 23.60 -44.64 2.12
C GLU I 94 23.76 -45.56 0.93
N LYS I 95 23.20 -45.22 -0.23
CA LYS I 95 23.52 -45.97 -1.44
C LYS I 95 24.97 -45.77 -1.86
N TYR I 96 25.54 -44.58 -1.60
CA TYR I 96 26.95 -44.33 -1.86
C TYR I 96 27.84 -45.13 -0.92
N ARG I 97 27.40 -45.33 0.33
CA ARG I 97 28.14 -46.20 1.23
C ARG I 97 27.99 -47.66 0.84
N ALA I 98 26.84 -48.03 0.26
CA ALA I 98 26.66 -49.38 -0.25
C ALA I 98 27.53 -49.63 -1.48
N LYS I 99 27.83 -48.59 -2.25
CA LYS I 99 28.77 -48.73 -3.36
C LYS I 99 30.21 -48.79 -2.87
N ALA I 100 30.67 -47.74 -2.19
CA ALA I 100 32.03 -47.69 -1.66
C ALA I 100 32.10 -46.80 -0.42
N MET J 1 -7.93 81.21 -32.32
CA MET J 1 -8.27 80.90 -30.93
C MET J 1 -7.01 80.94 -30.08
N ASP J 2 -6.63 82.14 -29.65
CA ASP J 2 -5.30 82.44 -29.15
C ASP J 2 -5.29 82.85 -27.68
N HIS J 3 -6.02 82.14 -26.83
CA HIS J 3 -5.85 82.32 -25.39
C HIS J 3 -5.88 80.97 -24.70
N TYR J 4 -4.86 80.74 -23.88
CA TYR J 4 -4.55 79.42 -23.34
C TYR J 4 -4.47 79.48 -21.83
N LEU J 5 -4.69 78.32 -21.19
CA LEU J 5 -4.60 78.18 -19.75
C LEU J 5 -4.05 76.80 -19.41
N ASP J 6 -2.77 76.74 -19.08
CA ASP J 6 -2.09 75.49 -18.76
C ASP J 6 -2.35 75.12 -17.30
N ILE J 7 -3.24 74.16 -17.10
CA ILE J 7 -3.57 73.65 -15.77
C ILE J 7 -2.68 72.45 -15.48
N ARG J 8 -1.75 72.59 -14.53
CA ARG J 8 -0.82 71.53 -14.18
C ARG J 8 -1.24 70.94 -12.84
N LEU J 9 -1.57 69.65 -12.85
CA LEU J 9 -2.00 68.97 -11.64
C LEU J 9 -0.81 68.69 -10.75
N ARG J 10 -0.83 69.24 -9.55
CA ARG J 10 0.27 69.02 -8.62
C ARG J 10 0.22 67.59 -8.08
N PRO J 11 1.36 66.91 -8.01
CA PRO J 11 1.38 65.54 -7.47
C PRO J 11 1.10 65.51 -5.98
N ASP J 12 0.57 64.38 -5.52
CA ASP J 12 0.08 64.23 -4.16
C ASP J 12 0.07 62.76 -3.82
N PRO J 13 -0.05 62.33 -2.55
CA PRO J 13 -0.42 60.95 -2.31
C PRO J 13 -1.96 60.90 -2.19
N GLU J 14 -2.61 62.08 -2.07
CA GLU J 14 -4.05 62.33 -1.76
C GLU J 14 -5.07 61.81 -2.77
N PHE J 15 -4.79 61.86 -4.06
CA PHE J 15 -5.70 61.27 -5.06
C PHE J 15 -4.78 60.90 -6.23
N PRO J 16 -4.57 59.63 -6.60
CA PRO J 16 -3.62 59.33 -7.68
C PRO J 16 -4.34 59.79 -8.96
N PRO J 17 -3.64 60.40 -9.94
CA PRO J 17 -4.21 60.99 -11.13
C PRO J 17 -5.53 60.65 -11.85
N ALA J 18 -5.41 59.88 -12.90
CA ALA J 18 -6.59 59.85 -13.77
C ALA J 18 -7.95 60.07 -13.12
N GLN J 19 -8.19 59.70 -11.89
CA GLN J 19 -9.58 59.90 -11.40
C GLN J 19 -9.79 61.40 -11.41
N LEU J 20 -8.68 62.07 -11.10
CA LEU J 20 -8.48 63.51 -11.00
C LEU J 20 -8.87 64.21 -12.29
N MET J 21 -8.44 63.64 -13.43
CA MET J 21 -8.83 64.18 -14.73
C MET J 21 -10.34 64.07 -14.96
N SER J 22 -10.99 63.04 -14.44
CA SER J 22 -12.43 62.93 -14.59
C SER J 22 -13.17 63.92 -13.70
N VAL J 23 -12.64 64.21 -12.51
CA VAL J 23 -13.18 65.29 -11.69
C VAL J 23 -13.04 66.62 -12.41
N LEU J 24 -11.92 66.83 -13.10
CA LEU J 24 -11.71 68.04 -13.90
C LEU J 24 -12.74 68.16 -15.03
N PHE J 25 -12.86 67.13 -15.86
CA PHE J 25 -13.79 67.21 -16.98
C PHE J 25 -15.25 67.15 -16.54
N GLY J 26 -15.53 66.68 -15.33
CA GLY J 26 -16.88 66.74 -14.80
C GLY J 26 -17.17 68.10 -14.20
N LYS J 27 -16.12 68.82 -13.81
CA LYS J 27 -16.28 70.22 -13.46
C LYS J 27 -16.15 71.13 -14.67
N LEU J 28 -15.90 70.55 -15.84
CA LEU J 28 -15.90 71.29 -17.11
C LEU J 28 -17.28 71.28 -17.75
N HIS J 29 -17.94 70.11 -17.80
CA HIS J 29 -19.34 70.06 -18.17
C HIS J 29 -20.25 70.70 -17.14
N GLN J 30 -19.76 70.88 -15.91
CA GLN J 30 -20.47 71.67 -14.90
C GLN J 30 -20.59 73.11 -15.38
N ALA J 31 -19.46 73.72 -15.73
CA ALA J 31 -19.42 75.09 -16.22
C ALA J 31 -19.57 75.21 -17.73
N LEU J 32 -20.17 74.20 -18.35
CA LEU J 32 -20.49 74.24 -19.78
C LEU J 32 -21.89 74.83 -19.98
N VAL J 33 -22.85 74.37 -19.18
CA VAL J 33 -24.26 74.66 -19.39
C VAL J 33 -24.63 76.02 -18.80
N ALA J 34 -23.64 76.71 -18.20
CA ALA J 34 -23.83 78.10 -17.82
C ALA J 34 -24.09 78.99 -19.03
N GLN J 35 -23.17 78.92 -19.99
CA GLN J 35 -23.34 79.59 -21.30
C GLN J 35 -23.87 78.52 -22.25
N GLY J 36 -23.19 78.34 -23.38
CA GLY J 36 -23.49 77.35 -24.43
C GLY J 36 -22.23 76.58 -24.79
N GLY J 37 -22.33 75.52 -25.62
CA GLY J 37 -21.13 74.74 -25.96
C GLY J 37 -20.89 74.60 -27.46
N ASP J 38 -20.47 75.70 -28.10
CA ASP J 38 -20.14 75.74 -29.55
C ASP J 38 -18.67 76.15 -29.74
N ARG J 39 -18.24 77.24 -29.11
CA ARG J 39 -16.85 77.76 -29.10
C ARG J 39 -15.68 77.03 -28.42
N ILE J 40 -15.74 76.59 -27.17
CA ILE J 40 -14.43 76.08 -26.62
C ILE J 40 -14.51 74.63 -26.21
N GLY J 41 -13.39 74.00 -26.49
CA GLY J 41 -13.13 72.60 -26.22
C GLY J 41 -11.69 72.49 -25.76
N VAL J 42 -11.30 71.27 -25.40
CA VAL J 42 -10.10 71.04 -24.63
C VAL J 42 -9.00 70.46 -25.52
N SER J 43 -7.79 70.40 -24.99
CA SER J 43 -6.65 69.76 -25.64
C SER J 43 -5.94 68.86 -24.62
N PHE J 44 -4.74 68.36 -24.90
CA PHE J 44 -3.98 67.54 -23.98
C PHE J 44 -2.50 67.63 -24.31
N PRO J 45 -1.86 68.75 -24.00
CA PRO J 45 -0.53 69.03 -24.57
C PRO J 45 0.60 68.36 -23.80
N ASP J 46 1.67 68.09 -24.56
CA ASP J 46 2.98 67.60 -24.11
C ASP J 46 2.90 66.27 -23.35
N LEU J 47 1.78 65.57 -23.46
CA LEU J 47 1.48 64.41 -22.62
C LEU J 47 0.80 63.31 -23.42
N ASP J 48 1.37 62.98 -24.58
CA ASP J 48 0.87 61.83 -25.31
C ASP J 48 2.03 60.96 -25.80
N GLU J 49 3.00 60.71 -24.94
CA GLU J 49 4.17 59.93 -25.32
C GLU J 49 3.83 58.44 -25.38
N SER J 50 3.47 57.85 -24.25
CA SER J 50 2.94 56.50 -24.25
C SER J 50 1.52 56.50 -24.79
N ARG J 51 1.23 55.55 -25.69
CA ARG J 51 -0.01 55.60 -26.46
C ARG J 51 -1.21 55.00 -25.74
N SER J 52 -1.32 55.19 -24.42
CA SER J 52 -2.58 54.93 -23.74
C SER J 52 -2.81 55.90 -22.58
N ARG J 53 -1.98 56.94 -22.47
CA ARG J 53 -1.88 57.73 -21.25
C ARG J 53 -2.12 59.20 -21.57
N LEU J 54 -3.14 59.79 -20.94
CA LEU J 54 -3.35 61.23 -21.08
C LEU J 54 -2.48 62.02 -20.12
N GLY J 55 -2.69 61.90 -18.82
CA GLY J 55 -1.80 62.59 -17.92
C GLY J 55 -2.42 63.61 -16.99
N GLU J 56 -1.89 64.85 -17.00
CA GLU J 56 -2.31 65.81 -15.99
C GLU J 56 -2.42 67.26 -16.48
N ARG J 57 -2.49 67.56 -17.77
CA ARG J 57 -2.56 68.95 -18.22
C ARG J 57 -3.72 69.13 -19.19
N LEU J 58 -4.57 70.12 -18.91
CA LEU J 58 -5.73 70.46 -19.73
C LEU J 58 -5.62 71.93 -20.11
N ARG J 59 -5.54 72.20 -21.41
CA ARG J 59 -5.41 73.58 -21.87
C ARG J 59 -6.76 74.12 -22.30
N ILE J 60 -7.15 75.27 -21.72
CA ILE J 60 -8.36 75.98 -22.09
C ILE J 60 -8.07 76.77 -23.37
N HIS J 61 -9.02 76.76 -24.32
CA HIS J 61 -8.67 77.18 -25.67
C HIS J 61 -9.61 78.19 -26.34
N ALA J 62 -10.51 78.82 -25.61
CA ALA J 62 -11.24 79.93 -26.19
C ALA J 62 -10.35 81.16 -26.26
N SER J 63 -10.56 81.99 -27.28
CA SER J 63 -9.77 83.21 -27.47
C SER J 63 -10.39 84.34 -26.64
N ALA J 64 -10.00 84.41 -25.37
CA ALA J 64 -10.12 85.57 -24.47
C ALA J 64 -11.55 85.89 -24.04
N ASP J 65 -12.54 85.25 -24.66
CA ASP J 65 -13.91 85.44 -24.26
C ASP J 65 -14.29 84.42 -23.18
N ASP J 66 -14.29 83.14 -23.55
CA ASP J 66 -14.61 82.08 -22.60
C ASP J 66 -13.33 81.53 -21.97
N LEU J 67 -12.49 82.46 -21.51
CA LEU J 67 -11.45 82.12 -20.55
C LEU J 67 -11.68 82.94 -19.29
N ARG J 68 -11.75 84.27 -19.46
CA ARG J 68 -11.87 85.20 -18.34
C ARG J 68 -13.31 85.67 -18.18
N ALA J 69 -14.26 84.95 -18.76
CA ALA J 69 -15.66 85.27 -18.53
C ALA J 69 -16.53 84.02 -18.46
N LEU J 70 -15.92 82.83 -18.49
CA LEU J 70 -16.66 81.60 -18.29
C LEU J 70 -16.30 80.89 -17.00
N LEU J 71 -15.02 80.64 -16.75
CA LEU J 71 -14.61 79.72 -15.70
C LEU J 71 -13.81 80.45 -14.61
N ALA J 72 -12.82 81.24 -15.01
CA ALA J 72 -11.96 81.95 -14.08
C ALA J 72 -12.73 82.99 -13.25
N ARG J 73 -13.15 84.06 -13.90
CA ARG J 73 -13.82 85.14 -13.17
C ARG J 73 -15.29 84.81 -12.92
N PRO J 74 -16.09 84.53 -13.98
CA PRO J 74 -17.54 84.39 -13.83
C PRO J 74 -18.00 82.98 -13.48
N TRP J 75 -17.32 82.34 -12.54
CA TRP J 75 -17.70 81.02 -12.04
C TRP J 75 -16.95 80.77 -10.74
N LEU J 76 -17.34 79.70 -10.05
CA LEU J 76 -16.61 79.15 -8.93
C LEU J 76 -15.94 77.88 -9.44
N GLU J 77 -14.62 77.83 -9.32
CA GLU J 77 -13.86 76.74 -9.94
C GLU J 77 -14.11 75.41 -9.24
N GLY J 78 -13.83 75.33 -7.94
CA GLY J 78 -13.83 74.04 -7.31
C GLY J 78 -12.57 73.71 -6.54
N LEU J 79 -11.79 72.76 -7.09
CA LEU J 79 -10.70 72.08 -6.38
C LEU J 79 -9.64 73.06 -5.88
N ARG J 80 -8.92 73.70 -6.80
CA ARG J 80 -8.01 74.83 -6.59
C ARG J 80 -6.86 74.55 -5.63
N ASP J 81 -6.62 73.31 -5.23
CA ASP J 81 -5.55 72.98 -4.30
C ASP J 81 -4.55 71.99 -4.86
N HIS J 82 -4.97 71.11 -5.76
CA HIS J 82 -4.06 70.24 -6.47
C HIS J 82 -3.69 70.77 -7.84
N LEU J 83 -4.23 71.92 -8.23
CA LEU J 83 -3.97 72.53 -9.52
C LEU J 83 -3.05 73.73 -9.41
N GLN J 84 -3.47 74.76 -8.66
CA GLN J 84 -2.80 76.07 -8.55
C GLN J 84 -2.52 76.67 -9.92
N PHE J 85 -3.59 76.89 -10.68
CA PHE J 85 -3.50 77.36 -12.05
C PHE J 85 -3.15 78.84 -12.08
N GLY J 86 -2.73 79.31 -13.27
CA GLY J 86 -2.15 80.63 -13.39
C GLY J 86 -2.95 81.64 -14.20
N GLU J 87 -2.27 82.34 -15.11
CA GLU J 87 -2.78 83.52 -15.79
C GLU J 87 -2.57 83.38 -17.29
N PRO J 88 -3.60 83.69 -18.10
CA PRO J 88 -3.48 83.44 -19.55
C PRO J 88 -2.62 84.45 -20.29
N ALA J 89 -2.41 84.18 -21.58
CA ALA J 89 -1.65 85.02 -22.50
C ALA J 89 -2.11 84.68 -23.92
N VAL J 90 -1.34 85.12 -24.92
CA VAL J 90 -1.64 84.84 -26.32
C VAL J 90 -0.70 83.75 -26.82
N VAL J 91 -1.20 82.87 -27.69
CA VAL J 91 -0.47 81.69 -28.12
C VAL J 91 0.53 82.05 -29.23
N PRO J 92 1.57 81.24 -29.45
CA PRO J 92 2.42 81.42 -30.64
C PRO J 92 1.77 80.94 -31.93
N HIS J 93 2.52 80.95 -33.03
CA HIS J 93 1.98 80.66 -34.36
C HIS J 93 2.71 79.51 -35.04
N PRO J 94 2.50 78.25 -34.59
CA PRO J 94 3.03 77.10 -35.34
C PRO J 94 2.08 76.68 -36.45
N THR J 95 2.38 75.57 -37.13
CA THR J 95 1.42 74.88 -38.00
C THR J 95 1.33 73.41 -37.63
N PRO J 96 0.57 73.06 -36.59
CA PRO J 96 0.39 71.64 -36.23
C PRO J 96 -0.87 70.97 -36.77
N TYR J 97 -1.62 71.65 -37.65
CA TYR J 97 -2.80 71.18 -38.40
C TYR J 97 -4.08 71.05 -37.56
N ARG J 98 -3.96 71.14 -36.23
CA ARG J 98 -5.03 71.57 -35.31
C ARG J 98 -6.29 70.69 -35.36
N GLN J 99 -6.16 69.45 -34.89
CA GLN J 99 -7.36 68.63 -34.74
C GLN J 99 -7.24 67.67 -33.56
N VAL J 100 -8.26 67.68 -32.70
CA VAL J 100 -8.54 66.63 -31.72
C VAL J 100 -10.03 66.32 -31.80
N SER J 101 -10.40 65.10 -31.38
CA SER J 101 -11.79 64.67 -31.45
C SER J 101 -11.98 63.53 -30.47
N ARG J 102 -13.21 63.00 -30.43
CA ARG J 102 -13.58 61.90 -29.58
C ARG J 102 -14.09 60.73 -30.41
N VAL J 103 -14.18 59.56 -29.78
CA VAL J 103 -14.71 58.36 -30.43
C VAL J 103 -15.34 57.47 -29.36
N GLN J 104 -16.29 56.64 -29.78
CA GLN J 104 -16.83 55.56 -28.97
C GLN J 104 -17.02 54.33 -29.85
N ALA J 105 -16.58 53.18 -29.35
CA ALA J 105 -16.66 51.92 -30.07
C ALA J 105 -17.50 50.92 -29.28
N LYS J 106 -17.51 49.67 -29.76
CA LYS J 106 -18.28 48.60 -29.14
C LYS J 106 -17.34 47.60 -28.47
N SER J 107 -17.63 47.27 -27.21
CA SER J 107 -16.84 46.25 -26.52
C SER J 107 -17.70 45.33 -25.65
N ASN J 108 -19.03 45.40 -25.78
CA ASN J 108 -19.94 44.52 -25.03
C ASN J 108 -21.09 44.20 -25.95
N PRO J 109 -21.23 42.95 -26.39
CA PRO J 109 -22.31 42.60 -27.33
C PRO J 109 -23.70 42.56 -26.71
N GLU J 110 -23.83 42.76 -25.38
CA GLU J 110 -25.14 42.64 -24.76
C GLU J 110 -26.07 43.80 -25.13
N ARG J 111 -25.52 45.00 -25.32
CA ARG J 111 -26.34 46.15 -25.73
C ARG J 111 -26.87 45.95 -27.14
N LEU J 112 -25.99 45.53 -28.05
CA LEU J 112 -26.37 45.27 -29.43
C LEU J 112 -27.38 44.14 -29.52
N ARG J 113 -27.21 43.07 -28.74
CA ARG J 113 -28.19 41.99 -28.83
C ARG J 113 -29.47 42.33 -28.08
N ARG J 114 -29.43 43.27 -27.14
CA ARG J 114 -30.67 43.75 -26.54
C ARG J 114 -31.49 44.54 -27.55
N ARG J 115 -30.83 45.35 -28.38
CA ARG J 115 -31.61 46.00 -29.43
C ARG J 115 -31.90 45.07 -30.60
N LEU J 116 -31.21 43.93 -30.71
CA LEU J 116 -31.69 42.90 -31.63
C LEU J 116 -32.93 42.20 -31.08
N MET J 117 -33.10 42.17 -29.75
CA MET J 117 -34.30 41.59 -29.18
C MET J 117 -35.53 42.44 -29.49
N ARG J 118 -35.41 43.76 -29.40
CA ARG J 118 -36.49 44.68 -29.69
C ARG J 118 -36.40 45.23 -31.12
N ARG J 119 -35.69 44.55 -32.02
CA ARG J 119 -35.69 44.94 -33.42
C ARG J 119 -37.08 44.81 -34.04
N HIS J 120 -37.55 43.57 -34.17
CA HIS J 120 -38.89 43.32 -34.69
C HIS J 120 -39.49 42.12 -33.97
N ASP J 121 -39.29 42.08 -32.65
CA ASP J 121 -39.58 40.93 -31.78
C ASP J 121 -38.89 39.69 -32.32
N LEU J 122 -37.57 39.81 -32.49
CA LEU J 122 -36.78 38.80 -33.16
C LEU J 122 -36.48 37.63 -32.24
N SER J 123 -36.44 36.43 -32.82
CA SER J 123 -36.08 35.22 -32.08
C SER J 123 -34.61 35.26 -31.68
N GLU J 124 -34.27 34.48 -30.64
CA GLU J 124 -33.06 34.74 -29.88
C GLU J 124 -31.81 34.16 -30.53
N GLU J 125 -31.94 33.26 -31.51
CA GLU J 125 -30.75 32.68 -32.12
C GLU J 125 -30.09 33.66 -33.09
N GLU J 126 -30.89 34.36 -33.90
CA GLU J 126 -30.34 35.42 -34.74
C GLU J 126 -29.95 36.62 -33.89
N ALA J 127 -30.65 36.83 -32.77
CA ALA J 127 -30.26 37.87 -31.82
C ALA J 127 -28.94 37.52 -31.14
N ARG J 128 -28.57 36.25 -31.10
CA ARG J 128 -27.30 35.84 -30.52
C ARG J 128 -26.16 35.93 -31.53
N LYS J 129 -26.31 35.28 -32.70
CA LYS J 129 -25.15 35.08 -33.58
C LYS J 129 -25.48 35.37 -35.05
N ARG J 130 -25.96 36.57 -35.37
CA ARG J 130 -26.10 36.89 -36.78
C ARG J 130 -24.72 37.14 -37.41
N ILE J 131 -24.06 38.22 -37.01
CA ILE J 131 -22.61 38.45 -37.05
C ILE J 131 -22.40 39.24 -35.76
N PRO J 132 -22.16 38.59 -34.64
CA PRO J 132 -22.12 39.32 -33.37
C PRO J 132 -20.75 39.95 -33.13
N ASP J 133 -20.66 40.70 -32.04
CA ASP J 133 -19.39 41.23 -31.55
C ASP J 133 -18.75 40.31 -30.52
N THR J 134 -19.19 39.05 -30.45
CA THR J 134 -18.63 38.10 -29.51
C THR J 134 -17.29 37.54 -29.97
N VAL J 135 -16.95 37.71 -31.25
CA VAL J 135 -15.69 37.19 -31.78
C VAL J 135 -14.53 38.06 -31.32
N ALA J 136 -14.68 39.38 -31.43
CA ALA J 136 -13.63 40.31 -31.05
C ALA J 136 -14.24 41.53 -30.39
N ARG J 137 -13.52 42.06 -29.40
CA ARG J 137 -13.94 43.25 -28.67
C ARG J 137 -12.93 44.36 -28.91
N THR J 138 -13.43 45.56 -29.23
CA THR J 138 -12.57 46.68 -29.54
C THR J 138 -12.04 47.33 -28.26
N LEU J 139 -11.02 48.16 -28.43
CA LEU J 139 -10.44 48.92 -27.33
C LEU J 139 -9.88 50.23 -27.88
N ASP J 140 -10.18 51.31 -27.19
CA ASP J 140 -9.70 52.64 -27.54
C ASP J 140 -8.69 53.09 -26.51
N LEU J 141 -7.60 53.70 -26.97
CA LEU J 141 -6.36 53.71 -26.19
C LEU J 141 -6.30 54.77 -25.07
N PRO J 142 -6.57 56.06 -25.29
CA PRO J 142 -6.56 56.95 -24.12
C PRO J 142 -7.93 57.04 -23.48
N PHE J 143 -7.95 57.21 -22.15
CA PHE J 143 -9.16 56.93 -21.38
C PHE J 143 -9.31 57.89 -20.22
N VAL J 144 -10.58 58.17 -19.89
CA VAL J 144 -10.99 58.87 -18.67
C VAL J 144 -12.19 58.14 -18.09
N THR J 145 -12.57 58.53 -16.87
CA THR J 145 -13.61 57.81 -16.12
C THR J 145 -15.00 58.43 -16.31
N LEU J 146 -15.17 59.69 -15.92
CA LEU J 146 -16.34 60.52 -16.22
C LEU J 146 -17.69 60.02 -15.72
N ARG J 147 -17.91 60.11 -14.41
CA ARG J 147 -19.22 59.91 -13.79
C ARG J 147 -20.30 60.76 -14.47
N SER J 148 -21.53 60.23 -14.51
CA SER J 148 -22.62 60.83 -15.26
C SER J 148 -23.12 62.12 -14.61
N GLN J 149 -24.12 62.73 -15.24
CA GLN J 149 -24.59 64.05 -14.82
C GLN J 149 -26.00 64.04 -14.24
N SER J 150 -26.89 63.15 -14.71
CA SER J 150 -28.29 63.20 -14.31
C SER J 150 -28.94 61.85 -14.57
N THR J 151 -29.39 61.21 -13.49
CA THR J 151 -30.32 60.06 -13.50
C THR J 151 -29.82 58.91 -14.37
N GLY J 152 -28.54 58.60 -14.22
CA GLY J 152 -27.97 57.54 -15.02
C GLY J 152 -26.55 57.22 -14.57
N GLN J 153 -25.98 56.20 -15.20
CA GLN J 153 -24.69 55.65 -14.82
C GLN J 153 -23.62 56.23 -15.73
N HIS J 154 -22.37 55.90 -15.39
CA HIS J 154 -21.23 56.70 -15.82
C HIS J 154 -20.95 56.52 -17.31
N PHE J 155 -20.55 57.61 -17.96
CA PHE J 155 -20.10 57.53 -19.34
C PHE J 155 -18.66 57.02 -19.37
N ARG J 156 -18.08 56.90 -20.55
CA ARG J 156 -16.67 56.54 -20.67
C ARG J 156 -16.13 57.21 -21.93
N LEU J 157 -15.54 58.38 -21.78
CA LEU J 157 -15.10 59.13 -22.94
C LEU J 157 -13.74 58.68 -23.42
N PHE J 158 -13.65 58.39 -24.72
CA PHE J 158 -12.40 58.04 -25.39
C PHE J 158 -12.11 59.17 -26.37
N ILE J 159 -10.89 59.71 -26.32
CA ILE J 159 -10.50 60.83 -27.17
C ILE J 159 -9.28 60.44 -27.98
N ARG J 160 -9.17 61.01 -29.18
CA ARG J 160 -8.01 60.80 -30.05
C ARG J 160 -7.61 62.12 -30.68
N HIS J 161 -6.30 62.30 -30.83
CA HIS J 161 -5.76 63.46 -31.52
C HIS J 161 -5.69 63.20 -33.02
N GLY J 162 -6.04 64.22 -33.80
CA GLY J 162 -6.16 64.07 -35.23
C GLY J 162 -4.84 64.08 -35.97
N PRO J 163 -4.88 64.52 -37.23
CA PRO J 163 -3.67 64.51 -38.07
C PRO J 163 -2.65 65.55 -37.65
N LEU J 164 -1.53 65.10 -37.10
CA LEU J 164 -0.49 65.97 -36.56
C LEU J 164 0.62 66.25 -37.57
N GLN J 165 0.31 66.24 -38.86
CA GLN J 165 1.30 66.58 -39.87
C GLN J 165 1.50 68.08 -39.92
N ALA J 166 2.77 68.51 -39.88
CA ALA J 166 3.10 69.94 -39.91
C ALA J 166 3.18 70.40 -41.36
N THR J 167 2.01 70.54 -41.98
CA THR J 167 1.91 70.96 -43.37
C THR J 167 1.20 72.30 -43.54
N ALA J 168 -0.01 72.44 -43.01
CA ALA J 168 -0.82 73.62 -43.25
C ALA J 168 -1.86 73.74 -42.14
N GLU J 169 -2.81 74.66 -42.32
CA GLU J 169 -3.88 74.90 -41.36
C GLU J 169 -5.04 75.53 -42.11
N GLU J 170 -6.17 75.63 -41.41
CA GLU J 170 -7.37 76.24 -41.97
C GLU J 170 -8.19 76.88 -40.85
N GLY J 171 -9.22 77.61 -41.25
CA GLY J 171 -10.17 78.13 -40.29
C GLY J 171 -11.37 77.22 -40.13
N GLY J 172 -11.36 76.40 -39.08
CA GLY J 172 -12.38 75.40 -38.87
C GLY J 172 -13.34 75.76 -37.75
N PHE J 173 -14.08 74.75 -37.31
CA PHE J 173 -15.04 74.93 -36.23
C PHE J 173 -14.34 74.94 -34.88
N THR J 174 -15.06 75.39 -33.86
CA THR J 174 -14.46 75.54 -32.53
C THR J 174 -14.55 74.23 -31.75
N CYS J 175 -15.75 73.70 -31.56
CA CYS J 175 -15.92 72.44 -30.85
C CYS J 175 -17.14 71.71 -31.38
N TYR J 176 -16.91 70.71 -32.23
CA TYR J 176 -17.97 69.78 -32.57
C TYR J 176 -18.13 68.74 -31.46
N GLY J 177 -19.30 68.15 -31.38
CA GLY J 177 -19.62 67.28 -30.26
C GLY J 177 -20.29 68.07 -29.16
N LEU J 178 -19.81 67.92 -27.94
CA LEU J 178 -20.43 68.62 -26.82
C LEU J 178 -19.46 69.58 -26.12
N SER J 179 -18.32 69.07 -25.65
CA SER J 179 -17.37 69.92 -24.95
C SER J 179 -15.91 69.62 -25.29
N LYS J 180 -15.66 68.95 -26.42
CA LYS J 180 -14.30 68.72 -26.89
C LYS J 180 -14.13 69.44 -28.22
N GLY J 181 -12.94 69.99 -28.44
CA GLY J 181 -12.75 70.95 -29.50
C GLY J 181 -12.69 70.35 -30.89
N GLY J 182 -12.69 71.26 -31.87
CA GLY J 182 -12.44 70.94 -33.26
C GLY J 182 -11.03 71.34 -33.64
N PHE J 183 -10.89 72.52 -34.24
CA PHE J 183 -9.55 73.07 -34.48
C PHE J 183 -9.02 73.73 -33.21
N VAL J 184 -7.92 73.20 -32.68
CA VAL J 184 -7.27 73.72 -31.48
C VAL J 184 -5.76 73.76 -31.69
N PRO J 185 -5.06 74.78 -31.19
CA PRO J 185 -3.62 74.89 -31.45
C PRO J 185 -2.81 73.89 -30.65
N TRP J 186 -1.61 73.60 -31.17
CA TRP J 186 -0.74 72.58 -30.59
C TRP J 186 0.69 73.07 -30.70
N PHE J 187 1.44 72.98 -29.61
CA PHE J 187 2.77 73.56 -29.56
C PHE J 187 3.84 72.48 -29.74
#